data_9DMJ
#
_entry.id   9DMJ
#
_cell.length_a   1.00
_cell.length_b   1.00
_cell.length_c   1.00
_cell.angle_alpha   90.00
_cell.angle_beta   90.00
_cell.angle_gamma   90.00
#
_symmetry.space_group_name_H-M   'P 1'
#
loop_
_entity.id
_entity.type
_entity.pdbx_description
1 polymer 'Acetylcholine receptor subunit alpha'
2 polymer 'Acetylcholine receptor subunit beta'
3 polymer 'Acetylcholine receptor subunit delta'
4 polymer 'Acetylcholine receptor subunit epsilon'
5 polymer 'Fab1b heavy chain'
6 polymer 'Fab1b light chain'
7 branched alpha-D-mannopyranose-(1-3)-[alpha-D-mannopyranose-(1-6)]beta-D-mannopyranose-(1-4)-2-acetamido-2-deoxy-beta-D-glucopyranose-(1-4)-2-acetamido-2-deoxy-beta-D-glucopyranose
8 branched 2-acetamido-2-deoxy-beta-D-glucopyranose-(1-4)-2-acetamido-2-deoxy-beta-D-glucopyranose
9 branched alpha-D-mannopyranose-(1-3)-beta-D-mannopyranose-(1-4)-2-acetamido-2-deoxy-beta-D-glucopyranose-(1-4)-2-acetamido-2-deoxy-beta-D-glucopyranose
10 non-polymer '(2S)-3-(hexadecanoyloxy)-2-[(9Z)-octadec-9-enoyloxy]propyl 2-(trimethylammonio)ethyl phosphate'
11 non-polymer CHOLESTEROL
12 non-polymer 2-acetamido-2-deoxy-beta-D-glucopyranose
#
loop_
_entity_poly.entity_id
_entity_poly.type
_entity_poly.pdbx_seq_one_letter_code
_entity_poly.pdbx_strand_id
1 'polypeptide(L)'
;MEPWPLLLLFSLCSAGLVLGSEHETRLVAKLFKDYSSVVRPVEDHRQVVEVTVGLQLIQLINVDEVNQIVTTNVRLKQQW
VDYNLKWNPDDYGGVKKIHIPSEKIWRPDLVLYNNADGDFAIVKFTKVLLQYTGHITWTPPAIFKSYCEIIVTHFPFDEQ
NCSMKLGTWTYDGSVVAINPESDQPDLSNFMESGEWVIKESRGWKHSVTYSCCPDTPYLDITYHFVMQRLPLYFIVNVII
PCLLFSFLTGLVFYLPTDSGEKMTLSISVLLSLTVFLLVIVELIPSTSSAVPLIGKYMLFTMVFVIASIIITVIVINTHH
RSPSTHVMPNWVRKVFIDTIPNIMFFSTMKRPSREKQDKKIFTEDIDISDISGKPGPPPMGFHSPLIKHPEVKSAIEGIK
YIAETMKSDQESNNAAAEWKYVAMVMDHILLGVFMLVCIIGTLAVFAGRLIELNQQG
;
A,C
2 'polypeptide(L)'
;MTPGALLMLLGALGAPLAPGVRGSEAEGRLREKLFSGYDSSVRPAREVGDRVRVSVGLILAQLISLNEKDEEMSTKVYLD
LEWTDYRLSWDPAEHDGIDSLRITAESVWLPDVVLLNNNDGNFDVALDISVVVSSDGSVRWQPPGIYRSSCSIQVTYFPF
DWQNCTMVFSSYSYDSSEVSLQTGLGPDGQGHQEIHIHEGTFIENGQWEIIHKPSRLIQPPGDPRGGREGQRQEVIFYLI
IRRKPLFYLVNVIAPCILITLLAIFVFYLPPDAGEKMGLSIFALLTLTVFLLLLADKVPETSLSVPIIIKYLMFTMVLVT
FSVILSVVVLNLHHRSPHTHQMPLWVRQIFIHKLPLYLRLKRPKPERDLMPEPPHCSSPGSGWGRGTDEYFIRKPPSDFL
FPKPNRFQPELSAPDLRRFIDGPNRAVALLPELREVVSSISYIARQLQEQEDHDALKEDWQFVAMVVDRLFLWTFIIFTS
VGTLVIFLDATYHLPPPDPFPSR
;
E
3 'polypeptide(L)'
;MEGPVLTLGLLAALAVCGSWGLNEEERLIRHLFQEKGYNKELRPVAHKEESVDVALALTLSNLISLKEVEETLTTNVWIE
HGWTDNRLKWNAEEFGNISVLRLPPDMVWLPEIVLENNNDGSFQISYSCNVLVYHYGFVYWLPPAIFRSSCPISVTYFPF
DWQNCSLKFSSLKYTAKEITLSLKQDAKENRTYPVEWIIIDPEGFTENGEWEIVHRPARVNVDPRAPLDSPSRQDITFYL
IIRRKPLFYIINILVPCVLISFMVNLVFYLPADSGEKTSVAISVLLAQSVFLLLISKRLPATSMAIPLIGKFLLFGMVLV
TMVVVICVIVLNIHFRTPSTHVLSEGVKKLFLETLPELLHMSRPAEDGPSPGALVRRSSSLGYISKAEEYFLLKSRSDLM
FEKQSERHGLARRLTTARRPPASSEQAQQELFNELKPAVDGANFIVNHMRDQNNYNEEKDSWNRVARTVDRLCLFVVTPV
MVVGTAWIFLQGVYNQPPPQPFPGDPYSYNVQDKRFI
;
D
4 'polypeptide(L)'
;MARAPLGVLLLLGLLGRGVGKNEELRLYHHLFNNYDPGSRPVREPEDTVTISLKVTLTNLISLNEKEETLTTSVWIGIDW
QDYRLNYSKDDFGGIETLRVPSELVWLPEIVLENNIDGQFGVAYDANVLVYEGGSVTWLPPAIYRSVCAVEVTYFPFDWQ
NCSLIFRSQTYNAEEVEFTFAVDNDGKTINKIDIDTEAYTENGEWAIDFCPGVIRRHHGGATDGPGETDVIYSLIIRRKP
LFYVINIIVPCVLISGLVLLAYFLPAQAGGQKCTVSINVLLAQTVFLFLIAQKIPETSLSVPLLGRFLIFVMVVATLIVM
NCVIVLNVSQRTPTTHAMSPRLRHVLLELLPRLLGSPPPPEAPRAASPPRRASSVGLLLRAEELILKKPRSELVFEGQRH
RQGTWTAAFCQSLGAAAPEVRCCVDAVNFVAESTRDQEATGEEVSDWVRMGNALDNICFWAALVLFSVGSSLIFLGAYFN
RVPDLPYAPCIQP
;
B
5 'polypeptide(L)'
;MDSKGSSQKGSRLLLLLVVSNLLLCQGVVSAQVQLVQSGAEMKKPGSSVKVSCKASGGSFGSYGIDWVRQAPGQGLEWMG
GIMPKFDAPKYAEKFQGRLTITADRATNTAYMELSSLRFEDTAIYYCARDEQPFYDSWRGLYWGQGTLVTVSSASTKGPS
VFPLAPSSKSTSGGTAALGCLVKDYFPEPVTVSWNSGALTSGVHTFPAVLQSSGLYSLSSVVTVPSSSLGTQTYICNVNH
KPSNTKVDKKVEPKSCGSHHHHHH
;
F,I
6 'polypeptide(L)'
;MGWSCIILFLVATATGVHGDIVMTQSPLSLPVTPGEPASISCRSNQSLLHTKGYKYLNWYLQRPGQSPQVLIYFASNRAP
GVPDRFSGSGSGTDFTLKISRVEAEDVGVYYCMQGLQIPFTFGPGTKVDIKRTVAAPSVFIFPPSDEQLKSGTASVVCLL
NNFYPREAKVQWKVDNALQSGNSQESVTEQDSKDSTYSLSSTLTLSKADYEKHKVYACEVTHQGLSSPVTKSFNRGEC
;
G,H
#
# COMPACT_ATOMS: atom_id res chain seq x y z
N SER A 21 33.68 -23.74 -15.15
CA SER A 21 32.46 -23.89 -16.01
C SER A 21 32.01 -25.33 -16.08
N GLU A 22 32.73 -26.15 -16.86
CA GLU A 22 32.44 -27.57 -16.88
C GLU A 22 32.70 -28.19 -15.52
N HIS A 23 33.81 -27.82 -14.89
CA HIS A 23 34.08 -28.28 -13.53
C HIS A 23 33.02 -27.78 -12.56
N GLU A 24 32.68 -26.49 -12.65
CA GLU A 24 31.67 -25.94 -11.76
C GLU A 24 30.28 -26.48 -12.09
N THR A 25 29.99 -26.73 -13.36
CA THR A 25 28.71 -27.34 -13.72
C THR A 25 28.58 -28.72 -13.10
N ARG A 26 29.64 -29.53 -13.20
CA ARG A 26 29.64 -30.85 -12.60
C ARG A 26 29.53 -30.75 -11.08
N LEU A 27 30.22 -29.79 -10.48
CA LEU A 27 30.17 -29.62 -9.02
C LEU A 27 28.77 -29.25 -8.56
N VAL A 28 28.11 -28.32 -9.25
CA VAL A 28 26.77 -27.91 -8.88
C VAL A 28 25.80 -29.08 -9.02
N ALA A 29 25.91 -29.82 -10.12
CA ALA A 29 25.04 -30.98 -10.32
C ALA A 29 25.24 -32.01 -9.22
N LYS A 30 26.50 -32.24 -8.81
CA LYS A 30 26.77 -33.18 -7.72
C LYS A 30 26.18 -32.66 -6.41
N LEU A 31 26.37 -31.38 -6.12
CA LEU A 31 25.96 -30.83 -4.83
C LEU A 31 24.44 -30.88 -4.66
N PHE A 32 23.70 -30.55 -5.71
CA PHE A 32 22.25 -30.39 -5.61
C PHE A 32 21.48 -31.59 -6.18
N LYS A 33 22.11 -32.77 -6.23
CA LYS A 33 21.40 -33.95 -6.71
C LYS A 33 20.40 -34.45 -5.67
N ASP A 34 20.82 -34.52 -4.40
CA ASP A 34 19.98 -35.01 -3.30
C ASP A 34 19.95 -34.00 -2.15
N TYR A 35 20.11 -32.71 -2.46
CA TYR A 35 20.11 -31.69 -1.44
C TYR A 35 18.69 -31.41 -0.95
N SER A 36 18.58 -31.03 0.32
CA SER A 36 17.32 -30.66 0.94
C SER A 36 17.51 -29.35 1.68
N SER A 37 16.70 -28.35 1.33
CA SER A 37 16.71 -27.06 2.01
C SER A 37 15.71 -27.00 3.16
N VAL A 38 15.01 -28.10 3.45
CA VAL A 38 14.05 -28.12 4.55
C VAL A 38 14.77 -28.23 5.89
N VAL A 39 15.63 -29.23 6.03
CA VAL A 39 16.27 -29.50 7.32
C VAL A 39 17.49 -28.58 7.51
N ARG A 40 17.89 -28.42 8.76
CA ARG A 40 19.07 -27.63 9.06
C ARG A 40 20.30 -28.32 8.47
N PRO A 41 21.31 -27.54 8.03
CA PRO A 41 22.43 -28.18 7.33
C PRO A 41 23.52 -28.63 8.31
N VAL A 42 23.19 -29.67 9.07
CA VAL A 42 24.07 -30.19 10.11
C VAL A 42 24.30 -31.68 9.86
N GLU A 43 25.49 -32.14 10.24
CA GLU A 43 25.77 -33.57 10.20
C GLU A 43 24.86 -34.33 11.16
N ASP A 44 24.66 -33.78 12.36
CA ASP A 44 23.87 -34.40 13.42
C ASP A 44 22.82 -33.41 13.88
N HIS A 45 21.61 -33.90 14.13
CA HIS A 45 20.52 -33.01 14.55
C HIS A 45 20.78 -32.38 15.90
N ARG A 46 21.68 -32.94 16.71
CA ARG A 46 22.05 -32.37 18.00
C ARG A 46 23.11 -31.28 17.87
N GLN A 47 23.60 -31.01 16.65
CA GLN A 47 24.52 -29.90 16.43
C GLN A 47 23.75 -28.60 16.24
N VAL A 48 24.45 -27.49 16.50
CA VAL A 48 23.89 -26.15 16.40
C VAL A 48 24.50 -25.47 15.19
N VAL A 49 23.67 -24.75 14.43
CA VAL A 49 24.14 -23.93 13.32
C VAL A 49 24.50 -22.56 13.87
N GLU A 50 25.76 -22.17 13.73
CA GLU A 50 26.23 -20.86 14.16
C GLU A 50 26.16 -19.89 12.98
N VAL A 51 25.40 -18.81 13.15
CA VAL A 51 25.18 -17.82 12.11
C VAL A 51 25.80 -16.52 12.59
N THR A 52 26.86 -16.08 11.90
CA THR A 52 27.46 -14.78 12.19
C THR A 52 26.65 -13.71 11.47
N VAL A 53 26.11 -12.75 12.23
CA VAL A 53 25.25 -11.70 11.71
C VAL A 53 26.01 -10.39 11.79
N GLY A 54 26.12 -9.70 10.65
CA GLY A 54 26.74 -8.39 10.58
C GLY A 54 25.90 -7.41 9.80
N LEU A 55 25.46 -6.34 10.45
CA LEU A 55 24.64 -5.32 9.81
C LEU A 55 25.53 -4.20 9.30
N GLN A 56 25.39 -3.87 8.02
CA GLN A 56 26.05 -2.73 7.41
C GLN A 56 24.98 -1.70 7.08
N LEU A 57 25.14 -0.49 7.61
CA LEU A 57 24.20 0.60 7.35
C LEU A 57 24.71 1.40 6.16
N ILE A 58 23.96 1.37 5.06
CA ILE A 58 24.34 2.09 3.85
C ILE A 58 23.80 3.50 3.84
N GLN A 59 22.55 3.69 4.29
CA GLN A 59 21.90 4.98 4.19
C GLN A 59 20.80 5.08 5.23
N LEU A 60 20.65 6.27 5.81
CA LEU A 60 19.53 6.60 6.69
C LEU A 60 18.51 7.36 5.83
N ILE A 61 17.51 6.64 5.34
CA ILE A 61 16.59 7.22 4.36
C ILE A 61 15.71 8.27 5.01
N ASN A 62 15.12 7.96 6.16
CA ASN A 62 14.13 8.85 6.74
C ASN A 62 13.91 8.51 8.20
N VAL A 63 13.58 9.53 8.98
CA VAL A 63 13.11 9.38 10.35
C VAL A 63 11.70 9.97 10.40
N ASP A 64 10.70 9.11 10.61
CA ASP A 64 9.30 9.51 10.61
C ASP A 64 8.88 9.71 12.06
N GLU A 65 8.77 10.97 12.49
CA GLU A 65 8.43 11.25 13.88
C GLU A 65 6.98 10.93 14.17
N VAL A 66 6.08 11.22 13.24
CA VAL A 66 4.64 11.05 13.49
C VAL A 66 4.30 9.58 13.69
N ASN A 67 4.75 8.72 12.78
CA ASN A 67 4.46 7.26 12.83
C ASN A 67 5.52 6.50 13.62
N GLN A 68 6.59 7.16 14.09
CA GLN A 68 7.67 6.55 14.92
C GLN A 68 8.35 5.43 14.11
N ILE A 69 8.72 5.69 12.86
CA ILE A 69 9.32 4.67 11.96
C ILE A 69 10.62 5.17 11.34
N VAL A 70 11.76 4.53 11.61
CA VAL A 70 13.05 4.88 10.95
C VAL A 70 13.23 3.97 9.74
N THR A 71 13.47 4.56 8.56
CA THR A 71 13.75 3.81 7.32
C THR A 71 15.25 3.83 7.08
N THR A 72 15.86 2.69 6.80
CA THR A 72 17.29 2.56 6.53
C THR A 72 17.52 1.61 5.37
N ASN A 73 18.64 1.81 4.68
CA ASN A 73 19.11 0.92 3.63
C ASN A 73 20.31 0.16 4.19
N VAL A 74 20.20 -1.15 4.29
CA VAL A 74 21.16 -1.97 5.01
C VAL A 74 21.57 -3.18 4.17
N ARG A 75 22.73 -3.72 4.51
CA ARG A 75 23.19 -5.03 4.04
C ARG A 75 23.33 -5.92 5.26
N LEU A 76 22.65 -7.06 5.25
CA LEU A 76 22.62 -7.98 6.38
C LEU A 76 23.51 -9.18 6.07
N LYS A 77 24.80 -9.03 6.37
CA LYS A 77 25.75 -10.10 6.08
C LYS A 77 25.54 -11.27 7.03
N GLN A 78 25.33 -12.46 6.46
CA GLN A 78 25.08 -13.68 7.22
C GLN A 78 26.10 -14.73 6.80
N GLN A 79 26.74 -15.37 7.76
CA GLN A 79 27.75 -16.39 7.50
C GLN A 79 27.45 -17.63 8.33
N TRP A 80 27.45 -18.79 7.68
CA TRP A 80 27.27 -20.06 8.36
C TRP A 80 27.83 -21.17 7.48
N VAL A 81 28.00 -22.34 8.09
CA VAL A 81 28.57 -23.51 7.42
C VAL A 81 27.43 -24.44 7.05
N ASP A 82 27.49 -24.98 5.84
CA ASP A 82 26.59 -26.02 5.37
C ASP A 82 27.38 -27.32 5.24
N TYR A 83 26.98 -28.34 6.00
CA TYR A 83 27.76 -29.57 6.05
C TYR A 83 27.73 -30.31 4.72
N ASN A 84 26.60 -30.26 4.02
CA ASN A 84 26.42 -31.02 2.78
C ASN A 84 26.95 -30.31 1.55
N LEU A 85 27.25 -29.02 1.62
CA LEU A 85 27.81 -28.28 0.48
C LEU A 85 29.33 -28.18 0.58
N LYS A 86 29.97 -29.34 0.68
CA LYS A 86 31.43 -29.46 0.74
C LYS A 86 31.93 -30.24 -0.47
N TRP A 87 33.13 -29.91 -0.92
CA TRP A 87 33.77 -30.63 -2.01
C TRP A 87 35.27 -30.49 -1.88
N ASN A 88 35.98 -31.40 -2.54
CA ASN A 88 37.43 -31.34 -2.64
C ASN A 88 37.81 -30.55 -3.90
N PRO A 89 38.55 -29.45 -3.82
CA PRO A 89 38.88 -28.72 -5.05
C PRO A 89 39.67 -29.52 -6.06
N ASP A 90 40.46 -30.50 -5.61
CA ASP A 90 41.27 -31.29 -6.53
C ASP A 90 40.40 -32.14 -7.47
N ASP A 91 39.19 -32.49 -7.04
CA ASP A 91 38.30 -33.28 -7.86
C ASP A 91 37.50 -32.46 -8.85
N TYR A 92 37.63 -31.13 -8.83
CA TYR A 92 36.87 -30.24 -9.71
C TYR A 92 37.77 -29.15 -10.26
N GLY A 93 38.98 -29.50 -10.67
CA GLY A 93 39.86 -28.57 -11.36
C GLY A 93 40.37 -27.42 -10.51
N GLY A 94 40.34 -27.54 -9.19
CA GLY A 94 40.83 -26.49 -8.32
C GLY A 94 39.84 -25.40 -8.00
N VAL A 95 38.55 -25.60 -8.26
CA VAL A 95 37.54 -24.62 -7.88
C VAL A 95 37.40 -24.61 -6.37
N LYS A 96 37.67 -23.45 -5.75
CA LYS A 96 37.60 -23.30 -4.30
C LYS A 96 36.42 -22.47 -3.82
N LYS A 97 35.76 -21.71 -4.70
CA LYS A 97 34.61 -20.92 -4.31
C LYS A 97 33.70 -20.75 -5.51
N ILE A 98 32.39 -20.77 -5.26
CA ILE A 98 31.39 -20.61 -6.30
C ILE A 98 30.28 -19.70 -5.78
N HIS A 99 29.49 -19.19 -6.73
CA HIS A 99 28.30 -18.41 -6.43
C HIS A 99 27.08 -19.19 -6.90
N ILE A 100 26.10 -19.35 -6.01
CA ILE A 100 24.89 -20.13 -6.30
C ILE A 100 23.68 -19.30 -5.88
N PRO A 101 22.49 -19.50 -6.46
CA PRO A 101 21.31 -18.79 -5.97
C PRO A 101 21.00 -19.14 -4.53
N SER A 102 20.62 -18.12 -3.75
CA SER A 102 20.31 -18.34 -2.34
C SER A 102 18.98 -19.05 -2.14
N GLU A 103 18.08 -19.03 -3.12
CA GLU A 103 16.79 -19.69 -2.98
C GLU A 103 16.89 -21.20 -2.93
N LYS A 104 18.00 -21.77 -3.43
CA LYS A 104 18.12 -23.22 -3.51
C LYS A 104 18.53 -23.88 -2.20
N ILE A 105 19.03 -23.13 -1.23
CA ILE A 105 19.65 -23.69 -0.04
C ILE A 105 18.86 -23.30 1.20
N TRP A 106 19.09 -24.06 2.26
CA TRP A 106 18.64 -23.66 3.59
C TRP A 106 19.30 -22.34 3.98
N ARG A 107 18.52 -21.45 4.58
CA ARG A 107 19.00 -20.18 5.09
C ARG A 107 18.39 -19.97 6.47
N PRO A 108 19.03 -19.14 7.31
CA PRO A 108 18.36 -18.70 8.54
C PRO A 108 17.28 -17.68 8.25
N ASP A 109 16.22 -17.72 9.04
CA ASP A 109 15.04 -16.88 8.84
C ASP A 109 15.10 -15.65 9.76
N LEU A 110 16.11 -14.81 9.53
CA LEU A 110 16.23 -13.60 10.32
C LEU A 110 15.08 -12.66 10.01
N VAL A 111 14.47 -12.11 11.06
CA VAL A 111 13.30 -11.25 10.96
C VAL A 111 13.56 -10.00 11.79
N LEU A 112 13.13 -8.85 11.26
CA LEU A 112 13.16 -7.61 12.01
C LEU A 112 11.96 -7.59 12.95
N TYR A 113 12.17 -7.78 14.25
CA TYR A 113 11.08 -7.94 15.23
C TYR A 113 10.26 -6.65 15.36
N ASN A 114 10.93 -5.50 15.33
CA ASN A 114 10.27 -4.18 15.48
C ASN A 114 9.89 -3.63 14.11
N ASN A 115 9.83 -4.44 13.07
CA ASN A 115 9.33 -4.01 11.73
C ASN A 115 8.02 -3.24 11.90
N ALA A 116 7.90 -2.03 11.35
CA ALA A 116 6.71 -1.21 11.51
C ALA A 116 5.70 -1.45 10.40
N ASP A 117 6.07 -1.14 9.15
CA ASP A 117 5.18 -1.40 8.01
C ASP A 117 5.95 -1.85 6.77
N GLY A 118 7.20 -2.26 6.91
CA GLY A 118 8.00 -2.77 5.82
C GLY A 118 7.95 -4.29 5.76
N ASP A 119 9.03 -4.87 5.24
CA ASP A 119 9.16 -6.31 5.15
C ASP A 119 9.75 -6.85 6.46
N PHE A 120 9.21 -7.98 6.92
CA PHE A 120 9.70 -8.59 8.14
C PHE A 120 11.03 -9.29 7.91
N ALA A 121 11.17 -10.00 6.80
CA ALA A 121 12.34 -10.82 6.48
C ALA A 121 12.98 -10.34 5.20
N ILE A 122 14.09 -10.97 4.84
CA ILE A 122 14.77 -10.67 3.59
C ILE A 122 13.87 -11.09 2.42
N VAL A 123 13.74 -10.20 1.44
CA VAL A 123 12.98 -10.47 0.23
C VAL A 123 13.83 -10.44 -1.03
N LYS A 124 14.99 -9.80 -1.01
CA LYS A 124 15.89 -9.74 -2.17
C LYS A 124 16.89 -10.88 -2.04
N PHE A 125 16.64 -11.96 -2.78
CA PHE A 125 17.44 -13.19 -2.65
C PHE A 125 18.61 -13.13 -3.62
N THR A 126 19.67 -12.45 -3.18
CA THR A 126 20.91 -12.38 -3.93
C THR A 126 21.71 -13.66 -3.75
N LYS A 127 22.83 -13.77 -4.46
CA LYS A 127 23.61 -14.99 -4.46
C LYS A 127 24.44 -15.13 -3.19
N VAL A 128 24.73 -16.38 -2.83
CA VAL A 128 25.61 -16.71 -1.71
C VAL A 128 26.99 -17.06 -2.26
N LEU A 129 28.03 -16.67 -1.53
CA LEU A 129 29.38 -17.11 -1.82
C LEU A 129 29.66 -18.37 -1.02
N LEU A 130 29.87 -19.48 -1.71
CA LEU A 130 30.06 -20.79 -1.09
C LEU A 130 31.50 -21.22 -1.27
N GLN A 131 32.17 -21.53 -0.17
CA GLN A 131 33.53 -22.06 -0.17
C GLN A 131 33.49 -23.59 -0.22
N TYR A 132 34.61 -24.18 -0.61
CA TYR A 132 34.72 -25.63 -0.63
C TYR A 132 34.61 -26.24 0.76
N THR A 133 34.88 -25.48 1.80
CA THR A 133 34.74 -25.94 3.18
C THR A 133 33.29 -25.95 3.66
N GLY A 134 32.33 -25.59 2.80
CA GLY A 134 30.94 -25.46 3.20
C GLY A 134 30.59 -24.10 3.77
N HIS A 135 31.55 -23.19 3.90
CA HIS A 135 31.26 -21.87 4.43
C HIS A 135 30.43 -21.08 3.43
N ILE A 136 29.35 -20.48 3.92
CA ILE A 136 28.44 -19.66 3.13
C ILE A 136 28.57 -18.23 3.60
N THR A 137 28.56 -17.29 2.64
CA THR A 137 28.41 -15.88 2.92
C THR A 137 27.25 -15.37 2.08
N TRP A 138 26.23 -14.84 2.76
CA TRP A 138 25.04 -14.29 2.11
C TRP A 138 24.86 -12.87 2.61
N THR A 139 24.83 -11.91 1.70
CA THR A 139 24.80 -10.48 2.01
C THR A 139 23.69 -9.80 1.25
N PRO A 140 22.43 -10.14 1.52
CA PRO A 140 21.31 -9.56 0.78
C PRO A 140 21.09 -8.10 1.15
N PRO A 141 20.50 -7.30 0.27
CA PRO A 141 20.07 -5.96 0.67
C PRO A 141 18.69 -5.98 1.30
N ALA A 142 18.37 -4.90 1.99
CA ALA A 142 17.06 -4.77 2.62
C ALA A 142 16.77 -3.31 2.90
N ILE A 143 15.48 -2.98 2.91
CA ILE A 143 14.98 -1.70 3.41
C ILE A 143 14.29 -1.99 4.74
N PHE A 144 14.92 -1.60 5.83
CA PHE A 144 14.38 -1.81 7.17
C PHE A 144 13.53 -0.61 7.55
N LYS A 145 12.24 -0.84 7.80
CA LYS A 145 11.33 0.20 8.33
C LYS A 145 11.14 -0.28 9.76
N SER A 146 11.76 0.35 10.75
CA SER A 146 11.76 -0.13 12.15
C SER A 146 10.91 0.80 13.00
N TYR A 147 10.31 0.31 14.08
CA TYR A 147 9.45 1.12 14.99
C TYR A 147 10.32 1.60 16.15
N CYS A 148 10.69 2.88 16.16
CA CYS A 148 11.55 3.49 17.21
C CYS A 148 10.74 4.55 17.96
N GLU A 149 10.78 4.55 19.29
CA GLU A 149 10.11 5.60 20.09
C GLU A 149 10.81 6.94 19.85
N ILE A 150 10.12 7.91 19.24
CA ILE A 150 10.67 9.26 18.93
C ILE A 150 10.31 10.21 20.07
N ILE A 151 11.30 10.77 20.78
CA ILE A 151 11.08 11.77 21.86
C ILE A 151 11.24 13.15 21.21
N VAL A 152 10.17 13.91 21.10
CA VAL A 152 10.16 15.19 20.39
C VAL A 152 10.28 16.37 21.36
N THR A 153 10.72 16.12 22.60
CA THR A 153 10.73 17.18 23.61
C THR A 153 11.68 18.31 23.23
N HIS A 154 12.84 17.98 22.66
CA HIS A 154 13.88 18.94 22.35
C HIS A 154 13.95 19.30 20.87
N PHE A 155 12.92 18.95 20.08
CA PHE A 155 12.95 19.17 18.64
C PHE A 155 13.10 20.67 18.34
N PRO A 156 13.98 21.06 17.39
CA PRO A 156 14.81 20.29 16.46
C PRO A 156 16.20 19.96 17.01
N PHE A 157 16.46 20.20 18.30
CA PHE A 157 17.73 19.87 18.94
C PHE A 157 17.66 18.51 19.64
N ASP A 158 16.89 17.59 19.08
CA ASP A 158 16.57 16.33 19.73
C ASP A 158 17.54 15.23 19.33
N GLU A 159 17.80 14.33 20.27
CA GLU A 159 18.59 13.13 20.06
C GLU A 159 17.67 11.92 20.15
N GLN A 160 17.83 10.99 19.20
CA GLN A 160 16.94 9.81 19.08
C GLN A 160 17.75 8.51 19.17
N ASN A 161 17.43 7.62 20.10
CA ASN A 161 18.04 6.27 20.17
C ASN A 161 17.09 5.30 19.45
N CYS A 162 17.43 4.79 18.27
CA CYS A 162 16.54 3.92 17.46
C CYS A 162 17.20 2.57 17.21
N SER A 163 16.54 1.47 17.57
CA SER A 163 17.11 0.10 17.50
C SER A 163 16.54 -0.73 16.35
N MET A 164 17.14 -1.88 16.08
CA MET A 164 16.70 -2.84 15.05
C MET A 164 16.92 -4.24 15.65
N LYS A 165 15.88 -4.88 16.20
CA LYS A 165 15.99 -6.19 16.81
C LYS A 165 15.89 -7.26 15.73
N LEU A 166 16.91 -8.12 15.65
CA LEU A 166 17.01 -9.17 14.65
C LEU A 166 17.15 -10.53 15.33
N GLY A 167 16.46 -11.53 14.80
CA GLY A 167 16.55 -12.86 15.34
C GLY A 167 15.89 -13.86 14.41
N THR A 168 16.19 -15.13 14.65
CA THR A 168 15.59 -16.22 13.88
C THR A 168 14.16 -16.43 14.37
N TRP A 169 13.20 -16.25 13.47
CA TRP A 169 11.79 -16.23 13.85
C TRP A 169 11.34 -17.58 14.39
N THR A 170 11.71 -18.67 13.72
CA THR A 170 11.19 -20.00 14.01
C THR A 170 12.22 -20.94 14.64
N TYR A 171 13.48 -20.52 14.77
CA TYR A 171 14.53 -21.34 15.38
C TYR A 171 14.97 -20.71 16.69
N ASP A 172 15.14 -21.55 17.71
CA ASP A 172 15.62 -21.13 19.01
C ASP A 172 17.13 -21.34 19.10
N GLY A 173 17.71 -20.83 20.19
CA GLY A 173 19.15 -20.86 20.35
C GLY A 173 19.75 -22.25 20.46
N SER A 174 18.93 -23.27 20.74
CA SER A 174 19.44 -24.62 20.88
C SER A 174 19.65 -25.34 19.55
N VAL A 175 19.13 -24.80 18.45
CA VAL A 175 19.31 -25.40 17.13
C VAL A 175 20.02 -24.45 16.18
N VAL A 176 19.87 -23.14 16.40
CA VAL A 176 20.51 -22.11 15.59
C VAL A 176 21.02 -21.01 16.52
N ALA A 177 22.33 -20.83 16.57
CA ALA A 177 22.95 -19.79 17.37
C ALA A 177 23.37 -18.63 16.48
N ILE A 178 23.10 -17.41 16.95
CA ILE A 178 23.48 -16.18 16.26
C ILE A 178 24.48 -15.43 17.12
N ASN A 179 25.48 -14.82 16.50
CA ASN A 179 26.50 -14.02 17.20
C ASN A 179 26.80 -12.81 16.33
N PRO A 180 26.97 -11.59 16.86
CA PRO A 180 27.36 -10.44 16.03
C PRO A 180 28.71 -10.66 15.39
N GLU A 181 28.86 -10.16 14.16
CA GLU A 181 30.16 -10.19 13.50
C GLU A 181 31.14 -9.25 14.19
N SER A 182 30.66 -8.10 14.64
CA SER A 182 31.49 -7.10 15.30
C SER A 182 30.65 -6.43 16.38
N ASP A 183 31.34 -5.71 17.27
CA ASP A 183 30.65 -5.04 18.37
C ASP A 183 29.86 -3.81 17.90
N GLN A 184 30.15 -3.29 16.72
CA GLN A 184 29.49 -2.14 16.15
C GLN A 184 28.96 -2.48 14.76
N PRO A 185 27.94 -1.77 14.28
CA PRO A 185 27.56 -1.91 12.87
C PRO A 185 28.65 -1.39 11.95
N ASP A 186 28.69 -1.95 10.75
CA ASP A 186 29.64 -1.52 9.73
C ASP A 186 29.11 -0.25 9.07
N LEU A 187 29.80 0.88 9.29
CA LEU A 187 29.45 2.16 8.70
C LEU A 187 30.48 2.62 7.66
N SER A 188 31.29 1.70 7.14
CA SER A 188 32.35 2.09 6.21
C SER A 188 31.78 2.66 4.91
N ASN A 189 30.70 2.08 4.41
CA ASN A 189 30.04 2.53 3.19
C ASN A 189 28.80 3.35 3.48
N PHE A 190 28.76 4.05 4.61
CA PHE A 190 27.60 4.83 4.99
C PHE A 190 27.61 6.17 4.27
N MET A 191 26.51 6.49 3.59
CA MET A 191 26.36 7.78 2.93
C MET A 191 26.00 8.84 3.95
N GLU A 192 26.63 10.01 3.83
CA GLU A 192 26.37 11.11 4.75
C GLU A 192 24.92 11.56 4.65
N SER A 193 24.32 11.84 5.80
CA SER A 193 22.94 12.33 5.88
C SER A 193 22.95 13.83 6.09
N GLY A 194 22.07 14.52 5.36
CA GLY A 194 21.90 15.95 5.51
C GLY A 194 20.97 16.37 6.62
N GLU A 195 20.43 15.42 7.39
CA GLU A 195 19.48 15.70 8.47
C GLU A 195 19.89 15.14 9.81
N TRP A 196 20.73 14.10 9.86
CA TRP A 196 21.07 13.41 11.09
C TRP A 196 22.56 13.11 11.12
N VAL A 197 23.10 13.06 12.34
CA VAL A 197 24.47 12.66 12.60
C VAL A 197 24.42 11.49 13.58
N ILE A 198 25.10 10.39 13.25
CA ILE A 198 25.11 9.20 14.09
C ILE A 198 26.24 9.37 15.10
N LYS A 199 25.89 9.67 16.35
CA LYS A 199 26.89 9.84 17.40
C LYS A 199 27.49 8.51 17.81
N GLU A 200 26.64 7.49 17.98
CA GLU A 200 27.06 6.21 18.54
C GLU A 200 26.28 5.10 17.85
N SER A 201 26.91 3.94 17.74
CA SER A 201 26.27 2.75 17.20
C SER A 201 26.91 1.53 17.84
N ARG A 202 26.12 0.48 18.01
CA ARG A 202 26.57 -0.67 18.78
C ARG A 202 25.53 -1.78 18.62
N GLY A 203 26.03 -3.02 18.59
CA GLY A 203 25.19 -4.20 18.48
C GLY A 203 25.35 -5.14 19.66
N TRP A 204 24.24 -5.43 20.35
CA TRP A 204 24.24 -6.25 21.55
C TRP A 204 23.47 -7.53 21.29
N LYS A 205 24.03 -8.65 21.76
CA LYS A 205 23.35 -9.97 21.70
C LYS A 205 22.60 -10.16 23.01
N HIS A 206 21.40 -10.72 22.95
CA HIS A 206 20.55 -10.99 24.11
C HIS A 206 20.05 -12.42 24.03
N SER A 207 19.99 -13.07 25.18
CA SER A 207 19.46 -14.43 25.31
C SER A 207 18.41 -14.43 26.39
N VAL A 208 17.25 -15.02 26.10
CA VAL A 208 16.11 -15.05 27.00
C VAL A 208 15.63 -16.49 27.11
N THR A 209 15.51 -16.98 28.35
CA THR A 209 15.00 -18.30 28.64
C THR A 209 13.80 -18.19 29.57
N TYR A 210 12.77 -18.98 29.28
CA TYR A 210 11.55 -19.01 30.09
C TYR A 210 11.52 -20.27 30.94
N SER A 211 10.85 -20.17 32.09
CA SER A 211 10.80 -21.30 33.01
C SER A 211 10.06 -22.48 32.40
N CYS A 212 9.11 -22.23 31.51
CA CYS A 212 8.41 -23.33 30.85
C CYS A 212 9.35 -24.12 29.95
N CYS A 213 10.31 -23.45 29.30
CA CYS A 213 11.24 -24.07 28.36
C CYS A 213 12.66 -23.71 28.79
N PRO A 214 13.17 -24.34 29.85
CA PRO A 214 14.51 -23.95 30.34
C PRO A 214 15.64 -24.35 29.42
N ASP A 215 15.44 -25.28 28.48
CA ASP A 215 16.49 -25.78 27.63
C ASP A 215 16.56 -25.12 26.26
N THR A 216 15.66 -24.17 25.96
CA THR A 216 15.57 -23.53 24.65
C THR A 216 15.64 -22.02 24.81
N PRO A 217 16.83 -21.43 24.86
CA PRO A 217 16.92 -19.97 24.91
C PRO A 217 16.55 -19.36 23.58
N TYR A 218 16.04 -18.13 23.64
CA TYR A 218 15.66 -17.36 22.46
C TYR A 218 16.63 -16.21 22.30
N LEU A 219 17.31 -16.17 21.16
CA LEU A 219 18.41 -15.24 20.92
C LEU A 219 17.97 -14.12 19.98
N ASP A 220 18.59 -12.96 20.16
CA ASP A 220 18.41 -11.85 19.26
C ASP A 220 19.65 -10.98 19.31
N ILE A 221 19.87 -10.21 18.24
CA ILE A 221 20.90 -9.20 18.19
C ILE A 221 20.22 -7.87 17.90
N THR A 222 20.37 -6.92 18.80
CA THR A 222 19.81 -5.59 18.65
C THR A 222 20.92 -4.61 18.34
N TYR A 223 20.83 -3.97 17.18
CA TYR A 223 21.69 -2.86 16.81
C TYR A 223 20.94 -1.57 17.12
N HIS A 224 21.59 -0.65 17.83
CA HIS A 224 21.02 0.64 18.14
C HIS A 224 21.93 1.75 17.65
N PHE A 225 21.31 2.85 17.21
CA PHE A 225 22.01 4.00 16.67
C PHE A 225 21.55 5.24 17.42
N VAL A 226 22.48 5.97 17.99
CA VAL A 226 22.19 7.26 18.62
C VAL A 226 22.39 8.34 17.56
N MET A 227 21.31 9.06 17.25
CA MET A 227 21.29 10.04 16.17
C MET A 227 20.93 11.41 16.72
N GLN A 228 21.65 12.43 16.25
CA GLN A 228 21.42 13.82 16.61
C GLN A 228 20.94 14.57 15.38
N ARG A 229 19.83 15.29 15.50
CA ARG A 229 19.30 16.05 14.38
C ARG A 229 20.17 17.26 14.11
N LEU A 230 20.33 17.58 12.82
CA LEU A 230 20.95 18.83 12.40
C LEU A 230 19.86 19.89 12.37
N PRO A 231 19.89 20.92 13.21
CA PRO A 231 18.73 21.82 13.32
C PRO A 231 18.76 23.08 12.45
N LEU A 232 19.70 23.22 11.52
CA LEU A 232 19.84 24.48 10.78
C LEU A 232 18.60 24.78 9.95
N TYR A 233 18.03 23.76 9.30
CA TYR A 233 16.86 23.96 8.45
C TYR A 233 15.69 24.50 9.26
N PHE A 234 15.43 23.91 10.41
CA PHE A 234 14.33 24.36 11.27
C PHE A 234 14.65 25.70 11.92
N ILE A 235 15.91 25.97 12.24
CA ILE A 235 16.28 27.27 12.79
C ILE A 235 16.00 28.36 11.78
N VAL A 236 16.41 28.15 10.53
CA VAL A 236 16.29 29.19 9.52
C VAL A 236 14.83 29.39 9.12
N ASN A 237 14.09 28.29 8.92
CA ASN A 237 12.76 28.39 8.32
C ASN A 237 11.64 28.60 9.32
N VAL A 238 11.84 28.25 10.59
CA VAL A 238 10.81 28.36 11.62
C VAL A 238 11.15 29.43 12.65
N ILE A 239 12.34 29.32 13.27
CA ILE A 239 12.61 30.11 14.47
C ILE A 239 12.77 31.59 14.13
N ILE A 240 13.47 31.91 13.05
CA ILE A 240 13.81 33.30 12.72
C ILE A 240 12.54 34.12 12.43
N PRO A 241 11.61 33.64 11.59
CA PRO A 241 10.35 34.40 11.44
C PRO A 241 9.58 34.60 12.73
N CYS A 242 9.56 33.59 13.60
CA CYS A 242 8.88 33.73 14.88
C CYS A 242 9.57 34.79 15.73
N LEU A 243 10.90 34.83 15.71
CA LEU A 243 11.63 35.85 16.44
C LEU A 243 11.32 37.24 15.89
N LEU A 244 11.23 37.37 14.57
CA LEU A 244 10.89 38.66 13.98
C LEU A 244 9.49 39.11 14.38
N PHE A 245 8.53 38.20 14.36
CA PHE A 245 7.17 38.56 14.77
C PHE A 245 7.13 38.93 16.25
N SER A 246 7.85 38.18 17.09
CA SER A 246 7.88 38.49 18.52
C SER A 246 8.49 39.86 18.77
N PHE A 247 9.57 40.21 18.04
CA PHE A 247 10.15 41.53 18.17
C PHE A 247 9.18 42.61 17.73
N LEU A 248 8.47 42.37 16.61
CA LEU A 248 7.50 43.35 16.13
C LEU A 248 6.32 43.50 17.07
N THR A 249 6.05 42.48 17.90
CA THR A 249 4.91 42.56 18.82
C THR A 249 5.04 43.73 19.78
N GLY A 250 6.24 43.95 20.30
CA GLY A 250 6.45 45.01 21.27
C GLY A 250 6.53 46.42 20.70
N LEU A 251 6.66 46.55 19.38
CA LEU A 251 6.78 47.88 18.78
C LEU A 251 5.50 48.69 18.88
N VAL A 252 4.35 48.05 19.08
CA VAL A 252 3.10 48.80 19.14
C VAL A 252 3.08 49.73 20.34
N PHE A 253 3.80 49.39 21.41
CA PHE A 253 3.85 50.24 22.59
C PHE A 253 4.71 51.48 22.40
N TYR A 254 5.50 51.55 21.33
CA TYR A 254 6.17 52.78 20.91
C TYR A 254 5.38 53.54 19.86
N LEU A 255 4.28 52.96 19.34
CA LEU A 255 3.48 53.61 18.31
C LEU A 255 2.43 54.49 18.98
N PRO A 256 2.38 55.81 18.73
CA PRO A 256 1.39 56.64 19.40
C PRO A 256 -0.04 56.28 19.04
N THR A 257 -0.93 56.51 20.00
CA THR A 257 -2.37 56.26 19.76
C THR A 257 -2.92 57.20 18.69
N ASP A 258 -2.45 58.45 18.68
CA ASP A 258 -2.97 59.43 17.72
C ASP A 258 -2.64 59.06 16.27
N SER A 259 -1.69 58.16 16.05
CA SER A 259 -1.43 57.70 14.69
C SER A 259 -2.63 56.97 14.11
N GLY A 260 -3.44 56.34 14.95
CA GLY A 260 -4.57 55.58 14.47
C GLY A 260 -4.19 54.29 13.77
N GLU A 261 -3.03 53.72 14.08
CA GLU A 261 -2.51 52.53 13.43
C GLU A 261 -2.08 51.45 14.43
N LYS A 262 -2.39 51.61 15.72
CA LYS A 262 -1.99 50.62 16.71
C LYS A 262 -2.62 49.25 16.42
N MET A 263 -3.95 49.23 16.26
CA MET A 263 -4.62 47.98 15.99
C MET A 263 -4.23 47.43 14.62
N THR A 264 -3.96 48.32 13.66
CA THR A 264 -3.45 47.86 12.36
C THR A 264 -2.19 47.03 12.54
N LEU A 265 -1.20 47.60 13.23
CA LEU A 265 0.07 46.90 13.44
C LEU A 265 -0.12 45.59 14.21
N SER A 266 -0.84 45.66 15.34
CA SER A 266 -0.97 44.49 16.20
C SER A 266 -1.74 43.37 15.50
N ILE A 267 -2.90 43.69 14.94
CA ILE A 267 -3.73 42.67 14.30
C ILE A 267 -3.04 42.13 13.06
N SER A 268 -2.28 42.96 12.33
CA SER A 268 -1.60 42.45 11.16
C SER A 268 -0.40 41.57 11.52
N VAL A 269 0.27 41.87 12.64
CA VAL A 269 1.28 40.95 13.14
C VAL A 269 0.63 39.61 13.49
N LEU A 270 -0.54 39.66 14.11
CA LEU A 270 -1.27 38.43 14.40
C LEU A 270 -1.63 37.68 13.12
N LEU A 271 -2.06 38.40 12.09
CA LEU A 271 -2.41 37.77 10.82
C LEU A 271 -1.19 37.12 10.18
N SER A 272 -0.05 37.80 10.21
CA SER A 272 1.18 37.22 9.67
C SER A 272 1.58 35.96 10.43
N LEU A 273 1.44 35.99 11.76
CA LEU A 273 1.74 34.80 12.54
C LEU A 273 0.77 33.66 12.22
N THR A 274 -0.50 33.99 12.04
CA THR A 274 -1.49 32.96 11.71
C THR A 274 -1.19 32.34 10.35
N VAL A 275 -0.81 33.16 9.37
CA VAL A 275 -0.45 32.62 8.06
C VAL A 275 0.81 31.77 8.17
N PHE A 276 1.76 32.20 9.00
CA PHE A 276 2.97 31.41 9.21
C PHE A 276 2.69 30.11 9.95
N LEU A 277 1.58 30.02 10.67
CA LEU A 277 1.20 28.75 11.30
C LEU A 277 0.96 27.67 10.25
N LEU A 278 0.49 28.04 9.06
CA LEU A 278 0.39 27.09 7.97
C LEU A 278 1.77 26.54 7.61
N VAL A 279 2.78 27.40 7.56
CA VAL A 279 4.15 26.95 7.31
C VAL A 279 4.61 26.04 8.43
N ILE A 280 4.28 26.40 9.67
CA ILE A 280 4.68 25.60 10.83
C ILE A 280 4.13 24.19 10.71
N VAL A 281 2.84 24.07 10.40
CA VAL A 281 2.22 22.76 10.27
C VAL A 281 2.79 22.03 9.06
N GLU A 282 3.11 22.76 7.99
CA GLU A 282 3.67 22.10 6.81
C GLU A 282 5.04 21.51 7.08
N LEU A 283 5.85 22.18 7.91
CA LEU A 283 7.24 21.78 8.08
C LEU A 283 7.40 20.75 9.19
N ILE A 284 7.05 21.10 10.42
CA ILE A 284 7.39 20.25 11.56
C ILE A 284 6.43 19.07 11.62
N PRO A 285 6.81 17.94 12.20
CA PRO A 285 5.85 16.82 12.32
C PRO A 285 4.78 17.10 13.36
N SER A 286 3.64 16.44 13.18
CA SER A 286 2.47 16.62 14.03
C SER A 286 2.25 15.35 14.85
N THR A 287 2.57 15.42 16.15
CA THR A 287 2.38 14.31 17.06
C THR A 287 2.00 14.84 18.43
N SER A 288 1.38 13.97 19.23
CA SER A 288 0.86 14.32 20.55
C SER A 288 1.58 13.58 21.67
N SER A 289 2.75 13.01 21.39
CA SER A 289 3.52 12.37 22.46
C SER A 289 4.02 13.40 23.46
N ALA A 290 4.37 14.59 22.99
CA ALA A 290 4.80 15.68 23.85
C ALA A 290 4.76 16.97 23.05
N VAL A 291 4.91 18.09 23.75
CA VAL A 291 4.96 19.41 23.12
C VAL A 291 6.40 19.66 22.68
N PRO A 292 6.67 19.84 21.38
CA PRO A 292 8.04 20.14 20.98
C PRO A 292 8.49 21.52 21.44
N LEU A 293 9.81 21.72 21.38
CA LEU A 293 10.37 23.03 21.69
C LEU A 293 9.88 24.08 20.71
N ILE A 294 9.78 23.71 19.43
CA ILE A 294 9.19 24.61 18.44
C ILE A 294 7.75 24.94 18.81
N GLY A 295 6.99 23.93 19.23
CA GLY A 295 5.62 24.18 19.64
C GLY A 295 5.53 25.11 20.82
N LYS A 296 6.41 24.93 21.80
CA LYS A 296 6.43 25.82 22.97
C LYS A 296 6.74 27.25 22.56
N TYR A 297 7.73 27.43 21.69
CA TYR A 297 8.08 28.78 21.26
C TYR A 297 6.96 29.42 20.45
N MET A 298 6.32 28.65 19.57
CA MET A 298 5.22 29.18 18.76
C MET A 298 4.05 29.57 19.64
N LEU A 299 3.70 28.73 20.62
CA LEU A 299 2.60 29.08 21.52
C LEU A 299 2.96 30.29 22.36
N PHE A 300 4.21 30.39 22.79
CA PHE A 300 4.64 31.58 23.54
C PHE A 300 4.49 32.83 22.69
N THR A 301 4.89 32.76 21.42
CA THR A 301 4.74 33.91 20.53
C THR A 301 3.28 34.28 20.33
N MET A 302 2.42 33.27 20.15
CA MET A 302 0.99 33.53 19.97
C MET A 302 0.41 34.22 21.20
N VAL A 303 0.71 33.70 22.39
CA VAL A 303 0.19 34.30 23.61
C VAL A 303 0.75 35.70 23.79
N PHE A 304 2.01 35.90 23.40
CA PHE A 304 2.64 37.22 23.45
C PHE A 304 1.87 38.21 22.59
N VAL A 305 1.52 37.82 21.36
CA VAL A 305 0.78 38.70 20.47
C VAL A 305 -0.61 38.99 21.02
N ILE A 306 -1.30 37.96 21.53
CA ILE A 306 -2.65 38.16 22.07
C ILE A 306 -2.62 39.12 23.26
N ALA A 307 -1.65 38.92 24.17
CA ALA A 307 -1.54 39.81 25.31
C ALA A 307 -1.22 41.24 24.87
N SER A 308 -0.35 41.39 23.86
CA SER A 308 -0.06 42.72 23.35
C SER A 308 -1.31 43.38 22.79
N ILE A 309 -2.14 42.62 22.08
CA ILE A 309 -3.37 43.19 21.51
C ILE A 309 -4.30 43.65 22.62
N ILE A 310 -4.48 42.80 23.65
CA ILE A 310 -5.39 43.14 24.74
C ILE A 310 -4.91 44.38 25.48
N ILE A 311 -3.62 44.42 25.80
CA ILE A 311 -3.08 45.56 26.54
C ILE A 311 -3.09 46.81 25.67
N THR A 312 -2.89 46.67 24.35
CA THR A 312 -2.99 47.80 23.46
C THR A 312 -4.40 48.37 23.44
N VAL A 313 -5.41 47.50 23.45
CA VAL A 313 -6.79 47.97 23.51
C VAL A 313 -7.03 48.72 24.82
N ILE A 314 -6.48 48.21 25.92
CA ILE A 314 -6.62 48.91 27.20
C ILE A 314 -5.96 50.29 27.13
N VAL A 315 -4.77 50.36 26.52
CA VAL A 315 -4.06 51.63 26.43
C VAL A 315 -4.83 52.62 25.57
N ILE A 316 -5.39 52.17 24.45
CA ILE A 316 -6.17 53.05 23.58
C ILE A 316 -7.40 53.54 24.32
N ASN A 317 -8.09 52.64 25.03
CA ASN A 317 -9.26 53.03 25.79
C ASN A 317 -8.91 54.08 26.83
N THR A 318 -7.79 53.91 27.53
CA THR A 318 -7.34 54.90 28.50
C THR A 318 -7.02 56.22 27.82
N HIS A 319 -6.42 56.17 26.64
CA HIS A 319 -6.07 57.38 25.91
C HIS A 319 -7.31 58.19 25.55
N HIS A 320 -8.38 57.51 25.13
CA HIS A 320 -9.58 58.18 24.64
C HIS A 320 -10.62 58.43 25.76
N ARG A 321 -10.21 58.37 27.03
CA ARG A 321 -11.17 58.60 28.12
C ARG A 321 -11.68 60.03 28.06
N SER A 322 -12.98 60.18 27.88
CA SER A 322 -13.57 61.51 27.86
C SER A 322 -13.57 62.08 29.28
N PRO A 323 -13.22 63.37 29.46
CA PRO A 323 -13.19 63.90 30.83
C PRO A 323 -14.58 64.14 31.41
N SER A 324 -15.61 64.20 30.57
CA SER A 324 -16.97 64.41 31.07
C SER A 324 -17.54 63.12 31.66
N THR A 325 -17.64 62.07 30.85
CA THR A 325 -18.20 60.81 31.32
C THR A 325 -17.30 60.18 32.38
N HIS A 326 -15.98 60.24 32.18
CA HIS A 326 -15.01 59.64 33.08
C HIS A 326 -14.29 60.71 33.88
N VAL A 327 -14.12 60.45 35.17
CA VAL A 327 -13.38 61.31 36.09
C VAL A 327 -12.17 60.52 36.57
N MET A 328 -11.08 61.22 36.84
CA MET A 328 -9.81 60.56 37.17
C MET A 328 -9.83 60.00 38.59
N PRO A 329 -9.64 58.70 38.80
CA PRO A 329 -9.36 58.22 40.15
C PRO A 329 -8.10 58.83 40.73
N ASN A 330 -8.08 58.97 42.06
CA ASN A 330 -6.89 59.47 42.74
C ASN A 330 -5.72 58.50 42.59
N TRP A 331 -5.99 57.20 42.60
CA TRP A 331 -4.91 56.22 42.52
C TRP A 331 -4.23 56.26 41.17
N VAL A 332 -4.99 56.49 40.09
CA VAL A 332 -4.39 56.62 38.76
C VAL A 332 -3.48 57.83 38.72
N ARG A 333 -3.92 58.95 39.29
CA ARG A 333 -3.09 60.15 39.30
C ARG A 333 -1.82 59.95 40.12
N LYS A 334 -1.94 59.30 41.29
CA LYS A 334 -0.75 59.14 42.13
C LYS A 334 0.23 58.15 41.51
N VAL A 335 -0.27 57.06 40.92
CA VAL A 335 0.63 56.04 40.40
C VAL A 335 1.33 56.54 39.15
N PHE A 336 0.59 57.15 38.22
CA PHE A 336 1.06 57.38 36.86
C PHE A 336 1.55 58.79 36.59
N ILE A 337 1.06 59.80 37.32
CA ILE A 337 1.42 61.19 37.07
C ILE A 337 2.48 61.63 38.08
N ASP A 338 2.43 61.06 39.30
CA ASP A 338 3.31 61.48 40.39
C ASP A 338 4.47 60.52 40.62
N THR A 339 4.19 59.22 40.80
CA THR A 339 5.20 58.27 41.25
C THR A 339 6.03 57.71 40.10
N ILE A 340 5.37 57.15 39.09
CA ILE A 340 6.09 56.47 38.00
C ILE A 340 7.03 57.39 37.23
N PRO A 341 6.65 58.61 36.84
CA PRO A 341 7.57 59.45 36.07
C PRO A 341 8.88 59.80 36.79
N ASN A 342 8.97 59.53 38.10
CA ASN A 342 10.21 59.79 38.87
C ASN A 342 11.34 58.87 38.36
N ILE A 343 10.99 57.73 37.77
CA ILE A 343 11.99 56.73 37.28
C ILE A 343 11.98 56.76 35.74
N MET A 344 11.34 57.75 35.12
CA MET A 344 11.25 57.88 33.65
C MET A 344 12.29 58.91 33.17
N PHE A 345 13.37 58.46 32.53
CA PHE A 345 14.44 59.34 32.01
C PHE A 345 14.18 59.57 30.51
N PHE A 346 13.08 60.25 30.17
CA PHE A 346 12.66 60.52 28.77
C PHE A 346 12.28 61.99 28.62
N SER A 347 11.90 62.47 27.43
CA SER A 347 11.45 63.86 27.18
C SER A 347 10.11 64.13 27.87
N THR A 348 9.47 63.12 28.47
CA THR A 348 8.15 63.24 29.13
C THR A 348 8.14 64.32 30.22
N MET A 349 7.11 65.17 30.25
CA MET A 349 7.00 66.30 31.21
C MET A 349 8.40 66.87 31.42
N LYS A 388 -26.21 102.33 24.44
CA LYS A 388 -26.79 101.37 25.39
C LYS A 388 -27.91 100.56 24.72
N HIS A 389 -27.78 100.34 23.41
CA HIS A 389 -28.82 99.63 22.68
C HIS A 389 -28.78 98.14 23.02
N PRO A 390 -29.87 97.40 22.77
CA PRO A 390 -29.83 95.96 23.03
C PRO A 390 -28.79 95.23 22.21
N GLU A 391 -28.52 95.67 20.99
CA GLU A 391 -27.55 94.98 20.14
C GLU A 391 -26.14 95.11 20.71
N VAL A 392 -25.81 96.27 21.28
CA VAL A 392 -24.50 96.44 21.90
C VAL A 392 -24.34 95.48 23.07
N LYS A 393 -25.37 95.37 23.92
CA LYS A 393 -25.33 94.44 25.04
C LYS A 393 -25.20 93.00 24.55
N SER A 394 -25.91 92.68 23.46
CA SER A 394 -25.80 91.34 22.89
C SER A 394 -24.38 91.06 22.40
N ALA A 395 -23.75 92.06 21.78
CA ALA A 395 -22.36 91.90 21.35
C ALA A 395 -21.42 91.69 22.53
N ILE A 396 -21.63 92.46 23.60
CA ILE A 396 -20.80 92.30 24.80
C ILE A 396 -20.94 90.89 25.35
N GLU A 397 -22.18 90.43 25.51
CA GLU A 397 -22.40 89.07 25.98
C GLU A 397 -21.83 88.04 25.02
N GLY A 398 -21.82 88.35 23.72
CA GLY A 398 -21.24 87.42 22.76
C GLY A 398 -19.74 87.27 22.91
N ILE A 399 -19.03 88.38 23.08
CA ILE A 399 -17.59 88.30 23.32
C ILE A 399 -17.31 87.57 24.63
N LYS A 400 -18.10 87.87 25.67
CA LYS A 400 -17.92 87.17 26.94
C LYS A 400 -18.16 85.67 26.77
N TYR A 401 -19.21 85.30 26.03
CA TYR A 401 -19.52 83.90 25.80
C TYR A 401 -18.41 83.20 25.02
N ILE A 402 -17.83 83.89 24.04
CA ILE A 402 -16.72 83.30 23.29
C ILE A 402 -15.53 83.06 24.22
N ALA A 403 -15.23 84.04 25.09
CA ALA A 403 -14.13 83.88 26.02
C ALA A 403 -14.37 82.68 26.95
N GLU A 404 -15.59 82.56 27.48
CA GLU A 404 -15.88 81.43 28.36
C GLU A 404 -15.84 80.11 27.59
N THR A 405 -16.25 80.11 26.32
CA THR A 405 -16.19 78.89 25.52
C THR A 405 -14.76 78.44 25.32
N MET A 406 -13.86 79.37 24.99
CA MET A 406 -12.45 79.01 24.86
C MET A 406 -11.88 78.55 26.20
N LYS A 407 -12.29 79.17 27.31
CA LYS A 407 -11.81 78.74 28.61
C LYS A 407 -12.25 77.30 28.91
N SER A 408 -13.53 77.00 28.70
CA SER A 408 -14.03 75.65 28.95
C SER A 408 -13.35 74.63 28.05
N ASP A 409 -13.11 75.00 26.79
CA ASP A 409 -12.39 74.11 25.89
C ASP A 409 -10.98 73.86 26.40
N GLN A 410 -10.32 74.88 26.93
CA GLN A 410 -8.98 74.70 27.47
C GLN A 410 -8.98 73.73 28.64
N GLU A 411 -9.93 73.88 29.56
CA GLU A 411 -10.01 72.94 30.68
C GLU A 411 -10.30 71.52 30.21
N SER A 412 -11.21 71.36 29.26
CA SER A 412 -11.52 70.03 28.75
C SER A 412 -10.30 69.40 28.08
N ASN A 413 -9.55 70.20 27.31
CA ASN A 413 -8.36 69.68 26.65
C ASN A 413 -7.28 69.30 27.66
N ASN A 414 -7.14 70.09 28.73
CA ASN A 414 -6.17 69.73 29.76
C ASN A 414 -6.55 68.44 30.46
N ALA A 415 -7.84 68.27 30.77
CA ALA A 415 -8.30 67.04 31.41
C ALA A 415 -8.07 65.84 30.50
N ALA A 416 -8.33 65.99 29.21
CA ALA A 416 -8.05 64.91 28.26
C ALA A 416 -6.55 64.63 28.16
N ALA A 417 -5.74 65.69 28.19
CA ALA A 417 -4.29 65.53 28.10
C ALA A 417 -3.73 64.77 29.28
N GLU A 418 -4.37 64.89 30.45
CA GLU A 418 -3.96 64.08 31.59
C GLU A 418 -4.11 62.58 31.29
N TRP A 419 -5.25 62.20 30.72
CA TRP A 419 -5.46 60.81 30.33
C TRP A 419 -4.47 60.37 29.26
N LYS A 420 -4.18 61.25 28.31
CA LYS A 420 -3.21 60.93 27.27
C LYS A 420 -1.82 60.71 27.88
N TYR A 421 -1.44 61.53 28.86
CA TYR A 421 -0.17 61.34 29.55
C TYR A 421 -0.16 60.01 30.29
N VAL A 422 -1.27 59.65 30.94
CA VAL A 422 -1.32 58.37 31.64
C VAL A 422 -1.08 57.22 30.67
N ALA A 423 -1.82 57.22 29.55
CA ALA A 423 -1.67 56.16 28.56
C ALA A 423 -0.25 56.14 27.99
N MET A 424 0.39 57.30 27.89
CA MET A 424 1.78 57.41 27.37
C MET A 424 2.73 56.77 28.39
N VAL A 425 2.49 56.90 29.70
CA VAL A 425 3.33 56.26 30.70
C VAL A 425 3.17 54.75 30.66
N MET A 426 1.92 54.27 30.56
CA MET A 426 1.70 52.84 30.41
C MET A 426 2.39 52.32 29.15
N ASP A 427 2.37 53.08 28.06
CA ASP A 427 3.00 52.62 26.83
C ASP A 427 4.50 52.45 27.00
N HIS A 428 5.15 53.40 27.68
CA HIS A 428 6.59 53.27 27.92
C HIS A 428 6.90 52.02 28.74
N ILE A 429 6.18 51.84 29.85
CA ILE A 429 6.46 50.69 30.70
C ILE A 429 6.20 49.39 29.94
N LEU A 430 5.13 49.37 29.14
CA LEU A 430 4.78 48.16 28.43
C LEU A 430 5.77 47.85 27.33
N LEU A 431 6.34 48.88 26.69
CA LEU A 431 7.40 48.64 25.73
C LEU A 431 8.60 47.97 26.39
N GLY A 432 9.04 48.53 27.51
CA GLY A 432 10.15 47.92 28.23
C GLY A 432 9.85 46.49 28.66
N VAL A 433 8.67 46.29 29.24
CA VAL A 433 8.28 44.97 29.75
C VAL A 433 8.19 43.96 28.62
N PHE A 434 7.64 44.35 27.47
CA PHE A 434 7.44 43.40 26.39
C PHE A 434 8.76 43.03 25.72
N MET A 435 9.68 43.99 25.63
CA MET A 435 11.03 43.71 25.05
C MET A 435 11.76 42.78 26.01
N LEU A 436 11.64 42.98 27.33
CA LEU A 436 12.24 42.10 28.33
C LEU A 436 11.63 40.70 28.23
N VAL A 437 10.30 40.62 28.11
CA VAL A 437 9.62 39.34 28.08
C VAL A 437 9.99 38.58 26.81
N CYS A 438 10.13 39.27 25.69
CA CYS A 438 10.55 38.60 24.46
C CYS A 438 11.91 37.96 24.62
N ILE A 439 12.89 38.73 25.11
CA ILE A 439 14.25 38.19 25.25
C ILE A 439 14.27 37.04 26.25
N ILE A 440 13.64 37.23 27.41
CA ILE A 440 13.71 36.22 28.46
C ILE A 440 12.90 34.99 28.09
N GLY A 441 11.79 35.15 27.36
CA GLY A 441 11.06 33.98 26.90
C GLY A 441 11.86 33.17 25.90
N THR A 442 12.52 33.83 24.95
CA THR A 442 13.36 33.10 24.01
C THR A 442 14.47 32.35 24.75
N LEU A 443 15.11 33.01 25.71
CA LEU A 443 16.17 32.35 26.47
C LEU A 443 15.61 31.18 27.28
N ALA A 444 14.54 31.41 28.04
CA ALA A 444 13.98 30.35 28.88
C ALA A 444 13.48 29.17 28.04
N VAL A 445 13.15 29.41 26.78
CA VAL A 445 12.73 28.32 25.91
C VAL A 445 13.93 27.51 25.42
N PHE A 446 14.95 28.19 24.86
CA PHE A 446 15.99 27.47 24.12
C PHE A 446 17.27 27.22 24.90
N ALA A 447 17.65 28.13 25.81
CA ALA A 447 18.98 28.11 26.41
C ALA A 447 19.25 26.85 27.20
N GLY A 448 18.22 26.23 27.78
CA GLY A 448 18.44 25.00 28.52
C GLY A 448 19.03 23.89 27.68
N ARG A 449 18.33 23.55 26.58
CA ARG A 449 18.83 22.52 25.68
C ARG A 449 20.12 22.96 25.01
N LEU A 450 20.24 24.24 24.66
CA LEU A 450 21.46 24.71 24.01
C LEU A 450 22.67 24.54 24.94
N ILE A 451 22.52 24.90 26.21
CA ILE A 451 23.60 24.76 27.17
C ILE A 451 23.90 23.29 27.41
N GLU A 452 22.87 22.44 27.46
CA GLU A 452 23.10 21.01 27.64
C GLU A 452 23.93 20.44 26.49
N LEU A 453 23.58 20.77 25.26
CA LEU A 453 24.34 20.27 24.11
C LEU A 453 25.74 20.86 24.09
N ASN A 454 25.90 22.13 24.46
CA ASN A 454 27.23 22.72 24.51
C ASN A 454 28.11 22.03 25.54
N GLN A 455 27.55 21.74 26.73
CA GLN A 455 28.32 21.11 27.78
C GLN A 455 28.67 19.66 27.44
N GLN A 456 27.78 18.96 26.73
CA GLN A 456 28.04 17.59 26.31
C GLN A 456 28.73 17.53 24.94
N GLY A 457 29.42 18.58 24.54
CA GLY A 457 30.12 18.59 23.26
C GLY A 457 29.20 18.83 22.09
N SER B 21 -9.37 -38.23 5.02
CA SER B 21 -8.38 -37.39 4.28
C SER B 21 -7.80 -38.15 3.10
N GLU B 22 -7.60 -39.46 3.27
CA GLU B 22 -7.05 -40.25 2.17
C GLU B 22 -8.02 -40.39 1.01
N HIS B 23 -9.33 -40.44 1.31
CA HIS B 23 -10.32 -40.48 0.24
C HIS B 23 -10.24 -39.23 -0.63
N GLU B 24 -10.10 -38.05 -0.01
CA GLU B 24 -9.99 -36.82 -0.78
C GLU B 24 -8.71 -36.79 -1.60
N THR B 25 -7.61 -37.32 -1.04
CA THR B 25 -6.36 -37.37 -1.78
C THR B 25 -6.49 -38.25 -3.01
N ARG B 26 -7.08 -39.43 -2.85
CA ARG B 26 -7.29 -40.32 -3.98
C ARG B 26 -8.21 -39.69 -5.02
N LEU B 27 -9.27 -39.02 -4.57
CA LEU B 27 -10.19 -38.37 -5.48
C LEU B 27 -9.50 -37.28 -6.28
N VAL B 28 -8.71 -36.43 -5.61
CA VAL B 28 -8.05 -35.34 -6.31
C VAL B 28 -7.02 -35.89 -7.29
N ALA B 29 -6.33 -36.96 -6.91
CA ALA B 29 -5.39 -37.58 -7.85
C ALA B 29 -6.12 -38.13 -9.07
N LYS B 30 -7.28 -38.74 -8.87
CA LYS B 30 -8.03 -39.30 -9.98
C LYS B 30 -8.57 -38.20 -10.90
N LEU B 31 -9.06 -37.11 -10.32
CA LEU B 31 -9.70 -36.08 -11.14
C LEU B 31 -8.72 -35.41 -12.09
N PHE B 32 -7.50 -35.14 -11.62
CA PHE B 32 -6.52 -34.35 -12.36
C PHE B 32 -5.45 -35.21 -13.01
N LYS B 33 -5.73 -36.49 -13.25
CA LYS B 33 -4.77 -37.34 -13.94
C LYS B 33 -4.56 -36.87 -15.38
N ASP B 34 -5.64 -36.61 -16.09
CA ASP B 34 -5.61 -36.20 -17.50
C ASP B 34 -6.56 -35.02 -17.71
N TYR B 35 -6.50 -34.05 -16.80
CA TYR B 35 -7.34 -32.87 -16.86
C TYR B 35 -6.65 -31.76 -17.65
N SER B 36 -7.46 -30.98 -18.36
CA SER B 36 -6.99 -29.83 -19.14
C SER B 36 -7.79 -28.61 -18.72
N SER B 37 -7.10 -27.56 -18.30
CA SER B 37 -7.75 -26.32 -17.89
C SER B 37 -7.90 -25.31 -19.02
N VAL B 38 -7.35 -25.59 -20.21
CA VAL B 38 -7.43 -24.63 -21.30
C VAL B 38 -8.73 -24.76 -22.08
N VAL B 39 -9.30 -25.97 -22.12
CA VAL B 39 -10.50 -26.23 -22.90
C VAL B 39 -11.73 -26.01 -22.02
N ARG B 40 -12.83 -25.58 -22.65
CA ARG B 40 -14.07 -25.40 -21.92
C ARG B 40 -14.54 -26.76 -21.38
N PRO B 41 -15.02 -26.84 -20.14
CA PRO B 41 -15.34 -28.17 -19.57
C PRO B 41 -16.74 -28.65 -19.91
N VAL B 42 -16.90 -29.13 -21.15
CA VAL B 42 -18.17 -29.64 -21.66
C VAL B 42 -17.94 -31.02 -22.25
N GLU B 43 -18.96 -31.87 -22.16
CA GLU B 43 -18.90 -33.18 -22.79
C GLU B 43 -18.73 -33.05 -24.29
N ASP B 44 -19.47 -32.14 -24.91
CA ASP B 44 -19.42 -31.87 -26.34
C ASP B 44 -19.01 -30.43 -26.56
N HIS B 45 -18.16 -30.16 -27.54
CA HIS B 45 -17.64 -28.80 -27.85
C HIS B 45 -18.75 -27.92 -28.40
N ARG B 46 -19.86 -28.50 -28.81
CA ARG B 46 -21.01 -27.70 -29.22
C ARG B 46 -21.91 -27.30 -28.07
N GLN B 47 -21.65 -27.77 -26.85
CA GLN B 47 -22.42 -27.37 -25.68
C GLN B 47 -21.94 -26.02 -25.16
N VAL B 48 -22.83 -25.33 -24.47
CA VAL B 48 -22.55 -24.01 -23.89
C VAL B 48 -22.33 -24.17 -22.39
N VAL B 49 -21.32 -23.47 -21.89
CA VAL B 49 -21.07 -23.39 -20.45
C VAL B 49 -21.93 -22.26 -19.90
N GLU B 50 -22.75 -22.55 -18.90
CA GLU B 50 -23.57 -21.55 -18.24
C GLU B 50 -22.89 -21.13 -16.95
N VAL B 51 -22.58 -19.83 -16.85
CA VAL B 51 -21.92 -19.25 -15.68
C VAL B 51 -22.92 -18.32 -15.01
N THR B 52 -23.18 -18.54 -13.73
CA THR B 52 -24.05 -17.66 -12.95
C THR B 52 -23.18 -16.66 -12.22
N VAL B 53 -23.34 -15.39 -12.55
CA VAL B 53 -22.53 -14.31 -12.00
C VAL B 53 -23.38 -13.56 -10.98
N GLY B 54 -22.85 -13.44 -9.76
CA GLY B 54 -23.48 -12.69 -8.71
C GLY B 54 -22.49 -11.77 -8.02
N LEU B 55 -22.82 -10.48 -7.97
CA LEU B 55 -21.93 -9.46 -7.42
C LEU B 55 -22.38 -9.13 -6.01
N GLN B 56 -21.48 -9.28 -5.04
CA GLN B 56 -21.69 -8.85 -3.67
C GLN B 56 -20.84 -7.61 -3.45
N LEU B 57 -21.50 -6.50 -3.08
CA LEU B 57 -20.80 -5.25 -2.81
C LEU B 57 -20.48 -5.18 -1.31
N ILE B 58 -19.20 -5.13 -0.99
CA ILE B 58 -18.76 -5.09 0.41
C ILE B 58 -18.61 -3.67 0.91
N GLN B 59 -17.90 -2.82 0.15
CA GLN B 59 -17.64 -1.45 0.60
C GLN B 59 -17.49 -0.55 -0.62
N LEU B 60 -18.05 0.65 -0.51
CA LEU B 60 -17.82 1.73 -1.47
C LEU B 60 -16.65 2.55 -0.92
N ILE B 61 -15.45 2.29 -1.43
CA ILE B 61 -14.25 2.84 -0.82
C ILE B 61 -14.16 4.35 -1.07
N ASN B 62 -14.42 4.77 -2.30
CA ASN B 62 -14.22 6.18 -2.64
C ASN B 62 -14.82 6.45 -4.02
N VAL B 63 -15.31 7.68 -4.19
CA VAL B 63 -15.75 8.20 -5.47
C VAL B 63 -14.84 9.37 -5.84
N ASP B 64 -14.18 9.26 -6.99
CA ASP B 64 -13.26 10.28 -7.48
C ASP B 64 -14.00 11.12 -8.51
N GLU B 65 -14.36 12.35 -8.13
CA GLU B 65 -15.09 13.22 -9.05
C GLU B 65 -14.19 13.77 -10.15
N VAL B 66 -12.90 13.95 -9.88
CA VAL B 66 -11.99 14.51 -10.87
C VAL B 66 -11.77 13.53 -12.00
N ASN B 67 -11.23 12.35 -11.68
CA ASN B 67 -10.93 11.34 -12.68
C ASN B 67 -12.12 10.42 -12.97
N GLN B 68 -13.25 10.61 -12.30
CA GLN B 68 -14.49 9.90 -12.61
C GLN B 68 -14.33 8.40 -12.38
N ILE B 69 -13.80 8.04 -11.22
CA ILE B 69 -13.50 6.66 -10.86
C ILE B 69 -14.24 6.33 -9.57
N VAL B 70 -14.95 5.20 -9.58
CA VAL B 70 -15.58 4.63 -8.39
C VAL B 70 -14.81 3.38 -8.03
N THR B 71 -14.30 3.33 -6.80
CA THR B 71 -13.54 2.18 -6.30
C THR B 71 -14.35 1.47 -5.22
N THR B 72 -14.52 0.16 -5.39
CA THR B 72 -15.36 -0.64 -4.52
C THR B 72 -14.68 -1.96 -4.20
N ASN B 73 -15.02 -2.51 -3.03
CA ASN B 73 -14.61 -3.85 -2.64
C ASN B 73 -15.78 -4.79 -2.87
N VAL B 74 -15.55 -5.85 -3.66
CA VAL B 74 -16.63 -6.73 -4.11
C VAL B 74 -16.21 -8.19 -4.00
N ARG B 75 -17.21 -9.06 -4.02
CA ARG B 75 -17.04 -10.49 -4.19
C ARG B 75 -17.81 -10.90 -5.44
N LEU B 76 -17.11 -11.49 -6.40
CA LEU B 76 -17.70 -11.84 -7.69
C LEU B 76 -17.99 -13.35 -7.72
N LYS B 77 -19.14 -13.71 -7.17
CA LYS B 77 -19.52 -15.12 -7.09
C LYS B 77 -19.80 -15.66 -8.48
N GLN B 78 -19.12 -16.76 -8.84
CA GLN B 78 -19.25 -17.39 -10.14
C GLN B 78 -19.54 -18.87 -9.94
N GLN B 79 -20.57 -19.40 -10.60
CA GLN B 79 -20.98 -20.81 -10.46
C GLN B 79 -21.15 -21.45 -11.83
N TRP B 80 -20.42 -22.49 -12.16
CA TRP B 80 -20.62 -23.23 -13.42
C TRP B 80 -20.44 -24.72 -13.12
N VAL B 81 -20.57 -25.57 -14.13
CA VAL B 81 -20.39 -27.04 -13.98
C VAL B 81 -19.23 -27.49 -14.85
N ASP B 82 -18.29 -28.24 -14.29
CA ASP B 82 -17.17 -28.86 -15.02
C ASP B 82 -17.59 -30.30 -15.23
N TYR B 83 -17.81 -30.71 -16.47
CA TYR B 83 -18.28 -32.06 -16.78
C TYR B 83 -17.29 -33.12 -16.31
N ASN B 84 -15.99 -32.83 -16.40
CA ASN B 84 -14.98 -33.83 -16.09
C ASN B 84 -14.68 -33.95 -14.61
N LEU B 85 -15.09 -32.98 -13.79
CA LEU B 85 -14.83 -33.01 -12.35
C LEU B 85 -16.03 -33.57 -11.59
N LYS B 86 -16.42 -34.79 -11.94
CA LYS B 86 -17.51 -35.51 -11.30
C LYS B 86 -17.00 -36.81 -10.68
N TRP B 87 -17.64 -37.21 -9.58
CA TRP B 87 -17.31 -38.46 -8.94
C TRP B 87 -18.53 -38.99 -8.20
N ASN B 88 -18.52 -40.29 -7.93
CA ASN B 88 -19.53 -40.92 -7.10
C ASN B 88 -19.11 -40.85 -5.64
N PRO B 89 -19.87 -40.21 -4.75
CA PRO B 89 -19.45 -40.17 -3.33
C PRO B 89 -19.29 -41.54 -2.68
N ASP B 90 -20.05 -42.54 -3.13
CA ASP B 90 -19.92 -43.87 -2.54
C ASP B 90 -18.56 -44.49 -2.83
N ASP B 91 -17.92 -44.10 -3.92
CA ASP B 91 -16.61 -44.64 -4.28
C ASP B 91 -15.46 -43.95 -3.57
N TYR B 92 -15.73 -42.90 -2.78
CA TYR B 92 -14.68 -42.11 -2.12
C TYR B 92 -15.08 -41.79 -0.69
N GLY B 93 -15.64 -42.78 0.01
CA GLY B 93 -15.94 -42.62 1.42
C GLY B 93 -16.97 -41.55 1.73
N GLY B 94 -17.92 -41.31 0.84
CA GLY B 94 -18.96 -40.35 1.08
C GLY B 94 -18.58 -38.91 0.91
N VAL B 95 -17.41 -38.62 0.35
CA VAL B 95 -17.01 -37.23 0.10
C VAL B 95 -17.92 -36.64 -0.95
N LYS B 96 -18.66 -35.59 -0.60
CA LYS B 96 -19.59 -34.92 -1.50
C LYS B 96 -19.11 -33.56 -1.98
N LYS B 97 -18.09 -32.99 -1.34
CA LYS B 97 -17.56 -31.70 -1.78
C LYS B 97 -16.11 -31.59 -1.32
N ILE B 98 -15.32 -30.84 -2.09
CA ILE B 98 -13.91 -30.61 -1.81
C ILE B 98 -13.57 -29.17 -2.19
N HIS B 99 -12.37 -28.74 -1.80
CA HIS B 99 -11.84 -27.42 -2.11
C HIS B 99 -10.61 -27.58 -2.99
N ILE B 100 -10.59 -26.86 -4.11
CA ILE B 100 -9.58 -27.02 -5.15
C ILE B 100 -8.99 -25.65 -5.46
N PRO B 101 -7.68 -25.52 -5.70
CA PRO B 101 -7.16 -24.22 -6.16
C PRO B 101 -7.77 -23.82 -7.49
N SER B 102 -8.11 -22.53 -7.62
CA SER B 102 -8.76 -22.06 -8.83
C SER B 102 -7.81 -22.09 -10.03
N GLU B 103 -6.50 -21.99 -9.79
CA GLU B 103 -5.54 -21.95 -10.89
C GLU B 103 -5.49 -23.26 -11.66
N LYS B 104 -5.83 -24.38 -11.02
CA LYS B 104 -5.70 -25.69 -11.67
C LYS B 104 -6.83 -26.00 -12.64
N ILE B 105 -7.94 -25.27 -12.59
CA ILE B 105 -9.13 -25.60 -13.36
C ILE B 105 -9.42 -24.49 -14.37
N TRP B 106 -10.16 -24.85 -15.40
CA TRP B 106 -10.72 -23.85 -16.30
C TRP B 106 -11.64 -22.92 -15.52
N ARG B 107 -11.59 -21.64 -15.85
CA ARG B 107 -12.44 -20.63 -15.25
C ARG B 107 -12.99 -19.73 -16.35
N PRO B 108 -14.10 -19.05 -16.12
CA PRO B 108 -14.49 -17.98 -17.04
C PRO B 108 -13.63 -16.74 -16.83
N ASP B 109 -13.35 -16.04 -17.91
CA ASP B 109 -12.48 -14.87 -17.90
C ASP B 109 -13.31 -13.58 -17.82
N LEU B 110 -14.03 -13.43 -16.72
CA LEU B 110 -14.81 -12.22 -16.52
C LEU B 110 -13.90 -11.02 -16.38
N VAL B 111 -14.24 -9.93 -17.07
CA VAL B 111 -13.46 -8.70 -17.08
C VAL B 111 -14.40 -7.54 -16.81
N LEU B 112 -13.94 -6.59 -16.02
CA LEU B 112 -14.64 -5.33 -15.82
C LEU B 112 -14.42 -4.48 -17.07
N TYR B 113 -15.42 -4.45 -17.96
CA TYR B 113 -15.25 -3.80 -19.25
C TYR B 113 -14.99 -2.30 -19.09
N ASN B 114 -15.66 -1.67 -18.14
CA ASN B 114 -15.52 -0.24 -17.88
C ASN B 114 -14.55 0.03 -16.73
N ASN B 115 -13.52 -0.79 -16.60
CA ASN B 115 -12.46 -0.54 -15.63
C ASN B 115 -11.76 0.77 -15.94
N ALA B 116 -11.54 1.60 -14.92
CA ALA B 116 -10.88 2.88 -15.13
C ALA B 116 -9.36 2.72 -15.14
N ASP B 117 -8.77 2.37 -13.99
CA ASP B 117 -7.32 2.23 -13.87
C ASP B 117 -6.90 1.11 -12.92
N GLY B 118 -7.78 0.15 -12.62
CA GLY B 118 -7.48 -0.95 -11.74
C GLY B 118 -7.23 -2.24 -12.50
N ASP B 119 -7.50 -3.36 -11.84
CA ASP B 119 -7.38 -4.66 -12.46
C ASP B 119 -8.56 -4.93 -13.39
N PHE B 120 -8.27 -5.46 -14.57
CA PHE B 120 -9.33 -5.80 -15.52
C PHE B 120 -10.06 -7.06 -15.10
N ALA B 121 -9.33 -8.07 -14.62
CA ALA B 121 -9.87 -9.38 -14.28
C ALA B 121 -9.55 -9.70 -12.83
N ILE B 122 -10.02 -10.87 -12.39
CA ILE B 122 -9.71 -11.35 -11.05
C ILE B 122 -8.23 -11.67 -10.96
N VAL B 123 -7.60 -11.20 -9.87
CA VAL B 123 -6.20 -11.48 -9.60
C VAL B 123 -6.01 -12.36 -8.36
N LYS B 124 -6.96 -12.33 -7.41
CA LYS B 124 -6.88 -13.14 -6.20
C LYS B 124 -7.49 -14.51 -6.51
N PHE B 125 -6.63 -15.51 -6.69
CA PHE B 125 -7.08 -16.84 -7.08
C PHE B 125 -7.29 -17.69 -5.82
N THR B 126 -8.46 -17.51 -5.22
CA THR B 126 -8.87 -18.31 -4.07
C THR B 126 -9.33 -19.68 -4.52
N LYS B 127 -9.55 -20.56 -3.53
CA LYS B 127 -10.00 -21.91 -3.83
C LYS B 127 -11.47 -21.91 -4.23
N VAL B 128 -11.86 -22.92 -5.00
CA VAL B 128 -13.24 -23.12 -5.44
C VAL B 128 -13.83 -24.28 -4.67
N LEU B 129 -15.13 -24.20 -4.41
CA LEU B 129 -15.87 -25.32 -3.77
C LEU B 129 -16.43 -26.23 -4.88
N LEU B 130 -15.91 -27.44 -5.03
CA LEU B 130 -16.36 -28.40 -6.07
C LEU B 130 -17.26 -29.48 -5.47
N GLN B 131 -18.51 -29.57 -5.91
CA GLN B 131 -19.44 -30.62 -5.47
C GLN B 131 -19.21 -31.85 -6.34
N TYR B 132 -19.68 -33.04 -5.91
CA TYR B 132 -19.55 -34.28 -6.66
C TYR B 132 -20.28 -34.24 -7.99
N THR B 133 -21.26 -33.35 -8.15
CA THR B 133 -22.06 -33.20 -9.39
C THR B 133 -21.24 -32.45 -10.46
N GLY B 134 -20.09 -31.88 -10.11
CA GLY B 134 -19.25 -31.09 -11.03
C GLY B 134 -19.51 -29.62 -10.88
N HIS B 135 -20.38 -29.23 -9.95
CA HIS B 135 -20.76 -27.81 -9.72
C HIS B 135 -19.64 -27.10 -8.97
N ILE B 136 -19.11 -26.02 -9.54
CA ILE B 136 -18.00 -25.23 -8.95
C ILE B 136 -18.58 -23.91 -8.45
N THR B 137 -18.23 -23.49 -7.24
CA THR B 137 -18.60 -22.16 -6.72
C THR B 137 -17.26 -21.48 -6.47
N TRP B 138 -17.04 -20.29 -7.03
CA TRP B 138 -15.82 -19.52 -6.85
C TRP B 138 -16.22 -18.09 -6.51
N THR B 139 -15.71 -17.60 -5.38
CA THR B 139 -16.09 -16.29 -4.84
C THR B 139 -14.83 -15.51 -4.50
N PRO B 140 -14.06 -15.11 -5.51
CA PRO B 140 -12.82 -14.40 -5.24
C PRO B 140 -13.10 -12.98 -4.79
N PRO B 141 -12.20 -12.37 -4.01
CA PRO B 141 -12.31 -10.94 -3.74
C PRO B 141 -11.75 -10.11 -4.89
N ALA B 142 -12.19 -8.87 -4.97
CA ALA B 142 -11.69 -7.96 -5.98
C ALA B 142 -11.89 -6.53 -5.51
N ILE B 143 -11.02 -5.65 -5.98
CA ILE B 143 -11.18 -4.20 -5.84
C ILE B 143 -11.41 -3.66 -7.24
N PHE B 144 -12.65 -3.32 -7.55
CA PHE B 144 -13.02 -2.79 -8.86
C PHE B 144 -12.84 -1.29 -8.85
N LYS B 145 -12.12 -0.78 -9.86
CA LYS B 145 -12.04 0.66 -10.14
C LYS B 145 -12.71 0.88 -11.50
N SER B 146 -13.94 1.37 -11.47
CA SER B 146 -14.78 1.46 -12.65
C SER B 146 -14.99 2.91 -13.06
N TYR B 147 -14.97 3.15 -14.36
CA TYR B 147 -15.27 4.49 -14.87
C TYR B 147 -16.73 4.83 -14.64
N CYS B 148 -16.99 6.08 -14.29
CA CYS B 148 -18.32 6.48 -13.80
C CYS B 148 -18.53 7.94 -14.16
N GLU B 149 -19.38 8.21 -15.15
CA GLU B 149 -19.64 9.58 -15.57
C GLU B 149 -20.25 10.39 -14.42
N ILE B 150 -19.48 11.34 -13.89
CA ILE B 150 -19.93 12.14 -12.76
C ILE B 150 -20.61 13.39 -13.30
N ILE B 151 -21.85 13.61 -12.91
CA ILE B 151 -22.60 14.81 -13.22
C ILE B 151 -22.52 15.71 -11.99
N VAL B 152 -21.82 16.83 -12.13
CA VAL B 152 -21.56 17.73 -11.00
C VAL B 152 -22.52 18.93 -11.01
N THR B 153 -23.62 18.84 -11.75
CA THR B 153 -24.53 19.99 -11.86
C THR B 153 -25.13 20.36 -10.51
N HIS B 154 -25.53 19.37 -9.72
CA HIS B 154 -26.18 19.59 -8.43
C HIS B 154 -25.24 19.35 -7.24
N PHE B 155 -23.93 19.32 -7.48
CA PHE B 155 -22.98 19.11 -6.40
C PHE B 155 -23.11 20.25 -5.38
N PRO B 156 -23.11 19.95 -4.06
CA PRO B 156 -22.93 18.67 -3.36
C PRO B 156 -24.22 17.89 -3.13
N PHE B 157 -25.35 18.30 -3.71
CA PHE B 157 -26.62 17.60 -3.58
C PHE B 157 -26.87 16.71 -4.80
N ASP B 158 -25.80 16.12 -5.32
CA ASP B 158 -25.84 15.39 -6.59
C ASP B 158 -26.15 13.92 -6.39
N GLU B 159 -26.77 13.33 -7.40
CA GLU B 159 -27.09 11.91 -7.46
C GLU B 159 -26.34 11.29 -8.64
N GLN B 160 -25.58 10.22 -8.41
CA GLN B 160 -24.71 9.60 -9.44
C GLN B 160 -25.11 8.16 -9.75
N ASN B 161 -25.22 7.79 -11.03
CA ASN B 161 -25.60 6.42 -11.46
C ASN B 161 -24.39 5.78 -12.16
N CYS B 162 -23.53 5.07 -11.44
CA CYS B 162 -22.30 4.42 -11.98
C CYS B 162 -22.56 2.92 -12.11
N SER B 163 -22.06 2.25 -13.15
CA SER B 163 -22.26 0.81 -13.20
C SER B 163 -20.92 0.08 -13.28
N MET B 164 -21.02 -1.24 -13.30
CA MET B 164 -19.89 -2.14 -13.49
C MET B 164 -20.30 -3.14 -14.57
N LYS B 165 -19.71 -3.02 -15.76
CA LYS B 165 -20.01 -3.91 -16.87
C LYS B 165 -19.08 -5.11 -16.80
N LEU B 166 -19.66 -6.31 -16.76
CA LEU B 166 -18.92 -7.56 -16.61
C LEU B 166 -19.27 -8.50 -17.74
N GLY B 167 -18.25 -9.18 -18.26
CA GLY B 167 -18.46 -10.15 -19.32
C GLY B 167 -17.19 -10.92 -19.61
N THR B 168 -17.36 -12.04 -20.30
CA THR B 168 -16.22 -12.85 -20.70
C THR B 168 -15.47 -12.15 -21.82
N TRP B 169 -14.16 -11.94 -21.60
CA TRP B 169 -13.38 -11.13 -22.52
C TRP B 169 -13.23 -11.82 -23.88
N THR B 170 -12.94 -13.11 -23.89
CA THR B 170 -12.56 -13.84 -25.09
C THR B 170 -13.58 -14.90 -25.52
N TYR B 171 -14.66 -15.10 -24.77
CA TYR B 171 -15.70 -16.06 -25.11
C TYR B 171 -16.98 -15.33 -25.46
N ASP B 172 -17.59 -15.70 -26.58
CA ASP B 172 -18.87 -15.14 -26.99
C ASP B 172 -20.01 -15.97 -26.39
N GLY B 173 -21.24 -15.50 -26.58
CA GLY B 173 -22.40 -16.14 -25.96
C GLY B 173 -22.70 -17.53 -26.47
N SER B 174 -22.17 -17.89 -27.65
CA SER B 174 -22.43 -19.21 -28.21
C SER B 174 -21.59 -20.32 -27.59
N VAL B 175 -20.56 -19.97 -26.80
CA VAL B 175 -19.71 -20.94 -26.13
C VAL B 175 -19.81 -20.83 -24.61
N VAL B 176 -19.95 -19.61 -24.09
CA VAL B 176 -20.11 -19.37 -22.66
C VAL B 176 -21.29 -18.42 -22.48
N ALA B 177 -22.33 -18.87 -21.79
CA ALA B 177 -23.49 -18.06 -21.47
C ALA B 177 -23.42 -17.59 -20.03
N ILE B 178 -23.78 -16.32 -19.81
CA ILE B 178 -23.78 -15.72 -18.48
C ILE B 178 -25.19 -15.27 -18.15
N ASN B 179 -25.58 -15.45 -16.89
CA ASN B 179 -26.91 -15.03 -16.39
C ASN B 179 -26.69 -14.48 -14.98
N PRO B 180 -27.37 -13.41 -14.56
CA PRO B 180 -27.22 -12.94 -13.17
C PRO B 180 -27.75 -13.96 -12.18
N GLU B 181 -27.13 -13.96 -10.99
CA GLU B 181 -27.62 -14.81 -9.91
C GLU B 181 -28.92 -14.26 -9.34
N SER B 182 -29.09 -12.94 -9.33
CA SER B 182 -30.26 -12.31 -8.75
C SER B 182 -30.54 -11.02 -9.51
N ASP B 183 -31.76 -10.51 -9.35
CA ASP B 183 -32.14 -9.27 -10.02
C ASP B 183 -31.32 -8.08 -9.53
N GLN B 184 -30.85 -8.12 -8.29
CA GLN B 184 -30.15 -7.02 -7.64
C GLN B 184 -28.81 -7.49 -7.09
N PRO B 185 -27.84 -6.59 -6.92
CA PRO B 185 -26.60 -6.99 -6.25
C PRO B 185 -26.85 -7.35 -4.80
N ASP B 186 -26.00 -8.23 -4.28
CA ASP B 186 -26.07 -8.65 -2.89
C ASP B 186 -25.43 -7.60 -2.01
N LEU B 187 -26.23 -6.93 -1.18
CA LEU B 187 -25.79 -5.87 -0.30
C LEU B 187 -25.93 -6.24 1.18
N SER B 188 -26.06 -7.54 1.48
CA SER B 188 -26.30 -7.97 2.85
C SER B 188 -25.12 -7.64 3.77
N ASN B 189 -23.89 -7.79 3.25
CA ASN B 189 -22.67 -7.52 4.01
C ASN B 189 -22.04 -6.19 3.61
N PHE B 190 -22.85 -5.21 3.23
CA PHE B 190 -22.32 -3.93 2.77
C PHE B 190 -22.01 -3.04 3.96
N MET B 191 -20.76 -2.60 4.07
CA MET B 191 -20.37 -1.69 5.14
C MET B 191 -20.94 -0.29 4.87
N GLU B 192 -21.34 0.39 5.94
CA GLU B 192 -21.92 1.71 5.79
C GLU B 192 -20.91 2.69 5.22
N SER B 193 -21.39 3.57 4.34
CA SER B 193 -20.57 4.61 3.74
C SER B 193 -20.83 5.92 4.44
N GLY B 194 -19.76 6.65 4.77
CA GLY B 194 -19.88 7.94 5.40
C GLY B 194 -20.07 9.11 4.45
N GLU B 195 -20.21 8.84 3.15
CA GLU B 195 -20.32 9.87 2.13
C GLU B 195 -21.44 9.65 1.13
N TRP B 196 -21.94 8.42 0.97
CA TRP B 196 -22.93 8.10 -0.04
C TRP B 196 -23.98 7.17 0.54
N VAL B 197 -25.19 7.26 0.00
CA VAL B 197 -26.28 6.34 0.29
C VAL B 197 -26.74 5.74 -1.03
N ILE B 198 -26.83 4.42 -1.07
CA ILE B 198 -27.24 3.71 -2.27
C ILE B 198 -28.77 3.65 -2.28
N LYS B 199 -29.39 4.46 -3.14
CA LYS B 199 -30.84 4.47 -3.24
C LYS B 199 -31.37 3.23 -3.94
N GLU B 200 -30.70 2.82 -5.02
CA GLU B 200 -31.20 1.77 -5.89
C GLU B 200 -30.02 0.98 -6.44
N SER B 201 -30.26 -0.29 -6.73
CA SER B 201 -29.25 -1.15 -7.32
C SER B 201 -29.95 -2.24 -8.13
N ARG B 202 -29.43 -2.56 -9.31
CA ARG B 202 -30.08 -3.54 -10.20
C ARG B 202 -29.08 -4.07 -11.21
N GLY B 203 -29.10 -5.35 -11.51
CA GLY B 203 -28.26 -6.00 -12.49
C GLY B 203 -29.05 -6.41 -13.74
N TRP B 204 -28.55 -6.03 -14.91
CA TRP B 204 -29.23 -6.27 -16.18
C TRP B 204 -28.30 -7.04 -17.10
N LYS B 205 -28.84 -8.09 -17.73
CA LYS B 205 -28.10 -8.86 -18.75
C LYS B 205 -28.37 -8.19 -20.10
N HIS B 206 -27.40 -8.13 -20.99
CA HIS B 206 -27.49 -7.53 -22.30
C HIS B 206 -26.84 -8.46 -23.31
N SER B 207 -27.45 -8.55 -24.50
CA SER B 207 -26.95 -9.38 -25.59
C SER B 207 -26.83 -8.53 -26.83
N VAL B 208 -25.66 -8.55 -27.47
CA VAL B 208 -25.37 -7.76 -28.66
C VAL B 208 -24.96 -8.71 -29.78
N THR B 209 -25.65 -8.58 -30.92
CA THR B 209 -25.35 -9.35 -32.11
C THR B 209 -25.04 -8.39 -33.25
N TYR B 210 -23.96 -8.67 -33.98
CA TYR B 210 -23.54 -7.86 -35.11
C TYR B 210 -23.84 -8.59 -36.42
N SER B 211 -24.13 -7.81 -37.46
CA SER B 211 -24.54 -8.40 -38.74
C SER B 211 -23.41 -9.23 -39.35
N CYS B 212 -22.16 -8.93 -39.03
CA CYS B 212 -21.05 -9.70 -39.57
C CYS B 212 -21.11 -11.15 -39.09
N CYS B 213 -21.44 -11.35 -37.82
CA CYS B 213 -21.50 -12.68 -37.20
C CYS B 213 -22.84 -12.82 -36.48
N PRO B 214 -23.92 -13.10 -37.22
CA PRO B 214 -25.24 -13.14 -36.58
C PRO B 214 -25.42 -14.26 -35.56
N ASP B 215 -24.59 -15.30 -35.60
CA ASP B 215 -24.77 -16.48 -34.76
C ASP B 215 -23.86 -16.49 -33.53
N THR B 216 -23.18 -15.37 -33.24
CA THR B 216 -22.27 -15.27 -32.10
C THR B 216 -22.64 -14.04 -31.28
N PRO B 217 -23.64 -14.14 -30.39
CA PRO B 217 -23.96 -12.99 -29.55
C PRO B 217 -22.87 -12.71 -28.54
N TYR B 218 -22.79 -11.45 -28.14
CA TYR B 218 -21.85 -10.99 -27.12
C TYR B 218 -22.64 -10.54 -25.91
N LEU B 219 -22.35 -11.15 -24.76
CA LEU B 219 -23.14 -11.00 -23.55
C LEU B 219 -22.39 -10.18 -22.52
N ASP B 220 -23.15 -9.50 -21.67
CA ASP B 220 -22.58 -8.82 -20.51
C ASP B 220 -23.68 -8.69 -19.46
N ILE B 221 -23.25 -8.56 -18.21
CA ILE B 221 -24.13 -8.26 -17.10
C ILE B 221 -23.64 -6.95 -16.49
N THR B 222 -24.52 -5.95 -16.47
CA THR B 222 -24.20 -4.63 -15.97
C THR B 222 -24.95 -4.38 -14.68
N TYR B 223 -24.20 -4.17 -13.60
CA TYR B 223 -24.78 -3.79 -12.31
C TYR B 223 -24.64 -2.28 -12.16
N HIS B 224 -25.76 -1.61 -11.92
CA HIS B 224 -25.80 -0.17 -11.73
C HIS B 224 -26.22 0.16 -10.30
N PHE B 225 -25.68 1.27 -9.78
CA PHE B 225 -25.93 1.71 -8.42
C PHE B 225 -26.27 3.19 -8.46
N VAL B 226 -27.46 3.53 -7.97
CA VAL B 226 -27.87 4.93 -7.83
C VAL B 226 -27.45 5.39 -6.44
N MET B 227 -26.62 6.44 -6.40
CA MET B 227 -25.96 6.89 -5.18
C MET B 227 -26.24 8.37 -4.95
N GLN B 228 -26.65 8.71 -3.74
CA GLN B 228 -26.93 10.08 -3.34
C GLN B 228 -25.84 10.52 -2.37
N ARG B 229 -25.23 11.67 -2.65
CA ARG B 229 -24.18 12.19 -1.78
C ARG B 229 -24.78 12.66 -0.46
N LEU B 230 -24.05 12.42 0.63
CA LEU B 230 -24.39 13.02 1.92
C LEU B 230 -23.75 14.40 1.96
N PRO B 231 -24.50 15.49 1.99
CA PRO B 231 -23.90 16.82 1.79
C PRO B 231 -23.51 17.57 3.06
N LEU B 232 -23.57 16.95 4.24
CA LEU B 232 -23.37 17.71 5.48
C LEU B 232 -21.96 18.29 5.57
N TYR B 233 -20.96 17.55 5.11
CA TYR B 233 -19.59 18.04 5.14
C TYR B 233 -19.45 19.33 4.33
N PHE B 234 -19.99 19.33 3.11
CA PHE B 234 -19.88 20.50 2.26
C PHE B 234 -20.77 21.64 2.73
N ILE B 235 -21.89 21.33 3.38
CA ILE B 235 -22.72 22.38 3.96
C ILE B 235 -21.96 23.08 5.08
N VAL B 236 -21.35 22.30 5.96
CA VAL B 236 -20.67 22.89 7.11
C VAL B 236 -19.41 23.65 6.67
N ASN B 237 -18.60 23.02 5.82
CA ASN B 237 -17.27 23.55 5.54
C ASN B 237 -17.25 24.57 4.41
N VAL B 238 -18.18 24.49 3.45
CA VAL B 238 -18.15 25.33 2.26
C VAL B 238 -19.29 26.35 2.27
N ILE B 239 -20.53 25.89 2.37
CA ILE B 239 -21.67 26.77 2.11
C ILE B 239 -21.84 27.81 3.21
N ILE B 240 -21.71 27.41 4.47
CA ILE B 240 -21.96 28.34 5.58
C ILE B 240 -20.96 29.50 5.59
N PRO B 241 -19.66 29.28 5.44
CA PRO B 241 -18.74 30.44 5.32
C PRO B 241 -19.07 31.35 4.16
N CYS B 242 -19.47 30.81 3.02
CA CYS B 242 -19.86 31.64 1.89
C CYS B 242 -21.09 32.48 2.24
N LEU B 243 -22.06 31.89 2.94
CA LEU B 243 -23.23 32.64 3.37
C LEU B 243 -22.84 33.76 4.33
N LEU B 244 -21.89 33.48 5.23
CA LEU B 244 -21.45 34.51 6.16
C LEU B 244 -20.77 35.66 5.43
N PHE B 245 -19.92 35.35 4.44
CA PHE B 245 -19.28 36.40 3.66
C PHE B 245 -20.31 37.19 2.85
N SER B 246 -21.30 36.50 2.30
CA SER B 246 -22.35 37.19 1.55
C SER B 246 -23.12 38.14 2.45
N PHE B 247 -23.40 37.73 3.69
CA PHE B 247 -24.07 38.62 4.63
C PHE B 247 -23.17 39.80 5.01
N LEU B 248 -21.88 39.55 5.23
CA LEU B 248 -20.97 40.62 5.59
C LEU B 248 -20.76 41.61 4.45
N THR B 249 -21.01 41.21 3.21
CA THR B 249 -20.86 42.11 2.08
C THR B 249 -21.75 43.33 2.21
N GLY B 250 -23.01 43.14 2.63
CA GLY B 250 -23.96 44.23 2.65
C GLY B 250 -23.82 45.18 3.83
N LEU B 251 -23.08 44.79 4.87
CA LEU B 251 -23.00 45.62 6.07
C LEU B 251 -22.16 46.87 5.88
N VAL B 252 -21.34 46.94 4.82
CA VAL B 252 -20.55 48.13 4.58
C VAL B 252 -21.44 49.34 4.30
N PHE B 253 -22.61 49.11 3.70
CA PHE B 253 -23.49 50.20 3.33
C PHE B 253 -24.22 50.81 4.53
N TYR B 254 -24.15 50.18 5.70
CA TYR B 254 -24.60 50.80 6.94
C TYR B 254 -23.47 51.49 7.72
N LEU B 255 -22.22 51.31 7.31
CA LEU B 255 -21.12 51.99 7.96
C LEU B 255 -21.12 53.47 7.56
N PRO B 256 -20.85 54.39 8.49
CA PRO B 256 -20.63 55.78 8.07
C PRO B 256 -19.36 55.92 7.24
N THR B 257 -19.38 56.90 6.33
CA THR B 257 -18.19 57.18 5.54
C THR B 257 -17.09 57.79 6.39
N ASP B 258 -17.46 58.63 7.36
CA ASP B 258 -16.48 59.29 8.21
C ASP B 258 -15.76 58.30 9.13
N SER B 259 -16.24 57.07 9.25
CA SER B 259 -15.53 56.05 10.03
C SER B 259 -14.16 55.74 9.44
N GLY B 260 -14.01 55.87 8.12
CA GLY B 260 -12.77 55.45 7.49
C GLY B 260 -12.51 53.97 7.62
N GLU B 261 -13.57 53.16 7.65
CA GLU B 261 -13.47 51.71 7.79
C GLU B 261 -14.24 50.94 6.73
N LYS B 262 -14.90 51.62 5.79
CA LYS B 262 -15.67 50.92 4.77
C LYS B 262 -14.76 50.07 3.89
N MET B 263 -13.67 50.66 3.40
CA MET B 263 -12.75 49.90 2.56
C MET B 263 -12.09 48.79 3.34
N THR B 264 -11.77 49.03 4.61
CA THR B 264 -11.21 47.97 5.46
C THR B 264 -12.15 46.77 5.51
N LEU B 265 -13.44 47.01 5.77
CA LEU B 265 -14.40 45.92 5.86
C LEU B 265 -14.54 45.20 4.53
N SER B 266 -14.80 45.94 3.45
CA SER B 266 -15.03 45.29 2.16
C SER B 266 -13.81 44.53 1.68
N ILE B 267 -12.63 45.13 1.81
CA ILE B 267 -11.40 44.50 1.34
C ILE B 267 -11.06 43.29 2.18
N SER B 268 -11.33 43.35 3.49
CA SER B 268 -11.07 42.20 4.33
C SER B 268 -12.03 41.06 4.02
N VAL B 269 -13.28 41.37 3.66
CA VAL B 269 -14.19 40.32 3.21
C VAL B 269 -13.68 39.70 1.92
N LEU B 270 -13.20 40.53 0.99
CA LEU B 270 -12.62 40.01 -0.24
C LEU B 270 -11.41 39.13 0.03
N LEU B 271 -10.56 39.54 0.98
CA LEU B 271 -9.37 38.75 1.31
C LEU B 271 -9.77 37.43 1.96
N SER B 272 -10.80 37.44 2.81
CA SER B 272 -11.30 36.20 3.38
C SER B 272 -11.79 35.26 2.30
N LEU B 273 -12.52 35.80 1.32
CA LEU B 273 -12.98 34.96 0.21
C LEU B 273 -11.81 34.43 -0.61
N THR B 274 -10.78 35.26 -0.81
CA THR B 274 -9.60 34.81 -1.56
C THR B 274 -8.89 33.68 -0.83
N VAL B 275 -8.75 33.78 0.49
CA VAL B 275 -8.16 32.70 1.26
C VAL B 275 -9.05 31.46 1.20
N PHE B 276 -10.37 31.66 1.24
CA PHE B 276 -11.33 30.58 1.17
C PHE B 276 -11.30 29.85 -0.18
N LEU B 277 -10.85 30.54 -1.23
CA LEU B 277 -10.71 29.88 -2.52
C LEU B 277 -9.75 28.69 -2.44
N LEU B 278 -8.76 28.73 -1.55
CA LEU B 278 -7.90 27.57 -1.36
C LEU B 278 -8.71 26.36 -0.89
N VAL B 279 -9.57 26.57 0.11
CA VAL B 279 -10.42 25.51 0.61
C VAL B 279 -11.32 24.99 -0.49
N ILE B 280 -11.94 25.90 -1.25
CA ILE B 280 -12.90 25.46 -2.26
C ILE B 280 -12.21 24.69 -3.37
N VAL B 281 -11.10 25.20 -3.89
CA VAL B 281 -10.45 24.50 -5.00
C VAL B 281 -9.88 23.16 -4.54
N GLU B 282 -9.44 23.04 -3.29
CA GLU B 282 -9.03 21.70 -2.83
C GLU B 282 -10.24 20.79 -2.63
N LEU B 283 -11.43 21.34 -2.39
CA LEU B 283 -12.63 20.52 -2.19
C LEU B 283 -13.46 20.33 -3.46
N ILE B 284 -13.58 21.35 -4.30
CA ILE B 284 -14.46 21.29 -5.47
C ILE B 284 -13.90 20.31 -6.51
N PRO B 285 -14.72 19.64 -7.32
CA PRO B 285 -14.17 18.82 -8.40
C PRO B 285 -13.57 19.69 -9.49
N SER B 286 -12.32 19.40 -9.85
CA SER B 286 -11.62 20.13 -10.91
C SER B 286 -11.93 19.48 -12.26
N THR B 287 -13.18 19.64 -12.68
CA THR B 287 -13.65 19.17 -13.98
C THR B 287 -14.48 20.26 -14.64
N SER B 288 -14.56 20.20 -15.96
CA SER B 288 -15.19 21.25 -16.76
C SER B 288 -16.45 20.76 -17.48
N SER B 289 -17.03 19.64 -17.04
CA SER B 289 -18.29 19.20 -17.64
C SER B 289 -19.41 20.20 -17.36
N ALA B 290 -19.46 20.74 -16.15
CA ALA B 290 -20.45 21.74 -15.79
C ALA B 290 -19.93 22.48 -14.57
N VAL B 291 -20.57 23.60 -14.26
CA VAL B 291 -20.21 24.39 -13.08
C VAL B 291 -20.87 23.75 -11.87
N PRO B 292 -20.14 23.35 -10.83
CA PRO B 292 -20.81 22.86 -9.61
C PRO B 292 -21.59 23.98 -8.94
N LEU B 293 -22.62 23.57 -8.19
CA LEU B 293 -23.50 24.54 -7.57
C LEU B 293 -22.75 25.38 -6.53
N ILE B 294 -21.85 24.74 -5.78
CA ILE B 294 -20.96 25.46 -4.88
C ILE B 294 -20.13 26.47 -5.65
N GLY B 295 -19.64 26.07 -6.83
CA GLY B 295 -18.88 27.00 -7.66
C GLY B 295 -19.71 28.19 -8.08
N LYS B 296 -20.97 27.96 -8.44
CA LYS B 296 -21.86 29.07 -8.78
C LYS B 296 -22.06 30.01 -7.60
N TYR B 297 -22.28 29.45 -6.40
CA TYR B 297 -22.49 30.30 -5.23
C TYR B 297 -21.23 31.09 -4.89
N MET B 298 -20.06 30.48 -4.99
CA MET B 298 -18.84 31.21 -4.69
C MET B 298 -18.59 32.31 -5.72
N LEU B 299 -18.85 32.03 -7.00
CA LEU B 299 -18.70 33.08 -8.01
C LEU B 299 -19.69 34.22 -7.77
N PHE B 300 -20.92 33.88 -7.38
CA PHE B 300 -21.90 34.89 -7.00
C PHE B 300 -21.35 35.78 -5.88
N THR B 301 -20.86 35.17 -4.80
CA THR B 301 -20.37 35.94 -3.66
C THR B 301 -19.18 36.80 -4.04
N MET B 302 -18.25 36.26 -4.82
CA MET B 302 -17.07 37.01 -5.25
C MET B 302 -17.47 38.20 -6.10
N VAL B 303 -18.35 37.97 -7.09
CA VAL B 303 -18.74 39.05 -8.00
C VAL B 303 -19.47 40.15 -7.24
N PHE B 304 -20.29 39.78 -6.25
CA PHE B 304 -21.07 40.81 -5.56
C PHE B 304 -20.30 41.52 -4.46
N VAL B 305 -19.29 40.88 -3.84
CA VAL B 305 -18.40 41.64 -2.97
C VAL B 305 -17.58 42.62 -3.81
N ILE B 306 -17.18 42.20 -5.01
CA ILE B 306 -16.46 43.11 -5.90
C ILE B 306 -17.34 44.29 -6.30
N ALA B 307 -18.62 44.01 -6.62
CA ALA B 307 -19.55 45.09 -6.94
C ALA B 307 -19.74 46.01 -5.74
N SER B 308 -19.80 45.44 -4.53
CA SER B 308 -19.92 46.26 -3.33
C SER B 308 -18.70 47.16 -3.17
N ILE B 309 -17.51 46.64 -3.47
CA ILE B 309 -16.30 47.46 -3.38
C ILE B 309 -16.37 48.63 -4.36
N ILE B 310 -16.78 48.35 -5.60
CA ILE B 310 -16.88 49.41 -6.61
C ILE B 310 -17.86 50.48 -6.15
N ILE B 311 -19.05 50.06 -5.72
CA ILE B 311 -20.07 51.02 -5.36
C ILE B 311 -19.69 51.75 -4.08
N THR B 312 -18.98 51.09 -3.17
CA THR B 312 -18.52 51.77 -1.96
C THR B 312 -17.51 52.85 -2.29
N VAL B 313 -16.63 52.59 -3.25
CA VAL B 313 -15.68 53.63 -3.68
C VAL B 313 -16.45 54.82 -4.26
N ILE B 314 -17.47 54.54 -5.07
CA ILE B 314 -18.27 55.62 -5.64
C ILE B 314 -18.97 56.40 -4.53
N VAL B 315 -19.51 55.70 -3.53
CA VAL B 315 -20.22 56.36 -2.44
C VAL B 315 -19.27 57.24 -1.63
N ILE B 316 -18.06 56.75 -1.35
CA ILE B 316 -17.09 57.55 -0.61
C ILE B 316 -16.72 58.79 -1.40
N ASN B 317 -16.51 58.63 -2.72
CA ASN B 317 -16.19 59.76 -3.58
C ASN B 317 -17.30 60.80 -3.53
N THR B 318 -18.55 60.36 -3.59
CA THR B 318 -19.68 61.29 -3.49
C THR B 318 -19.70 61.97 -2.13
N HIS B 319 -19.43 61.21 -1.07
CA HIS B 319 -19.50 61.77 0.28
C HIS B 319 -18.47 62.88 0.48
N HIS B 320 -17.29 62.73 -0.11
CA HIS B 320 -16.22 63.70 0.13
C HIS B 320 -16.28 64.92 -0.78
N ARG B 321 -17.29 65.05 -1.63
CA ARG B 321 -17.36 66.19 -2.53
C ARG B 321 -17.64 67.49 -1.77
N SER B 322 -17.14 68.59 -2.33
CA SER B 322 -17.18 69.90 -1.71
C SER B 322 -17.37 70.91 -2.83
N PRO B 323 -17.89 72.11 -2.52
CA PRO B 323 -18.07 73.10 -3.59
C PRO B 323 -16.77 73.57 -4.21
N SER B 324 -15.64 73.40 -3.52
CA SER B 324 -14.34 73.79 -4.08
C SER B 324 -13.88 72.87 -5.19
N THR B 325 -14.56 71.75 -5.44
CA THR B 325 -14.16 70.79 -6.48
C THR B 325 -15.30 70.49 -7.44
N HIS B 326 -16.55 70.50 -6.96
CA HIS B 326 -17.71 70.15 -7.76
C HIS B 326 -18.85 71.13 -7.49
N VAL B 327 -19.91 70.98 -8.27
CA VAL B 327 -21.16 71.70 -8.09
C VAL B 327 -22.29 70.70 -8.21
N MET B 328 -23.25 70.75 -7.29
CA MET B 328 -24.34 69.78 -7.29
C MET B 328 -25.22 70.02 -8.52
N PRO B 329 -25.42 69.04 -9.41
CA PRO B 329 -26.40 69.23 -10.48
C PRO B 329 -27.81 69.16 -9.93
N ASN B 330 -28.74 69.78 -10.67
CA ASN B 330 -30.13 69.84 -10.23
C ASN B 330 -30.75 68.45 -10.18
N TRP B 331 -30.40 67.58 -11.12
CA TRP B 331 -31.05 66.27 -11.17
C TRP B 331 -30.62 65.40 -9.99
N VAL B 332 -29.37 65.50 -9.56
CA VAL B 332 -28.93 64.74 -8.39
C VAL B 332 -29.71 65.19 -7.16
N ARG B 333 -29.84 66.50 -6.98
CA ARG B 333 -30.59 67.04 -5.85
C ARG B 333 -32.05 66.58 -5.89
N LYS B 334 -32.68 66.69 -7.05
CA LYS B 334 -34.08 66.29 -7.15
C LYS B 334 -34.27 64.80 -6.90
N VAL B 335 -33.39 63.98 -7.45
CA VAL B 335 -33.55 62.53 -7.31
C VAL B 335 -33.33 62.10 -5.87
N PHE B 336 -32.23 62.56 -5.25
CA PHE B 336 -31.77 61.97 -4.00
C PHE B 336 -32.23 62.72 -2.75
N ILE B 337 -32.44 64.04 -2.83
CA ILE B 337 -32.82 64.81 -1.65
C ILE B 337 -34.33 65.01 -1.55
N ASP B 338 -35.06 64.97 -2.66
CA ASP B 338 -36.48 65.32 -2.67
C ASP B 338 -37.38 64.10 -2.79
N THR B 339 -37.21 63.28 -3.83
CA THR B 339 -38.18 62.22 -4.10
C THR B 339 -37.97 61.00 -3.21
N ILE B 340 -36.74 60.49 -3.15
CA ILE B 340 -36.49 59.23 -2.44
C ILE B 340 -36.80 59.33 -0.94
N PRO B 341 -36.36 60.37 -0.22
CA PRO B 341 -36.69 60.42 1.22
C PRO B 341 -38.19 60.46 1.51
N ASN B 342 -39.02 60.91 0.57
CA ASN B 342 -40.46 60.89 0.79
C ASN B 342 -41.00 59.47 0.92
N ILE B 343 -40.33 58.49 0.30
CA ILE B 343 -40.79 57.10 0.29
C ILE B 343 -39.88 56.25 1.17
N MET B 344 -39.28 56.87 2.20
CA MET B 344 -38.36 56.21 3.11
C MET B 344 -38.82 56.45 4.55
N PHE B 345 -38.05 55.93 5.51
CA PHE B 345 -38.40 56.08 6.92
C PHE B 345 -38.52 57.54 7.34
N PHE B 346 -37.72 58.42 6.72
CA PHE B 346 -37.76 59.86 6.94
C PHE B 346 -37.22 60.28 8.31
N SER B 347 -36.60 59.36 9.05
CA SER B 347 -35.99 59.75 10.32
C SER B 347 -34.82 60.70 10.10
N THR B 348 -34.11 60.55 8.99
CA THR B 348 -33.00 61.44 8.66
C THR B 348 -33.55 62.75 8.08
N MET B 349 -33.18 63.86 8.71
CA MET B 349 -33.71 65.15 8.28
C MET B 349 -33.06 65.57 6.97
N LYS B 350 -33.83 66.28 6.15
CA LYS B 350 -33.38 66.72 4.83
C LYS B 350 -32.13 67.59 4.92
N LEU B 386 -11.16 108.69 17.24
CA LEU B 386 -10.78 107.31 17.45
C LEU B 386 -10.96 106.47 16.19
N ILE B 387 -12.05 106.72 15.46
CA ILE B 387 -12.32 105.99 14.22
C ILE B 387 -11.25 106.28 13.19
N LYS B 388 -10.74 107.51 13.15
CA LYS B 388 -9.76 107.89 12.15
C LYS B 388 -8.39 107.24 12.36
N HIS B 389 -8.15 106.63 13.52
CA HIS B 389 -6.87 105.97 13.75
C HIS B 389 -6.75 104.76 12.82
N PRO B 390 -5.56 104.52 12.22
CA PRO B 390 -5.46 103.36 11.31
C PRO B 390 -5.67 102.03 12.01
N GLU B 391 -5.26 101.89 13.27
CA GLU B 391 -5.40 100.61 13.95
C GLU B 391 -6.86 100.24 14.15
N VAL B 392 -7.70 101.23 14.50
CA VAL B 392 -9.13 100.96 14.69
C VAL B 392 -9.77 100.55 13.37
N LYS B 393 -9.42 101.23 12.28
CA LYS B 393 -9.95 100.87 10.97
C LYS B 393 -9.53 99.45 10.58
N SER B 394 -8.26 99.11 10.83
CA SER B 394 -7.79 97.76 10.52
C SER B 394 -8.54 96.72 11.34
N ALA B 395 -8.78 97.02 12.62
CA ALA B 395 -9.51 96.08 13.47
C ALA B 395 -10.94 95.90 13.00
N ILE B 396 -11.60 96.99 12.59
CA ILE B 396 -12.98 96.90 12.12
C ILE B 396 -13.05 96.08 10.83
N GLU B 397 -12.16 96.39 9.88
CA GLU B 397 -12.11 95.62 8.64
C GLU B 397 -11.78 94.16 8.92
N GLY B 398 -10.96 93.89 9.93
CA GLY B 398 -10.65 92.52 10.28
C GLY B 398 -11.83 91.76 10.87
N ILE B 399 -12.61 92.42 11.72
CA ILE B 399 -13.80 91.78 12.27
C ILE B 399 -14.79 91.47 11.15
N LYS B 400 -14.97 92.42 10.23
CA LYS B 400 -15.82 92.15 9.08
C LYS B 400 -15.26 90.99 8.26
N TYR B 401 -13.94 90.90 8.13
CA TYR B 401 -13.32 89.82 7.39
C TYR B 401 -13.60 88.47 8.05
N ILE B 402 -13.49 88.40 9.37
CA ILE B 402 -13.79 87.15 10.06
C ILE B 402 -15.25 86.76 9.83
N ALA B 403 -16.15 87.74 9.93
CA ALA B 403 -17.57 87.45 9.75
C ALA B 403 -17.86 86.91 8.36
N GLU B 404 -17.37 87.60 7.32
CA GLU B 404 -17.63 87.15 5.96
C GLU B 404 -16.97 85.81 5.67
N THR B 405 -15.74 85.61 6.14
CA THR B 405 -15.05 84.34 5.91
C THR B 405 -15.81 83.19 6.57
N MET B 406 -16.28 83.39 7.80
CA MET B 406 -17.03 82.33 8.46
C MET B 406 -18.36 82.07 7.77
N LYS B 407 -19.01 83.12 7.28
CA LYS B 407 -20.26 82.91 6.54
C LYS B 407 -20.02 82.08 5.28
N SER B 408 -18.96 82.39 4.54
CA SER B 408 -18.61 81.58 3.38
C SER B 408 -18.30 80.14 3.78
N ASP B 409 -17.63 79.97 4.93
CA ASP B 409 -17.38 78.63 5.44
C ASP B 409 -18.69 77.91 5.71
N GLN B 410 -19.70 78.62 6.23
CA GLN B 410 -21.00 78.01 6.45
C GLN B 410 -21.63 77.56 5.14
N GLU B 411 -21.57 78.40 4.10
CA GLU B 411 -22.18 77.99 2.83
C GLU B 411 -21.48 76.76 2.26
N SER B 412 -20.15 76.73 2.31
CA SER B 412 -19.43 75.56 1.82
C SER B 412 -19.76 74.33 2.66
N ASN B 413 -19.90 74.51 3.97
CA ASN B 413 -20.24 73.39 4.84
C ASN B 413 -21.61 72.83 4.53
N ASN B 414 -22.60 73.71 4.28
CA ASN B 414 -23.92 73.22 3.89
C ASN B 414 -23.90 72.49 2.57
N ALA B 415 -23.15 72.98 1.59
CA ALA B 415 -23.06 72.26 0.31
C ALA B 415 -22.42 70.89 0.51
N ALA B 416 -21.35 70.82 1.30
CA ALA B 416 -20.75 69.53 1.61
C ALA B 416 -21.74 68.63 2.33
N ALA B 417 -22.57 69.21 3.19
CA ALA B 417 -23.58 68.43 3.90
C ALA B 417 -24.62 67.85 2.94
N GLU B 418 -24.98 68.61 1.90
CA GLU B 418 -25.86 68.06 0.87
C GLU B 418 -25.21 66.88 0.17
N TRP B 419 -23.92 66.99 -0.15
CA TRP B 419 -23.22 65.86 -0.76
C TRP B 419 -23.23 64.64 0.16
N LYS B 420 -22.97 64.86 1.46
CA LYS B 420 -22.97 63.76 2.42
C LYS B 420 -24.35 63.14 2.56
N TYR B 421 -25.40 63.96 2.53
CA TYR B 421 -26.77 63.45 2.59
C TYR B 421 -27.05 62.57 1.37
N VAL B 422 -26.62 63.00 0.19
CA VAL B 422 -26.83 62.18 -1.02
C VAL B 422 -26.12 60.84 -0.85
N ALA B 423 -24.87 60.88 -0.37
CA ALA B 423 -24.13 59.64 -0.19
C ALA B 423 -24.82 58.71 0.80
N MET B 424 -25.39 59.28 1.87
CA MET B 424 -26.10 58.49 2.86
C MET B 424 -27.35 57.85 2.26
N VAL B 425 -28.08 58.57 1.41
CA VAL B 425 -29.28 58.01 0.79
C VAL B 425 -28.90 56.84 -0.12
N MET B 426 -27.86 57.01 -0.94
CA MET B 426 -27.37 55.89 -1.73
C MET B 426 -26.95 54.73 -0.85
N ASP B 427 -26.32 55.01 0.28
CA ASP B 427 -25.86 53.98 1.23
C ASP B 427 -27.06 53.17 1.73
N HIS B 428 -28.18 53.82 2.06
CA HIS B 428 -29.37 53.13 2.55
C HIS B 428 -29.97 52.25 1.45
N ILE B 429 -30.12 52.81 0.24
CA ILE B 429 -30.67 52.05 -0.87
C ILE B 429 -29.83 50.82 -1.14
N LEU B 430 -28.50 50.98 -1.11
CA LEU B 430 -27.61 49.88 -1.43
C LEU B 430 -27.60 48.82 -0.33
N LEU B 431 -27.77 49.22 0.93
CA LEU B 431 -27.92 48.24 2.00
C LEU B 431 -29.13 47.36 1.73
N GLY B 432 -30.26 47.98 1.45
CA GLY B 432 -31.46 47.19 1.13
C GLY B 432 -31.25 46.29 -0.06
N VAL B 433 -30.66 46.85 -1.13
CA VAL B 433 -30.48 46.09 -2.37
C VAL B 433 -29.56 44.91 -2.15
N PHE B 434 -28.47 45.10 -1.40
CA PHE B 434 -27.49 44.03 -1.26
C PHE B 434 -27.97 42.94 -0.31
N MET B 435 -28.70 43.29 0.76
CA MET B 435 -29.31 42.25 1.58
C MET B 435 -30.33 41.46 0.77
N LEU B 436 -31.14 42.16 -0.04
CA LEU B 436 -32.12 41.49 -0.86
C LEU B 436 -31.44 40.57 -1.89
N VAL B 437 -30.33 41.03 -2.46
CA VAL B 437 -29.62 40.23 -3.45
C VAL B 437 -28.98 39.02 -2.80
N CYS B 438 -28.47 39.17 -1.58
CA CYS B 438 -27.92 38.03 -0.85
C CYS B 438 -28.99 36.96 -0.66
N ILE B 439 -30.17 37.37 -0.20
CA ILE B 439 -31.26 36.41 0.00
C ILE B 439 -31.66 35.77 -1.33
N ILE B 440 -31.81 36.58 -2.38
CA ILE B 440 -32.28 36.06 -3.67
C ILE B 440 -31.27 35.09 -4.25
N GLY B 441 -29.99 35.40 -4.18
CA GLY B 441 -28.98 34.49 -4.69
C GLY B 441 -28.93 33.19 -3.92
N THR B 442 -28.99 33.28 -2.58
CA THR B 442 -28.99 32.08 -1.77
C THR B 442 -30.18 31.18 -2.11
N LEU B 443 -31.35 31.77 -2.36
CA LEU B 443 -32.49 30.97 -2.76
C LEU B 443 -32.31 30.42 -4.18
N ALA B 444 -31.94 31.29 -5.13
CA ALA B 444 -31.95 30.90 -6.54
C ALA B 444 -30.91 29.82 -6.84
N VAL B 445 -29.81 29.79 -6.09
CA VAL B 445 -28.79 28.77 -6.36
C VAL B 445 -29.24 27.38 -5.89
N PHE B 446 -29.86 27.28 -4.72
CA PHE B 446 -30.05 26.00 -4.04
C PHE B 446 -31.49 25.50 -3.99
N ALA B 447 -32.47 26.41 -3.91
CA ALA B 447 -33.84 26.01 -3.59
C ALA B 447 -34.43 25.05 -4.61
N GLY B 448 -34.02 25.15 -5.88
CA GLY B 448 -34.56 24.23 -6.88
C GLY B 448 -34.20 22.78 -6.55
N ARG B 449 -32.92 22.52 -6.32
CA ARG B 449 -32.51 21.16 -5.98
C ARG B 449 -33.02 20.75 -4.61
N LEU B 450 -33.08 21.69 -3.66
CA LEU B 450 -33.59 21.37 -2.33
C LEU B 450 -35.06 20.95 -2.39
N ILE B 451 -35.86 21.65 -3.20
CA ILE B 451 -37.27 21.28 -3.36
C ILE B 451 -37.39 19.97 -4.11
N GLU B 452 -36.52 19.75 -5.11
CA GLU B 452 -36.56 18.50 -5.86
C GLU B 452 -36.28 17.30 -4.96
N LEU B 453 -35.31 17.43 -4.05
CA LEU B 453 -35.00 16.33 -3.14
C LEU B 453 -36.05 16.20 -2.05
N ASN B 454 -36.60 17.32 -1.58
CA ASN B 454 -37.59 17.26 -0.50
C ASN B 454 -38.86 16.56 -0.93
N GLN B 455 -39.30 16.79 -2.17
CA GLN B 455 -40.57 16.23 -2.65
C GLN B 455 -40.50 14.73 -2.93
N GLN B 456 -39.31 14.13 -2.91
CA GLN B 456 -39.16 12.69 -3.12
C GLN B 456 -39.04 11.97 -1.79
N SER C 24 12.04 -21.55 -36.71
CA SER C 24 12.85 -22.35 -37.67
C SER C 24 13.28 -23.67 -37.04
N GLU C 25 13.20 -24.74 -37.84
CA GLU C 25 13.67 -26.05 -37.36
C GLU C 25 15.18 -26.05 -37.15
N ALA C 26 15.92 -25.38 -38.03
CA ALA C 26 17.37 -25.27 -37.84
C ALA C 26 17.70 -24.48 -36.59
N GLU C 27 16.95 -23.40 -36.33
CA GLU C 27 17.19 -22.63 -35.11
C GLU C 27 16.88 -23.44 -33.88
N GLY C 28 15.81 -24.25 -33.92
CA GLY C 28 15.50 -25.11 -32.80
C GLY C 28 16.59 -26.15 -32.55
N ARG C 29 17.11 -26.75 -33.62
CA ARG C 29 18.20 -27.70 -33.47
C ARG C 29 19.44 -27.03 -32.89
N LEU C 30 19.75 -25.82 -33.34
CA LEU C 30 20.90 -25.10 -32.81
C LEU C 30 20.71 -24.78 -31.33
N ARG C 31 19.50 -24.36 -30.94
CA ARG C 31 19.24 -24.08 -29.54
C ARG C 31 19.39 -25.33 -28.68
N GLU C 32 18.87 -26.46 -29.17
CA GLU C 32 19.01 -27.72 -28.44
C GLU C 32 20.48 -28.10 -28.30
N LYS C 33 21.26 -27.92 -29.37
CA LYS C 33 22.69 -28.20 -29.29
C LYS C 33 23.38 -27.30 -28.28
N LEU C 34 23.02 -26.00 -28.26
CA LEU C 34 23.71 -25.06 -27.39
C LEU C 34 23.40 -25.32 -25.92
N PHE C 35 22.13 -25.56 -25.60
CA PHE C 35 21.69 -25.60 -24.20
C PHE C 35 21.67 -27.02 -23.62
N SER C 36 22.31 -27.98 -24.27
CA SER C 36 22.46 -29.32 -23.71
C SER C 36 23.65 -29.32 -22.76
N GLY C 37 23.40 -29.53 -21.48
CA GLY C 37 24.44 -29.46 -20.48
C GLY C 37 24.83 -28.05 -20.07
N TYR C 38 24.04 -27.04 -20.44
CA TYR C 38 24.33 -25.65 -20.12
C TYR C 38 23.64 -25.27 -18.82
N ASP C 39 24.41 -24.66 -17.91
CA ASP C 39 23.91 -24.19 -16.62
C ASP C 39 24.01 -22.67 -16.59
N SER C 40 22.85 -22.00 -16.56
CA SER C 40 22.83 -20.54 -16.58
C SER C 40 23.23 -19.92 -15.24
N SER C 41 23.33 -20.71 -14.18
CA SER C 41 23.79 -20.19 -12.89
C SER C 41 25.31 -20.22 -12.75
N VAL C 42 26.03 -20.87 -13.66
CA VAL C 42 27.48 -21.04 -13.59
C VAL C 42 28.13 -19.97 -14.45
N ARG C 43 29.08 -19.24 -13.87
CA ARG C 43 29.80 -18.22 -14.61
C ARG C 43 30.66 -18.88 -15.70
N PRO C 44 30.73 -18.29 -16.92
CA PRO C 44 31.56 -18.90 -17.97
C PRO C 44 33.04 -18.68 -17.72
N ALA C 45 33.76 -19.76 -17.43
CA ALA C 45 35.20 -19.71 -17.25
C ALA C 45 35.77 -21.07 -17.64
N ARG C 46 36.45 -21.14 -18.78
CA ARG C 46 36.95 -22.41 -19.28
C ARG C 46 37.97 -23.01 -18.32
N GLU C 47 38.84 -22.18 -17.74
CA GLU C 47 39.83 -22.60 -16.76
C GLU C 47 39.61 -21.80 -15.49
N VAL C 48 40.02 -22.39 -14.36
CA VAL C 48 39.92 -21.70 -13.08
C VAL C 48 40.86 -20.51 -13.09
N GLY C 49 40.37 -19.37 -12.60
CA GLY C 49 41.11 -18.12 -12.64
C GLY C 49 40.85 -17.26 -13.85
N ASP C 50 40.06 -17.75 -14.81
CA ASP C 50 39.70 -16.94 -15.98
C ASP C 50 38.64 -15.92 -15.59
N ARG C 51 38.86 -14.67 -16.01
CA ARG C 51 37.95 -13.58 -15.70
C ARG C 51 36.98 -13.38 -16.86
N VAL C 52 35.72 -13.06 -16.54
CA VAL C 52 34.74 -12.67 -17.53
C VAL C 52 34.78 -11.15 -17.66
N ARG C 53 35.08 -10.66 -18.85
CA ARG C 53 35.14 -9.23 -19.11
C ARG C 53 33.76 -8.74 -19.55
N VAL C 54 33.23 -7.77 -18.82
CA VAL C 54 31.90 -7.22 -19.06
C VAL C 54 32.06 -5.74 -19.38
N SER C 55 31.61 -5.32 -20.56
CA SER C 55 31.61 -3.92 -20.94
C SER C 55 30.27 -3.31 -20.53
N VAL C 56 30.33 -2.19 -19.81
CA VAL C 56 29.14 -1.54 -19.26
C VAL C 56 28.96 -0.21 -19.95
N GLY C 57 27.81 -0.04 -20.61
CA GLY C 57 27.42 1.23 -21.19
C GLY C 57 26.04 1.63 -20.68
N LEU C 58 25.64 2.85 -21.05
CA LEU C 58 24.36 3.38 -20.62
C LEU C 58 23.80 4.31 -21.68
N ILE C 59 22.52 4.15 -21.97
CA ILE C 59 21.77 5.03 -22.85
C ILE C 59 20.67 5.67 -22.02
N LEU C 60 20.60 7.00 -22.03
CA LEU C 60 19.62 7.74 -21.25
C LEU C 60 18.41 8.02 -22.12
N ALA C 61 17.32 7.29 -21.87
CA ALA C 61 16.08 7.52 -22.61
C ALA C 61 15.36 8.77 -22.11
N GLN C 62 15.37 9.01 -20.81
CA GLN C 62 14.67 10.15 -20.23
C GLN C 62 15.25 10.44 -18.85
N LEU C 63 15.46 11.73 -18.58
CA LEU C 63 15.73 12.21 -17.22
C LEU C 63 14.38 12.57 -16.63
N ILE C 64 13.78 11.63 -15.89
CA ILE C 64 12.39 11.80 -15.44
C ILE C 64 12.28 12.96 -14.46
N SER C 65 13.12 12.99 -13.44
CA SER C 65 13.05 14.03 -12.42
C SER C 65 14.26 13.93 -11.50
N LEU C 66 14.41 14.94 -10.66
CA LEU C 66 15.36 14.94 -9.54
C LEU C 66 14.60 15.46 -8.33
N ASN C 67 14.21 14.56 -7.43
CA ASN C 67 13.38 14.93 -6.29
C ASN C 67 14.27 15.50 -5.19
N GLU C 68 14.11 16.80 -4.92
CA GLU C 68 14.94 17.45 -3.91
C GLU C 68 14.53 17.06 -2.49
N LYS C 69 13.24 16.85 -2.24
CA LYS C 69 12.80 16.43 -0.91
C LYS C 69 13.33 15.05 -0.58
N ASP C 70 13.19 14.10 -1.49
CA ASP C 70 13.66 12.73 -1.30
C ASP C 70 15.11 12.53 -1.70
N GLU C 71 15.73 13.51 -2.35
CA GLU C 71 17.15 13.45 -2.74
C GLU C 71 17.43 12.22 -3.61
N GLU C 72 16.60 12.04 -4.65
CA GLU C 72 16.77 10.94 -5.59
C GLU C 72 16.55 11.43 -7.02
N MET C 73 17.30 10.82 -7.94
CA MET C 73 17.18 11.10 -9.37
C MET C 73 16.47 9.93 -10.03
N SER C 74 15.42 10.23 -10.79
CA SER C 74 14.67 9.23 -11.53
C SER C 74 15.07 9.28 -13.00
N THR C 75 15.45 8.14 -13.55
CA THR C 75 15.88 8.03 -14.94
C THR C 75 15.23 6.82 -15.59
N LYS C 76 15.00 6.93 -16.89
CA LYS C 76 14.70 5.79 -17.75
C LYS C 76 15.91 5.59 -18.66
N VAL C 77 16.48 4.39 -18.62
CA VAL C 77 17.72 4.09 -19.32
C VAL C 77 17.62 2.75 -20.00
N TYR C 78 18.53 2.53 -20.94
CA TYR C 78 18.83 1.21 -21.49
C TYR C 78 20.27 0.88 -21.14
N LEU C 79 20.48 -0.16 -20.36
CA LEU C 79 21.84 -0.62 -20.13
C LEU C 79 22.40 -1.17 -21.44
N ASP C 80 23.72 -1.28 -21.48
CA ASP C 80 24.43 -1.83 -22.65
C ASP C 80 25.54 -2.73 -22.11
N LEU C 81 25.23 -4.01 -21.95
CA LEU C 81 26.13 -4.99 -21.36
C LEU C 81 26.61 -5.95 -22.43
N GLU C 82 27.92 -6.17 -22.49
CA GLU C 82 28.55 -7.04 -23.47
C GLU C 82 29.57 -7.93 -22.79
N TRP C 83 29.52 -9.22 -23.09
CA TRP C 83 30.49 -10.18 -22.57
C TRP C 83 30.50 -11.39 -23.49
N THR C 84 31.50 -12.24 -23.30
CA THR C 84 31.68 -13.45 -24.08
C THR C 84 31.38 -14.67 -23.21
N ASP C 85 30.59 -15.60 -23.76
CA ASP C 85 30.31 -16.89 -23.15
C ASP C 85 30.76 -17.96 -24.14
N TYR C 86 31.87 -18.64 -23.81
CA TYR C 86 32.45 -19.59 -24.75
C TYR C 86 31.51 -20.76 -25.01
N ARG C 87 30.62 -21.07 -24.06
CA ARG C 87 29.72 -22.20 -24.23
C ARG C 87 28.68 -21.95 -25.32
N LEU C 88 28.39 -20.69 -25.63
CA LEU C 88 27.36 -20.33 -26.61
C LEU C 88 27.95 -20.02 -27.98
N SER C 89 28.99 -20.73 -28.38
CA SER C 89 29.63 -20.56 -29.67
C SER C 89 29.27 -21.74 -30.59
N TRP C 90 29.18 -21.45 -31.88
CA TRP C 90 28.83 -22.46 -32.87
C TRP C 90 29.40 -22.05 -34.22
N ASP C 91 29.43 -23.02 -35.13
CA ASP C 91 29.86 -22.76 -36.50
C ASP C 91 28.63 -22.46 -37.37
N PRO C 92 28.51 -21.27 -37.97
CA PRO C 92 27.32 -21.00 -38.79
C PRO C 92 27.16 -21.93 -39.98
N ALA C 93 28.26 -22.43 -40.55
CA ALA C 93 28.17 -23.28 -41.73
C ALA C 93 27.45 -24.59 -41.42
N GLU C 94 27.53 -25.07 -40.18
CA GLU C 94 26.88 -26.31 -39.78
C GLU C 94 25.44 -26.11 -39.33
N HIS C 95 24.93 -24.89 -39.35
CA HIS C 95 23.60 -24.57 -38.83
C HIS C 95 22.86 -23.61 -39.77
N ASP C 96 22.92 -23.92 -41.07
CA ASP C 96 22.19 -23.18 -42.10
C ASP C 96 22.55 -21.68 -42.09
N GLY C 97 23.83 -21.41 -41.83
CA GLY C 97 24.31 -20.04 -41.89
C GLY C 97 23.73 -19.12 -40.83
N ILE C 98 23.21 -19.66 -39.74
CA ILE C 98 22.69 -18.83 -38.65
C ILE C 98 23.89 -18.25 -37.91
N ASP C 99 24.03 -16.92 -37.96
CA ASP C 99 25.18 -16.23 -37.38
C ASP C 99 24.87 -15.60 -36.03
N SER C 100 23.60 -15.53 -35.62
CA SER C 100 23.26 -14.96 -34.33
C SER C 100 21.92 -15.51 -33.88
N LEU C 101 21.67 -15.40 -32.57
CA LEU C 101 20.44 -15.87 -31.96
C LEU C 101 19.93 -14.83 -30.98
N ARG C 102 18.62 -14.75 -30.86
CA ARG C 102 17.96 -13.92 -29.86
C ARG C 102 17.33 -14.85 -28.84
N ILE C 103 17.84 -14.81 -27.60
CA ILE C 103 17.51 -15.75 -26.55
C ILE C 103 17.04 -14.98 -25.34
N THR C 104 16.04 -15.52 -24.64
CA THR C 104 15.57 -14.90 -23.41
C THR C 104 16.71 -14.81 -22.40
N ALA C 105 16.77 -13.67 -21.70
CA ALA C 105 17.91 -13.41 -20.83
C ALA C 105 18.00 -14.42 -19.69
N GLU C 106 16.85 -14.89 -19.18
CA GLU C 106 16.86 -15.86 -18.09
C GLU C 106 17.44 -17.20 -18.51
N SER C 107 17.53 -17.49 -19.81
CA SER C 107 18.02 -18.78 -20.27
C SER C 107 19.53 -18.89 -20.30
N VAL C 108 20.26 -17.77 -20.25
CA VAL C 108 21.72 -17.76 -20.31
C VAL C 108 22.25 -17.21 -18.99
N TRP C 109 23.55 -17.39 -18.78
CA TRP C 109 24.20 -16.75 -17.65
C TRP C 109 24.24 -15.24 -17.89
N LEU C 110 23.90 -14.48 -16.85
CA LEU C 110 24.01 -13.04 -16.84
C LEU C 110 24.99 -12.61 -15.77
N PRO C 111 25.73 -11.52 -15.97
CA PRO C 111 26.45 -10.94 -14.84
C PRO C 111 25.48 -10.15 -13.99
N ASP C 112 25.63 -10.26 -12.67
CA ASP C 112 24.66 -9.67 -11.76
C ASP C 112 24.95 -8.19 -11.54
N VAL C 113 24.97 -7.46 -12.65
CA VAL C 113 25.27 -6.03 -12.65
C VAL C 113 24.01 -5.29 -12.24
N VAL C 114 24.12 -4.49 -11.19
CA VAL C 114 22.97 -3.80 -10.60
C VAL C 114 23.37 -2.37 -10.29
N LEU C 115 22.36 -1.53 -10.07
CA LEU C 115 22.59 -0.17 -9.56
C LEU C 115 22.80 -0.25 -8.06
N LEU C 116 24.04 -0.03 -7.62
CA LEU C 116 24.35 -0.15 -6.20
C LEU C 116 23.73 0.98 -5.40
N ASN C 117 23.70 2.19 -5.95
CA ASN C 117 23.25 3.38 -5.23
C ASN C 117 21.79 3.70 -5.49
N ASN C 118 20.96 2.68 -5.67
CA ASN C 118 19.52 2.89 -5.78
C ASN C 118 18.96 3.39 -4.46
N ASN C 119 17.91 4.21 -4.55
CA ASN C 119 17.31 4.85 -3.39
C ASN C 119 16.06 4.14 -2.89
N ASP C 120 15.34 3.43 -3.76
CA ASP C 120 14.08 2.79 -3.41
C ASP C 120 14.21 1.31 -3.12
N GLY C 121 15.44 0.77 -3.10
CA GLY C 121 15.66 -0.64 -2.86
C GLY C 121 15.58 -1.52 -4.08
N ASN C 122 15.29 -0.97 -5.26
CA ASN C 122 15.24 -1.74 -6.49
C ASN C 122 16.61 -1.76 -7.15
N PHE C 123 17.19 -2.95 -7.26
CA PHE C 123 18.51 -3.13 -7.85
C PHE C 123 18.48 -3.51 -9.32
N ASP C 124 17.39 -4.11 -9.79
CA ASP C 124 17.37 -4.85 -11.04
C ASP C 124 16.78 -4.02 -12.18
N VAL C 125 16.81 -4.61 -13.38
CA VAL C 125 16.28 -3.96 -14.57
C VAL C 125 14.76 -4.10 -14.62
N ALA C 126 14.12 -3.22 -15.39
CA ALA C 126 12.67 -3.21 -15.46
C ALA C 126 12.12 -4.37 -16.26
N LEU C 127 12.88 -4.88 -17.23
CA LEU C 127 12.40 -5.96 -18.09
C LEU C 127 13.61 -6.75 -18.57
N ASP C 128 13.53 -8.08 -18.44
CA ASP C 128 14.69 -8.92 -18.75
C ASP C 128 14.95 -9.00 -20.25
N ILE C 129 13.89 -8.95 -21.07
CA ILE C 129 13.92 -9.03 -22.53
C ILE C 129 14.68 -10.23 -23.11
N SER C 130 15.64 -9.98 -24.00
CA SER C 130 16.36 -11.03 -24.72
C SER C 130 17.78 -10.54 -24.92
N VAL C 131 18.72 -11.48 -24.93
CA VAL C 131 20.10 -11.21 -25.30
C VAL C 131 20.27 -11.52 -26.78
N VAL C 132 21.32 -10.96 -27.38
CA VAL C 132 21.73 -11.26 -28.74
C VAL C 132 23.08 -11.98 -28.65
N VAL C 133 23.10 -13.24 -29.07
CA VAL C 133 24.28 -14.09 -29.00
C VAL C 133 24.83 -14.25 -30.40
N SER C 134 26.10 -13.92 -30.59
CA SER C 134 26.78 -14.13 -31.85
C SER C 134 27.41 -15.51 -31.89
N SER C 135 27.79 -15.94 -33.08
CA SER C 135 28.32 -17.29 -33.27
C SER C 135 29.66 -17.50 -32.55
N ASP C 136 30.39 -16.44 -32.27
CA ASP C 136 31.66 -16.53 -31.57
C ASP C 136 31.51 -16.54 -30.05
N GLY C 137 30.29 -16.56 -29.54
CA GLY C 137 30.04 -16.54 -28.11
C GLY C 137 29.82 -15.17 -27.52
N SER C 138 29.97 -14.11 -28.31
CA SER C 138 29.73 -12.77 -27.80
C SER C 138 28.24 -12.60 -27.49
N VAL C 139 27.96 -12.05 -26.31
CA VAL C 139 26.59 -11.87 -25.82
C VAL C 139 26.39 -10.38 -25.59
N ARG C 140 25.36 -9.81 -26.22
CA ARG C 140 24.98 -8.42 -26.03
C ARG C 140 23.58 -8.37 -25.43
N TRP C 141 23.44 -7.59 -24.36
CA TRP C 141 22.19 -7.46 -23.62
C TRP C 141 21.93 -5.98 -23.38
N GLN C 142 20.72 -5.53 -23.72
CA GLN C 142 20.34 -4.13 -23.63
C GLN C 142 18.99 -4.00 -22.93
N PRO C 143 18.93 -4.34 -21.63
CA PRO C 143 17.65 -4.30 -20.95
C PRO C 143 17.21 -2.88 -20.67
N PRO C 144 15.91 -2.60 -20.65
CA PRO C 144 15.45 -1.29 -20.17
C PRO C 144 15.55 -1.20 -18.66
N GLY C 145 15.59 0.03 -18.16
CA GLY C 145 15.65 0.26 -16.74
C GLY C 145 15.03 1.56 -16.30
N ILE C 146 14.18 1.51 -15.28
CA ILE C 146 13.69 2.67 -14.57
C ILE C 146 14.35 2.64 -13.20
N TYR C 147 15.18 3.64 -12.93
CA TYR C 147 16.04 3.66 -11.76
C TYR C 147 15.81 4.91 -10.94
N ARG C 148 15.85 4.74 -9.62
CA ARG C 148 15.79 5.84 -8.66
C ARG C 148 17.07 5.78 -7.83
N SER C 149 18.03 6.62 -8.17
CA SER C 149 19.36 6.62 -7.58
C SER C 149 19.48 7.73 -6.54
N SER C 150 20.25 7.44 -5.49
CA SER C 150 20.48 8.44 -4.45
C SER C 150 21.40 9.52 -4.96
N CYS C 151 21.01 10.78 -4.74
CA CYS C 151 21.80 11.93 -5.13
C CYS C 151 21.80 12.94 -4.00
N SER C 152 22.97 13.18 -3.40
CA SER C 152 23.09 14.18 -2.34
C SER C 152 23.00 15.57 -2.96
N ILE C 153 21.97 16.32 -2.58
CA ILE C 153 21.68 17.61 -3.19
C ILE C 153 22.55 18.68 -2.55
N GLN C 154 23.26 19.43 -3.37
CA GLN C 154 23.95 20.65 -2.92
C GLN C 154 22.92 21.77 -2.92
N VAL C 155 22.50 22.19 -1.73
CA VAL C 155 21.37 23.10 -1.61
C VAL C 155 21.76 24.56 -1.55
N THR C 156 23.06 24.88 -1.54
CA THR C 156 23.50 26.23 -1.22
C THR C 156 22.98 27.26 -2.21
N TYR C 157 23.04 26.97 -3.50
CA TYR C 157 22.67 27.91 -4.56
C TYR C 157 21.32 27.60 -5.19
N PHE C 158 20.51 26.76 -4.55
CA PHE C 158 19.17 26.48 -5.04
C PHE C 158 18.36 27.77 -5.10
N PRO C 159 17.58 28.02 -6.17
CA PRO C 159 17.33 27.22 -7.39
C PRO C 159 18.34 27.51 -8.51
N PHE C 160 19.33 28.36 -8.29
CA PHE C 160 20.35 28.64 -9.30
C PHE C 160 21.54 27.71 -9.15
N ASP C 161 21.26 26.42 -9.10
CA ASP C 161 22.21 25.39 -8.70
C ASP C 161 22.44 24.41 -9.84
N TRP C 162 23.55 23.68 -9.73
CA TRP C 162 23.82 22.50 -10.53
C TRP C 162 24.10 21.35 -9.59
N GLN C 163 23.73 20.15 -10.03
CA GLN C 163 23.86 18.93 -9.20
C GLN C 163 24.81 17.95 -9.86
N ASN C 164 25.32 16.98 -9.10
CA ASN C 164 26.28 15.96 -9.60
C ASN C 164 25.67 14.62 -9.18
N CYS C 165 24.76 14.07 -9.98
CA CYS C 165 24.03 12.82 -9.65
C CYS C 165 24.65 11.63 -10.38
N THR C 166 25.12 10.62 -9.66
CA THR C 166 25.83 9.47 -10.21
C THR C 166 24.95 8.24 -10.20
N MET C 167 25.26 7.31 -11.10
CA MET C 167 24.62 5.99 -11.16
C MET C 167 25.74 4.96 -11.08
N VAL C 168 25.90 4.36 -9.90
CA VAL C 168 26.98 3.40 -9.64
C VAL C 168 26.50 2.02 -10.05
N PHE C 169 27.18 1.42 -11.03
CA PHE C 169 26.84 0.11 -11.56
C PHE C 169 27.99 -0.85 -11.28
N SER C 170 27.66 -2.01 -10.74
CA SER C 170 28.67 -3.02 -10.42
C SER C 170 27.98 -4.36 -10.22
N SER C 171 28.77 -5.41 -10.29
CA SER C 171 28.26 -6.73 -9.97
C SER C 171 28.02 -6.82 -8.46
N TYR C 172 26.87 -7.37 -8.08
CA TYR C 172 26.54 -7.44 -6.66
C TYR C 172 27.30 -8.55 -5.95
N SER C 173 27.58 -9.65 -6.64
CA SER C 173 28.18 -10.84 -6.04
C SER C 173 29.61 -11.08 -6.48
N TYR C 174 29.88 -11.14 -7.78
CA TYR C 174 31.19 -11.53 -8.25
C TYR C 174 32.24 -10.47 -7.90
N ASP C 175 33.40 -10.94 -7.47
CA ASP C 175 34.51 -10.07 -7.13
C ASP C 175 35.30 -9.73 -8.39
N SER C 176 36.31 -8.87 -8.24
CA SER C 176 37.12 -8.47 -9.38
C SER C 176 37.90 -9.64 -9.98
N SER C 177 38.15 -10.70 -9.21
CA SER C 177 38.85 -11.85 -9.72
C SER C 177 37.98 -12.78 -10.56
N GLU C 178 36.66 -12.55 -10.60
CA GLU C 178 35.73 -13.37 -11.35
C GLU C 178 35.11 -12.63 -12.53
N VAL C 179 34.65 -11.40 -12.32
CA VAL C 179 34.05 -10.56 -13.35
C VAL C 179 34.77 -9.22 -13.33
N SER C 180 35.35 -8.84 -14.47
CA SER C 180 36.03 -7.57 -14.62
C SER C 180 35.18 -6.63 -15.46
N LEU C 181 35.11 -5.37 -15.04
CA LEU C 181 34.29 -4.36 -15.69
C LEU C 181 35.14 -3.40 -16.50
N GLN C 182 34.58 -2.93 -17.60
CA GLN C 182 35.17 -1.88 -18.41
C GLN C 182 34.06 -1.01 -18.97
N THR C 183 34.40 0.24 -19.30
CA THR C 183 33.42 1.13 -19.88
C THR C 183 33.09 0.69 -21.31
N GLY C 184 31.80 0.74 -21.65
CA GLY C 184 31.36 0.30 -22.95
C GLY C 184 31.67 1.32 -24.03
N LEU C 185 32.09 0.82 -25.19
CA LEU C 185 32.41 1.68 -26.32
C LEU C 185 32.41 0.84 -27.58
N GLY C 186 32.22 1.51 -28.72
CA GLY C 186 32.21 0.84 -30.01
C GLY C 186 31.95 1.79 -31.16
N GLY C 191 36.72 5.03 -27.85
CA GLY C 191 37.09 5.86 -26.71
C GLY C 191 36.02 6.86 -26.33
N HIS C 192 34.77 6.39 -26.30
CA HIS C 192 33.60 7.21 -25.96
C HIS C 192 33.14 6.79 -24.56
N GLN C 193 33.69 7.47 -23.55
CA GLN C 193 33.36 7.20 -22.15
C GLN C 193 32.31 8.21 -21.70
N GLU C 194 31.07 7.98 -22.14
CA GLU C 194 29.99 8.91 -21.88
C GLU C 194 28.67 8.15 -21.87
N ILE C 195 27.66 8.76 -21.25
CA ILE C 195 26.29 8.30 -21.40
C ILE C 195 25.82 8.66 -22.80
N HIS C 196 25.26 7.69 -23.51
CA HIS C 196 24.79 7.94 -24.86
C HIS C 196 23.38 8.53 -24.83
N ILE C 197 23.22 9.71 -25.42
CA ILE C 197 21.93 10.37 -25.57
C ILE C 197 21.67 10.50 -27.07
N HIS C 198 20.64 9.81 -27.55
CA HIS C 198 20.24 9.89 -28.95
C HIS C 198 19.44 11.18 -29.15
N GLU C 199 19.97 12.08 -29.96
CA GLU C 199 19.44 13.44 -30.03
C GLU C 199 18.01 13.46 -30.55
N GLY C 200 17.70 12.61 -31.53
CA GLY C 200 16.37 12.63 -32.11
C GLY C 200 15.28 12.23 -31.12
N THR C 201 15.52 11.15 -30.37
CA THR C 201 14.49 10.53 -29.54
C THR C 201 14.62 10.84 -28.06
N PHE C 202 15.51 11.74 -27.66
CA PHE C 202 15.71 12.02 -26.25
C PHE C 202 14.60 12.93 -25.73
N ILE C 203 13.97 12.51 -24.63
CA ILE C 203 12.92 13.30 -23.98
C ILE C 203 13.61 14.31 -23.09
N GLU C 204 13.74 15.55 -23.57
CA GLU C 204 14.45 16.57 -22.83
C GLU C 204 13.64 17.00 -21.61
N ASN C 205 14.33 17.17 -20.48
CA ASN C 205 13.69 17.60 -19.25
C ASN C 205 13.50 19.11 -19.25
N GLY C 206 12.32 19.56 -18.81
CA GLY C 206 11.99 20.97 -18.82
C GLY C 206 12.59 21.79 -17.70
N GLN C 207 13.17 21.14 -16.68
CA GLN C 207 13.76 21.83 -15.54
C GLN C 207 15.27 21.69 -15.44
N TRP C 208 15.88 20.75 -16.17
CA TRP C 208 17.28 20.41 -16.01
C TRP C 208 17.97 20.36 -17.36
N GLU C 209 19.13 21.00 -17.46
CA GLU C 209 20.00 20.96 -18.62
C GLU C 209 21.21 20.10 -18.30
N ILE C 210 21.52 19.16 -19.19
CA ILE C 210 22.66 18.27 -19.00
C ILE C 210 23.92 18.97 -19.47
N ILE C 211 24.86 19.17 -18.54
CA ILE C 211 26.12 19.84 -18.86
C ILE C 211 27.19 18.84 -19.26
N HIS C 212 27.42 17.83 -18.43
CA HIS C 212 28.39 16.78 -18.69
C HIS C 212 27.73 15.43 -18.43
N LYS C 213 28.23 14.41 -19.12
CA LYS C 213 27.71 13.06 -18.95
C LYS C 213 28.79 12.01 -19.13
N PRO C 214 29.86 12.04 -18.33
CA PRO C 214 30.96 11.07 -18.51
C PRO C 214 30.65 9.73 -17.84
N SER C 215 31.54 8.78 -18.10
CA SER C 215 31.52 7.48 -17.44
C SER C 215 32.95 7.08 -17.11
N ARG C 216 33.14 6.49 -15.93
CA ARG C 216 34.46 6.14 -15.44
C ARG C 216 34.44 4.75 -14.82
N LEU C 217 35.55 4.03 -14.98
CA LEU C 217 35.77 2.76 -14.31
C LEU C 217 36.56 3.03 -13.03
N ILE C 218 36.03 2.58 -11.90
CA ILE C 218 36.62 2.81 -10.59
C ILE C 218 37.22 1.50 -10.11
N GLN C 219 38.53 1.48 -9.95
CA GLN C 219 39.21 0.29 -9.46
C GLN C 219 39.05 0.20 -7.94
N PRO C 220 39.18 -1.00 -7.37
CA PRO C 220 39.16 -1.11 -5.91
C PRO C 220 40.39 -0.44 -5.31
N PRO C 221 40.32 0.00 -4.05
CA PRO C 221 41.47 0.72 -3.47
C PRO C 221 42.65 -0.23 -3.26
N GLY C 222 43.76 0.06 -3.94
CA GLY C 222 44.96 -0.75 -3.83
C GLY C 222 44.92 -1.97 -4.72
N GLU C 229 38.82 -12.38 -2.07
CA GLU C 229 39.25 -10.99 -1.99
C GLU C 229 38.07 -10.09 -1.62
N GLY C 230 36.97 -10.21 -2.36
CA GLY C 230 35.81 -9.38 -2.15
C GLY C 230 35.88 -8.00 -2.78
N GLN C 231 36.99 -7.66 -3.44
CA GLN C 231 37.12 -6.36 -4.07
C GLN C 231 36.37 -6.34 -5.39
N ARG C 232 35.73 -5.20 -5.67
CA ARG C 232 34.85 -5.06 -6.83
C ARG C 232 35.10 -3.74 -7.54
N GLN C 233 35.20 -3.80 -8.86
CA GLN C 233 35.24 -2.58 -9.66
C GLN C 233 33.83 -2.00 -9.78
N GLU C 234 33.78 -0.74 -10.20
CA GLU C 234 32.52 -0.03 -10.43
C GLU C 234 32.63 0.74 -11.73
N VAL C 235 31.54 0.80 -12.47
CA VAL C 235 31.38 1.69 -13.61
C VAL C 235 30.34 2.72 -13.20
N ILE C 236 30.77 3.96 -13.04
CA ILE C 236 29.93 5.05 -12.56
C ILE C 236 29.62 5.95 -13.74
N PHE C 237 28.34 6.26 -13.91
CA PHE C 237 27.87 7.22 -14.91
C PHE C 237 27.45 8.47 -14.17
N TYR C 238 28.07 9.59 -14.52
CA TYR C 238 27.86 10.86 -13.85
C TYR C 238 26.97 11.74 -14.71
N LEU C 239 26.00 12.39 -14.07
CA LEU C 239 25.11 13.35 -14.72
C LEU C 239 25.25 14.67 -13.98
N ILE C 240 26.00 15.60 -14.57
CA ILE C 240 26.13 16.96 -14.05
C ILE C 240 25.07 17.80 -14.75
N ILE C 241 24.05 18.20 -14.01
CA ILE C 241 22.85 18.82 -14.55
C ILE C 241 22.64 20.17 -13.88
N ARG C 242 22.25 21.16 -14.67
CA ARG C 242 22.00 22.51 -14.19
C ARG C 242 20.50 22.80 -14.24
N ARG C 243 19.98 23.34 -13.15
CA ARG C 243 18.57 23.72 -13.10
C ARG C 243 18.32 24.96 -13.95
N LYS C 244 17.11 25.04 -14.51
CA LYS C 244 16.67 26.17 -15.29
C LYS C 244 15.64 26.97 -14.48
N PRO C 245 16.01 28.11 -13.87
CA PRO C 245 15.23 28.64 -12.74
C PRO C 245 14.10 29.62 -13.08
N LEU C 246 13.63 29.64 -14.34
CA LEU C 246 12.65 30.64 -14.77
C LEU C 246 11.41 30.65 -13.86
N PHE C 247 10.97 29.47 -13.41
CA PHE C 247 9.79 29.39 -12.56
C PHE C 247 9.98 30.18 -11.28
N TYR C 248 11.14 30.01 -10.63
CA TYR C 248 11.38 30.70 -9.36
C TYR C 248 11.62 32.18 -9.58
N LEU C 249 12.20 32.56 -10.71
CA LEU C 249 12.32 33.97 -11.03
C LEU C 249 10.96 34.63 -11.16
N VAL C 250 10.03 33.97 -11.85
CA VAL C 250 8.71 34.56 -12.07
C VAL C 250 7.90 34.56 -10.77
N ASN C 251 7.97 33.49 -10.00
CA ASN C 251 7.03 33.26 -8.91
C ASN C 251 7.54 33.69 -7.53
N VAL C 252 8.85 33.93 -7.37
CA VAL C 252 9.42 34.24 -6.07
C VAL C 252 10.22 35.54 -6.13
N ILE C 253 11.20 35.59 -7.05
CA ILE C 253 12.18 36.68 -7.02
C ILE C 253 11.52 38.01 -7.38
N ALA C 254 10.75 38.04 -8.46
CA ALA C 254 10.13 39.30 -8.90
C ALA C 254 9.14 39.84 -7.88
N PRO C 255 8.22 39.05 -7.31
CA PRO C 255 7.38 39.59 -6.22
C PRO C 255 8.18 40.09 -5.04
N CYS C 256 9.28 39.42 -4.69
CA CYS C 256 10.10 39.90 -3.59
C CYS C 256 10.73 41.25 -3.92
N ILE C 257 11.17 41.43 -5.16
CA ILE C 257 11.72 42.73 -5.58
C ILE C 257 10.64 43.80 -5.48
N LEU C 258 9.42 43.50 -5.95
CA LEU C 258 8.34 44.49 -5.88
C LEU C 258 8.01 44.85 -4.44
N ILE C 259 7.97 43.84 -3.56
CA ILE C 259 7.68 44.08 -2.15
C ILE C 259 8.78 44.94 -1.53
N THR C 260 10.04 44.69 -1.90
CA THR C 260 11.13 45.50 -1.39
C THR C 260 11.01 46.94 -1.86
N LEU C 261 10.62 47.15 -3.12
CA LEU C 261 10.42 48.50 -3.61
C LEU C 261 9.33 49.22 -2.83
N LEU C 262 8.23 48.52 -2.55
CA LEU C 262 7.17 49.15 -1.74
C LEU C 262 7.66 49.47 -0.33
N ALA C 263 8.45 48.57 0.25
CA ALA C 263 9.00 48.83 1.58
C ALA C 263 9.89 50.06 1.57
N ILE C 264 10.65 50.26 0.49
CA ILE C 264 11.42 51.50 0.36
C ILE C 264 10.48 52.69 0.29
N PHE C 265 9.43 52.59 -0.52
CA PHE C 265 8.55 53.73 -0.75
C PHE C 265 7.67 54.06 0.45
N VAL C 266 7.64 53.20 1.47
CA VAL C 266 6.93 53.57 2.70
C VAL C 266 7.45 54.88 3.25
N PHE C 267 8.77 55.08 3.21
CA PHE C 267 9.37 56.25 3.85
C PHE C 267 9.04 57.56 3.14
N TYR C 268 8.53 57.53 1.91
CA TYR C 268 8.02 58.72 1.26
C TYR C 268 6.56 59.00 1.59
N LEU C 269 5.89 58.08 2.27
CA LEU C 269 4.49 58.28 2.63
C LEU C 269 4.40 59.24 3.81
N PRO C 270 3.58 60.31 3.75
CA PRO C 270 3.57 61.28 4.83
C PRO C 270 3.00 60.68 6.09
N PRO C 271 3.48 61.10 7.28
CA PRO C 271 2.88 60.58 8.53
C PRO C 271 1.40 60.93 8.68
N ASP C 272 0.97 62.09 8.18
CA ASP C 272 -0.41 62.52 8.39
C ASP C 272 -1.42 61.64 7.66
N ALA C 273 -0.98 60.86 6.67
CA ALA C 273 -1.90 59.98 5.96
C ALA C 273 -2.35 58.80 6.81
N GLY C 274 -1.60 58.44 7.85
CA GLY C 274 -1.97 57.31 8.69
C GLY C 274 -2.03 56.00 7.94
N GLU C 275 -1.03 55.73 7.09
CA GLU C 275 -1.04 54.55 6.24
C GLU C 275 0.31 53.83 6.17
N LYS C 276 1.34 54.31 6.86
CA LYS C 276 2.65 53.65 6.80
C LYS C 276 2.58 52.22 7.34
N MET C 277 1.94 52.05 8.50
CA MET C 277 1.92 50.75 9.16
C MET C 277 1.20 49.72 8.31
N GLY C 278 0.06 50.09 7.72
CA GLY C 278 -0.67 49.14 6.91
C GLY C 278 0.14 48.65 5.73
N LEU C 279 0.79 49.56 5.03
CA LEU C 279 1.59 49.19 3.86
C LEU C 279 2.75 48.28 4.27
N SER C 280 3.51 48.68 5.29
CA SER C 280 4.68 47.89 5.69
C SER C 280 4.27 46.51 6.18
N ILE C 281 3.23 46.43 7.00
CA ILE C 281 2.89 45.16 7.60
C ILE C 281 2.19 44.24 6.60
N PHE C 282 1.45 44.80 5.64
CA PHE C 282 0.89 43.94 4.61
C PHE C 282 1.96 43.46 3.63
N ALA C 283 3.03 44.26 3.44
CA ALA C 283 4.19 43.74 2.73
C ALA C 283 4.79 42.54 3.46
N LEU C 284 4.89 42.64 4.79
CA LEU C 284 5.38 41.50 5.57
C LEU C 284 4.46 40.30 5.43
N LEU C 285 3.15 40.53 5.44
CA LEU C 285 2.18 39.44 5.29
C LEU C 285 2.31 38.77 3.92
N THR C 286 2.51 39.56 2.86
CA THR C 286 2.72 39.00 1.53
C THR C 286 3.99 38.15 1.50
N LEU C 287 5.05 38.63 2.17
CA LEU C 287 6.27 37.83 2.24
C LEU C 287 6.03 36.52 2.98
N THR C 288 5.17 36.54 4.01
CA THR C 288 4.82 35.31 4.71
C THR C 288 4.10 34.35 3.76
N VAL C 289 3.21 34.88 2.92
CA VAL C 289 2.54 34.04 1.93
C VAL C 289 3.56 33.41 0.99
N PHE C 290 4.59 34.17 0.61
CA PHE C 290 5.60 33.61 -0.29
C PHE C 290 6.48 32.58 0.42
N LEU C 291 6.71 32.76 1.72
CA LEU C 291 7.39 31.72 2.48
C LEU C 291 6.58 30.44 2.49
N LEU C 292 5.26 30.56 2.62
CA LEU C 292 4.39 29.39 2.47
C LEU C 292 4.52 28.79 1.08
N LEU C 293 4.66 29.63 0.05
CA LEU C 293 4.83 29.13 -1.30
C LEU C 293 6.11 28.30 -1.42
N LEU C 294 7.21 28.77 -0.83
CA LEU C 294 8.48 28.08 -0.98
C LEU C 294 8.59 26.80 -0.14
N ALA C 295 7.70 26.60 0.83
CA ALA C 295 7.84 25.47 1.75
C ALA C 295 7.70 24.14 1.03
N ASP C 296 6.95 24.10 -0.07
CA ASP C 296 6.72 22.86 -0.80
C ASP C 296 7.80 22.55 -1.82
N LYS C 297 8.78 23.43 -2.00
CA LYS C 297 9.76 23.35 -3.08
C LYS C 297 11.19 23.16 -2.61
N VAL C 298 11.58 23.78 -1.50
CA VAL C 298 13.00 23.84 -1.11
C VAL C 298 13.43 22.50 -0.53
N PRO C 299 14.71 22.14 -0.61
CA PRO C 299 15.16 20.90 0.04
C PRO C 299 15.09 21.00 1.56
N GLU C 300 15.00 19.84 2.20
CA GLU C 300 14.80 19.74 3.65
C GLU C 300 16.10 19.55 4.43
N THR C 301 17.25 19.49 3.77
CA THR C 301 18.50 19.20 4.47
C THR C 301 19.00 20.42 5.23
N SER C 302 19.97 20.19 6.12
CA SER C 302 20.46 21.21 7.05
C SER C 302 21.97 21.43 6.94
N LEU C 303 22.60 20.95 5.87
CA LEU C 303 24.03 21.21 5.70
C LEU C 303 24.31 22.64 5.27
N SER C 304 23.34 23.30 4.64
CA SER C 304 23.51 24.69 4.23
C SER C 304 22.12 25.28 3.99
N VAL C 305 22.11 26.59 3.76
CA VAL C 305 20.88 27.35 3.53
C VAL C 305 20.81 27.70 2.05
N PRO C 306 19.69 27.44 1.36
CA PRO C 306 19.57 27.92 -0.02
C PRO C 306 19.65 29.43 -0.11
N ILE C 307 20.23 29.91 -1.21
CA ILE C 307 20.41 31.34 -1.39
C ILE C 307 19.07 32.04 -1.57
N ILE C 308 18.07 31.35 -2.12
CA ILE C 308 16.74 31.94 -2.22
C ILE C 308 16.13 32.11 -0.83
N ILE C 309 16.39 31.16 0.07
CA ILE C 309 15.96 31.33 1.45
C ILE C 309 16.68 32.49 2.10
N LYS C 310 17.97 32.65 1.82
CA LYS C 310 18.71 33.79 2.35
C LYS C 310 18.11 35.10 1.84
N TYR C 311 17.75 35.15 0.57
CA TYR C 311 17.13 36.35 0.01
C TYR C 311 15.78 36.62 0.65
N LEU C 312 14.98 35.56 0.87
CA LEU C 312 13.68 35.74 1.50
C LEU C 312 13.80 36.28 2.92
N MET C 313 14.73 35.71 3.70
CA MET C 313 14.92 36.21 5.06
C MET C 313 15.51 37.61 5.07
N PHE C 314 16.38 37.93 4.11
CA PHE C 314 16.89 39.29 4.00
C PHE C 314 15.75 40.28 3.72
N THR C 315 14.84 39.91 2.83
CA THR C 315 13.69 40.76 2.54
C THR C 315 12.78 40.89 3.76
N MET C 316 12.58 39.80 4.49
CA MET C 316 11.77 39.84 5.70
C MET C 316 12.38 40.78 6.74
N VAL C 317 13.70 40.70 6.91
CA VAL C 317 14.38 41.58 7.86
C VAL C 317 14.29 43.04 7.39
N LEU C 318 14.40 43.27 6.08
CA LEU C 318 14.28 44.63 5.56
C LEU C 318 12.89 45.20 5.85
N VAL C 319 11.85 44.41 5.61
CA VAL C 319 10.49 44.90 5.86
C VAL C 319 10.25 45.09 7.35
N THR C 320 10.81 44.21 8.19
CA THR C 320 10.69 44.39 9.64
C THR C 320 11.34 45.68 10.09
N PHE C 321 12.54 45.98 9.57
CA PHE C 321 13.21 47.23 9.92
C PHE C 321 12.45 48.43 9.38
N SER C 322 11.81 48.29 8.22
CA SER C 322 10.97 49.37 7.71
C SER C 322 9.79 49.62 8.65
N VAL C 323 9.19 48.55 9.18
CA VAL C 323 8.11 48.69 10.15
C VAL C 323 8.62 49.41 11.40
N ILE C 324 9.76 48.97 11.92
CA ILE C 324 10.29 49.53 13.17
C ILE C 324 10.61 51.01 13.00
N LEU C 325 11.24 51.36 11.89
CA LEU C 325 11.65 52.74 11.71
C LEU C 325 10.48 53.63 11.29
N SER C 326 9.44 53.06 10.66
CA SER C 326 8.21 53.80 10.48
C SER C 326 7.55 54.10 11.82
N VAL C 327 7.60 53.16 12.76
CA VAL C 327 7.11 53.43 14.11
C VAL C 327 7.92 54.54 14.75
N VAL C 328 9.24 54.53 14.57
CA VAL C 328 10.08 55.59 15.11
C VAL C 328 9.69 56.95 14.52
N VAL C 329 9.49 57.00 13.20
CA VAL C 329 9.13 58.25 12.55
C VAL C 329 7.77 58.74 13.03
N LEU C 330 6.81 57.83 13.19
CA LEU C 330 5.50 58.23 13.67
C LEU C 330 5.55 58.69 15.11
N ASN C 331 6.40 58.06 15.93
CA ASN C 331 6.58 58.52 17.30
C ASN C 331 7.14 59.93 17.34
N LEU C 332 8.11 60.22 16.48
CA LEU C 332 8.63 61.59 16.40
C LEU C 332 7.56 62.56 15.90
N HIS C 333 6.76 62.15 14.92
CA HIS C 333 5.81 63.05 14.29
C HIS C 333 4.68 63.43 15.26
N HIS C 334 4.09 62.44 15.92
CA HIS C 334 2.95 62.65 16.81
C HIS C 334 3.37 63.03 18.22
N ARG C 335 4.61 63.46 18.41
CA ARG C 335 5.10 63.78 19.74
C ARG C 335 4.39 65.01 20.28
N SER C 336 3.81 64.90 21.47
CA SER C 336 3.05 66.01 22.04
C SER C 336 4.01 67.12 22.45
N PRO C 337 3.85 68.36 21.95
CA PRO C 337 4.85 69.40 22.27
C PRO C 337 4.97 69.74 23.74
N HIS C 338 3.87 69.73 24.50
CA HIS C 338 3.93 70.21 25.88
C HIS C 338 4.43 69.15 26.86
N THR C 339 4.40 67.87 26.49
CA THR C 339 4.93 66.81 27.33
C THR C 339 6.40 66.53 27.05
N HIS C 340 6.90 66.92 25.89
CA HIS C 340 8.30 66.73 25.51
C HIS C 340 8.97 68.08 25.29
N GLN C 341 10.17 68.23 25.85
CA GLN C 341 11.06 69.34 25.52
C GLN C 341 12.11 68.80 24.58
N MET C 342 12.22 69.39 23.40
CA MET C 342 13.19 68.92 22.43
C MET C 342 14.59 69.19 22.95
N PRO C 343 15.48 68.20 23.07
CA PRO C 343 16.86 68.51 23.48
C PRO C 343 17.55 69.36 22.43
N LEU C 344 18.53 70.15 22.90
CA LEU C 344 19.23 71.07 22.00
C LEU C 344 20.02 70.32 20.93
N TRP C 345 20.60 69.16 21.28
CA TRP C 345 21.35 68.41 20.29
C TRP C 345 20.44 67.88 19.19
N VAL C 346 19.20 67.50 19.54
CA VAL C 346 18.24 67.10 18.53
C VAL C 346 17.96 68.26 17.58
N ARG C 347 17.73 69.45 18.13
CA ARG C 347 17.54 70.64 17.31
C ARG C 347 18.70 70.85 16.35
N GLN C 348 19.92 70.85 16.89
CA GLN C 348 21.11 71.09 16.07
C GLN C 348 21.20 70.07 14.94
N ILE C 349 21.30 68.79 15.29
CA ILE C 349 21.59 67.76 14.30
C ILE C 349 20.47 67.67 13.27
N PHE C 350 19.21 67.67 13.73
CA PHE C 350 18.09 67.33 12.85
C PHE C 350 17.35 68.54 12.29
N ILE C 351 17.79 69.78 12.56
CA ILE C 351 17.15 70.95 11.97
C ILE C 351 18.20 71.84 11.29
N HIS C 352 19.46 71.78 11.74
CA HIS C 352 20.49 72.66 11.20
C HIS C 352 21.54 71.95 10.37
N LYS C 353 22.01 70.77 10.79
CA LYS C 353 23.10 70.09 10.10
C LYS C 353 22.60 69.16 8.99
N LEU C 354 21.78 68.17 9.37
CA LEU C 354 21.35 67.16 8.41
C LEU C 354 20.53 67.70 7.24
N PRO C 355 19.58 68.64 7.42
CA PRO C 355 18.75 69.06 6.28
C PRO C 355 19.51 69.61 5.10
N LEU C 356 20.63 70.31 5.32
CA LEU C 356 21.45 70.75 4.19
C LEU C 356 22.01 69.56 3.43
N TYR C 357 22.45 68.54 4.15
CA TYR C 357 23.09 67.39 3.51
C TYR C 357 22.07 66.49 2.83
N LEU C 358 20.83 66.47 3.32
CA LEU C 358 19.75 65.70 2.70
C LEU C 358 18.94 66.52 1.70
N ARG C 359 19.31 67.79 1.46
CA ARG C 359 18.60 68.65 0.52
C ARG C 359 17.13 68.81 0.90
N LEU C 360 16.90 69.25 2.14
CA LEU C 360 15.57 69.56 2.67
C LEU C 360 15.56 71.02 3.08
N LYS C 361 14.91 71.86 2.28
CA LYS C 361 14.87 73.30 2.52
C LYS C 361 13.62 73.63 3.33
N ARG C 362 13.81 73.98 4.59
CA ARG C 362 12.69 74.40 5.42
C ARG C 362 12.32 75.84 5.07
N PRO C 363 11.10 76.11 4.60
CA PRO C 363 10.74 77.51 4.31
C PRO C 363 10.63 78.31 5.60
N LYS C 364 11.41 79.39 5.69
CA LYS C 364 11.46 80.26 6.87
C LYS C 364 11.82 79.45 8.11
N LEU C 430 -16.76 101.53 34.62
CA LEU C 430 -16.79 101.05 33.25
C LEU C 430 -16.63 99.54 33.19
N PRO C 431 -17.58 98.80 33.77
CA PRO C 431 -17.47 97.33 33.76
C PRO C 431 -17.49 96.74 32.36
N GLU C 432 -18.25 97.33 31.43
CA GLU C 432 -18.37 96.75 30.10
C GLU C 432 -17.05 96.80 29.34
N LEU C 433 -16.41 97.97 29.33
CA LEU C 433 -15.14 98.10 28.61
C LEU C 433 -14.05 97.25 29.26
N ARG C 434 -14.04 97.18 30.60
CA ARG C 434 -13.06 96.35 31.28
C ARG C 434 -13.26 94.87 30.94
N GLU C 435 -14.51 94.43 30.91
CA GLU C 435 -14.78 93.04 30.54
C GLU C 435 -14.42 92.77 29.08
N VAL C 436 -14.63 93.75 28.20
CA VAL C 436 -14.22 93.62 26.80
C VAL C 436 -12.72 93.45 26.72
N VAL C 437 -11.98 94.30 27.44
CA VAL C 437 -10.52 94.21 27.44
C VAL C 437 -10.07 92.85 27.97
N SER C 438 -10.69 92.39 29.05
CA SER C 438 -10.33 91.10 29.62
C SER C 438 -10.58 89.96 28.63
N SER C 439 -11.75 89.96 27.99
CA SER C 439 -12.08 88.88 27.07
C SER C 439 -11.17 88.90 25.85
N ILE C 440 -10.93 90.07 25.27
CA ILE C 440 -10.08 90.17 24.09
C ILE C 440 -8.65 89.77 24.43
N SER C 441 -8.13 90.24 25.57
CA SER C 441 -6.79 89.87 25.97
C SER C 441 -6.67 88.38 26.22
N TYR C 442 -7.69 87.78 26.83
CA TYR C 442 -7.67 86.34 27.06
C TYR C 442 -7.67 85.57 25.75
N ILE C 443 -8.49 86.00 24.80
CA ILE C 443 -8.54 85.32 23.51
C ILE C 443 -7.20 85.44 22.79
N ALA C 444 -6.61 86.64 22.81
CA ALA C 444 -5.32 86.85 22.17
C ALA C 444 -4.23 86.02 22.82
N ARG C 445 -4.24 85.94 24.15
CA ARG C 445 -3.25 85.13 24.87
C ARG C 445 -3.41 83.66 24.54
N GLN C 446 -4.66 83.17 24.46
CA GLN C 446 -4.89 81.79 24.11
C GLN C 446 -4.40 81.49 22.69
N LEU C 447 -4.64 82.43 21.76
CA LEU C 447 -4.19 82.22 20.39
C LEU C 447 -2.66 82.28 20.29
N GLN C 448 -2.02 83.13 21.10
CA GLN C 448 -0.56 83.16 21.12
C GLN C 448 0.00 81.85 21.66
N GLU C 449 -0.62 81.31 22.71
CA GLU C 449 -0.21 80.01 23.23
C GLU C 449 -0.42 78.92 22.18
N GLN C 450 -1.52 79.00 21.44
CA GLN C 450 -1.76 78.05 20.34
C GLN C 450 -0.67 78.17 19.29
N GLU C 451 -0.25 79.40 18.97
CA GLU C 451 0.80 79.59 17.98
C GLU C 451 2.13 78.99 18.45
N ASP C 452 2.47 79.20 19.71
CA ASP C 452 3.70 78.61 20.25
C ASP C 452 3.64 77.09 20.23
N HIS C 453 2.49 76.54 20.62
CA HIS C 453 2.29 75.09 20.56
C HIS C 453 2.45 74.58 19.14
N ASP C 454 1.88 75.30 18.17
CA ASP C 454 2.00 74.90 16.77
C ASP C 454 3.44 74.97 16.29
N ALA C 455 4.20 75.97 16.76
CA ALA C 455 5.60 76.08 16.36
C ALA C 455 6.41 74.90 16.87
N LEU C 456 6.22 74.53 18.14
CA LEU C 456 6.92 73.35 18.67
C LEU C 456 6.48 72.08 17.95
N LYS C 457 5.19 71.96 17.66
CA LYS C 457 4.70 70.79 16.92
C LYS C 457 5.33 70.72 15.53
N GLU C 458 5.46 71.87 14.86
CA GLU C 458 6.08 71.90 13.55
C GLU C 458 7.55 71.53 13.63
N ASP C 459 8.24 71.94 14.70
CA ASP C 459 9.63 71.53 14.88
C ASP C 459 9.73 70.01 15.01
N TRP C 460 8.86 69.41 15.82
CA TRP C 460 8.85 67.96 15.95
C TRP C 460 8.56 67.28 14.61
N GLN C 461 7.59 67.81 13.86
CA GLN C 461 7.21 67.22 12.59
C GLN C 461 8.34 67.34 11.57
N PHE C 462 9.07 68.46 11.60
CA PHE C 462 10.21 68.62 10.69
C PHE C 462 11.33 67.65 11.05
N VAL C 463 11.56 67.43 12.35
CA VAL C 463 12.53 66.42 12.75
C VAL C 463 12.11 65.05 12.24
N ALA C 464 10.81 64.74 12.35
CA ALA C 464 10.31 63.46 11.85
C ALA C 464 10.51 63.35 10.35
N MET C 465 10.27 64.42 9.61
CA MET C 465 10.44 64.40 8.15
C MET C 465 11.90 64.18 7.77
N VAL C 466 12.81 64.88 8.46
CA VAL C 466 14.24 64.72 8.17
C VAL C 466 14.69 63.30 8.47
N VAL C 467 14.24 62.75 9.60
CA VAL C 467 14.59 61.38 9.96
C VAL C 467 14.01 60.40 8.95
N ASP C 468 12.81 60.68 8.44
CA ASP C 468 12.21 59.83 7.42
C ASP C 468 13.03 59.84 6.14
N ARG C 469 13.49 61.01 5.72
CA ARG C 469 14.32 61.08 4.51
C ARG C 469 15.65 60.35 4.70
N LEU C 470 16.26 60.50 5.88
CA LEU C 470 17.49 59.77 6.18
C LEU C 470 17.26 58.27 6.09
N PHE C 471 16.15 57.78 6.67
CA PHE C 471 15.86 56.36 6.60
C PHE C 471 15.56 55.92 5.18
N LEU C 472 14.92 56.78 4.37
CA LEU C 472 14.67 56.44 2.98
C LEU C 472 15.97 56.20 2.23
N TRP C 473 16.93 57.11 2.38
CA TRP C 473 18.21 56.95 1.69
C TRP C 473 18.98 55.75 2.23
N THR C 474 18.95 55.55 3.55
CA THR C 474 19.63 54.41 4.15
C THR C 474 19.05 53.10 3.63
N PHE C 475 17.72 53.02 3.50
CA PHE C 475 17.10 51.81 2.98
C PHE C 475 17.43 51.59 1.52
N ILE C 476 17.49 52.67 0.73
CA ILE C 476 17.90 52.52 -0.66
C ILE C 476 19.30 51.92 -0.73
N ILE C 477 20.23 52.43 0.07
CA ILE C 477 21.61 51.93 0.04
C ILE C 477 21.65 50.48 0.50
N PHE C 478 21.01 50.15 1.61
CA PHE C 478 21.06 48.79 2.20
C PHE C 478 20.36 47.77 1.29
N THR C 479 19.25 48.14 0.66
CA THR C 479 18.58 47.27 -0.31
C THR C 479 19.46 47.05 -1.54
N SER C 480 20.02 48.12 -2.08
CA SER C 480 20.84 47.99 -3.28
C SER C 480 22.03 47.10 -3.02
N VAL C 481 22.75 47.33 -1.91
CA VAL C 481 23.96 46.56 -1.63
C VAL C 481 23.62 45.08 -1.41
N GLY C 482 22.62 44.80 -0.57
CA GLY C 482 22.29 43.42 -0.28
C GLY C 482 21.76 42.68 -1.50
N THR C 483 20.87 43.32 -2.26
CA THR C 483 20.34 42.70 -3.46
C THR C 483 21.43 42.44 -4.48
N LEU C 484 22.35 43.40 -4.67
CA LEU C 484 23.44 43.19 -5.62
C LEU C 484 24.34 42.05 -5.17
N VAL C 485 24.65 41.97 -3.87
CA VAL C 485 25.51 40.91 -3.38
C VAL C 485 24.87 39.55 -3.63
N ILE C 486 23.60 39.40 -3.24
CA ILE C 486 22.93 38.11 -3.40
C ILE C 486 22.78 37.76 -4.88
N PHE C 487 22.39 38.73 -5.71
CA PHE C 487 22.13 38.45 -7.11
C PHE C 487 23.42 38.12 -7.86
N LEU C 488 24.53 38.80 -7.53
CA LEU C 488 25.81 38.47 -8.15
C LEU C 488 26.34 37.14 -7.66
N ASP C 489 26.08 36.79 -6.39
CA ASP C 489 26.46 35.46 -5.91
C ASP C 489 25.71 34.38 -6.66
N ALA C 490 24.41 34.59 -6.92
CA ALA C 490 23.64 33.62 -7.68
C ALA C 490 24.05 33.57 -9.15
N THR C 491 24.33 34.73 -9.74
CA THR C 491 24.56 34.80 -11.18
C THR C 491 25.87 34.13 -11.57
N TYR C 492 26.93 34.35 -10.79
CA TYR C 492 28.25 33.82 -11.10
C TYR C 492 28.50 32.43 -10.53
N HIS C 493 27.43 31.69 -10.20
CA HIS C 493 27.54 30.27 -9.85
C HIS C 493 27.24 29.47 -11.11
N LEU C 494 28.28 29.26 -11.92
CA LEU C 494 28.18 28.54 -13.17
C LEU C 494 28.54 27.07 -12.96
N PRO C 495 28.10 26.17 -13.84
CA PRO C 495 28.50 24.77 -13.71
C PRO C 495 29.97 24.60 -14.02
N PRO C 496 30.58 23.48 -13.63
CA PRO C 496 32.02 23.32 -13.83
C PRO C 496 32.34 23.14 -15.30
N PRO C 497 33.42 23.77 -15.82
CA PRO C 497 33.81 23.49 -17.21
C PRO C 497 34.22 22.05 -17.44
N ASP C 498 34.75 21.39 -16.41
CA ASP C 498 35.34 20.07 -16.49
C ASP C 498 34.62 19.15 -15.51
N PRO C 499 34.17 17.95 -15.91
CA PRO C 499 33.45 17.10 -14.94
C PRO C 499 34.27 16.67 -13.74
N PHE C 500 35.60 16.69 -13.81
CA PHE C 500 36.47 16.23 -12.74
C PHE C 500 37.52 17.29 -12.45
N PRO C 501 37.15 18.38 -11.79
CA PRO C 501 38.12 19.43 -11.50
C PRO C 501 39.19 18.99 -10.52
N SER C 502 40.37 19.59 -10.65
CA SER C 502 41.47 19.33 -9.72
C SER C 502 41.31 20.22 -8.48
N ARG C 503 41.39 19.59 -7.31
CA ARG C 503 41.20 20.29 -6.04
C ARG C 503 42.49 20.26 -5.21
N LEU D 22 -15.56 -32.07 -24.99
CA LEU D 22 -14.77 -31.56 -26.12
C LEU D 22 -13.91 -32.69 -26.63
N ASN D 23 -14.46 -33.88 -26.80
CA ASN D 23 -13.59 -34.88 -27.44
C ASN D 23 -12.86 -34.00 -28.48
N GLU D 24 -13.60 -33.24 -29.29
CA GLU D 24 -13.04 -32.46 -30.43
C GLU D 24 -12.03 -31.40 -30.00
N GLU D 25 -12.33 -30.45 -29.13
CA GLU D 25 -11.38 -29.35 -28.79
C GLU D 25 -10.16 -29.93 -28.06
N GLU D 26 -10.26 -31.11 -27.44
CA GLU D 26 -9.11 -31.63 -26.66
C GLU D 26 -8.25 -32.48 -27.59
N ARG D 27 -8.87 -33.01 -28.63
CA ARG D 27 -8.18 -33.85 -29.63
C ARG D 27 -7.39 -32.89 -30.52
N LEU D 28 -7.95 -31.71 -30.75
CA LEU D 28 -7.31 -30.72 -31.62
C LEU D 28 -6.10 -30.11 -30.95
N ILE D 29 -6.20 -29.78 -29.65
CA ILE D 29 -5.08 -29.18 -28.95
C ILE D 29 -3.96 -30.20 -28.77
N ARG D 30 -4.30 -31.47 -28.54
CA ARG D 30 -3.26 -32.50 -28.52
C ARG D 30 -2.55 -32.59 -29.87
N HIS D 31 -3.32 -32.52 -30.95
CA HIS D 31 -2.73 -32.61 -32.28
C HIS D 31 -1.81 -31.42 -32.54
N LEU D 32 -2.24 -30.22 -32.18
CA LEU D 32 -1.46 -29.02 -32.48
C LEU D 32 -0.19 -28.96 -31.65
N PHE D 33 -0.31 -29.17 -30.33
CA PHE D 33 0.77 -28.83 -29.41
C PHE D 33 1.60 -30.01 -28.95
N GLN D 34 1.01 -31.19 -28.80
CA GLN D 34 1.74 -32.38 -28.35
C GLN D 34 2.27 -33.20 -29.51
N GLU D 35 1.42 -33.52 -30.50
CA GLU D 35 1.85 -34.39 -31.58
C GLU D 35 2.87 -33.69 -32.48
N LYS D 36 2.58 -32.47 -32.90
CA LYS D 36 3.46 -31.73 -33.80
C LYS D 36 4.60 -31.02 -33.09
N GLY D 37 4.65 -31.03 -31.77
CA GLY D 37 5.75 -30.46 -31.04
C GLY D 37 5.90 -28.96 -31.23
N TYR D 38 4.80 -28.23 -31.05
CA TYR D 38 4.84 -26.77 -31.14
C TYR D 38 5.81 -26.19 -30.11
N ASN D 39 6.65 -25.27 -30.57
CA ASN D 39 7.64 -24.59 -29.74
C ASN D 39 7.34 -23.10 -29.76
N LYS D 40 6.84 -22.57 -28.65
CA LYS D 40 6.48 -21.16 -28.58
C LYS D 40 7.70 -20.24 -28.57
N GLU D 41 8.90 -20.77 -28.37
CA GLU D 41 10.10 -19.94 -28.41
C GLU D 41 10.46 -19.56 -29.84
N LEU D 42 10.20 -20.44 -30.80
CA LEU D 42 10.54 -20.17 -32.19
C LEU D 42 9.47 -19.33 -32.85
N ARG D 43 9.90 -18.39 -33.68
CA ARG D 43 8.96 -17.56 -34.42
C ARG D 43 8.24 -18.40 -35.48
N PRO D 44 7.02 -18.01 -35.89
CA PRO D 44 6.38 -18.72 -37.01
C PRO D 44 6.90 -18.29 -38.39
N VAL D 45 8.03 -18.88 -38.78
CA VAL D 45 8.66 -18.60 -40.06
C VAL D 45 9.28 -19.87 -40.59
N ALA D 46 9.25 -20.03 -41.92
CA ALA D 46 9.88 -21.20 -42.53
C ALA D 46 11.39 -21.13 -42.41
N HIS D 47 11.98 -19.96 -42.66
CA HIS D 47 13.40 -19.73 -42.51
C HIS D 47 13.63 -18.50 -41.64
N LYS D 48 14.82 -18.46 -41.02
CA LYS D 48 15.13 -17.40 -40.08
C LYS D 48 15.13 -16.02 -40.73
N GLU D 49 15.45 -15.94 -42.02
CA GLU D 49 15.56 -14.65 -42.69
C GLU D 49 14.21 -13.96 -42.83
N GLU D 50 13.10 -14.70 -42.79
CA GLU D 50 11.80 -14.07 -42.89
C GLU D 50 11.45 -13.32 -41.61
N SER D 51 10.51 -12.38 -41.74
CA SER D 51 9.95 -11.64 -40.61
C SER D 51 8.46 -11.92 -40.52
N VAL D 52 7.95 -11.88 -39.28
CA VAL D 52 6.54 -12.11 -39.01
C VAL D 52 5.81 -10.77 -39.09
N ASP D 53 4.74 -10.73 -39.89
CA ASP D 53 3.94 -9.52 -40.00
C ASP D 53 2.98 -9.45 -38.83
N VAL D 54 3.08 -8.39 -38.03
CA VAL D 54 2.23 -8.15 -36.88
C VAL D 54 1.44 -6.88 -37.14
N ALA D 55 0.11 -7.00 -37.19
CA ALA D 55 -0.78 -5.87 -37.40
C ALA D 55 -1.34 -5.41 -36.07
N LEU D 56 -1.22 -4.11 -35.80
CA LEU D 56 -1.60 -3.52 -34.51
C LEU D 56 -2.66 -2.46 -34.70
N ALA D 57 -3.62 -2.45 -33.78
CA ALA D 57 -4.60 -1.38 -33.65
C ALA D 57 -4.81 -1.10 -32.18
N LEU D 58 -5.20 0.14 -31.87
CA LEU D 58 -5.38 0.59 -30.50
C LEU D 58 -6.79 1.16 -30.35
N THR D 59 -7.53 0.65 -29.36
CA THR D 59 -8.84 1.16 -28.99
C THR D 59 -8.72 1.86 -27.65
N LEU D 60 -9.15 3.11 -27.59
CA LEU D 60 -9.08 3.91 -26.37
C LEU D 60 -10.35 3.68 -25.56
N SER D 61 -10.22 2.94 -24.46
CA SER D 61 -11.36 2.72 -23.58
C SER D 61 -11.74 4.01 -22.84
N ASN D 62 -10.74 4.69 -22.27
CA ASN D 62 -11.00 5.97 -21.62
C ASN D 62 -9.67 6.66 -21.33
N LEU D 63 -9.68 7.99 -21.44
CA LEU D 63 -8.54 8.82 -21.05
C LEU D 63 -8.68 9.13 -19.56
N ILE D 64 -7.80 8.53 -18.75
CA ILE D 64 -7.97 8.63 -17.30
C ILE D 64 -7.56 10.01 -16.81
N SER D 65 -6.34 10.42 -17.12
CA SER D 65 -5.86 11.71 -16.61
C SER D 65 -4.61 12.12 -17.38
N LEU D 66 -4.29 13.41 -17.24
CA LEU D 66 -3.01 13.97 -17.65
C LEU D 66 -2.51 14.79 -16.47
N LYS D 67 -1.51 14.28 -15.76
CA LYS D 67 -0.93 14.98 -14.61
C LYS D 67 0.10 15.99 -15.12
N GLU D 68 -0.23 17.27 -15.02
CA GLU D 68 0.66 18.31 -15.55
C GLU D 68 1.97 18.34 -14.79
N VAL D 69 1.93 18.25 -13.46
CA VAL D 69 3.15 18.34 -12.66
C VAL D 69 4.06 17.15 -12.95
N GLU D 70 3.51 15.95 -12.99
CA GLU D 70 4.29 14.76 -13.29
C GLU D 70 4.51 14.55 -14.79
N GLU D 71 3.78 15.26 -15.65
CA GLU D 71 3.92 15.12 -17.10
C GLU D 71 3.66 13.68 -17.52
N THR D 72 2.57 13.11 -16.99
CA THR D 72 2.21 11.72 -17.20
C THR D 72 0.78 11.65 -17.74
N LEU D 73 0.59 10.84 -18.77
CA LEU D 73 -0.73 10.53 -19.32
C LEU D 73 -1.08 9.10 -18.93
N THR D 74 -2.26 8.92 -18.35
CA THR D 74 -2.79 7.61 -17.99
C THR D 74 -3.97 7.29 -18.89
N THR D 75 -3.92 6.13 -19.54
CA THR D 75 -4.93 5.73 -20.51
C THR D 75 -5.29 4.26 -20.30
N ASN D 76 -6.53 3.93 -20.64
CA ASN D 76 -7.01 2.55 -20.70
C ASN D 76 -7.20 2.23 -22.18
N VAL D 77 -6.34 1.35 -22.71
CA VAL D 77 -6.29 1.04 -24.12
C VAL D 77 -6.41 -0.47 -24.32
N TRP D 78 -7.10 -0.87 -25.37
CA TRP D 78 -7.17 -2.27 -25.79
C TRP D 78 -6.37 -2.39 -27.08
N ILE D 79 -5.35 -3.24 -27.07
CA ILE D 79 -4.40 -3.36 -28.16
C ILE D 79 -4.77 -4.61 -28.95
N GLU D 80 -5.19 -4.44 -30.20
CA GLU D 80 -5.53 -5.55 -31.07
C GLU D 80 -4.29 -6.02 -31.81
N HIS D 81 -3.85 -7.24 -31.54
CA HIS D 81 -2.73 -7.86 -32.24
C HIS D 81 -3.26 -8.81 -33.30
N GLY D 82 -2.60 -8.85 -34.44
CA GLY D 82 -2.95 -9.80 -35.49
C GLY D 82 -1.72 -10.33 -36.20
N TRP D 83 -1.56 -11.64 -36.22
CA TRP D 83 -0.46 -12.26 -36.93
C TRP D 83 -0.85 -13.68 -37.32
N THR D 84 -0.08 -14.26 -38.23
CA THR D 84 -0.30 -15.61 -38.72
C THR D 84 0.71 -16.56 -38.08
N ASP D 85 0.23 -17.74 -37.72
CA ASP D 85 1.06 -18.83 -37.20
C ASP D 85 0.64 -20.10 -37.95
N ASN D 86 1.38 -20.43 -39.01
CA ASN D 86 1.02 -21.58 -39.84
C ASN D 86 1.21 -22.92 -39.13
N ARG D 87 1.93 -22.95 -38.02
CA ARG D 87 2.01 -24.18 -37.23
C ARG D 87 0.69 -24.50 -36.52
N LEU D 88 -0.16 -23.49 -36.32
CA LEU D 88 -1.44 -23.65 -35.64
C LEU D 88 -2.61 -23.74 -36.62
N LYS D 89 -2.39 -24.35 -37.78
CA LYS D 89 -3.43 -24.56 -38.77
C LYS D 89 -3.97 -25.99 -38.66
N TRP D 90 -5.27 -26.13 -38.91
CA TRP D 90 -5.91 -27.44 -38.92
C TRP D 90 -7.06 -27.42 -39.91
N ASN D 91 -7.44 -28.62 -40.35
CA ASN D 91 -8.62 -28.80 -41.20
C ASN D 91 -9.83 -28.86 -40.30
N ALA D 92 -10.70 -27.85 -40.38
CA ALA D 92 -11.87 -27.73 -39.46
C ALA D 92 -12.73 -28.99 -39.51
N GLU D 93 -13.07 -29.48 -40.70
CA GLU D 93 -13.99 -30.64 -40.86
C GLU D 93 -13.42 -31.89 -40.19
N GLU D 94 -12.11 -32.08 -40.21
CA GLU D 94 -11.45 -33.24 -39.57
C GLU D 94 -11.72 -33.19 -38.07
N PHE D 95 -11.82 -32.01 -37.45
CA PHE D 95 -12.01 -31.82 -35.99
C PHE D 95 -13.37 -31.21 -35.68
N GLY D 96 -14.48 -31.85 -36.06
CA GLY D 96 -15.84 -31.40 -35.72
C GLY D 96 -16.17 -30.01 -36.18
N ASN D 97 -15.59 -29.53 -37.28
CA ASN D 97 -15.77 -28.16 -37.81
C ASN D 97 -15.57 -27.13 -36.69
N ILE D 98 -14.57 -27.30 -35.84
CA ILE D 98 -14.18 -26.25 -34.85
C ILE D 98 -13.45 -25.22 -35.71
N SER D 99 -13.78 -23.95 -35.63
CA SER D 99 -13.20 -22.93 -36.53
C SER D 99 -12.32 -21.96 -35.76
N VAL D 100 -12.39 -21.93 -34.43
CA VAL D 100 -11.60 -21.02 -33.62
C VAL D 100 -11.34 -21.68 -32.26
N LEU D 101 -10.20 -21.32 -31.67
CA LEU D 101 -9.77 -21.85 -30.38
C LEU D 101 -9.37 -20.71 -29.47
N ARG D 102 -9.75 -20.81 -28.20
CA ARG D 102 -9.27 -19.92 -27.14
C ARG D 102 -8.15 -20.64 -26.40
N LEU D 103 -6.97 -20.06 -26.39
CA LEU D 103 -5.79 -20.64 -25.75
C LEU D 103 -5.14 -19.60 -24.85
N PRO D 104 -4.45 -20.02 -23.79
CA PRO D 104 -3.71 -19.05 -22.99
C PRO D 104 -2.59 -18.42 -23.80
N PRO D 105 -2.27 -17.15 -23.56
CA PRO D 105 -1.18 -16.53 -24.34
C PRO D 105 0.18 -17.13 -24.05
N ASP D 106 0.37 -17.75 -22.88
CA ASP D 106 1.65 -18.37 -22.55
C ASP D 106 1.86 -19.71 -23.25
N MET D 107 0.86 -20.22 -23.99
CA MET D 107 0.98 -21.48 -24.71
C MET D 107 1.49 -21.31 -26.14
N VAL D 108 1.53 -20.08 -26.67
CA VAL D 108 1.87 -19.84 -28.06
C VAL D 108 2.94 -18.76 -28.13
N TRP D 109 3.61 -18.70 -29.28
CA TRP D 109 4.55 -17.62 -29.54
C TRP D 109 3.80 -16.29 -29.58
N LEU D 110 4.40 -15.27 -28.95
CA LEU D 110 3.84 -13.94 -28.89
C LEU D 110 4.79 -12.91 -29.51
N PRO D 111 4.29 -11.94 -30.29
CA PRO D 111 5.14 -10.82 -30.71
C PRO D 111 5.20 -9.77 -29.63
N GLU D 112 6.16 -9.86 -28.71
CA GLU D 112 6.09 -9.07 -27.48
C GLU D 112 6.20 -7.59 -27.82
N ILE D 113 5.06 -6.92 -27.93
CA ILE D 113 4.98 -5.47 -28.09
C ILE D 113 4.88 -4.86 -26.71
N VAL D 114 5.63 -3.78 -26.50
CA VAL D 114 5.61 -3.04 -25.25
C VAL D 114 5.47 -1.56 -25.56
N LEU D 115 5.01 -0.80 -24.57
CA LEU D 115 5.00 0.65 -24.67
C LEU D 115 6.41 1.14 -24.36
N GLU D 116 7.08 1.65 -25.38
CA GLU D 116 8.48 2.08 -25.21
C GLU D 116 8.58 3.31 -24.32
N ASN D 117 7.66 4.27 -24.48
CA ASN D 117 7.77 5.57 -23.82
C ASN D 117 6.99 5.63 -22.51
N ASN D 118 6.87 4.52 -21.80
CA ASN D 118 6.35 4.56 -20.44
C ASN D 118 7.33 5.27 -19.52
N ASN D 119 6.82 5.79 -18.39
CA ASN D 119 7.63 6.50 -17.42
C ASN D 119 7.48 5.92 -16.01
N ASP D 120 7.07 4.66 -15.89
CA ASP D 120 6.92 4.02 -14.59
C ASP D 120 7.42 2.58 -14.54
N GLY D 121 7.98 2.05 -15.64
CA GLY D 121 8.44 0.68 -15.69
C GLY D 121 7.41 -0.33 -16.14
N SER D 122 6.15 0.07 -16.30
CA SER D 122 5.10 -0.82 -16.78
C SER D 122 5.16 -0.85 -18.31
N PHE D 123 6.04 -1.72 -18.82
CA PHE D 123 6.22 -1.85 -20.26
C PHE D 123 5.09 -2.64 -20.92
N GLN D 124 4.56 -3.64 -20.23
CA GLN D 124 3.73 -4.68 -20.85
C GLN D 124 2.24 -4.42 -20.61
N ILE D 125 1.43 -5.18 -21.35
CA ILE D 125 -0.02 -5.16 -21.16
C ILE D 125 -0.37 -5.62 -19.74
N SER D 126 -1.55 -5.20 -19.28
CA SER D 126 -1.97 -5.49 -17.92
C SER D 126 -2.50 -6.91 -17.79
N TYR D 127 -3.58 -7.23 -18.50
CA TYR D 127 -4.24 -8.52 -18.41
C TYR D 127 -3.92 -9.34 -19.66
N SER D 128 -3.24 -10.47 -19.47
CA SER D 128 -2.87 -11.37 -20.56
C SER D 128 -4.05 -12.30 -20.84
N CYS D 129 -4.99 -11.81 -21.62
CA CYS D 129 -6.17 -12.57 -21.99
C CYS D 129 -5.80 -13.70 -22.95
N ASN D 130 -6.79 -14.57 -23.21
CA ASN D 130 -6.59 -15.66 -24.15
C ASN D 130 -6.38 -15.13 -25.56
N VAL D 131 -5.58 -15.86 -26.34
CA VAL D 131 -5.49 -15.65 -27.77
C VAL D 131 -6.64 -16.38 -28.45
N LEU D 132 -7.06 -15.84 -29.60
CA LEU D 132 -8.01 -16.53 -30.47
C LEU D 132 -7.25 -17.01 -31.70
N VAL D 133 -7.26 -18.33 -31.93
CA VAL D 133 -6.56 -18.95 -33.05
C VAL D 133 -7.61 -19.58 -33.95
N TYR D 134 -7.62 -19.16 -35.22
CA TYR D 134 -8.55 -19.66 -36.21
C TYR D 134 -7.90 -20.79 -37.01
N HIS D 135 -8.75 -21.59 -37.65
CA HIS D 135 -8.27 -22.80 -38.33
C HIS D 135 -7.33 -22.50 -39.49
N TYR D 136 -7.36 -21.28 -40.03
CA TYR D 136 -6.48 -20.89 -41.13
C TYR D 136 -5.21 -20.19 -40.65
N GLY D 137 -4.87 -20.32 -39.37
CA GLY D 137 -3.58 -19.89 -38.86
C GLY D 137 -3.52 -18.48 -38.31
N PHE D 138 -4.59 -17.71 -38.40
CA PHE D 138 -4.58 -16.34 -37.90
C PHE D 138 -4.74 -16.34 -36.38
N VAL D 139 -3.86 -15.62 -35.70
CA VAL D 139 -3.87 -15.51 -34.24
C VAL D 139 -4.35 -14.10 -33.89
N TYR D 140 -5.50 -14.03 -33.24
CA TYR D 140 -6.09 -12.79 -32.76
C TYR D 140 -5.85 -12.68 -31.26
N TRP D 141 -5.56 -11.47 -30.80
CA TRP D 141 -5.26 -11.25 -29.39
C TRP D 141 -5.55 -9.79 -29.07
N LEU D 142 -6.39 -9.56 -28.06
CA LEU D 142 -6.82 -8.22 -27.66
C LEU D 142 -6.62 -8.03 -26.16
N PRO D 143 -5.37 -7.92 -25.71
CA PRO D 143 -5.12 -7.73 -24.28
C PRO D 143 -5.38 -6.28 -23.88
N PRO D 144 -6.12 -6.03 -22.80
CA PRO D 144 -6.28 -4.65 -22.34
C PRO D 144 -5.13 -4.25 -21.42
N ALA D 145 -4.87 -2.95 -21.36
CA ALA D 145 -3.72 -2.44 -20.63
C ALA D 145 -4.05 -1.08 -20.02
N ILE D 146 -3.49 -0.84 -18.83
CA ILE D 146 -3.38 0.49 -18.25
C ILE D 146 -1.93 0.92 -18.42
N PHE D 147 -1.73 2.07 -19.04
CA PHE D 147 -0.41 2.60 -19.34
C PHE D 147 -0.25 3.98 -18.73
N ARG D 148 0.98 4.29 -18.35
CA ARG D 148 1.36 5.60 -17.83
C ARG D 148 2.56 6.07 -18.63
N SER D 149 2.33 7.01 -19.55
CA SER D 149 3.31 7.41 -20.55
C SER D 149 3.79 8.82 -20.30
N SER D 150 5.00 9.11 -20.77
CA SER D 150 5.57 10.44 -20.66
C SER D 150 4.93 11.35 -21.70
N CYS D 151 4.32 12.45 -21.23
CA CYS D 151 3.77 13.49 -22.10
C CYS D 151 4.35 14.83 -21.66
N PRO D 152 5.44 15.31 -22.27
CA PRO D 152 5.91 16.65 -21.94
C PRO D 152 4.85 17.70 -22.20
N ILE D 153 4.72 18.63 -21.26
CA ILE D 153 3.61 19.57 -21.20
C ILE D 153 4.07 20.93 -21.72
N SER D 154 3.26 21.55 -22.55
CA SER D 154 3.48 22.91 -23.02
C SER D 154 2.55 23.83 -22.25
N VAL D 155 3.10 24.61 -21.32
CA VAL D 155 2.30 25.42 -20.41
C VAL D 155 2.05 26.81 -20.99
N THR D 156 2.44 27.04 -22.24
CA THR D 156 2.53 28.40 -22.76
C THR D 156 1.18 29.12 -22.73
N TYR D 157 0.10 28.41 -23.06
CA TYR D 157 -1.24 28.99 -23.15
C TYR D 157 -2.17 28.49 -22.05
N PHE D 158 -1.63 27.93 -20.98
CA PHE D 158 -2.45 27.41 -19.89
C PHE D 158 -3.27 28.54 -19.28
N PRO D 159 -4.58 28.36 -19.01
CA PRO D 159 -5.41 27.15 -19.13
C PRO D 159 -6.07 26.95 -20.50
N PHE D 160 -5.70 27.72 -21.52
CA PHE D 160 -6.23 27.56 -22.87
C PHE D 160 -5.32 26.71 -23.75
N ASP D 161 -4.64 25.73 -23.15
CA ASP D 161 -3.59 24.97 -23.81
C ASP D 161 -4.14 23.68 -24.40
N TRP D 162 -3.41 23.16 -25.39
CA TRP D 162 -3.60 21.84 -25.94
C TRP D 162 -2.28 21.11 -25.91
N GLN D 163 -2.36 19.78 -25.76
CA GLN D 163 -1.16 18.93 -25.57
C GLN D 163 -1.06 17.95 -26.73
N ASN D 164 0.10 17.33 -26.91
CA ASN D 164 0.37 16.39 -28.03
C ASN D 164 1.04 15.17 -27.42
N CYS D 165 0.28 14.29 -26.78
CA CYS D 165 0.82 13.08 -26.12
C CYS D 165 0.97 12.00 -27.18
N SER D 166 1.70 10.94 -26.89
CA SER D 166 1.89 9.82 -27.81
C SER D 166 2.05 8.53 -27.03
N LEU D 167 1.72 7.43 -27.71
CA LEU D 167 1.90 6.07 -27.17
C LEU D 167 2.73 5.30 -28.20
N LYS D 168 4.03 5.20 -27.94
CA LYS D 168 4.96 4.56 -28.86
C LYS D 168 5.06 3.07 -28.51
N PHE D 169 4.79 2.22 -29.49
CA PHE D 169 4.79 0.78 -29.30
C PHE D 169 5.86 0.14 -30.17
N SER D 170 6.64 -0.77 -29.60
CA SER D 170 7.66 -1.49 -30.32
C SER D 170 7.96 -2.78 -29.56
N SER D 171 8.85 -3.59 -30.13
CA SER D 171 9.29 -4.84 -29.54
C SER D 171 10.76 -4.73 -29.19
N LEU D 172 11.09 -5.08 -27.94
CA LEU D 172 12.48 -5.11 -27.49
C LEU D 172 13.11 -6.47 -27.66
N LYS D 173 12.31 -7.55 -27.59
CA LYS D 173 12.84 -8.89 -27.83
C LYS D 173 13.05 -9.18 -29.30
N TYR D 174 12.38 -8.45 -30.20
CA TYR D 174 12.50 -8.64 -31.63
C TYR D 174 12.68 -7.29 -32.31
N THR D 175 13.41 -7.29 -33.42
CA THR D 175 13.71 -6.11 -34.21
C THR D 175 13.01 -6.22 -35.57
N ALA D 176 13.26 -5.23 -36.43
CA ALA D 176 12.66 -5.23 -37.76
C ALA D 176 13.11 -6.43 -38.60
N LYS D 177 14.25 -7.04 -38.26
CA LYS D 177 14.68 -8.24 -38.96
C LYS D 177 13.77 -9.42 -38.67
N GLU D 178 13.17 -9.45 -37.48
CA GLU D 178 12.38 -10.60 -37.02
C GLU D 178 10.88 -10.39 -37.10
N ILE D 179 10.39 -9.17 -36.90
CA ILE D 179 8.96 -8.88 -37.01
C ILE D 179 8.78 -7.55 -37.75
N THR D 180 7.72 -7.47 -38.55
CA THR D 180 7.34 -6.27 -39.27
C THR D 180 6.06 -5.72 -38.66
N LEU D 181 6.14 -4.49 -38.15
CA LEU D 181 4.96 -3.83 -37.55
C LEU D 181 4.19 -3.10 -38.64
N SER D 182 2.88 -3.29 -38.65
CA SER D 182 2.00 -2.64 -39.60
C SER D 182 0.70 -2.27 -38.88
N LEU D 183 -0.07 -1.39 -39.51
CA LEU D 183 -1.38 -1.03 -38.99
C LEU D 183 -2.42 -2.05 -39.41
N LYS D 184 -3.46 -2.18 -38.59
CA LYS D 184 -4.56 -3.07 -38.91
C LYS D 184 -5.28 -2.58 -40.17
N GLN D 185 -5.71 -3.54 -40.98
CA GLN D 185 -6.44 -3.27 -42.21
C GLN D 185 -7.91 -3.65 -42.02
N ASP D 186 -8.79 -2.70 -42.33
CA ASP D 186 -10.25 -2.93 -42.26
C ASP D 186 -10.75 -3.03 -43.70
N ALA D 187 -12.04 -3.27 -43.90
CA ALA D 187 -12.68 -3.41 -45.20
C ALA D 187 -14.00 -2.67 -45.22
N LYS D 188 -14.32 -2.08 -46.36
CA LYS D 188 -15.64 -1.49 -46.61
C LYS D 188 -15.93 -1.64 -48.10
N GLU D 189 -17.05 -2.30 -48.41
CA GLU D 189 -17.45 -2.56 -49.79
C GLU D 189 -16.36 -3.32 -50.55
N ASN D 190 -15.76 -4.29 -49.88
CA ASN D 190 -14.69 -5.12 -50.46
C ASN D 190 -13.49 -4.28 -50.91
N ARG D 191 -13.22 -3.19 -50.19
CA ARG D 191 -12.03 -2.36 -50.42
C ARG D 191 -11.26 -2.26 -49.11
N THR D 192 -9.98 -2.61 -49.16
CA THR D 192 -9.12 -2.60 -47.99
C THR D 192 -8.51 -1.23 -47.76
N TYR D 193 -8.46 -0.81 -46.50
CA TYR D 193 -7.79 0.41 -46.09
C TYR D 193 -7.12 0.18 -44.74
N PRO D 194 -6.08 0.93 -44.42
CA PRO D 194 -5.49 0.81 -43.07
C PRO D 194 -6.24 1.64 -42.05
N VAL D 195 -6.22 1.16 -40.81
CA VAL D 195 -6.78 1.90 -39.69
C VAL D 195 -5.68 2.81 -39.17
N GLU D 196 -5.72 4.08 -39.56
CA GLU D 196 -4.69 5.06 -39.25
C GLU D 196 -5.14 6.02 -38.15
N TRP D 197 -5.87 5.51 -37.16
CA TRP D 197 -6.37 6.33 -36.08
C TRP D 197 -6.60 5.42 -34.87
N ILE D 198 -6.69 6.05 -33.70
CA ILE D 198 -7.09 5.32 -32.50
C ILE D 198 -8.59 5.07 -32.58
N ILE D 199 -8.98 3.82 -32.36
CA ILE D 199 -10.40 3.46 -32.41
C ILE D 199 -11.08 3.93 -31.14
N ILE D 200 -12.23 4.57 -31.29
CA ILE D 200 -13.05 5.01 -30.15
C ILE D 200 -14.48 4.56 -30.42
N ASP D 201 -15.02 3.75 -29.52
CA ASP D 201 -16.40 3.32 -29.61
C ASP D 201 -17.30 4.51 -29.28
N PRO D 202 -18.19 4.98 -30.18
CA PRO D 202 -19.03 6.14 -29.83
C PRO D 202 -19.94 5.90 -28.64
N GLU D 203 -20.40 4.67 -28.43
CA GLU D 203 -21.33 4.40 -27.35
C GLU D 203 -20.61 4.20 -26.01
N GLY D 204 -19.52 3.43 -26.00
CA GLY D 204 -18.86 3.09 -24.77
C GLY D 204 -17.90 4.13 -24.24
N PHE D 205 -17.50 5.09 -25.07
CA PHE D 205 -16.47 6.06 -24.67
C PHE D 205 -17.10 7.21 -23.91
N THR D 206 -16.66 7.40 -22.67
CA THR D 206 -17.02 8.56 -21.85
C THR D 206 -15.88 9.57 -21.94
N GLU D 207 -16.20 10.78 -22.36
CA GLU D 207 -15.17 11.80 -22.54
C GLU D 207 -14.56 12.19 -21.20
N ASN D 208 -13.27 12.48 -21.23
CA ASN D 208 -12.56 12.95 -20.04
C ASN D 208 -13.15 14.29 -19.58
N GLY D 209 -13.19 14.47 -18.26
CA GLY D 209 -13.83 15.65 -17.70
C GLY D 209 -13.11 16.96 -17.97
N GLU D 210 -11.84 16.90 -18.41
CA GLU D 210 -11.05 18.10 -18.66
C GLU D 210 -10.43 18.17 -20.05
N TRP D 211 -10.34 17.05 -20.77
CA TRP D 211 -9.60 16.99 -22.03
C TRP D 211 -10.51 16.48 -23.14
N GLU D 212 -10.54 17.21 -24.25
CA GLU D 212 -11.29 16.86 -25.44
C GLU D 212 -10.30 16.39 -26.51
N ILE D 213 -10.60 15.27 -27.14
CA ILE D 213 -9.72 14.72 -28.18
C ILE D 213 -10.03 15.43 -29.49
N VAL D 214 -9.00 16.04 -30.09
CA VAL D 214 -9.14 16.75 -31.36
C VAL D 214 -8.69 15.82 -32.48
N HIS D 215 -7.47 15.32 -32.39
CA HIS D 215 -6.91 14.40 -33.38
C HIS D 215 -6.40 13.15 -32.66
N ARG D 216 -6.43 12.02 -33.37
CA ARG D 216 -5.99 10.75 -32.82
C ARG D 216 -5.43 9.88 -33.94
N PRO D 217 -4.32 10.28 -34.54
CA PRO D 217 -3.75 9.52 -35.65
C PRO D 217 -2.95 8.31 -35.19
N ALA D 218 -2.65 7.44 -36.15
CA ALA D 218 -1.76 6.30 -35.95
C ALA D 218 -0.78 6.23 -37.13
N ARG D 219 0.49 6.03 -36.83
CA ARG D 219 1.56 6.06 -37.82
C ARG D 219 2.51 4.90 -37.59
N VAL D 220 3.09 4.40 -38.67
CA VAL D 220 4.19 3.45 -38.63
C VAL D 220 5.46 4.24 -38.91
N ASN D 221 6.33 4.35 -37.90
CA ASN D 221 7.56 5.11 -37.99
C ASN D 221 8.73 4.16 -38.20
N VAL D 222 9.50 4.40 -39.27
CA VAL D 222 10.71 3.64 -39.58
C VAL D 222 11.85 4.63 -39.67
N ASP D 223 12.94 4.33 -38.96
CA ASP D 223 14.12 5.19 -38.95
C ASP D 223 15.10 4.66 -39.98
N PRO D 224 15.34 5.35 -41.11
CA PRO D 224 16.32 4.82 -42.08
C PRO D 224 17.74 4.79 -41.55
N ARG D 225 18.08 5.63 -40.57
CA ARG D 225 19.45 5.69 -40.08
C ARG D 225 19.82 4.47 -39.25
N ALA D 226 18.89 3.96 -38.44
CA ALA D 226 19.21 2.85 -37.56
C ALA D 226 19.39 1.57 -38.37
N PRO D 227 20.20 0.62 -37.88
CA PRO D 227 20.33 -0.65 -38.58
C PRO D 227 19.10 -1.52 -38.40
N LEU D 228 18.93 -2.47 -39.32
CA LEU D 228 17.74 -3.30 -39.30
C LEU D 228 17.65 -4.16 -38.06
N ASP D 229 18.79 -4.52 -37.46
CA ASP D 229 18.82 -5.38 -36.29
C ASP D 229 18.79 -4.60 -34.98
N SER D 230 18.28 -3.37 -34.99
CA SER D 230 18.16 -2.53 -33.79
C SER D 230 16.71 -2.46 -33.32
N PRO D 231 16.42 -2.47 -32.02
CA PRO D 231 15.01 -2.32 -31.60
C PRO D 231 14.40 -0.97 -31.96
N SER D 232 15.21 0.04 -32.23
CA SER D 232 14.73 1.38 -32.52
C SER D 232 14.44 1.61 -34.01
N ARG D 233 14.59 0.58 -34.85
CA ARG D 233 14.33 0.75 -36.27
C ARG D 233 12.87 1.10 -36.53
N GLN D 234 11.94 0.39 -35.89
CA GLN D 234 10.52 0.49 -36.20
C GLN D 234 9.70 0.69 -34.94
N ASP D 235 8.59 1.40 -35.08
CA ASP D 235 7.59 1.51 -34.03
C ASP D 235 6.28 1.93 -34.65
N ILE D 236 5.19 1.72 -33.92
CA ILE D 236 3.88 2.28 -34.24
C ILE D 236 3.52 3.21 -33.09
N THR D 237 3.26 4.47 -33.43
CA THR D 237 2.96 5.51 -32.46
C THR D 237 1.51 5.94 -32.64
N PHE D 238 0.78 5.99 -31.52
CA PHE D 238 -0.59 6.48 -31.49
C PHE D 238 -0.59 7.80 -30.74
N TYR D 239 -0.96 8.87 -31.43
CA TYR D 239 -0.89 10.22 -30.91
C TYR D 239 -2.27 10.67 -30.44
N LEU D 240 -2.28 11.57 -29.47
CA LEU D 240 -3.51 12.15 -28.93
C LEU D 240 -3.33 13.66 -28.82
N ILE D 241 -3.81 14.40 -29.82
CA ILE D 241 -3.87 15.88 -29.75
C ILE D 241 -5.10 16.12 -28.90
N ILE D 242 -4.98 16.66 -27.69
CA ILE D 242 -6.08 16.88 -26.75
C ILE D 242 -6.12 18.34 -26.36
N ARG D 243 -7.32 18.89 -26.31
CA ARG D 243 -7.57 20.28 -25.96
C ARG D 243 -8.17 20.33 -24.56
N ARG D 244 -7.61 21.20 -23.70
CA ARG D 244 -8.17 21.36 -22.38
C ARG D 244 -9.53 22.06 -22.46
N LYS D 245 -10.45 21.62 -21.62
CA LYS D 245 -11.74 22.29 -21.45
C LYS D 245 -11.59 23.30 -20.32
N PRO D 246 -11.46 24.61 -20.60
CA PRO D 246 -10.98 25.53 -19.56
C PRO D 246 -12.05 26.12 -18.65
N LEU D 247 -13.26 25.53 -18.62
CA LEU D 247 -14.35 26.12 -17.86
C LEU D 247 -14.03 26.18 -16.37
N PHE D 248 -13.48 25.10 -15.82
CA PHE D 248 -13.16 25.08 -14.38
C PHE D 248 -12.16 26.17 -14.03
N TYR D 249 -11.05 26.22 -14.74
CA TYR D 249 -10.02 27.22 -14.45
C TYR D 249 -10.54 28.62 -14.69
N ILE D 250 -11.33 28.81 -15.76
CA ILE D 250 -11.96 30.11 -16.02
C ILE D 250 -12.74 30.56 -14.78
N ILE D 251 -13.77 29.77 -14.44
CA ILE D 251 -14.72 30.14 -13.39
C ILE D 251 -14.02 30.34 -12.05
N ASN D 252 -13.03 29.49 -11.74
CA ASN D 252 -12.49 29.48 -10.38
C ASN D 252 -11.28 30.38 -10.19
N ILE D 253 -10.46 30.61 -11.23
CA ILE D 253 -9.26 31.43 -11.13
C ILE D 253 -9.43 32.74 -11.88
N LEU D 254 -9.77 32.67 -13.18
CA LEU D 254 -9.50 33.80 -14.05
C LEU D 254 -10.43 34.96 -13.73
N VAL D 255 -11.73 34.69 -13.62
CA VAL D 255 -12.67 35.77 -13.33
C VAL D 255 -12.40 36.40 -11.97
N PRO D 256 -12.24 35.65 -10.87
CA PRO D 256 -11.85 36.29 -9.61
C PRO D 256 -10.52 37.04 -9.69
N CYS D 257 -9.49 36.41 -10.24
CA CYS D 257 -8.17 37.04 -10.29
C CYS D 257 -8.19 38.30 -11.15
N VAL D 258 -8.81 38.22 -12.33
CA VAL D 258 -8.85 39.37 -13.22
C VAL D 258 -9.66 40.50 -12.60
N LEU D 259 -10.80 40.17 -11.99
CA LEU D 259 -11.62 41.23 -11.38
C LEU D 259 -10.89 41.87 -10.20
N ILE D 260 -10.22 41.07 -9.38
CA ILE D 260 -9.49 41.63 -8.25
C ILE D 260 -8.34 42.51 -8.74
N SER D 261 -7.67 42.10 -9.82
CA SER D 261 -6.60 42.91 -10.38
C SER D 261 -7.14 44.24 -10.92
N PHE D 262 -8.26 44.19 -11.65
CA PHE D 262 -8.88 45.43 -12.11
C PHE D 262 -9.38 46.29 -10.96
N MET D 263 -9.61 45.69 -9.79
CA MET D 263 -10.10 46.44 -8.65
C MET D 263 -9.07 47.45 -8.13
N VAL D 264 -7.79 47.28 -8.47
CA VAL D 264 -6.78 48.23 -8.03
C VAL D 264 -7.00 49.62 -8.63
N ASN D 265 -7.67 49.71 -9.79
CA ASN D 265 -7.86 50.99 -10.46
C ASN D 265 -8.83 51.91 -9.73
N LEU D 266 -9.63 51.39 -8.79
CA LEU D 266 -10.54 52.24 -8.04
C LEU D 266 -9.84 53.18 -7.08
N VAL D 267 -8.58 52.90 -6.74
CA VAL D 267 -7.87 53.75 -5.78
C VAL D 267 -7.68 55.16 -6.33
N PHE D 268 -7.62 55.30 -7.66
CA PHE D 268 -7.47 56.62 -8.24
C PHE D 268 -8.72 57.46 -8.03
N TYR D 269 -9.89 56.83 -7.94
CA TYR D 269 -11.14 57.54 -7.67
C TYR D 269 -11.44 57.70 -6.18
N LEU D 270 -10.68 57.04 -5.30
CA LEU D 270 -10.86 57.25 -3.88
C LEU D 270 -10.25 58.60 -3.48
N PRO D 271 -10.91 59.39 -2.62
CA PRO D 271 -10.29 60.63 -2.17
C PRO D 271 -9.12 60.35 -1.23
N ALA D 272 -8.13 61.25 -1.26
CA ALA D 272 -6.97 61.11 -0.40
C ALA D 272 -7.29 61.33 1.08
N ASP D 273 -8.44 61.93 1.39
CA ASP D 273 -8.83 62.14 2.78
C ASP D 273 -9.44 60.89 3.41
N SER D 274 -9.85 59.91 2.60
CA SER D 274 -10.37 58.67 3.16
C SER D 274 -9.32 57.90 3.94
N GLY D 275 -8.06 58.00 3.53
CA GLY D 275 -6.99 57.30 4.22
C GLY D 275 -7.07 55.79 4.10
N GLU D 276 -7.50 55.27 2.95
CA GLU D 276 -7.65 53.84 2.74
C GLU D 276 -7.21 53.43 1.34
N LYS D 277 -6.26 54.16 0.76
CA LYS D 277 -5.85 53.96 -0.62
C LYS D 277 -4.76 52.89 -0.74
N THR D 278 -3.63 53.11 -0.07
CA THR D 278 -2.56 52.12 -0.11
C THR D 278 -2.99 50.81 0.51
N SER D 279 -3.92 50.85 1.48
CA SER D 279 -4.44 49.61 2.04
C SER D 279 -5.16 48.79 0.98
N VAL D 280 -5.99 49.44 0.15
CA VAL D 280 -6.68 48.74 -0.93
C VAL D 280 -5.67 48.17 -1.91
N ALA D 281 -4.69 48.98 -2.30
CA ALA D 281 -3.74 48.53 -3.32
C ALA D 281 -2.88 47.37 -2.83
N ILE D 282 -2.35 47.47 -1.61
CA ILE D 282 -1.51 46.41 -1.08
C ILE D 282 -2.34 45.17 -0.80
N SER D 283 -3.62 45.32 -0.47
CA SER D 283 -4.48 44.15 -0.31
C SER D 283 -4.71 43.45 -1.64
N VAL D 284 -4.86 44.22 -2.72
CA VAL D 284 -4.94 43.60 -4.04
C VAL D 284 -3.67 42.83 -4.36
N LEU D 285 -2.52 43.40 -3.98
CA LEU D 285 -1.26 42.69 -4.17
C LEU D 285 -1.22 41.38 -3.37
N LEU D 286 -1.72 41.42 -2.13
CA LEU D 286 -1.77 40.21 -1.31
C LEU D 286 -2.69 39.16 -1.94
N ALA D 287 -3.83 39.58 -2.47
CA ALA D 287 -4.73 38.64 -3.13
C ALA D 287 -4.07 38.02 -4.36
N GLN D 288 -3.35 38.82 -5.14
CA GLN D 288 -2.61 38.29 -6.28
C GLN D 288 -1.56 37.28 -5.83
N SER D 289 -0.90 37.55 -4.71
CA SER D 289 0.07 36.60 -4.17
C SER D 289 -0.60 35.29 -3.77
N VAL D 290 -1.80 35.37 -3.19
CA VAL D 290 -2.54 34.15 -2.86
C VAL D 290 -2.88 33.36 -4.12
N PHE D 291 -3.29 34.06 -5.18
CA PHE D 291 -3.59 33.38 -6.43
C PHE D 291 -2.33 32.73 -7.01
N LEU D 292 -1.19 33.41 -6.88
CA LEU D 292 0.07 32.83 -7.33
C LEU D 292 0.40 31.56 -6.56
N LEU D 293 0.18 31.58 -5.24
CA LEU D 293 0.34 30.38 -4.43
C LEU D 293 -0.58 29.26 -4.91
N LEU D 294 -1.81 29.60 -5.26
CA LEU D 294 -2.76 28.60 -5.77
C LEU D 294 -2.25 27.98 -7.07
N ILE D 295 -1.74 28.82 -7.98
CA ILE D 295 -1.32 28.31 -9.28
C ILE D 295 -0.02 27.51 -9.18
N SER D 296 0.83 27.85 -8.21
CA SER D 296 2.13 27.19 -8.11
C SER D 296 2.02 25.69 -7.85
N LYS D 297 0.90 25.24 -7.28
CA LYS D 297 0.72 23.82 -6.99
C LYS D 297 0.26 23.01 -8.21
N ARG D 298 -0.15 23.66 -9.29
CA ARG D 298 -0.91 23.01 -10.35
C ARG D 298 -0.13 22.77 -11.63
N LEU D 299 1.07 23.31 -11.77
CA LEU D 299 1.88 23.20 -12.98
C LEU D 299 3.31 22.79 -12.62
N PRO D 300 4.04 22.18 -13.55
CA PRO D 300 5.45 21.87 -13.29
C PRO D 300 6.31 23.12 -13.43
N ALA D 301 7.47 23.07 -12.79
CA ALA D 301 8.40 24.20 -12.78
C ALA D 301 9.35 24.17 -13.97
N THR D 302 8.80 24.07 -15.17
CA THR D 302 9.59 24.08 -16.39
C THR D 302 9.90 25.51 -16.82
N SER D 303 11.01 25.66 -17.52
CA SER D 303 11.49 26.96 -17.99
C SER D 303 11.22 27.20 -19.47
N MET D 304 10.55 26.28 -20.16
CA MET D 304 10.33 26.46 -21.60
C MET D 304 9.52 27.72 -21.88
N ALA D 305 8.62 28.10 -20.99
CA ALA D 305 7.82 29.30 -21.18
C ALA D 305 7.15 29.67 -19.86
N ILE D 306 6.71 30.92 -19.79
CA ILE D 306 5.90 31.39 -18.67
C ILE D 306 4.45 31.07 -19.02
N PRO D 307 3.65 30.49 -18.13
CA PRO D 307 2.24 30.25 -18.49
C PRO D 307 1.49 31.56 -18.69
N LEU D 308 0.41 31.47 -19.48
CA LEU D 308 -0.41 32.65 -19.75
C LEU D 308 -0.97 33.24 -18.46
N ILE D 309 -1.48 32.39 -17.58
CA ILE D 309 -1.95 32.87 -16.29
C ILE D 309 -0.80 33.45 -15.48
N GLY D 310 0.38 32.83 -15.58
CA GLY D 310 1.55 33.39 -14.92
C GLY D 310 1.94 34.73 -15.51
N LYS D 311 1.85 34.87 -16.84
CA LYS D 311 2.14 36.15 -17.47
C LYS D 311 1.19 37.23 -16.97
N PHE D 312 -0.11 36.91 -16.91
CA PHE D 312 -1.06 37.89 -16.41
C PHE D 312 -0.80 38.23 -14.96
N LEU D 313 -0.47 37.23 -14.13
CA LEU D 313 -0.24 37.50 -12.72
C LEU D 313 0.99 38.37 -12.52
N LEU D 314 2.07 38.11 -13.27
CA LEU D 314 3.25 38.96 -13.16
C LEU D 314 2.95 40.39 -13.62
N PHE D 315 2.23 40.52 -14.75
CA PHE D 315 1.87 41.83 -15.26
C PHE D 315 0.99 42.59 -14.25
N GLY D 316 0.02 41.89 -13.66
CA GLY D 316 -0.84 42.53 -12.68
C GLY D 316 -0.11 42.91 -11.41
N MET D 317 0.81 42.06 -10.95
CA MET D 317 1.58 42.40 -9.76
C MET D 317 2.46 43.62 -10.00
N VAL D 318 3.10 43.69 -11.16
CA VAL D 318 3.91 44.87 -11.49
C VAL D 318 3.04 46.11 -11.55
N LEU D 319 1.87 46.01 -12.20
CA LEU D 319 1.00 47.17 -12.31
C LEU D 319 0.46 47.61 -10.95
N VAL D 320 0.13 46.65 -10.08
CA VAL D 320 -0.36 46.99 -8.75
C VAL D 320 0.75 47.64 -7.92
N THR D 321 1.99 47.17 -8.08
CA THR D 321 3.11 47.80 -7.40
C THR D 321 3.29 49.24 -7.86
N MET D 322 3.21 49.47 -9.18
CA MET D 322 3.26 50.83 -9.69
C MET D 322 2.12 51.67 -9.15
N VAL D 323 0.95 51.08 -9.00
CA VAL D 323 -0.20 51.83 -8.48
C VAL D 323 0.01 52.18 -7.01
N VAL D 324 0.63 51.28 -6.24
CA VAL D 324 0.94 51.59 -4.84
C VAL D 324 1.92 52.75 -4.77
N VAL D 325 2.93 52.74 -5.65
CA VAL D 325 3.90 53.83 -5.67
C VAL D 325 3.20 55.14 -6.04
N ILE D 326 2.31 55.09 -7.03
CA ILE D 326 1.56 56.29 -7.44
C ILE D 326 0.70 56.80 -6.28
N CYS D 327 0.07 55.89 -5.53
CA CYS D 327 -0.74 56.30 -4.41
C CYS D 327 0.10 56.94 -3.32
N VAL D 328 1.29 56.40 -3.08
CA VAL D 328 2.21 57.01 -2.11
C VAL D 328 2.56 58.42 -2.54
N ILE D 329 2.87 58.60 -3.82
CA ILE D 329 3.23 59.94 -4.33
C ILE D 329 2.05 60.89 -4.23
N VAL D 330 0.85 60.40 -4.57
CA VAL D 330 -0.34 61.24 -4.53
C VAL D 330 -0.63 61.69 -3.11
N LEU D 331 -0.52 60.79 -2.14
CA LEU D 331 -0.72 61.16 -0.74
C LEU D 331 0.34 62.15 -0.27
N ASN D 332 1.60 61.93 -0.68
CA ASN D 332 2.67 62.85 -0.34
C ASN D 332 2.37 64.25 -0.86
N ILE D 333 1.87 64.35 -2.09
CA ILE D 333 1.50 65.65 -2.64
C ILE D 333 0.31 66.23 -1.90
N HIS D 334 -0.66 65.39 -1.55
CA HIS D 334 -1.89 65.87 -0.91
C HIS D 334 -1.59 66.49 0.44
N PHE D 335 -0.69 65.89 1.22
CA PHE D 335 -0.48 66.30 2.61
C PHE D 335 0.63 67.35 2.76
N ARG D 336 0.97 68.09 1.69
CA ARG D 336 1.92 69.17 1.80
C ARG D 336 1.25 70.42 2.32
N THR D 337 2.02 71.22 3.06
CA THR D 337 1.55 72.45 3.68
C THR D 337 2.62 73.52 3.49
N PRO D 338 2.28 74.80 3.71
CA PRO D 338 3.30 75.85 3.58
C PRO D 338 4.49 75.70 4.49
N SER D 339 4.34 75.03 5.64
CA SER D 339 5.43 74.91 6.59
C SER D 339 6.45 73.83 6.22
N THR D 340 6.18 73.02 5.20
CA THR D 340 7.06 71.93 4.81
C THR D 340 7.46 71.99 3.34
N HIS D 341 6.58 72.52 2.49
CA HIS D 341 6.85 72.64 1.05
C HIS D 341 6.43 74.03 0.58
N VAL D 342 6.96 74.41 -0.58
CA VAL D 342 6.60 75.64 -1.26
C VAL D 342 5.87 75.27 -2.54
N LEU D 343 4.69 75.86 -2.74
CA LEU D 343 3.87 75.64 -3.93
C LEU D 343 4.19 76.75 -4.92
N SER D 344 4.92 76.40 -5.98
CA SER D 344 5.33 77.38 -6.98
C SER D 344 4.16 77.74 -7.89
N GLU D 345 4.30 78.88 -8.58
CA GLU D 345 3.25 79.32 -9.50
C GLU D 345 3.18 78.43 -10.73
N GLY D 346 4.31 77.85 -11.15
CA GLY D 346 4.29 76.94 -12.28
C GLY D 346 3.48 75.69 -12.01
N VAL D 347 3.63 75.12 -10.82
CA VAL D 347 2.86 73.94 -10.45
C VAL D 347 1.37 74.27 -10.38
N LYS D 348 1.04 75.43 -9.80
CA LYS D 348 -0.36 75.86 -9.75
C LYS D 348 -0.93 76.04 -11.15
N LYS D 349 -0.17 76.66 -12.04
CA LYS D 349 -0.63 76.85 -13.42
C LYS D 349 -0.87 75.52 -14.10
N LEU D 350 0.09 74.60 -13.99
CA LEU D 350 0.00 73.33 -14.71
C LEU D 350 -1.12 72.46 -14.16
N PHE D 351 -1.17 72.28 -12.84
CA PHE D 351 -1.99 71.23 -12.24
C PHE D 351 -3.36 71.69 -11.79
N LEU D 352 -3.66 73.00 -11.84
CA LEU D 352 -4.96 73.52 -11.43
C LEU D 352 -5.73 74.21 -12.55
N GLU D 353 -5.07 74.55 -13.67
CA GLU D 353 -5.72 75.22 -14.79
C GLU D 353 -5.68 74.39 -16.07
N THR D 354 -4.50 73.94 -16.49
CA THR D 354 -4.38 73.33 -17.81
C THR D 354 -4.80 71.87 -17.79
N LEU D 355 -4.23 71.07 -16.89
CA LEU D 355 -4.60 69.65 -16.84
C LEU D 355 -6.06 69.42 -16.49
N PRO D 356 -6.67 70.12 -15.52
CA PRO D 356 -8.12 69.89 -15.28
C PRO D 356 -8.99 70.18 -16.48
N GLU D 357 -8.72 71.23 -17.24
CA GLU D 357 -9.56 71.53 -18.41
C GLU D 357 -9.27 70.60 -19.56
N LEU D 358 -8.02 70.13 -19.70
CA LEU D 358 -7.72 69.09 -20.68
C LEU D 358 -8.47 67.81 -20.35
N LEU D 359 -8.52 67.44 -19.07
CA LEU D 359 -9.11 66.19 -18.64
C LEU D 359 -10.61 66.28 -18.37
N HIS D 360 -11.23 67.44 -18.60
CA HIS D 360 -12.67 67.62 -18.43
C HIS D 360 -13.09 67.33 -16.99
N MET D 361 -12.27 67.75 -16.03
CA MET D 361 -12.61 67.63 -14.62
C MET D 361 -13.63 68.69 -14.24
N SER D 362 -14.38 68.41 -13.18
CA SER D 362 -15.40 69.34 -12.71
C SER D 362 -14.75 70.65 -12.25
N ARG D 363 -15.30 71.77 -12.70
CA ARG D 363 -14.71 73.06 -12.39
C ARG D 363 -15.06 73.46 -10.95
N PRO D 364 -14.18 74.23 -10.28
CA PRO D 364 -14.53 74.69 -8.93
C PRO D 364 -15.62 75.74 -8.95
N ALA D 365 -16.43 75.74 -7.91
CA ALA D 365 -17.50 76.72 -7.73
C ALA D 365 -18.48 76.70 -8.90
N GLN D 429 -5.28 110.83 24.80
CA GLN D 429 -6.58 110.46 25.35
C GLN D 429 -6.47 109.21 26.21
N GLU D 430 -6.98 109.28 27.44
CA GLU D 430 -6.98 108.11 28.31
C GLU D 430 -7.89 107.02 27.77
N LEU D 431 -8.93 107.40 27.02
CA LEU D 431 -9.81 106.40 26.40
C LEU D 431 -9.03 105.53 25.42
N PHE D 432 -8.24 106.17 24.54
CA PHE D 432 -7.47 105.39 23.58
C PHE D 432 -6.38 104.58 24.26
N ASN D 433 -5.78 105.11 25.33
CA ASN D 433 -4.76 104.35 26.05
C ASN D 433 -5.37 103.14 26.74
N GLU D 434 -6.60 103.26 27.23
CA GLU D 434 -7.26 102.13 27.88
C GLU D 434 -7.73 101.10 26.86
N LEU D 435 -8.12 101.55 25.66
CA LEU D 435 -8.57 100.64 24.61
C LEU D 435 -7.43 100.09 23.76
N LYS D 436 -6.21 100.60 23.91
CA LYS D 436 -5.09 100.10 23.12
C LYS D 436 -4.83 98.61 23.32
N PRO D 437 -4.86 98.05 24.54
CA PRO D 437 -4.77 96.58 24.63
C PRO D 437 -5.87 95.87 23.87
N ALA D 438 -7.09 96.40 23.89
CA ALA D 438 -8.18 95.78 23.15
C ALA D 438 -7.94 95.84 21.64
N VAL D 439 -7.46 96.98 21.15
CA VAL D 439 -7.19 97.11 19.72
C VAL D 439 -6.05 96.19 19.30
N ASP D 440 -5.00 96.11 20.13
CA ASP D 440 -3.89 95.21 19.84
C ASP D 440 -4.35 93.75 19.82
N GLY D 441 -5.21 93.37 20.77
CA GLY D 441 -5.73 92.02 20.76
C GLY D 441 -6.60 91.74 19.55
N ALA D 442 -7.43 92.71 19.16
CA ALA D 442 -8.25 92.55 17.97
C ALA D 442 -7.39 92.35 16.73
N ASN D 443 -6.34 93.16 16.59
CA ASN D 443 -5.45 93.01 15.44
C ASN D 443 -4.71 91.67 15.48
N PHE D 444 -4.32 91.21 16.67
CA PHE D 444 -3.65 89.92 16.78
C PHE D 444 -4.56 88.77 16.36
N ILE D 445 -5.82 88.79 16.84
CA ILE D 445 -6.78 87.77 16.40
C ILE D 445 -7.01 87.85 14.90
N VAL D 446 -7.12 89.07 14.37
CA VAL D 446 -7.37 89.21 12.93
C VAL D 446 -6.22 88.61 12.13
N ASN D 447 -4.99 88.93 12.52
CA ASN D 447 -3.83 88.40 11.82
C ASN D 447 -3.76 86.88 11.96
N HIS D 448 -4.11 86.35 13.13
CA HIS D 448 -4.08 84.91 13.34
C HIS D 448 -5.07 84.21 12.40
N MET D 449 -6.31 84.68 12.35
CA MET D 449 -7.29 84.04 11.46
C MET D 449 -6.91 84.22 10.00
N ARG D 450 -6.36 85.38 9.62
CA ARG D 450 -5.95 85.57 8.23
C ARG D 450 -4.83 84.60 7.84
N ASP D 451 -3.83 84.46 8.70
CA ASP D 451 -2.75 83.53 8.42
C ASP D 451 -3.25 82.10 8.37
N GLN D 452 -4.16 81.73 9.27
CA GLN D 452 -4.73 80.40 9.25
C GLN D 452 -5.50 80.15 7.96
N ASN D 453 -6.25 81.15 7.49
CA ASN D 453 -7.00 81.00 6.26
C ASN D 453 -6.08 80.83 5.05
N ASN D 454 -4.99 81.61 5.00
CA ASN D 454 -4.05 81.46 3.90
C ASN D 454 -3.38 80.09 3.91
N TYR D 455 -3.00 79.63 5.11
CA TYR D 455 -2.46 78.28 5.27
C TYR D 455 -3.44 77.24 4.75
N ASN D 456 -4.72 77.38 5.12
CA ASN D 456 -5.74 76.44 4.70
C ASN D 456 -5.91 76.45 3.18
N GLU D 457 -5.94 77.65 2.58
CA GLU D 457 -6.10 77.73 1.12
C GLU D 457 -4.94 77.07 0.40
N GLU D 458 -3.71 77.23 0.92
CA GLU D 458 -2.60 76.51 0.30
C GLU D 458 -2.77 75.00 0.44
N LYS D 459 -3.32 74.55 1.58
CA LYS D 459 -3.57 73.12 1.74
C LYS D 459 -4.58 72.59 0.73
N ASP D 460 -5.69 73.32 0.52
CA ASP D 460 -6.63 72.92 -0.54
C ASP D 460 -5.99 72.97 -1.93
N SER D 461 -5.08 73.92 -2.18
CA SER D 461 -4.40 73.93 -3.47
C SER D 461 -3.59 72.66 -3.67
N TRP D 462 -2.88 72.23 -2.62
CA TRP D 462 -2.13 70.97 -2.70
C TRP D 462 -3.07 69.78 -2.90
N ASN D 463 -4.23 69.81 -2.23
CA ASN D 463 -5.21 68.74 -2.41
C ASN D 463 -5.71 68.66 -3.85
N ARG D 464 -5.97 69.82 -4.46
CA ARG D 464 -6.43 69.84 -5.84
C ARG D 464 -5.35 69.36 -6.80
N VAL D 465 -4.09 69.70 -6.52
CA VAL D 465 -2.99 69.17 -7.33
C VAL D 465 -2.96 67.65 -7.24
N ALA D 466 -3.14 67.12 -6.02
CA ALA D 466 -3.15 65.67 -5.85
C ALA D 466 -4.31 65.04 -6.62
N ARG D 467 -5.49 65.68 -6.60
CA ARG D 467 -6.63 65.15 -7.35
C ARG D 467 -6.34 65.12 -8.85
N THR D 468 -5.72 66.19 -9.38
CA THR D 468 -5.40 66.21 -10.80
C THR D 468 -4.42 65.11 -11.16
N VAL D 469 -3.40 64.90 -10.32
CA VAL D 469 -2.45 63.82 -10.57
C VAL D 469 -3.16 62.48 -10.53
N ASP D 470 -4.11 62.32 -9.61
CA ASP D 470 -4.84 61.05 -9.52
C ASP D 470 -5.67 60.80 -10.77
N ARG D 471 -6.35 61.83 -11.28
CA ARG D 471 -7.15 61.66 -12.49
C ARG D 471 -6.28 61.32 -13.70
N LEU D 472 -5.15 62.01 -13.84
CA LEU D 472 -4.23 61.69 -14.93
C LEU D 472 -3.72 60.27 -14.83
N CYS D 473 -3.36 59.84 -13.61
CA CYS D 473 -2.88 58.48 -13.42
C CYS D 473 -3.97 57.45 -13.69
N LEU D 474 -5.23 57.78 -13.38
CA LEU D 474 -6.33 56.90 -13.75
C LEU D 474 -6.37 56.70 -15.26
N PHE D 475 -6.43 57.81 -16.00
CA PHE D 475 -6.57 57.72 -17.45
C PHE D 475 -5.32 57.20 -18.14
N VAL D 476 -4.17 57.15 -17.45
CA VAL D 476 -2.97 56.56 -18.02
C VAL D 476 -2.85 55.08 -17.66
N VAL D 477 -3.24 54.70 -16.45
CA VAL D 477 -2.96 53.36 -15.94
C VAL D 477 -4.05 52.38 -16.33
N THR D 478 -5.32 52.78 -16.22
CA THR D 478 -6.40 51.84 -16.53
C THR D 478 -6.37 51.35 -17.97
N PRO D 479 -6.19 52.21 -19.00
CA PRO D 479 -6.08 51.65 -20.37
C PRO D 479 -4.92 50.70 -20.54
N VAL D 480 -3.79 50.95 -19.88
CA VAL D 480 -2.66 50.03 -19.98
C VAL D 480 -3.03 48.68 -19.41
N MET D 481 -3.69 48.66 -18.25
CA MET D 481 -4.12 47.41 -17.65
C MET D 481 -5.08 46.65 -18.56
N VAL D 482 -6.07 47.37 -19.10
CA VAL D 482 -7.09 46.73 -19.93
C VAL D 482 -6.46 46.14 -21.19
N VAL D 483 -5.60 46.93 -21.85
CA VAL D 483 -5.00 46.47 -23.10
C VAL D 483 -4.05 45.30 -22.85
N GLY D 484 -3.24 45.38 -21.80
CA GLY D 484 -2.34 44.28 -21.52
C GLY D 484 -3.06 43.00 -21.19
N THR D 485 -4.10 43.08 -20.36
CA THR D 485 -4.89 41.90 -20.03
C THR D 485 -5.56 41.34 -21.27
N ALA D 486 -6.14 42.21 -22.11
CA ALA D 486 -6.81 41.75 -23.32
C ALA D 486 -5.84 41.05 -24.25
N TRP D 487 -4.65 41.61 -24.45
CA TRP D 487 -3.66 40.97 -25.32
C TRP D 487 -3.24 39.62 -24.76
N ILE D 488 -2.93 39.57 -23.46
CA ILE D 488 -2.44 38.35 -22.85
C ILE D 488 -3.47 37.24 -22.98
N PHE D 489 -4.74 37.55 -22.70
CA PHE D 489 -5.77 36.53 -22.74
C PHE D 489 -6.24 36.21 -24.17
N LEU D 490 -6.10 37.15 -25.10
CA LEU D 490 -6.45 36.88 -26.49
C LEU D 490 -5.42 35.98 -27.15
N GLN D 491 -4.17 36.00 -26.68
CA GLN D 491 -3.21 35.00 -27.15
C GLN D 491 -3.71 33.58 -26.87
N GLY D 492 -4.37 33.39 -25.73
CA GLY D 492 -4.83 32.07 -25.34
C GLY D 492 -6.21 31.71 -25.86
N VAL D 493 -7.08 32.71 -26.01
CA VAL D 493 -8.45 32.44 -26.46
C VAL D 493 -8.44 31.88 -27.88
N TYR D 494 -7.59 32.42 -28.75
CA TYR D 494 -7.47 31.98 -30.13
C TYR D 494 -6.37 30.93 -30.32
N ASN D 495 -6.02 30.19 -29.27
CA ASN D 495 -5.06 29.10 -29.37
C ASN D 495 -5.83 27.80 -29.57
N GLN D 496 -5.64 27.19 -30.74
CA GLN D 496 -6.29 25.94 -31.13
C GLN D 496 -5.23 25.05 -31.74
N PRO D 497 -5.36 23.73 -31.67
CA PRO D 497 -4.42 22.86 -32.39
C PRO D 497 -4.59 23.00 -33.90
N PRO D 498 -3.58 22.65 -34.69
CA PRO D 498 -3.67 22.87 -36.13
C PRO D 498 -4.74 22.00 -36.75
N PRO D 499 -5.22 22.35 -37.95
CA PRO D 499 -6.27 21.54 -38.58
C PRO D 499 -5.87 20.10 -38.84
N GLN D 500 -4.59 19.84 -39.16
CA GLN D 500 -4.06 18.50 -39.39
C GLN D 500 -3.17 18.07 -38.22
N PRO D 501 -3.14 16.79 -37.87
CA PRO D 501 -2.26 16.38 -36.75
C PRO D 501 -0.78 16.63 -36.99
N PHE D 502 -0.30 16.49 -38.23
CA PHE D 502 1.11 16.67 -38.57
C PHE D 502 1.25 17.86 -39.52
N PRO D 503 1.96 18.94 -39.15
CA PRO D 503 2.22 19.99 -40.15
C PRO D 503 3.01 19.46 -41.33
N GLY D 504 2.65 19.91 -42.52
CA GLY D 504 3.24 19.45 -43.76
C GLY D 504 2.56 18.24 -44.37
N ASP D 505 1.75 17.52 -43.59
CA ASP D 505 1.00 16.37 -44.07
C ASP D 505 -0.46 16.78 -44.25
N PRO D 506 -1.02 16.81 -45.47
CA PRO D 506 -2.41 17.27 -45.60
C PRO D 506 -3.44 16.27 -45.09
N TYR D 507 -3.06 15.02 -44.85
CA TYR D 507 -4.04 14.01 -44.46
C TYR D 507 -4.57 14.27 -43.06
N SER D 508 -5.87 14.00 -42.89
CA SER D 508 -6.56 14.30 -41.63
C SER D 508 -6.51 13.15 -40.62
N TYR D 509 -6.20 11.93 -41.06
CA TYR D 509 -6.16 10.76 -40.19
C TYR D 509 -7.50 10.56 -39.47
N ASN D 510 -8.58 10.67 -40.24
CA ASN D 510 -9.94 10.52 -39.74
C ASN D 510 -10.59 9.28 -40.34
N VAL D 511 -11.67 8.85 -39.71
CA VAL D 511 -12.36 7.65 -40.18
C VAL D 511 -13.08 7.92 -41.51
N GLN D 512 -13.54 9.14 -41.72
CA GLN D 512 -14.24 9.45 -42.96
C GLN D 512 -13.30 9.34 -44.16
N ASP D 513 -12.07 9.83 -44.03
CA ASP D 513 -11.14 9.91 -45.17
C ASP D 513 -10.24 8.67 -45.18
N LYS D 514 -10.85 7.54 -45.52
CA LYS D 514 -10.10 6.31 -45.68
C LYS D 514 -9.22 6.37 -46.92
N ARG D 515 -7.99 5.88 -46.79
CA ARG D 515 -7.04 5.83 -47.90
C ARG D 515 -7.00 4.39 -48.41
N PHE D 516 -7.91 4.08 -49.32
CA PHE D 516 -8.02 2.73 -49.86
C PHE D 516 -6.79 2.38 -50.70
N ILE D 517 -6.38 1.12 -50.63
CA ILE D 517 -5.23 0.66 -51.39
C ILE D 517 -5.59 0.62 -52.87
N LYS E 21 23.89 -39.72 8.95
CA LYS E 21 22.58 -39.28 8.41
C LYS E 21 21.85 -38.41 9.43
N ASN E 22 21.47 -37.20 9.01
CA ASN E 22 20.71 -36.33 9.89
C ASN E 22 19.35 -36.95 10.18
N GLU E 23 18.96 -36.95 11.46
CA GLU E 23 17.68 -37.53 11.84
C GLU E 23 16.51 -36.64 11.40
N GLU E 24 16.75 -35.33 11.27
CA GLU E 24 15.71 -34.44 10.79
C GLU E 24 15.26 -34.82 9.38
N LEU E 25 16.21 -35.19 8.52
CA LEU E 25 15.87 -35.58 7.16
C LEU E 25 15.07 -36.88 7.14
N ARG E 26 15.46 -37.84 8.00
CA ARG E 26 14.71 -39.09 8.08
C ARG E 26 13.28 -38.84 8.56
N LEU E 27 13.12 -37.98 9.57
CA LEU E 27 11.78 -37.64 10.04
C LEU E 27 10.98 -36.93 8.95
N TYR E 28 11.61 -36.01 8.22
CA TYR E 28 10.92 -35.29 7.17
C TYR E 28 10.44 -36.24 6.07
N HIS E 29 11.30 -37.18 5.67
CA HIS E 29 10.89 -38.16 4.67
C HIS E 29 9.78 -39.05 5.21
N HIS E 30 9.85 -39.42 6.49
CA HIS E 30 8.82 -40.27 7.07
C HIS E 30 7.46 -39.57 7.08
N LEU E 31 7.44 -38.28 7.41
CA LEU E 31 6.17 -37.57 7.56
C LEU E 31 5.59 -37.11 6.22
N PHE E 32 6.44 -36.72 5.27
CA PHE E 32 6.00 -35.97 4.10
C PHE E 32 6.15 -36.70 2.77
N ASN E 33 6.70 -37.92 2.75
CA ASN E 33 6.82 -38.63 1.48
C ASN E 33 5.44 -38.98 0.92
N ASN E 34 4.49 -39.28 1.79
CA ASN E 34 3.10 -39.57 1.41
C ASN E 34 2.22 -38.65 2.25
N TYR E 35 2.00 -37.43 1.74
CA TYR E 35 1.25 -36.43 2.48
C TYR E 35 0.65 -35.43 1.51
N ASP E 36 -0.61 -35.07 1.75
CA ASP E 36 -1.35 -34.14 0.89
C ASP E 36 -1.65 -32.87 1.67
N PRO E 37 -0.99 -31.74 1.42
CA PRO E 37 -1.37 -30.50 2.13
C PRO E 37 -2.70 -29.92 1.67
N GLY E 38 -3.30 -30.44 0.60
CA GLY E 38 -4.58 -29.93 0.14
C GLY E 38 -5.77 -30.46 0.90
N SER E 39 -5.62 -31.57 1.62
CA SER E 39 -6.71 -32.20 2.36
C SER E 39 -6.66 -31.81 3.82
N ARG E 40 -7.83 -31.60 4.41
CA ARG E 40 -7.90 -31.30 5.82
C ARG E 40 -7.42 -32.50 6.65
N PRO E 41 -6.85 -32.26 7.85
CA PRO E 41 -6.45 -33.41 8.68
C PRO E 41 -7.62 -33.97 9.51
N VAL E 42 -8.53 -34.65 8.82
CA VAL E 42 -9.69 -35.28 9.44
C VAL E 42 -9.83 -36.70 8.91
N ARG E 43 -10.11 -37.64 9.80
CA ARG E 43 -10.29 -39.03 9.39
C ARG E 43 -11.58 -39.21 8.59
N GLU E 44 -12.63 -38.46 8.93
CA GLU E 44 -13.91 -38.49 8.23
C GLU E 44 -14.23 -37.09 7.71
N PRO E 45 -14.95 -36.96 6.58
CA PRO E 45 -15.25 -35.61 6.08
C PRO E 45 -16.07 -34.76 7.02
N GLU E 46 -16.92 -35.37 7.84
CA GLU E 46 -17.83 -34.61 8.71
C GLU E 46 -17.16 -34.15 10.00
N ASP E 47 -15.93 -34.57 10.27
CA ASP E 47 -15.22 -34.08 11.44
C ASP E 47 -14.75 -32.64 11.21
N THR E 48 -14.57 -31.91 12.31
CA THR E 48 -14.15 -30.53 12.30
C THR E 48 -12.71 -30.42 12.80
N VAL E 49 -11.98 -29.46 12.23
CA VAL E 49 -10.63 -29.13 12.67
C VAL E 49 -10.72 -27.95 13.62
N THR E 50 -10.17 -28.09 14.81
CA THR E 50 -10.16 -27.03 15.80
C THR E 50 -8.85 -26.26 15.72
N ILE E 51 -8.95 -24.94 15.61
CA ILE E 51 -7.79 -24.06 15.51
C ILE E 51 -7.76 -23.19 16.76
N SER E 52 -6.64 -23.23 17.47
CA SER E 52 -6.41 -22.35 18.61
C SER E 52 -5.76 -21.07 18.11
N LEU E 53 -6.44 -19.94 18.30
CA LEU E 53 -6.04 -18.66 17.74
C LEU E 53 -5.58 -17.72 18.84
N LYS E 54 -4.42 -17.10 18.63
CA LYS E 54 -3.97 -15.95 19.39
C LYS E 54 -3.50 -14.90 18.41
N VAL E 55 -3.83 -13.64 18.68
CA VAL E 55 -3.37 -12.51 17.88
C VAL E 55 -2.60 -11.58 18.80
N THR E 56 -1.32 -11.39 18.48
CA THR E 56 -0.43 -10.52 19.25
C THR E 56 -0.17 -9.25 18.45
N LEU E 57 -0.32 -8.10 19.09
CA LEU E 57 -0.08 -6.80 18.48
C LEU E 57 1.27 -6.27 18.92
N THR E 58 2.12 -5.95 17.95
CA THR E 58 3.43 -5.37 18.23
C THR E 58 3.41 -3.85 18.17
N ASN E 59 2.80 -3.29 17.12
CA ASN E 59 2.73 -1.84 16.93
C ASN E 59 1.41 -1.44 16.31
N LEU E 60 0.86 -0.32 16.79
CA LEU E 60 -0.22 0.39 16.10
C LEU E 60 0.44 1.52 15.31
N ILE E 61 0.49 1.38 14.00
CA ILE E 61 1.24 2.33 13.18
C ILE E 61 0.48 3.63 13.04
N SER E 62 -0.75 3.59 12.53
CA SER E 62 -1.52 4.80 12.35
C SER E 62 -2.97 4.46 12.08
N LEU E 63 -3.84 5.45 12.33
CA LEU E 63 -5.23 5.43 11.88
C LEU E 63 -5.41 6.61 10.93
N ASN E 64 -5.57 6.32 9.65
CA ASN E 64 -5.74 7.35 8.62
C ASN E 64 -7.22 7.72 8.56
N GLU E 65 -7.54 8.92 9.06
CA GLU E 65 -8.94 9.35 9.08
C GLU E 65 -9.47 9.58 7.66
N LYS E 66 -8.64 10.14 6.79
CA LYS E 66 -9.10 10.46 5.43
C LYS E 66 -9.48 9.19 4.67
N GLU E 67 -8.67 8.14 4.78
CA GLU E 67 -8.96 6.85 4.17
C GLU E 67 -9.69 5.90 5.10
N GLU E 68 -9.87 6.25 6.38
CA GLU E 68 -10.53 5.41 7.37
C GLU E 68 -9.87 4.03 7.44
N THR E 69 -8.55 4.05 7.60
CA THR E 69 -7.72 2.84 7.56
C THR E 69 -6.88 2.77 8.84
N LEU E 70 -6.88 1.61 9.47
CA LEU E 70 -6.02 1.32 10.63
C LEU E 70 -4.90 0.41 10.16
N THR E 71 -3.66 0.83 10.40
CA THR E 71 -2.48 0.05 10.08
C THR E 71 -1.87 -0.49 11.37
N THR E 72 -1.70 -1.81 11.43
CA THR E 72 -1.16 -2.48 12.60
C THR E 72 -0.12 -3.50 12.17
N SER E 73 0.83 -3.76 13.07
CA SER E 73 1.80 -4.83 12.93
C SER E 73 1.47 -5.88 14.00
N VAL E 74 1.17 -7.10 13.55
CA VAL E 74 0.75 -8.18 14.43
C VAL E 74 1.45 -9.46 14.00
N TRP E 75 1.39 -10.47 14.86
CA TRP E 75 1.70 -11.83 14.46
C TRP E 75 0.68 -12.79 15.06
N ILE E 76 0.17 -13.69 14.24
CA ILE E 76 -0.94 -14.55 14.59
C ILE E 76 -0.39 -15.86 15.14
N GLY E 77 -0.89 -16.27 16.30
CA GLY E 77 -0.58 -17.58 16.85
C GLY E 77 -1.64 -18.59 16.46
N ILE E 78 -1.25 -19.61 15.70
CA ILE E 78 -2.18 -20.60 15.15
C ILE E 78 -1.68 -21.98 15.56
N ASP E 79 -2.53 -22.75 16.24
CA ASP E 79 -2.21 -24.09 16.68
C ASP E 79 -3.35 -25.03 16.35
N TRP E 80 -3.01 -26.23 15.90
CA TRP E 80 -4.01 -27.25 15.57
C TRP E 80 -3.32 -28.61 15.55
N GLN E 81 -4.12 -29.66 15.38
CA GLN E 81 -3.64 -31.03 15.37
C GLN E 81 -3.71 -31.59 13.96
N ASP E 82 -2.69 -32.37 13.59
CA ASP E 82 -2.63 -33.05 12.30
C ASP E 82 -2.16 -34.48 12.59
N TYR E 83 -3.10 -35.43 12.55
CA TYR E 83 -2.76 -36.82 12.89
C TYR E 83 -1.77 -37.41 11.90
N ARG E 84 -1.75 -36.91 10.66
CA ARG E 84 -0.82 -37.43 9.66
C ARG E 84 0.63 -37.07 9.99
N LEU E 85 0.87 -35.96 10.68
CA LEU E 85 2.23 -35.48 11.02
C LEU E 85 2.55 -35.88 12.47
N ASN E 86 2.05 -37.02 12.93
CA ASN E 86 2.25 -37.49 14.33
C ASN E 86 3.51 -38.36 14.39
N TYR E 87 4.38 -38.09 15.35
CA TYR E 87 5.65 -38.84 15.52
C TYR E 87 6.06 -38.84 17.00
N SER E 88 6.85 -39.82 17.43
CA SER E 88 7.39 -39.90 18.77
C SER E 88 8.88 -39.58 18.74
N LYS E 89 9.32 -38.78 19.71
CA LYS E 89 10.74 -38.40 19.80
C LYS E 89 11.58 -39.67 19.91
N ASP E 90 11.13 -40.73 20.58
CA ASP E 90 11.95 -41.91 20.82
C ASP E 90 12.32 -42.63 19.54
N ASP E 91 11.47 -42.56 18.51
CA ASP E 91 11.73 -43.22 17.24
C ASP E 91 12.62 -42.41 16.30
N PHE E 92 12.97 -41.17 16.67
CA PHE E 92 13.74 -40.30 15.79
C PHE E 92 14.81 -39.54 16.58
N GLY E 93 15.51 -40.26 17.45
CA GLY E 93 16.68 -39.70 18.11
C GLY E 93 16.40 -38.56 19.06
N GLY E 94 15.18 -38.46 19.58
CA GLY E 94 14.85 -37.43 20.55
C GLY E 94 14.42 -36.10 19.97
N ILE E 95 14.12 -36.03 18.67
CA ILE E 95 13.66 -34.78 18.08
C ILE E 95 12.27 -34.47 18.60
N GLU E 96 12.12 -33.32 19.25
CA GLU E 96 10.84 -32.85 19.77
C GLU E 96 10.18 -31.81 18.87
N THR E 97 10.91 -31.25 17.91
CA THR E 97 10.38 -30.20 17.04
C THR E 97 11.01 -30.31 15.67
N LEU E 98 10.22 -30.02 14.64
CA LEU E 98 10.67 -30.00 13.26
C LEU E 98 10.14 -28.74 12.59
N ARG E 99 11.04 -27.95 12.01
CA ARG E 99 10.68 -26.78 11.24
C ARG E 99 10.62 -27.15 9.77
N VAL E 100 9.49 -26.85 9.13
CA VAL E 100 9.33 -27.05 7.69
C VAL E 100 8.63 -25.83 7.11
N PRO E 101 8.81 -25.56 5.81
CA PRO E 101 8.06 -24.46 5.19
C PRO E 101 6.55 -24.68 5.30
N SER E 102 5.83 -23.58 5.54
CA SER E 102 4.39 -23.68 5.70
C SER E 102 3.68 -24.12 4.43
N GLU E 103 4.34 -24.03 3.27
CA GLU E 103 3.69 -24.44 2.02
C GLU E 103 3.57 -25.96 1.91
N LEU E 104 4.27 -26.71 2.75
CA LEU E 104 4.25 -28.17 2.68
C LEU E 104 3.16 -28.80 3.53
N VAL E 105 2.55 -28.07 4.46
CA VAL E 105 1.50 -28.60 5.33
C VAL E 105 0.18 -27.93 4.98
N TRP E 106 -0.90 -28.62 5.34
CA TRP E 106 -2.22 -28.01 5.28
C TRP E 106 -2.29 -26.85 6.26
N LEU E 107 -2.94 -25.77 5.85
CA LEU E 107 -3.19 -24.62 6.69
C LEU E 107 -4.68 -24.30 6.67
N PRO E 108 -5.24 -23.72 7.74
CA PRO E 108 -6.66 -23.33 7.69
C PRO E 108 -6.94 -22.08 6.86
N GLU E 109 -5.91 -21.39 6.38
CA GLU E 109 -6.06 -20.22 5.50
C GLU E 109 -6.83 -19.11 6.21
N ILE E 110 -6.25 -18.62 7.31
CA ILE E 110 -6.83 -17.52 8.06
C ILE E 110 -6.49 -16.22 7.36
N VAL E 111 -7.50 -15.37 7.18
CA VAL E 111 -7.35 -14.07 6.54
C VAL E 111 -8.05 -13.01 7.38
N LEU E 112 -7.63 -11.77 7.21
CA LEU E 112 -8.35 -10.62 7.75
C LEU E 112 -9.44 -10.24 6.76
N GLU E 113 -10.69 -10.50 7.12
CA GLU E 113 -11.79 -10.29 6.17
C GLU E 113 -12.03 -8.80 5.92
N ASN E 114 -11.89 -7.98 6.95
CA ASN E 114 -12.21 -6.55 6.84
C ASN E 114 -11.00 -5.71 6.46
N ASN E 115 -10.05 -6.27 5.72
CA ASN E 115 -8.97 -5.46 5.17
C ASN E 115 -9.51 -4.51 4.12
N ILE E 116 -8.85 -3.36 3.98
CA ILE E 116 -9.29 -2.32 3.05
C ILE E 116 -8.44 -2.27 1.78
N ASP E 117 -7.20 -2.74 1.82
CA ASP E 117 -6.26 -2.62 0.71
C ASP E 117 -6.19 -3.86 -0.16
N GLY E 118 -7.05 -4.85 0.08
CA GLY E 118 -7.02 -6.08 -0.69
C GLY E 118 -6.02 -7.10 -0.23
N GLN E 119 -5.23 -6.81 0.81
CA GLN E 119 -4.25 -7.75 1.34
C GLN E 119 -4.93 -8.60 2.41
N PHE E 120 -5.23 -9.85 2.07
CA PHE E 120 -5.90 -10.78 2.97
C PHE E 120 -4.92 -11.56 3.83
N GLY E 121 -3.80 -12.00 3.24
CA GLY E 121 -2.90 -12.93 3.89
C GLY E 121 -1.86 -12.26 4.77
N VAL E 122 -1.00 -13.09 5.34
CA VAL E 122 0.06 -12.65 6.25
C VAL E 122 1.21 -12.08 5.44
N ALA E 123 2.13 -11.39 6.12
CA ALA E 123 3.21 -10.68 5.43
C ALA E 123 4.39 -11.61 5.12
N TYR E 124 4.70 -12.54 6.02
CA TYR E 124 5.86 -13.42 5.88
C TYR E 124 5.44 -14.83 6.22
N ASP E 125 5.56 -15.73 5.24
CA ASP E 125 5.22 -17.14 5.43
C ASP E 125 6.36 -17.81 6.18
N ALA E 126 6.26 -17.80 7.51
CA ALA E 126 7.27 -18.41 8.36
C ALA E 126 7.10 -19.93 8.37
N ASN E 127 8.12 -20.62 8.87
CA ASN E 127 8.05 -22.06 9.04
C ASN E 127 6.98 -22.43 10.05
N VAL E 128 6.34 -23.57 9.83
CA VAL E 128 5.51 -24.21 10.83
C VAL E 128 6.40 -25.07 11.72
N LEU E 129 6.05 -25.16 13.00
CA LEU E 129 6.72 -26.05 13.94
C LEU E 129 5.85 -27.27 14.15
N VAL E 130 6.37 -28.45 13.79
CA VAL E 130 5.67 -29.71 13.91
C VAL E 130 6.20 -30.41 15.14
N TYR E 131 5.45 -30.36 16.23
CA TYR E 131 5.83 -31.04 17.46
C TYR E 131 5.38 -32.50 17.41
N GLU E 132 5.94 -33.30 18.30
CA GLU E 132 5.50 -34.68 18.42
C GLU E 132 4.06 -34.73 18.92
N GLY E 133 3.35 -35.78 18.51
CA GLY E 133 1.95 -35.91 18.82
C GLY E 133 1.00 -35.28 17.81
N GLY E 134 1.49 -34.92 16.63
CA GLY E 134 0.65 -34.31 15.62
C GLY E 134 0.35 -32.85 15.83
N SER E 135 1.00 -32.19 16.78
CA SER E 135 0.73 -30.79 17.07
C SER E 135 1.52 -29.90 16.11
N VAL E 136 0.82 -28.95 15.48
CA VAL E 136 1.41 -28.06 14.48
C VAL E 136 1.19 -26.62 14.94
N THR E 137 2.26 -25.84 14.90
CA THR E 137 2.23 -24.43 15.31
C THR E 137 2.74 -23.57 14.17
N TRP E 138 2.01 -22.51 13.85
CA TRP E 138 2.39 -21.53 12.84
C TRP E 138 2.23 -20.15 13.44
N LEU E 139 3.30 -19.35 13.37
CA LEU E 139 3.34 -18.03 14.01
C LEU E 139 3.81 -16.96 13.02
N PRO E 140 3.04 -16.70 11.97
CA PRO E 140 3.49 -15.76 10.94
C PRO E 140 3.26 -14.33 11.37
N PRO E 141 4.16 -13.39 11.04
CA PRO E 141 3.85 -11.98 11.25
C PRO E 141 3.08 -11.39 10.08
N ALA E 142 2.43 -10.25 10.34
CA ALA E 142 1.56 -9.64 9.34
C ALA E 142 1.50 -8.14 9.54
N ILE E 143 1.34 -7.43 8.42
CA ILE E 143 0.96 -6.03 8.39
C ILE E 143 -0.44 -5.96 7.79
N TYR E 144 -1.38 -5.38 8.53
CA TYR E 144 -2.79 -5.33 8.15
C TYR E 144 -3.23 -3.89 8.03
N ARG E 145 -3.97 -3.60 6.98
CA ARG E 145 -4.64 -2.31 6.78
C ARG E 145 -6.13 -2.58 6.77
N SER E 146 -6.80 -2.25 7.88
CA SER E 146 -8.17 -2.65 8.13
C SER E 146 -9.10 -1.46 8.08
N VAL E 147 -10.37 -1.75 7.77
CA VAL E 147 -11.40 -0.72 7.75
C VAL E 147 -11.73 -0.31 9.19
N CYS E 148 -11.76 0.99 9.45
CA CYS E 148 -12.23 1.53 10.72
C CYS E 148 -13.03 2.80 10.42
N ALA E 149 -14.35 2.69 10.47
CA ALA E 149 -15.20 3.85 10.33
C ALA E 149 -14.95 4.80 11.48
N VAL E 150 -14.62 6.05 11.16
CA VAL E 150 -14.20 7.03 12.16
C VAL E 150 -15.42 7.82 12.62
N GLU E 151 -15.75 7.70 13.91
CA GLU E 151 -16.83 8.48 14.50
C GLU E 151 -16.29 9.89 14.75
N VAL E 152 -16.73 10.84 13.94
CA VAL E 152 -16.09 12.16 13.90
C VAL E 152 -16.62 13.13 14.94
N THR E 153 -17.68 12.78 15.67
CA THR E 153 -18.50 13.76 16.37
C THR E 153 -17.68 14.61 17.35
N TYR E 154 -16.84 13.96 18.16
CA TYR E 154 -16.06 14.63 19.19
C TYR E 154 -14.59 14.76 18.82
N PHE E 155 -14.27 14.64 17.53
CA PHE E 155 -12.90 14.82 17.07
C PHE E 155 -12.44 16.24 17.39
N PRO E 156 -11.21 16.44 17.93
CA PRO E 156 -10.13 15.48 18.21
C PRO E 156 -10.20 14.84 19.61
N PHE E 157 -11.24 15.09 20.39
CA PHE E 157 -11.40 14.42 21.69
C PHE E 157 -12.23 13.15 21.57
N ASP E 158 -11.85 12.29 20.63
CA ASP E 158 -12.64 11.15 20.20
C ASP E 158 -11.94 9.85 20.54
N TRP E 159 -12.74 8.79 20.69
CA TRP E 159 -12.25 7.42 20.77
C TRP E 159 -12.93 6.62 19.67
N GLN E 160 -12.25 5.56 19.23
CA GLN E 160 -12.69 4.76 18.07
C GLN E 160 -12.86 3.30 18.47
N ASN E 161 -13.57 2.52 17.65
CA ASN E 161 -13.83 1.09 17.89
C ASN E 161 -13.43 0.38 16.59
N CYS E 162 -12.15 0.09 16.38
CA CYS E 162 -11.64 -0.51 15.13
C CYS E 162 -11.66 -2.03 15.23
N SER E 163 -12.26 -2.74 14.29
CA SER E 163 -12.43 -4.18 14.32
C SER E 163 -11.35 -4.87 13.50
N LEU E 164 -10.88 -6.01 13.99
CA LEU E 164 -10.05 -6.93 13.24
C LEU E 164 -10.79 -8.26 13.19
N ILE E 165 -11.33 -8.60 12.02
CA ILE E 165 -12.17 -9.78 11.85
C ILE E 165 -11.36 -10.83 11.11
N PHE E 166 -11.21 -12.01 11.73
CA PHE E 166 -10.44 -13.12 11.18
C PHE E 166 -11.36 -14.28 10.89
N ARG E 167 -11.15 -14.92 9.74
CA ARG E 167 -11.90 -16.13 9.39
C ARG E 167 -11.07 -16.96 8.42
N SER E 168 -11.53 -18.18 8.20
CA SER E 168 -10.99 -19.01 7.14
C SER E 168 -11.54 -18.54 5.80
N GLN E 169 -10.65 -18.38 4.81
CA GLN E 169 -11.10 -17.98 3.48
C GLN E 169 -11.76 -19.13 2.71
N THR E 170 -11.54 -20.38 3.13
CA THR E 170 -11.97 -21.55 2.39
C THR E 170 -13.05 -22.35 3.09
N TYR E 171 -12.90 -22.62 4.39
CA TYR E 171 -13.68 -23.62 5.09
C TYR E 171 -14.79 -22.98 5.90
N ASN E 172 -15.94 -23.67 5.94
CA ASN E 172 -17.06 -23.22 6.75
C ASN E 172 -16.91 -23.73 8.18
N ALA E 173 -17.86 -23.35 9.05
CA ALA E 173 -17.71 -23.62 10.47
C ALA E 173 -17.73 -25.11 10.77
N GLU E 174 -18.38 -25.92 9.94
CA GLU E 174 -18.36 -27.37 10.15
C GLU E 174 -17.02 -27.99 9.78
N GLU E 175 -16.28 -27.36 8.88
CA GLU E 175 -14.99 -27.89 8.43
C GLU E 175 -13.84 -27.41 9.30
N VAL E 176 -13.82 -26.13 9.66
CA VAL E 176 -12.80 -25.55 10.53
C VAL E 176 -13.50 -24.64 11.53
N GLU E 177 -13.17 -24.80 12.81
CA GLU E 177 -13.68 -23.96 13.89
C GLU E 177 -12.51 -23.35 14.64
N PHE E 178 -12.82 -22.31 15.42
CA PHE E 178 -11.82 -21.56 16.17
C PHE E 178 -12.06 -21.69 17.66
N THR E 179 -10.97 -21.72 18.42
CA THR E 179 -10.99 -21.53 19.86
C THR E 179 -9.88 -20.56 20.22
N PHE E 180 -10.03 -19.89 21.36
CA PHE E 180 -9.01 -18.99 21.83
C PHE E 180 -7.89 -19.76 22.50
N ALA E 181 -6.67 -19.22 22.40
CA ALA E 181 -5.53 -19.83 23.05
C ALA E 181 -5.57 -19.58 24.56
N VAL E 182 -4.87 -20.44 25.30
CA VAL E 182 -4.79 -20.37 26.75
C VAL E 182 -3.34 -20.15 27.13
N ASP E 183 -3.13 -19.36 28.19
CA ASP E 183 -1.80 -19.14 28.72
C ASP E 183 -1.38 -20.32 29.60
N ASN E 184 -0.16 -20.24 30.16
CA ASN E 184 0.33 -21.31 31.01
C ASN E 184 -0.52 -21.47 32.27
N ASP E 185 -1.08 -20.38 32.79
CA ASP E 185 -1.97 -20.46 33.94
C ASP E 185 -3.31 -21.10 33.60
N GLY E 186 -3.66 -21.23 32.32
CA GLY E 186 -4.86 -21.92 31.90
C GLY E 186 -6.02 -21.02 31.54
N LYS E 187 -5.97 -19.74 31.85
CA LYS E 187 -7.06 -18.85 31.50
C LYS E 187 -7.08 -18.58 30.00
N THR E 188 -8.28 -18.44 29.45
CA THR E 188 -8.43 -18.20 28.01
C THR E 188 -8.02 -16.78 27.66
N ILE E 189 -7.22 -16.63 26.61
CA ILE E 189 -6.77 -15.32 26.14
C ILE E 189 -7.80 -14.88 25.10
N ASN E 190 -8.90 -14.32 25.57
CA ASN E 190 -9.95 -13.80 24.70
C ASN E 190 -9.76 -12.31 24.43
N LYS E 191 -8.58 -11.94 23.94
CA LYS E 191 -8.24 -10.55 23.69
C LYS E 191 -7.01 -10.50 22.81
N ILE E 192 -6.63 -9.29 22.42
CA ILE E 192 -5.36 -9.07 21.73
C ILE E 192 -4.25 -9.12 22.77
N ASP E 193 -3.23 -9.92 22.50
CA ASP E 193 -2.07 -10.02 23.38
C ASP E 193 -1.07 -8.92 23.04
N ILE E 194 -0.59 -8.23 24.07
CA ILE E 194 0.44 -7.20 23.92
C ILE E 194 1.54 -7.46 24.93
N ASP E 195 2.78 -7.50 24.45
CA ASP E 195 3.94 -7.64 25.33
C ASP E 195 4.28 -6.28 25.90
N THR E 196 4.21 -6.15 27.23
CA THR E 196 4.41 -4.85 27.87
C THR E 196 5.83 -4.34 27.66
N GLU E 197 6.82 -5.24 27.72
CA GLU E 197 8.21 -4.81 27.64
C GLU E 197 8.54 -4.22 26.28
N ALA E 198 8.11 -4.90 25.20
CA ALA E 198 8.47 -4.49 23.86
C ALA E 198 7.53 -3.42 23.27
N TYR E 199 6.36 -3.18 23.87
CA TYR E 199 5.33 -2.28 23.30
C TYR E 199 5.67 -0.80 23.46
N THR E 200 5.67 -0.05 22.36
CA THR E 200 5.86 1.42 22.36
C THR E 200 4.50 1.97 21.92
N GLU E 201 3.85 2.76 22.76
CA GLU E 201 2.51 3.29 22.45
C GLU E 201 2.56 4.20 21.23
N ASN E 202 1.52 4.19 20.40
CA ASN E 202 1.42 5.09 19.25
C ASN E 202 1.42 6.54 19.74
N GLY E 203 2.03 7.42 18.94
CA GLY E 203 2.20 8.80 19.36
C GLY E 203 0.89 9.53 19.57
N GLU E 204 -0.17 9.12 18.88
CA GLU E 204 -1.47 9.77 18.94
C GLU E 204 -2.57 8.92 19.54
N TRP E 205 -2.41 7.61 19.62
CA TRP E 205 -3.49 6.68 19.96
C TRP E 205 -3.06 5.78 21.10
N ALA E 206 -3.92 5.67 22.12
CA ALA E 206 -3.73 4.78 23.25
C ALA E 206 -4.76 3.67 23.19
N ILE E 207 -4.31 2.42 23.29
CA ILE E 207 -5.18 1.26 23.22
C ILE E 207 -5.68 0.97 24.63
N ASP E 208 -6.98 1.18 24.86
CA ASP E 208 -7.58 1.01 26.18
C ASP E 208 -8.11 -0.41 26.38
N PHE E 209 -8.83 -0.94 25.40
CA PHE E 209 -9.44 -2.26 25.51
C PHE E 209 -9.27 -3.00 24.19
N CYS E 210 -9.28 -4.33 24.26
CA CYS E 210 -9.14 -5.15 23.06
C CYS E 210 -9.75 -6.54 23.25
N PRO E 211 -11.05 -6.64 23.55
CA PRO E 211 -11.65 -7.97 23.73
C PRO E 211 -11.77 -8.71 22.41
N GLY E 212 -11.85 -10.02 22.51
CA GLY E 212 -12.06 -10.88 21.36
C GLY E 212 -13.27 -11.76 21.56
N VAL E 213 -13.99 -12.02 20.47
CA VAL E 213 -15.22 -12.80 20.50
C VAL E 213 -15.23 -13.73 19.29
N ILE E 214 -15.64 -14.98 19.51
CA ILE E 214 -15.83 -15.95 18.45
C ILE E 214 -17.31 -16.02 18.14
N ARG E 215 -17.69 -15.60 16.93
CA ARG E 215 -19.07 -15.55 16.49
C ARG E 215 -19.39 -16.73 15.60
N ARG E 216 -20.64 -17.19 15.67
CA ARG E 216 -21.16 -18.24 14.81
C ARG E 216 -22.54 -17.83 14.32
N HIS E 217 -22.79 -18.00 13.02
CA HIS E 217 -24.05 -17.58 12.42
C HIS E 217 -24.27 -18.39 11.15
N HIS E 218 -25.42 -18.16 10.51
CA HIS E 218 -25.83 -18.85 9.30
C HIS E 218 -25.93 -20.37 9.52
N GLY E 219 -26.18 -20.78 10.76
CA GLY E 219 -26.34 -22.18 11.09
C GLY E 219 -27.72 -22.74 10.89
N GLY E 220 -28.67 -21.93 10.43
CA GLY E 220 -30.02 -22.41 10.20
C GLY E 220 -30.14 -23.24 8.94
N ALA E 221 -31.26 -23.96 8.84
CA ALA E 221 -31.50 -24.80 7.68
C ALA E 221 -31.61 -23.98 6.40
N THR E 222 -32.34 -22.87 6.46
CA THR E 222 -32.42 -21.99 5.30
C THR E 222 -31.07 -21.36 4.99
N ASP E 223 -30.33 -20.96 6.02
CA ASP E 223 -29.01 -20.37 5.81
C ASP E 223 -28.04 -21.37 5.20
N GLY E 224 -28.13 -22.64 5.62
CA GLY E 224 -27.29 -23.69 5.10
C GLY E 224 -26.07 -23.93 5.99
N PRO E 225 -24.88 -24.11 5.40
CA PRO E 225 -23.70 -24.37 6.25
C PRO E 225 -23.35 -23.17 7.11
N GLY E 226 -23.04 -23.44 8.38
CA GLY E 226 -22.72 -22.38 9.29
C GLY E 226 -21.39 -21.72 8.99
N GLU E 227 -21.26 -20.48 9.45
CA GLU E 227 -20.05 -19.69 9.29
C GLU E 227 -19.59 -19.22 10.66
N THR E 228 -18.30 -18.94 10.78
CA THR E 228 -17.74 -18.44 12.02
C THR E 228 -16.57 -17.53 11.71
N ASP E 229 -16.28 -16.65 12.67
CA ASP E 229 -15.12 -15.77 12.57
C ASP E 229 -14.75 -15.31 13.98
N VAL E 230 -13.61 -14.64 14.08
CA VAL E 230 -13.12 -14.06 15.33
C VAL E 230 -13.00 -12.56 15.12
N ILE E 231 -13.62 -11.78 16.01
CA ILE E 231 -13.65 -10.33 15.93
C ILE E 231 -12.96 -9.77 17.18
N TYR E 232 -11.93 -8.97 16.97
CA TYR E 232 -11.25 -8.23 18.03
C TYR E 232 -11.63 -6.77 17.91
N SER E 233 -11.99 -6.15 19.03
CA SER E 233 -12.50 -4.78 19.06
C SER E 233 -11.45 -3.90 19.73
N LEU E 234 -10.59 -3.27 18.93
CA LEU E 234 -9.59 -2.36 19.45
C LEU E 234 -10.25 -1.03 19.80
N ILE E 235 -10.43 -0.79 21.10
CA ILE E 235 -10.92 0.49 21.60
C ILE E 235 -9.71 1.38 21.80
N ILE E 236 -9.60 2.44 21.01
CA ILE E 236 -8.43 3.30 20.98
C ILE E 236 -8.86 4.73 21.29
N ARG E 237 -8.07 5.40 22.13
CA ARG E 237 -8.32 6.77 22.55
C ARG E 237 -7.28 7.68 21.92
N ARG E 238 -7.74 8.77 21.31
CA ARG E 238 -6.81 9.75 20.75
C ARG E 238 -6.23 10.62 21.88
N LYS E 239 -4.94 10.93 21.75
CA LYS E 239 -4.30 11.88 22.63
C LYS E 239 -4.33 13.25 21.94
N PRO E 240 -5.15 14.21 22.41
CA PRO E 240 -5.42 15.39 21.58
C PRO E 240 -4.43 16.54 21.73
N LEU E 241 -3.24 16.26 22.26
CA LEU E 241 -2.31 17.33 22.64
C LEU E 241 -1.93 18.20 21.44
N PHE E 242 -1.67 17.58 20.29
CA PHE E 242 -1.25 18.36 19.12
C PHE E 242 -2.33 19.35 18.71
N TYR E 243 -3.58 18.91 18.64
CA TYR E 243 -4.66 19.80 18.26
C TYR E 243 -4.91 20.86 19.31
N VAL E 244 -4.68 20.55 20.59
CA VAL E 244 -4.87 21.54 21.64
C VAL E 244 -3.82 22.64 21.52
N ILE E 245 -2.55 22.27 21.40
CA ILE E 245 -1.48 23.26 21.37
C ILE E 245 -1.51 24.05 20.06
N ASN E 246 -1.71 23.37 18.93
CA ASN E 246 -1.45 23.99 17.64
C ASN E 246 -2.66 24.69 17.03
N ILE E 247 -3.88 24.22 17.30
CA ILE E 247 -5.07 24.70 16.62
C ILE E 247 -6.05 25.32 17.62
N ILE E 248 -6.45 24.54 18.61
CA ILE E 248 -7.62 24.91 19.42
C ILE E 248 -7.33 26.14 20.27
N VAL E 249 -6.19 26.16 20.95
CA VAL E 249 -5.88 27.27 21.87
C VAL E 249 -5.65 28.56 21.08
N PRO E 250 -4.83 28.57 20.02
CA PRO E 250 -4.74 29.79 19.20
C PRO E 250 -6.07 30.23 18.61
N CYS E 251 -6.89 29.29 18.16
CA CYS E 251 -8.18 29.63 17.59
C CYS E 251 -9.09 30.26 18.65
N VAL E 252 -9.06 29.71 19.86
CA VAL E 252 -9.89 30.23 20.95
C VAL E 252 -9.46 31.65 21.30
N LEU E 253 -8.15 31.89 21.38
CA LEU E 253 -7.69 33.22 21.73
C LEU E 253 -8.02 34.24 20.63
N ILE E 254 -7.75 33.88 19.37
CA ILE E 254 -8.04 34.78 18.26
C ILE E 254 -9.53 35.04 18.15
N SER E 255 -10.35 34.04 18.46
CA SER E 255 -11.80 34.21 18.43
C SER E 255 -12.31 34.99 19.63
N GLY E 256 -11.60 34.97 20.76
CA GLY E 256 -11.95 35.82 21.87
C GLY E 256 -11.57 37.26 21.65
N LEU E 257 -10.63 37.52 20.73
CA LEU E 257 -10.21 38.90 20.49
C LEU E 257 -11.35 39.82 20.07
N VAL E 258 -12.38 39.30 19.38
CA VAL E 258 -13.47 40.16 18.92
C VAL E 258 -14.21 40.84 20.07
N LEU E 259 -14.14 40.27 21.27
CA LEU E 259 -14.75 40.94 22.43
C LEU E 259 -14.07 42.27 22.72
N LEU E 260 -12.78 42.40 22.37
CA LEU E 260 -12.06 43.65 22.58
C LEU E 260 -12.63 44.78 21.73
N ALA E 261 -13.31 44.47 20.63
CA ALA E 261 -13.86 45.52 19.78
C ALA E 261 -14.91 46.35 20.51
N TYR E 262 -15.55 45.78 21.53
CA TYR E 262 -16.54 46.53 22.30
C TYR E 262 -15.91 47.63 23.16
N PHE E 263 -14.59 47.58 23.39
CA PHE E 263 -13.90 48.56 24.22
C PHE E 263 -13.18 49.63 23.43
N LEU E 264 -13.09 49.50 22.11
CA LEU E 264 -12.45 50.52 21.30
C LEU E 264 -13.39 51.69 21.06
N PRO E 265 -12.87 52.90 20.84
CA PRO E 265 -13.76 54.04 20.62
C PRO E 265 -14.49 53.94 19.29
N ALA E 266 -15.68 54.52 19.25
CA ALA E 266 -16.51 54.52 18.04
C ALA E 266 -16.26 55.77 17.20
N GLN E 267 -14.99 55.98 16.86
CA GLN E 267 -14.56 57.12 16.05
C GLN E 267 -13.75 56.65 14.85
N ALA E 268 -13.18 57.60 14.11
CA ALA E 268 -12.42 57.24 12.91
C ALA E 268 -11.17 56.43 13.26
N GLY E 269 -10.47 56.81 14.33
CA GLY E 269 -9.26 56.16 14.73
C GLY E 269 -9.43 54.98 15.67
N GLY E 270 -10.67 54.52 15.88
CA GLY E 270 -10.88 53.41 16.81
C GLY E 270 -10.46 52.06 16.28
N GLN E 271 -10.62 51.83 14.97
CA GLN E 271 -10.26 50.57 14.34
C GLN E 271 -11.05 49.40 14.94
N LYS E 272 -12.32 49.66 15.23
CA LYS E 272 -13.24 48.65 15.83
C LYS E 272 -13.59 47.62 14.76
N CYS E 273 -13.86 48.03 13.53
CA CYS E 273 -14.19 47.13 12.41
C CYS E 273 -12.89 46.48 11.92
N THR E 274 -11.76 47.15 12.04
CA THR E 274 -10.44 46.57 11.66
C THR E 274 -10.31 45.26 12.42
N VAL E 275 -10.44 45.27 13.72
CA VAL E 275 -10.20 44.14 14.62
C VAL E 275 -11.18 43.02 14.33
N SER E 276 -12.47 43.35 14.22
CA SER E 276 -13.47 42.31 14.07
C SER E 276 -13.29 41.53 12.76
N ILE E 277 -13.20 42.26 11.64
CA ILE E 277 -13.14 41.61 10.35
C ILE E 277 -11.80 40.89 10.17
N ASN E 278 -10.72 41.39 10.77
CA ASN E 278 -9.46 40.68 10.67
C ASN E 278 -9.47 39.41 11.51
N VAL E 279 -10.21 39.40 12.62
CA VAL E 279 -10.41 38.15 13.34
C VAL E 279 -11.17 37.16 12.45
N LEU E 280 -12.15 37.64 11.69
CA LEU E 280 -12.82 36.75 10.74
C LEU E 280 -11.86 36.22 9.69
N LEU E 281 -10.96 37.07 9.19
CA LEU E 281 -9.97 36.61 8.20
C LEU E 281 -9.05 35.54 8.79
N ALA E 282 -8.59 35.74 10.03
CA ALA E 282 -7.78 34.73 10.69
C ALA E 282 -8.56 33.44 10.88
N GLN E 283 -9.86 33.55 11.18
CA GLN E 283 -10.69 32.34 11.29
C GLN E 283 -10.79 31.62 9.95
N THR E 284 -10.82 32.37 8.84
CA THR E 284 -10.79 31.72 7.52
C THR E 284 -9.47 30.98 7.30
N VAL E 285 -8.37 31.58 7.72
CA VAL E 285 -7.07 30.90 7.63
C VAL E 285 -7.12 29.61 8.46
N PHE E 286 -7.72 29.67 9.64
CA PHE E 286 -7.85 28.47 10.47
C PHE E 286 -8.77 27.44 9.83
N LEU E 287 -9.77 27.89 9.07
CA LEU E 287 -10.60 26.95 8.32
C LEU E 287 -9.78 26.21 7.29
N PHE E 288 -8.91 26.93 6.57
CA PHE E 288 -8.01 26.25 5.63
C PHE E 288 -7.09 25.27 6.35
N LEU E 289 -6.59 25.66 7.52
CA LEU E 289 -5.74 24.75 8.30
C LEU E 289 -6.49 23.49 8.70
N ILE E 290 -7.72 23.66 9.21
CA ILE E 290 -8.48 22.53 9.74
C ILE E 290 -8.96 21.61 8.62
N ALA E 291 -9.17 22.16 7.42
CA ALA E 291 -9.61 21.34 6.29
C ALA E 291 -8.62 20.25 5.94
N GLN E 292 -7.34 20.42 6.28
CA GLN E 292 -6.32 19.42 5.98
C GLN E 292 -6.30 18.27 6.98
N LYS E 293 -6.95 18.40 8.12
CA LYS E 293 -6.87 17.44 9.22
C LYS E 293 -8.13 16.61 9.42
N ILE E 294 -9.31 17.23 9.30
CA ILE E 294 -10.55 16.59 9.72
C ILE E 294 -10.90 15.43 8.79
N PRO E 295 -11.69 14.45 9.23
CA PRO E 295 -12.22 13.46 8.28
C PRO E 295 -13.23 14.10 7.35
N GLU E 296 -13.46 13.42 6.23
CA GLU E 296 -14.29 13.93 5.12
C GLU E 296 -15.56 13.10 4.94
N THR E 297 -16.18 12.70 6.04
CA THR E 297 -17.47 12.04 6.03
C THR E 297 -18.57 13.01 6.47
N SER E 298 -19.82 12.59 6.29
CA SER E 298 -20.98 13.45 6.51
C SER E 298 -22.02 12.82 7.43
N LEU E 299 -21.64 11.82 8.24
CA LEU E 299 -22.57 11.26 9.20
C LEU E 299 -22.79 12.21 10.38
N SER E 300 -21.78 13.00 10.73
CA SER E 300 -21.91 14.01 11.77
C SER E 300 -20.83 15.07 11.55
N VAL E 301 -20.99 16.18 12.24
CA VAL E 301 -20.07 17.31 12.14
C VAL E 301 -19.04 17.19 13.26
N PRO E 302 -17.73 17.23 12.96
CA PRO E 302 -16.76 17.13 14.05
C PRO E 302 -16.76 18.35 14.96
N LEU E 303 -16.29 18.14 16.19
CA LEU E 303 -16.30 19.19 17.20
C LEU E 303 -15.45 20.38 16.77
N LEU E 304 -14.30 20.12 16.14
CA LEU E 304 -13.43 21.20 15.70
C LEU E 304 -14.14 22.09 14.68
N GLY E 305 -14.78 21.47 13.69
CA GLY E 305 -15.53 22.24 12.71
C GLY E 305 -16.70 22.98 13.32
N ARG E 306 -17.41 22.32 14.24
CA ARG E 306 -18.54 22.98 14.89
C ARG E 306 -18.09 24.21 15.66
N PHE E 307 -16.99 24.09 16.41
CA PHE E 307 -16.48 25.22 17.17
C PHE E 307 -16.03 26.34 16.24
N LEU E 308 -15.35 26.00 15.14
CA LEU E 308 -14.89 27.02 14.22
C LEU E 308 -16.06 27.77 13.59
N ILE E 309 -17.10 27.04 13.17
CA ILE E 309 -18.26 27.69 12.58
C ILE E 309 -18.98 28.54 13.60
N PHE E 310 -19.06 28.07 14.85
CA PHE E 310 -19.71 28.86 15.89
C PHE E 310 -18.98 30.18 16.12
N VAL E 311 -17.65 30.13 16.22
CA VAL E 311 -16.92 31.37 16.45
C VAL E 311 -16.98 32.27 15.23
N MET E 312 -17.05 31.70 14.02
CA MET E 312 -17.21 32.54 12.84
C MET E 312 -18.56 33.24 12.84
N VAL E 313 -19.62 32.54 13.24
CA VAL E 313 -20.94 33.17 13.33
C VAL E 313 -20.93 34.27 14.38
N VAL E 314 -20.30 34.00 15.53
CA VAL E 314 -20.22 34.99 16.59
C VAL E 314 -19.45 36.22 16.11
N ALA E 315 -18.36 36.00 15.38
CA ALA E 315 -17.58 37.12 14.85
C ALA E 315 -18.39 37.93 13.85
N THR E 316 -19.18 37.26 13.00
CA THR E 316 -20.03 37.98 12.06
C THR E 316 -21.07 38.83 12.80
N LEU E 317 -21.68 38.26 13.84
CA LEU E 317 -22.65 39.02 14.61
C LEU E 317 -21.99 40.21 15.30
N ILE E 318 -20.77 40.03 15.81
CA ILE E 318 -20.07 41.14 16.44
C ILE E 318 -19.67 42.20 15.42
N VAL E 319 -19.35 41.79 14.19
CA VAL E 319 -19.06 42.76 13.12
C VAL E 319 -20.30 43.59 12.83
N MET E 320 -21.46 42.94 12.70
CA MET E 320 -22.70 43.67 12.51
C MET E 320 -22.96 44.61 13.68
N ASN E 321 -22.69 44.14 14.89
CA ASN E 321 -22.91 44.94 16.09
C ASN E 321 -22.01 46.17 16.08
N CYS E 322 -20.75 46.01 15.69
CA CYS E 322 -19.84 47.14 15.63
C CYS E 322 -20.26 48.12 14.56
N VAL E 323 -20.73 47.62 13.41
CA VAL E 323 -21.22 48.51 12.36
C VAL E 323 -22.41 49.33 12.87
N ILE E 324 -23.33 48.69 13.59
CA ILE E 324 -24.49 49.40 14.12
C ILE E 324 -24.07 50.43 15.16
N VAL E 325 -23.13 50.06 16.04
CA VAL E 325 -22.69 50.98 17.08
C VAL E 325 -21.99 52.19 16.46
N LEU E 326 -21.17 51.95 15.43
CA LEU E 326 -20.54 53.06 14.72
C LEU E 326 -21.59 53.95 14.07
N ASN E 327 -22.59 53.34 13.42
CA ASN E 327 -23.62 54.13 12.76
C ASN E 327 -24.36 55.00 13.75
N VAL E 328 -24.68 54.46 14.92
CA VAL E 328 -25.35 55.26 15.95
C VAL E 328 -24.42 56.36 16.46
N SER E 329 -23.14 56.06 16.66
CA SER E 329 -22.25 56.97 17.37
C SER E 329 -21.96 58.22 16.56
N GLN E 330 -21.69 58.09 15.25
CA GLN E 330 -21.24 59.19 14.43
C GLN E 330 -22.38 59.89 13.71
N ARG E 331 -23.59 59.86 14.28
CA ARG E 331 -24.68 60.66 13.75
C ARG E 331 -24.51 62.12 14.18
N THR E 332 -24.75 63.03 13.23
CA THR E 332 -24.61 64.47 13.42
C THR E 332 -25.93 65.16 13.05
N PRO E 333 -26.24 66.33 13.63
CA PRO E 333 -27.52 66.98 13.30
C PRO E 333 -27.66 67.38 11.84
N THR E 334 -26.55 67.48 11.09
CA THR E 334 -26.64 67.87 9.69
C THR E 334 -27.25 66.79 8.81
N THR E 335 -27.38 65.56 9.29
CA THR E 335 -27.91 64.45 8.50
C THR E 335 -29.05 63.72 9.21
N HIS E 336 -29.04 63.70 10.54
CA HIS E 336 -29.99 62.93 11.32
C HIS E 336 -30.67 63.83 12.35
N ALA E 337 -31.95 63.53 12.61
CA ALA E 337 -32.72 64.18 13.65
C ALA E 337 -32.70 63.31 14.90
N MET E 338 -32.54 63.94 16.06
CA MET E 338 -32.40 63.22 17.32
C MET E 338 -33.68 62.45 17.62
N SER E 339 -33.59 61.12 17.61
CA SER E 339 -34.71 60.28 17.99
C SER E 339 -34.83 60.27 19.52
N PRO E 340 -35.94 60.74 20.11
CA PRO E 340 -36.00 60.75 21.58
C PRO E 340 -36.33 59.40 22.20
N ARG E 341 -36.99 58.51 21.46
CA ARG E 341 -37.31 57.19 22.00
C ARG E 341 -36.04 56.41 22.34
N LEU E 342 -35.13 56.32 21.37
CA LEU E 342 -33.88 55.59 21.60
C LEU E 342 -33.05 56.27 22.68
N ARG E 343 -33.04 57.60 22.71
CA ARG E 343 -32.31 58.32 23.73
C ARG E 343 -32.83 57.99 25.13
N HIS E 344 -34.15 58.02 25.30
CA HIS E 344 -34.73 57.68 26.60
C HIS E 344 -34.47 56.23 26.96
N VAL E 345 -34.56 55.32 25.98
CA VAL E 345 -34.37 53.91 26.26
C VAL E 345 -32.93 53.63 26.71
N LEU E 346 -31.95 54.24 26.04
CA LEU E 346 -30.55 53.91 26.31
C LEU E 346 -29.95 54.72 27.45
N LEU E 347 -30.17 56.04 27.48
CA LEU E 347 -29.43 56.89 28.41
C LEU E 347 -30.14 57.09 29.74
N GLU E 348 -31.47 57.15 29.74
CA GLU E 348 -32.24 57.40 30.96
C GLU E 348 -32.80 56.13 31.58
N LEU E 349 -33.46 55.28 30.78
CA LEU E 349 -34.09 54.09 31.34
C LEU E 349 -33.04 53.05 31.74
N LEU E 350 -32.01 52.86 30.91
CA LEU E 350 -31.07 51.76 31.14
C LEU E 350 -30.30 51.88 32.43
N PRO E 351 -29.67 53.01 32.77
CA PRO E 351 -28.91 53.06 34.04
C PRO E 351 -29.79 52.87 35.27
N ARG E 352 -31.03 53.36 35.23
CA ARG E 352 -31.92 53.16 36.36
C ARG E 352 -32.38 51.71 36.45
N LEU E 353 -32.61 51.07 35.30
CA LEU E 353 -32.90 49.64 35.30
C LEU E 353 -31.71 48.84 35.79
N LEU E 354 -30.51 49.21 35.38
CA LEU E 354 -29.29 48.54 35.81
C LEU E 354 -29.07 48.74 37.30
N ALA E 417 -24.20 106.01 11.29
CA ALA E 417 -23.05 105.33 11.86
C ALA E 417 -23.02 103.86 11.43
N PRO E 418 -22.85 103.61 10.13
CA PRO E 418 -22.84 102.21 9.67
C PRO E 418 -21.68 101.39 10.23
N GLU E 419 -20.59 102.03 10.65
CA GLU E 419 -19.46 101.30 11.21
C GLU E 419 -19.88 100.56 12.48
N VAL E 420 -20.56 101.25 13.39
CA VAL E 420 -20.95 100.64 14.67
C VAL E 420 -21.92 99.50 14.43
N ARG E 421 -22.94 99.74 13.59
CA ARG E 421 -23.94 98.71 13.35
C ARG E 421 -23.34 97.49 12.66
N CYS E 422 -22.47 97.71 11.67
CA CYS E 422 -21.86 96.59 10.95
C CYS E 422 -20.93 95.79 11.85
N CYS E 423 -20.09 96.47 12.63
CA CYS E 423 -19.20 95.77 13.56
C CYS E 423 -20.01 94.99 14.60
N VAL E 424 -21.09 95.58 15.12
CA VAL E 424 -21.91 94.87 16.07
C VAL E 424 -22.50 93.62 15.43
N ASP E 425 -23.10 93.77 14.25
CA ASP E 425 -23.73 92.64 13.58
C ASP E 425 -22.73 91.53 13.30
N ALA E 426 -21.49 91.90 12.98
CA ALA E 426 -20.43 90.90 12.86
C ALA E 426 -20.20 90.17 14.18
N VAL E 427 -20.19 90.92 15.29
CA VAL E 427 -19.89 90.30 16.57
C VAL E 427 -21.00 89.34 16.99
N ASN E 428 -22.27 89.75 16.82
CA ASN E 428 -23.36 88.80 17.06
C ASN E 428 -23.34 87.64 16.10
N PHE E 429 -22.83 87.82 14.88
CA PHE E 429 -22.72 86.68 13.98
C PHE E 429 -21.72 85.65 14.52
N VAL E 430 -20.58 86.12 15.04
CA VAL E 430 -19.63 85.20 15.68
C VAL E 430 -20.27 84.54 16.89
N ALA E 431 -20.98 85.31 17.72
CA ALA E 431 -21.57 84.75 18.92
C ALA E 431 -22.59 83.67 18.58
N GLU E 432 -23.43 83.93 17.57
CA GLU E 432 -24.45 82.96 17.20
C GLU E 432 -23.83 81.73 16.56
N SER E 433 -22.77 81.91 15.76
CA SER E 433 -22.08 80.76 15.21
C SER E 433 -21.48 79.89 16.31
N THR E 434 -20.89 80.52 17.33
CA THR E 434 -20.32 79.75 18.43
C THR E 434 -21.41 79.01 19.21
N ARG E 435 -22.55 79.67 19.44
CA ARG E 435 -23.66 79.01 20.12
C ARG E 435 -24.15 77.81 19.32
N ASP E 436 -24.27 77.96 18.00
CA ASP E 436 -24.68 76.84 17.15
C ASP E 436 -23.69 75.69 17.24
N GLN E 437 -22.39 75.99 17.15
CA GLN E 437 -21.38 74.93 17.24
C GLN E 437 -21.47 74.19 18.56
N GLU E 438 -21.73 74.92 19.65
CA GLU E 438 -21.92 74.26 20.94
C GLU E 438 -23.14 73.34 20.91
N ALA E 439 -24.25 73.80 20.34
CA ALA E 439 -25.50 73.03 20.29
C ALA E 439 -25.29 71.78 19.44
N THR E 440 -24.65 71.92 18.27
CA THR E 440 -24.41 70.78 17.35
C THR E 440 -23.53 69.75 18.05
N GLY E 441 -22.55 70.20 18.83
CA GLY E 441 -21.60 69.31 19.53
C GLY E 441 -22.20 68.72 20.80
N GLU E 442 -23.27 69.30 21.33
CA GLU E 442 -23.98 68.75 22.52
C GLU E 442 -24.86 67.61 22.02
N GLU E 443 -25.37 67.71 20.79
CA GLU E 443 -26.15 66.64 20.17
C GLU E 443 -25.24 65.48 19.76
N VAL E 444 -24.06 65.79 19.21
CA VAL E 444 -23.11 64.74 18.84
C VAL E 444 -22.68 63.96 20.07
N SER E 445 -22.44 64.64 21.19
CA SER E 445 -22.03 63.96 22.40
C SER E 445 -23.13 63.04 22.91
N ASP E 446 -24.39 63.46 22.78
CA ASP E 446 -25.50 62.57 23.13
C ASP E 446 -25.48 61.31 22.25
N TRP E 447 -25.20 61.48 20.96
CA TRP E 447 -25.10 60.30 20.09
C TRP E 447 -23.97 59.38 20.52
N VAL E 448 -22.81 59.93 20.91
CA VAL E 448 -21.70 59.10 21.38
C VAL E 448 -22.07 58.37 22.65
N ARG E 449 -22.77 59.03 23.57
CA ARG E 449 -23.17 58.36 24.80
C ARG E 449 -24.14 57.22 24.51
N MET E 450 -25.06 57.43 23.57
CA MET E 450 -25.97 56.35 23.18
C MET E 450 -25.18 55.17 22.62
N GLY E 451 -24.22 55.44 21.74
CA GLY E 451 -23.39 54.39 21.19
C GLY E 451 -22.61 53.66 22.27
N ASN E 452 -22.11 54.40 23.26
CA ASN E 452 -21.38 53.79 24.36
C ASN E 452 -22.26 52.86 25.18
N ALA E 453 -23.50 53.28 25.44
CA ALA E 453 -24.42 52.42 26.19
C ALA E 453 -24.73 51.14 25.42
N LEU E 454 -24.98 51.28 24.11
CA LEU E 454 -25.21 50.10 23.28
C LEU E 454 -24.00 49.17 23.30
N ASP E 455 -22.81 49.73 23.23
CA ASP E 455 -21.58 48.92 23.21
C ASP E 455 -21.41 48.23 24.57
N ASN E 456 -21.83 48.88 25.67
CA ASN E 456 -21.69 48.28 26.99
C ASN E 456 -22.62 47.08 27.16
N ILE E 457 -23.90 47.22 26.77
CA ILE E 457 -24.81 46.08 26.94
C ILE E 457 -24.42 44.96 25.98
N CYS E 458 -24.01 45.32 24.76
CA CYS E 458 -23.72 44.31 23.76
C CYS E 458 -22.45 43.55 24.10
N PHE E 459 -21.51 44.16 24.84
CA PHE E 459 -20.34 43.43 25.29
C PHE E 459 -20.75 42.24 26.16
N TRP E 460 -21.62 42.47 27.13
CA TRP E 460 -22.03 41.40 28.02
C TRP E 460 -22.83 40.35 27.27
N ALA E 461 -23.70 40.78 26.35
CA ALA E 461 -24.44 39.81 25.55
C ALA E 461 -23.49 38.92 24.75
N ALA E 462 -22.50 39.51 24.08
CA ALA E 462 -21.56 38.75 23.28
C ALA E 462 -20.70 37.84 24.15
N LEU E 463 -20.28 38.33 25.31
CA LEU E 463 -19.47 37.51 26.21
C LEU E 463 -20.25 36.27 26.66
N VAL E 464 -21.51 36.47 27.04
CA VAL E 464 -22.34 35.33 27.46
C VAL E 464 -22.50 34.34 26.32
N LEU E 465 -22.77 34.84 25.10
CA LEU E 465 -22.94 33.95 23.96
C LEU E 465 -21.67 33.14 23.70
N PHE E 466 -20.53 33.81 23.63
CA PHE E 466 -19.27 33.14 23.32
C PHE E 466 -18.94 32.10 24.39
N SER E 467 -19.02 32.49 25.67
CA SER E 467 -18.66 31.59 26.75
C SER E 467 -19.59 30.38 26.79
N VAL E 468 -20.91 30.61 26.71
CA VAL E 468 -21.86 29.52 26.83
C VAL E 468 -21.71 28.54 25.67
N GLY E 469 -21.61 29.07 24.45
CA GLY E 469 -21.49 28.17 23.30
C GLY E 469 -20.20 27.38 23.30
N SER E 470 -19.07 28.03 23.60
CA SER E 470 -17.80 27.32 23.65
C SER E 470 -17.82 26.27 24.76
N SER E 471 -18.38 26.63 25.92
CA SER E 471 -18.44 25.69 27.03
C SER E 471 -19.29 24.47 26.69
N LEU E 472 -20.44 24.69 26.04
CA LEU E 472 -21.28 23.56 25.65
C LEU E 472 -20.56 22.67 24.64
N ILE E 473 -19.91 23.28 23.65
CA ILE E 473 -19.23 22.50 22.61
C ILE E 473 -18.14 21.64 23.21
N PHE E 474 -17.35 22.20 24.14
CA PHE E 474 -16.25 21.44 24.72
C PHE E 474 -16.71 20.49 25.82
N LEU E 475 -17.80 20.82 26.52
CA LEU E 475 -18.35 19.88 27.49
C LEU E 475 -18.94 18.67 26.82
N GLY E 476 -19.35 18.81 25.56
CA GLY E 476 -19.70 17.63 24.78
C GLY E 476 -18.55 16.64 24.71
N ALA E 477 -17.32 17.14 24.56
CA ALA E 477 -16.15 16.27 24.55
C ALA E 477 -15.80 15.78 25.95
N TYR E 478 -15.96 16.64 26.97
CA TYR E 478 -15.57 16.26 28.32
C TYR E 478 -16.38 15.07 28.84
N PHE E 479 -17.61 14.91 28.36
CA PHE E 479 -18.45 13.77 28.70
C PHE E 479 -18.35 12.61 27.72
N ASN E 480 -17.37 12.64 26.81
CA ASN E 480 -17.16 11.59 25.81
C ASN E 480 -16.00 10.68 26.17
N ARG E 481 -15.85 10.33 27.44
CA ARG E 481 -14.79 9.41 27.81
C ARG E 481 -15.08 8.02 27.28
N VAL E 482 -14.06 7.18 27.27
CA VAL E 482 -14.26 5.77 26.88
C VAL E 482 -15.20 5.13 27.89
N PRO E 483 -16.26 4.42 27.48
CA PRO E 483 -17.19 3.86 28.47
C PRO E 483 -16.53 2.81 29.35
N ASP E 484 -17.04 2.70 30.57
CA ASP E 484 -16.55 1.71 31.51
C ASP E 484 -17.04 0.32 31.09
N LEU E 485 -16.23 -0.38 30.32
CA LEU E 485 -16.60 -1.68 29.78
C LEU E 485 -16.26 -2.79 30.77
N PRO E 486 -16.91 -3.98 30.65
CA PRO E 486 -16.60 -5.10 31.54
C PRO E 486 -15.44 -5.96 31.03
N TYR E 487 -14.30 -5.32 30.77
CA TYR E 487 -13.10 -6.01 30.32
C TYR E 487 -11.90 -5.43 31.06
N ALA E 488 -10.84 -6.23 31.13
CA ALA E 488 -9.58 -5.76 31.68
C ALA E 488 -8.91 -4.83 30.67
N PRO E 489 -7.98 -3.97 31.12
CA PRO E 489 -7.25 -3.13 30.17
C PRO E 489 -6.44 -3.99 29.20
N CYS E 490 -6.28 -3.47 27.98
CA CYS E 490 -5.52 -4.18 26.97
C CYS E 490 -4.06 -4.35 27.40
N ILE E 491 -3.52 -3.37 28.11
CA ILE E 491 -2.15 -3.38 28.61
C ILE E 491 -2.21 -3.27 30.12
N GLN E 492 -1.59 -4.22 30.82
CA GLN E 492 -1.60 -4.20 32.27
C GLN E 492 -0.81 -2.99 32.78
N PRO E 493 -1.29 -2.30 33.84
CA PRO E 493 -0.55 -1.11 34.26
C PRO E 493 0.69 -1.43 35.07
N GLN F 32 41.24 -32.17 3.24
CA GLN F 32 41.16 -32.71 4.63
C GLN F 32 41.47 -31.61 5.64
N VAL F 33 40.74 -31.62 6.76
CA VAL F 33 40.88 -30.60 7.79
C VAL F 33 42.10 -30.93 8.65
N GLN F 34 42.89 -29.91 8.95
CA GLN F 34 44.08 -30.04 9.79
C GLN F 34 44.04 -28.97 10.88
N LEU F 35 44.36 -29.37 12.10
CA LEU F 35 44.57 -28.45 13.21
C LEU F 35 46.07 -28.42 13.51
N VAL F 36 46.65 -27.22 13.44
CA VAL F 36 48.07 -27.01 13.70
C VAL F 36 48.19 -26.16 14.95
N GLN F 37 48.86 -26.69 15.97
CA GLN F 37 49.07 -25.99 17.23
C GLN F 37 50.42 -25.28 17.22
N SER F 38 50.60 -24.38 18.17
CA SER F 38 51.85 -23.66 18.29
C SER F 38 52.97 -24.62 18.70
N GLY F 39 54.20 -24.10 18.67
CA GLY F 39 55.35 -24.93 18.97
C GLY F 39 55.48 -25.25 20.44
N ALA F 40 56.38 -26.18 20.73
CA ALA F 40 56.65 -26.56 22.12
C ALA F 40 57.23 -25.37 22.88
N GLU F 41 56.97 -25.35 24.18
CA GLU F 41 57.31 -24.22 25.04
C GLU F 41 58.09 -24.69 26.25
N MET F 42 59.16 -23.97 26.58
CA MET F 42 59.93 -24.17 27.80
C MET F 42 59.61 -23.02 28.74
N LYS F 43 59.05 -23.34 29.90
CA LYS F 43 58.59 -22.33 30.87
C LYS F 43 59.18 -22.65 32.24
N LYS F 44 59.07 -21.67 33.13
CA LYS F 44 59.52 -21.77 34.51
C LYS F 44 58.33 -21.54 35.44
N PRO F 45 58.40 -21.96 36.71
CA PRO F 45 57.25 -21.80 37.60
C PRO F 45 56.82 -20.36 37.76
N GLY F 46 55.50 -20.14 37.82
CA GLY F 46 54.92 -18.84 38.03
C GLY F 46 54.63 -18.07 36.75
N SER F 47 55.20 -18.49 35.61
CA SER F 47 54.99 -17.79 34.35
C SER F 47 53.65 -18.19 33.73
N SER F 48 53.39 -17.69 32.53
CA SER F 48 52.19 -17.99 31.78
C SER F 48 52.57 -18.47 30.39
N VAL F 49 51.79 -19.42 29.86
CA VAL F 49 51.99 -19.98 28.52
C VAL F 49 50.69 -19.81 27.74
N LYS F 50 50.83 -19.46 26.46
CA LYS F 50 49.69 -19.33 25.55
C LYS F 50 49.92 -20.25 24.36
N VAL F 51 49.00 -21.21 24.18
CA VAL F 51 49.06 -22.17 23.09
C VAL F 51 47.98 -21.82 22.08
N SER F 52 48.34 -21.80 20.80
CA SER F 52 47.40 -21.55 19.72
C SER F 52 46.99 -22.87 19.08
N CYS F 53 45.90 -22.82 18.31
CA CYS F 53 45.40 -24.00 17.60
C CYS F 53 44.67 -23.48 16.35
N LYS F 54 45.37 -23.53 15.22
CA LYS F 54 44.89 -22.96 13.97
C LYS F 54 44.40 -24.06 13.04
N ALA F 55 43.28 -23.79 12.37
CA ALA F 55 42.61 -24.76 11.51
C ALA F 55 42.75 -24.37 10.04
N SER F 56 42.86 -25.38 9.19
CA SER F 56 42.87 -25.20 7.74
C SER F 56 42.10 -26.36 7.11
N GLY F 57 41.59 -26.11 5.90
CA GLY F 57 40.79 -27.10 5.21
C GLY F 57 39.35 -27.18 5.67
N GLY F 58 38.94 -26.35 6.62
CA GLY F 58 37.58 -26.37 7.13
C GLY F 58 37.27 -25.04 7.78
N SER F 59 36.01 -24.90 8.19
CA SER F 59 35.50 -23.68 8.79
C SER F 59 35.06 -23.97 10.21
N PHE F 60 35.63 -23.24 11.18
CA PHE F 60 35.34 -23.39 12.59
C PHE F 60 34.84 -22.06 13.15
N GLY F 61 34.11 -22.15 14.26
CA GLY F 61 33.41 -21.01 14.82
C GLY F 61 33.79 -20.63 16.24
N SER F 62 32.86 -19.96 16.93
CA SER F 62 33.09 -19.49 18.29
C SER F 62 33.03 -20.60 19.33
N TYR F 63 32.41 -21.73 19.00
CA TYR F 63 32.21 -22.86 19.93
C TYR F 63 32.98 -24.05 19.38
N GLY F 64 32.76 -25.24 19.93
CA GLY F 64 33.45 -26.43 19.48
C GLY F 64 34.94 -26.37 19.69
N ILE F 65 35.38 -25.91 20.86
CA ILE F 65 36.78 -25.91 21.25
C ILE F 65 36.87 -26.53 22.65
N ASP F 66 37.74 -27.52 22.79
CA ASP F 66 38.01 -28.16 24.07
C ASP F 66 39.50 -28.44 24.16
N TRP F 67 40.08 -28.16 25.31
CA TRP F 67 41.49 -28.41 25.57
C TRP F 67 41.65 -29.57 26.53
N VAL F 68 42.56 -30.48 26.18
CA VAL F 68 42.78 -31.72 26.91
C VAL F 68 44.28 -31.94 27.06
N ARG F 69 44.77 -31.93 28.28
CA ARG F 69 46.18 -32.17 28.57
C ARG F 69 46.41 -33.62 28.97
N GLN F 70 47.62 -34.09 28.68
CA GLN F 70 48.06 -35.43 29.08
C GLN F 70 49.41 -35.27 29.76
N ALA F 71 49.43 -35.37 31.09
CA ALA F 71 50.68 -35.29 31.81
C ALA F 71 51.54 -36.52 31.47
N PRO F 72 52.86 -36.44 31.62
CA PRO F 72 53.71 -37.58 31.26
C PRO F 72 53.35 -38.83 32.07
N GLY F 73 53.13 -39.94 31.36
CA GLY F 73 52.77 -41.18 32.01
C GLY F 73 51.44 -41.13 32.73
N GLN F 74 50.47 -40.39 32.19
CA GLN F 74 49.15 -40.28 32.79
C GLN F 74 48.12 -40.22 31.68
N GLY F 75 46.84 -40.31 32.07
CA GLY F 75 45.75 -40.31 31.13
C GLY F 75 45.32 -38.92 30.72
N LEU F 76 44.35 -38.88 29.81
CA LEU F 76 43.82 -37.62 29.32
C LEU F 76 43.00 -36.93 30.40
N GLU F 77 42.99 -35.60 30.36
CA GLU F 77 42.30 -34.78 31.35
C GLU F 77 41.72 -33.56 30.67
N TRP F 78 40.40 -33.38 30.82
CA TRP F 78 39.71 -32.23 30.26
C TRP F 78 39.99 -30.99 31.10
N MET F 79 40.34 -29.89 30.43
CA MET F 79 40.65 -28.63 31.07
C MET F 79 39.53 -27.62 30.98
N GLY F 80 38.90 -27.50 29.83
CA GLY F 80 37.86 -26.50 29.63
C GLY F 80 37.43 -26.49 28.18
N GLY F 81 36.43 -25.65 27.92
CA GLY F 81 35.94 -25.51 26.57
C GLY F 81 34.79 -24.54 26.52
N ILE F 82 34.30 -24.29 25.32
CA ILE F 82 33.16 -23.36 25.08
C ILE F 82 32.06 -24.16 24.38
N MET F 83 30.86 -24.15 24.93
CA MET F 83 29.69 -24.88 24.37
C MET F 83 28.61 -23.84 24.04
N PRO F 84 27.84 -24.00 22.94
CA PRO F 84 26.73 -23.09 22.65
C PRO F 84 25.78 -22.87 23.84
N LYS F 85 25.58 -23.86 24.71
CA LYS F 85 24.65 -23.80 25.86
C LYS F 85 25.02 -22.70 26.86
N PHE F 86 26.29 -22.55 27.21
CA PHE F 86 26.76 -21.53 28.19
C PHE F 86 27.21 -20.25 27.46
N ASP F 87 27.50 -20.32 26.17
CA ASP F 87 27.92 -19.15 25.35
C ASP F 87 29.05 -18.44 26.09
N ALA F 88 29.93 -19.19 26.73
CA ALA F 88 31.03 -18.65 27.57
C ALA F 88 31.89 -19.84 28.00
N PRO F 89 33.21 -19.70 28.18
CA PRO F 89 34.04 -20.86 28.52
C PRO F 89 33.73 -21.40 29.91
N LYS F 90 33.85 -22.71 30.05
CA LYS F 90 33.74 -23.40 31.33
C LYS F 90 35.00 -24.24 31.54
N TYR F 91 35.52 -24.23 32.76
CA TYR F 91 36.79 -24.85 33.09
C TYR F 91 36.60 -25.85 34.21
N ALA F 92 37.58 -26.73 34.37
CA ALA F 92 37.61 -27.62 35.52
C ALA F 92 38.01 -26.86 36.78
N GLU F 93 37.58 -27.38 37.94
CA GLU F 93 37.90 -26.74 39.21
C GLU F 93 39.41 -26.63 39.43
N LYS F 94 40.19 -27.54 38.84
CA LYS F 94 41.63 -27.48 39.00
C LYS F 94 42.24 -26.23 38.36
N PHE F 95 41.60 -25.72 37.30
CA PHE F 95 42.16 -24.64 36.49
C PHE F 95 41.42 -23.31 36.62
N GLN F 96 40.33 -23.24 37.38
CA GLN F 96 39.59 -22.00 37.49
C GLN F 96 40.43 -20.92 38.16
N GLY F 97 40.42 -19.72 37.58
CA GLY F 97 41.25 -18.62 38.01
C GLY F 97 42.58 -18.54 37.28
N ARG F 98 43.01 -19.62 36.62
CA ARG F 98 44.29 -19.67 35.94
C ARG F 98 44.17 -19.83 34.43
N LEU F 99 43.05 -20.30 33.91
CA LEU F 99 42.90 -20.68 32.51
C LEU F 99 41.92 -19.76 31.80
N THR F 100 42.30 -19.36 30.58
CA THR F 100 41.45 -18.58 29.69
C THR F 100 41.42 -19.29 28.34
N ILE F 101 40.21 -19.60 27.85
CA ILE F 101 40.02 -20.27 26.58
C ILE F 101 39.22 -19.33 25.67
N THR F 102 39.72 -19.14 24.45
CA THR F 102 39.08 -18.28 23.47
C THR F 102 39.11 -18.95 22.11
N ALA F 103 38.13 -18.60 21.27
CA ALA F 103 38.05 -19.05 19.89
C ALA F 103 37.67 -17.88 19.01
N ASP F 104 38.36 -17.75 17.88
CA ASP F 104 38.14 -16.66 16.93
C ASP F 104 37.65 -17.26 15.62
N ARG F 105 36.37 -17.03 15.31
CA ARG F 105 35.79 -17.54 14.08
C ARG F 105 36.43 -16.89 12.86
N ALA F 106 36.71 -15.59 12.93
CA ALA F 106 37.15 -14.86 11.76
C ALA F 106 38.49 -15.37 11.23
N THR F 107 39.37 -15.84 12.13
CA THR F 107 40.69 -16.34 11.76
C THR F 107 40.86 -17.83 11.99
N ASN F 108 39.79 -18.56 12.34
CA ASN F 108 39.79 -20.02 12.36
C ASN F 108 40.82 -20.59 13.33
N THR F 109 41.00 -19.92 14.47
CA THR F 109 41.98 -20.32 15.47
C THR F 109 41.41 -20.18 16.86
N ALA F 110 41.95 -20.98 17.79
CA ALA F 110 41.59 -20.93 19.20
C ALA F 110 42.85 -20.90 20.04
N TYR F 111 42.72 -20.39 21.26
CA TYR F 111 43.84 -20.25 22.18
C TYR F 111 43.44 -20.73 23.57
N MET F 112 44.45 -21.15 24.33
CA MET F 112 44.34 -21.30 25.78
C MET F 112 45.48 -20.50 26.41
N GLU F 113 45.24 -19.99 27.61
CA GLU F 113 46.26 -19.25 28.37
C GLU F 113 46.20 -19.70 29.82
N LEU F 114 47.16 -20.52 30.21
CA LEU F 114 47.30 -21.00 31.58
C LEU F 114 48.37 -20.18 32.29
N SER F 115 48.00 -19.56 33.40
CA SER F 115 48.87 -18.67 34.14
C SER F 115 49.29 -19.33 35.45
N SER F 116 50.29 -18.72 36.10
CA SER F 116 50.82 -19.21 37.38
C SER F 116 51.23 -20.68 37.28
N LEU F 117 52.09 -20.97 36.31
CA LEU F 117 52.42 -22.36 35.96
C LEU F 117 53.10 -23.10 37.11
N ARG F 118 52.77 -24.38 37.24
CA ARG F 118 53.36 -25.23 38.31
C ARG F 118 54.14 -26.35 37.63
N PHE F 119 54.99 -27.02 38.37
CA PHE F 119 55.65 -28.23 37.89
C PHE F 119 54.65 -29.29 37.46
N GLU F 120 53.51 -29.36 38.14
CA GLU F 120 52.52 -30.40 37.78
C GLU F 120 51.81 -30.07 36.47
N ASP F 121 51.94 -28.85 35.95
CA ASP F 121 51.34 -28.47 34.69
C ASP F 121 52.10 -28.98 33.48
N THR F 122 53.21 -29.70 33.68
CA THR F 122 53.94 -30.29 32.56
C THR F 122 53.07 -31.35 31.90
N ALA F 123 52.86 -31.22 30.59
CA ALA F 123 51.95 -32.11 29.87
C ALA F 123 52.02 -31.80 28.38
N ILE F 124 51.36 -32.63 27.59
CA ILE F 124 51.08 -32.36 26.19
C ILE F 124 49.66 -31.83 26.10
N TYR F 125 49.50 -30.60 25.61
CA TYR F 125 48.22 -29.93 25.53
C TYR F 125 47.65 -30.08 24.11
N TYR F 126 46.43 -30.62 24.03
CA TYR F 126 45.74 -30.85 22.77
C TYR F 126 44.55 -29.92 22.64
N CYS F 127 44.25 -29.52 21.41
CA CYS F 127 42.99 -28.87 21.06
C CYS F 127 42.13 -29.85 20.27
N ALA F 128 40.87 -29.98 20.68
CA ALA F 128 39.90 -30.83 20.01
C ALA F 128 38.73 -29.97 19.57
N ARG F 129 38.34 -30.08 18.30
CA ARG F 129 37.36 -29.18 17.72
C ARG F 129 36.37 -29.92 16.84
N ASP F 130 35.18 -29.33 16.73
CA ASP F 130 34.15 -29.74 15.78
C ASP F 130 33.73 -28.49 15.01
N GLU F 131 33.55 -28.65 13.69
CA GLU F 131 33.14 -27.50 12.87
C GLU F 131 31.76 -27.02 13.28
N GLN F 132 30.81 -27.94 13.45
CA GLN F 132 29.46 -27.64 13.88
C GLN F 132 29.29 -28.09 15.32
N PRO F 133 29.14 -27.19 16.30
CA PRO F 133 29.21 -27.62 17.70
C PRO F 133 27.94 -28.29 18.19
N PHE F 134 28.11 -29.29 19.05
CA PHE F 134 26.99 -29.85 19.78
C PHE F 134 26.56 -28.86 20.87
N TYR F 135 25.25 -28.83 21.16
CA TYR F 135 24.71 -27.77 22.00
C TYR F 135 25.22 -27.86 23.43
N ASP F 136 25.14 -29.03 24.05
CA ASP F 136 25.46 -29.20 25.47
C ASP F 136 26.46 -30.32 25.71
N SER F 137 27.28 -30.66 24.70
CA SER F 137 28.35 -31.63 24.88
C SER F 137 29.47 -31.33 23.90
N TRP F 138 30.40 -32.25 23.74
CA TRP F 138 31.48 -32.08 22.77
C TRP F 138 31.97 -33.45 22.34
N ARG F 139 32.46 -33.51 21.10
CA ARG F 139 32.98 -34.72 20.49
C ARG F 139 34.46 -34.62 20.15
N GLY F 140 34.88 -33.52 19.51
CA GLY F 140 36.27 -33.38 19.12
C GLY F 140 36.65 -34.29 17.98
N LEU F 141 36.05 -34.07 16.81
CA LEU F 141 36.39 -34.87 15.64
C LEU F 141 37.79 -34.55 15.11
N TYR F 142 38.25 -33.32 15.30
CA TYR F 142 39.53 -32.85 14.78
C TYR F 142 40.44 -32.49 15.94
N TRP F 143 41.62 -33.10 15.98
CA TRP F 143 42.61 -32.91 17.04
C TRP F 143 43.87 -32.29 16.46
N GLY F 144 44.54 -31.48 17.28
CA GLY F 144 45.84 -30.95 16.95
C GLY F 144 46.92 -31.99 17.22
N GLN F 145 48.15 -31.66 16.84
CA GLN F 145 49.26 -32.59 17.05
C GLN F 145 49.74 -32.56 18.50
N GLY F 146 49.31 -31.55 19.27
CA GLY F 146 49.71 -31.43 20.66
C GLY F 146 50.97 -30.60 20.83
N THR F 147 51.05 -29.88 21.95
CA THR F 147 52.22 -29.08 22.30
C THR F 147 52.71 -29.47 23.68
N LEU F 148 54.00 -29.74 23.79
CA LEU F 148 54.62 -30.06 25.07
C LEU F 148 55.02 -28.78 25.77
N VAL F 149 54.45 -28.55 26.95
CA VAL F 149 54.84 -27.46 27.84
C VAL F 149 55.54 -28.08 29.03
N THR F 150 56.77 -27.68 29.27
CA THR F 150 57.57 -28.17 30.39
C THR F 150 57.83 -27.00 31.33
N VAL F 151 57.31 -27.11 32.55
CA VAL F 151 57.54 -26.13 33.60
C VAL F 151 58.65 -26.69 34.48
N SER F 152 59.84 -26.13 34.37
CA SER F 152 61.01 -26.62 35.09
C SER F 152 61.92 -25.45 35.44
N SER F 153 62.43 -25.47 36.67
CA SER F 153 63.39 -24.48 37.13
C SER F 153 64.84 -24.88 36.82
N ALA F 154 65.05 -26.06 36.23
CA ALA F 154 66.40 -26.49 35.92
C ALA F 154 66.95 -25.70 34.74
N SER F 155 68.26 -25.85 34.52
CA SER F 155 68.98 -25.20 33.45
C SER F 155 69.47 -26.24 32.46
N THR F 156 69.85 -25.79 31.27
CA THR F 156 70.42 -26.69 30.28
C THR F 156 71.72 -27.29 30.81
N LYS F 157 71.78 -28.62 30.83
CA LYS F 157 72.88 -29.35 31.43
C LYS F 157 73.06 -30.66 30.69
N GLY F 158 74.32 -31.08 30.52
CA GLY F 158 74.63 -32.30 29.82
C GLY F 158 74.58 -33.51 30.73
N PRO F 159 74.48 -34.71 30.15
CA PRO F 159 74.43 -35.92 30.96
C PRO F 159 75.81 -36.37 31.42
N SER F 160 75.80 -37.16 32.48
CA SER F 160 76.94 -37.99 32.85
C SER F 160 76.68 -39.42 32.41
N VAL F 161 77.60 -39.97 31.63
CA VAL F 161 77.46 -41.28 31.02
C VAL F 161 78.28 -42.27 31.83
N PHE F 162 77.62 -43.29 32.38
CA PHE F 162 78.26 -44.32 33.18
C PHE F 162 78.06 -45.68 32.52
N PRO F 163 79.02 -46.60 32.62
CA PRO F 163 78.81 -47.93 32.03
C PRO F 163 77.98 -48.82 32.92
N LEU F 164 77.21 -49.70 32.28
CA LEU F 164 76.51 -50.80 32.95
C LEU F 164 77.23 -52.08 32.53
N ALA F 165 78.27 -52.45 33.28
CA ALA F 165 79.22 -53.43 32.80
C ALA F 165 78.62 -54.84 32.81
N PRO F 166 78.98 -55.71 31.87
CA PRO F 166 78.38 -57.05 31.86
C PRO F 166 78.98 -57.93 32.94
N SER F 167 78.10 -58.57 33.71
CA SER F 167 78.53 -59.45 34.79
C SER F 167 79.36 -60.62 34.28
N GLY F 174 73.37 -68.57 26.67
CA GLY F 174 74.57 -67.85 27.05
C GLY F 174 74.63 -66.46 26.45
N THR F 175 73.80 -65.56 26.98
CA THR F 175 73.72 -64.17 26.54
C THR F 175 74.02 -63.24 27.71
N ALA F 176 74.79 -62.20 27.43
CA ALA F 176 75.19 -61.21 28.42
C ALA F 176 74.60 -59.85 28.06
N ALA F 177 74.30 -59.06 29.10
CA ALA F 177 73.66 -57.76 28.96
C ALA F 177 74.57 -56.67 29.47
N LEU F 178 74.66 -55.58 28.70
CA LEU F 178 75.44 -54.40 29.08
C LEU F 178 74.70 -53.17 28.61
N GLY F 179 75.09 -52.02 29.14
CA GLY F 179 74.39 -50.81 28.79
C GLY F 179 75.16 -49.57 29.21
N CYS F 180 74.49 -48.43 29.07
CA CYS F 180 75.07 -47.13 29.43
C CYS F 180 74.00 -46.32 30.16
N LEU F 181 74.36 -45.79 31.33
CA LEU F 181 73.45 -45.00 32.15
C LEU F 181 73.68 -43.52 31.85
N VAL F 182 72.69 -42.89 31.22
CA VAL F 182 72.72 -41.48 30.87
C VAL F 182 71.91 -40.75 31.95
N LYS F 183 72.59 -39.99 32.80
CA LYS F 183 72.03 -39.49 34.05
C LYS F 183 72.16 -37.97 34.14
N ASP F 184 71.16 -37.34 34.76
CA ASP F 184 71.20 -35.95 35.18
C ASP F 184 71.46 -35.00 34.00
N TYR F 185 70.50 -34.92 33.07
CA TYR F 185 70.56 -33.98 31.96
C TYR F 185 69.23 -33.24 31.86
N PHE F 186 69.30 -32.05 31.27
CA PHE F 186 68.12 -31.27 30.96
C PHE F 186 68.46 -30.38 29.78
N PRO F 187 67.56 -30.18 28.80
CA PRO F 187 66.23 -30.79 28.59
C PRO F 187 66.30 -32.05 27.74
N GLU F 188 65.15 -32.63 27.40
CA GLU F 188 65.09 -33.69 26.41
C GLU F 188 65.39 -33.12 25.03
N PRO F 189 65.73 -33.97 24.04
CA PRO F 189 66.04 -35.42 24.10
C PRO F 189 67.52 -35.74 24.16
N VAL F 190 67.84 -37.02 24.34
CA VAL F 190 69.17 -37.56 24.10
C VAL F 190 69.04 -38.72 23.13
N THR F 191 70.03 -38.85 22.25
CA THR F 191 70.09 -39.94 21.28
C THR F 191 71.27 -40.83 21.62
N VAL F 192 71.02 -42.14 21.66
CA VAL F 192 72.03 -43.14 21.99
C VAL F 192 72.11 -44.15 20.85
N SER F 193 73.32 -44.40 20.37
CA SER F 193 73.61 -45.46 19.42
C SER F 193 74.78 -46.27 19.93
N TRP F 194 74.95 -47.47 19.36
CA TRP F 194 75.97 -48.42 19.79
C TRP F 194 76.88 -48.75 18.61
N ASN F 195 78.19 -48.61 18.85
CA ASN F 195 79.21 -48.89 17.84
C ASN F 195 78.97 -48.04 16.59
N SER F 196 78.63 -46.77 16.81
CA SER F 196 78.39 -45.82 15.72
C SER F 196 77.26 -46.27 14.81
N GLY F 197 76.24 -46.90 15.38
CA GLY F 197 75.09 -47.37 14.63
C GLY F 197 75.24 -48.74 14.01
N ALA F 198 76.42 -49.36 14.10
CA ALA F 198 76.61 -50.69 13.55
C ALA F 198 75.91 -51.77 14.36
N LEU F 199 75.68 -51.54 15.65
CA LEU F 199 75.01 -52.49 16.54
C LEU F 199 73.61 -51.96 16.85
N THR F 200 72.60 -52.64 16.31
CA THR F 200 71.21 -52.24 16.49
C THR F 200 70.38 -53.41 17.03
N SER F 201 70.76 -54.63 16.69
CA SER F 201 70.01 -55.81 17.13
C SER F 201 70.08 -55.94 18.65
N GLY F 202 68.91 -56.10 19.28
CA GLY F 202 68.84 -56.28 20.71
C GLY F 202 69.00 -55.02 21.54
N VAL F 203 69.08 -53.85 20.90
CA VAL F 203 69.29 -52.59 21.61
C VAL F 203 67.94 -52.08 22.11
N HIS F 204 67.90 -51.70 23.39
CA HIS F 204 66.73 -51.11 24.01
C HIS F 204 67.14 -49.83 24.71
N THR F 205 66.65 -48.69 24.21
CA THR F 205 66.85 -47.39 24.83
C THR F 205 65.56 -46.99 25.52
N PHE F 206 65.61 -46.88 26.84
CA PHE F 206 64.40 -46.70 27.63
C PHE F 206 63.93 -45.24 27.56
N PRO F 207 62.62 -44.99 27.74
CA PRO F 207 62.17 -43.60 27.84
C PRO F 207 62.75 -42.90 29.06
N ALA F 208 63.01 -41.61 28.92
CA ALA F 208 63.60 -40.85 30.01
C ALA F 208 62.62 -40.70 31.17
N VAL F 209 63.18 -40.71 32.39
CA VAL F 209 62.42 -40.53 33.62
C VAL F 209 62.83 -39.20 34.23
N LEU F 210 61.84 -38.40 34.61
CA LEU F 210 62.08 -37.11 35.25
C LEU F 210 62.23 -37.33 36.75
N GLN F 211 63.37 -36.93 37.30
CA GLN F 211 63.66 -37.11 38.71
C GLN F 211 63.13 -35.92 39.51
N SER F 212 63.14 -36.07 40.84
CA SER F 212 62.68 -34.99 41.71
C SER F 212 63.60 -33.78 41.63
N SER F 213 64.86 -33.97 41.23
CA SER F 213 65.76 -32.84 41.02
C SER F 213 65.41 -32.00 39.80
N GLY F 214 64.48 -32.46 38.96
CA GLY F 214 64.15 -31.77 37.73
C GLY F 214 64.98 -32.17 36.53
N LEU F 215 65.89 -33.13 36.68
CA LEU F 215 66.74 -33.60 35.59
C LEU F 215 66.30 -34.98 35.15
N TYR F 216 66.57 -35.29 33.88
CA TYR F 216 66.15 -36.55 33.28
C TYR F 216 67.25 -37.59 33.40
N SER F 217 66.85 -38.85 33.24
CA SER F 217 67.79 -39.97 33.28
C SER F 217 67.21 -41.13 32.49
N LEU F 218 68.07 -41.82 31.74
CA LEU F 218 67.68 -43.01 31.02
C LEU F 218 68.85 -43.98 30.96
N SER F 219 68.55 -45.19 30.51
CA SER F 219 69.56 -46.22 30.27
C SER F 219 69.33 -46.82 28.90
N SER F 220 70.43 -47.12 28.21
CA SER F 220 70.41 -47.81 26.93
C SER F 220 71.20 -49.10 27.08
N VAL F 221 70.58 -50.22 26.68
CA VAL F 221 71.10 -51.55 26.97
C VAL F 221 71.06 -52.39 25.70
N VAL F 222 71.86 -53.45 25.69
CA VAL F 222 71.95 -54.37 24.56
C VAL F 222 72.36 -55.73 25.08
N THR F 223 71.74 -56.78 24.54
CA THR F 223 72.07 -58.15 24.86
C THR F 223 72.94 -58.74 23.76
N VAL F 224 74.05 -59.35 24.16
CA VAL F 224 75.05 -59.88 23.23
C VAL F 224 75.45 -61.27 23.68
N PRO F 225 76.05 -62.07 22.79
CA PRO F 225 76.57 -63.37 23.22
C PRO F 225 77.67 -63.18 24.25
N SER F 226 77.65 -64.05 25.28
CA SER F 226 78.67 -63.96 26.32
C SER F 226 80.05 -64.30 25.79
N SER F 227 80.13 -65.13 24.75
CA SER F 227 81.42 -65.47 24.16
C SER F 227 82.09 -64.26 23.49
N SER F 228 81.31 -63.28 23.05
CA SER F 228 81.84 -62.13 22.34
C SER F 228 82.34 -61.02 23.27
N LEU F 229 82.20 -61.18 24.59
CA LEU F 229 82.62 -60.13 25.51
C LEU F 229 84.11 -59.88 25.45
N GLY F 230 84.91 -60.93 25.26
CA GLY F 230 86.35 -60.77 25.25
C GLY F 230 86.92 -60.35 23.89
N THR F 231 86.16 -60.57 22.81
CA THR F 231 86.64 -60.34 21.46
C THR F 231 86.10 -59.09 20.81
N GLN F 232 84.89 -58.65 21.19
CA GLN F 232 84.19 -57.57 20.53
C GLN F 232 84.14 -56.34 21.45
N THR F 233 84.39 -55.18 20.86
CA THR F 233 84.30 -53.91 21.57
C THR F 233 82.88 -53.35 21.46
N TYR F 234 82.39 -52.77 22.56
CA TYR F 234 81.04 -52.21 22.62
C TYR F 234 81.15 -50.78 23.17
N ILE F 235 80.72 -49.82 22.35
CA ILE F 235 80.80 -48.40 22.69
C ILE F 235 79.42 -47.78 22.44
N CYS F 236 78.90 -47.06 23.43
CA CYS F 236 77.65 -46.32 23.30
C CYS F 236 77.96 -44.86 22.97
N ASN F 237 77.29 -44.32 21.96
CA ASN F 237 77.49 -42.96 21.49
C ASN F 237 76.32 -42.10 21.96
N VAL F 238 76.57 -41.25 22.94
CA VAL F 238 75.54 -40.42 23.58
C VAL F 238 75.69 -39.00 23.05
N ASN F 239 74.57 -38.40 22.66
CA ASN F 239 74.55 -37.03 22.14
C ASN F 239 73.44 -36.26 22.84
N HIS F 240 73.78 -35.08 23.35
CA HIS F 240 72.81 -34.14 23.93
C HIS F 240 73.09 -32.79 23.30
N LYS F 241 72.27 -32.43 22.30
CA LYS F 241 72.52 -31.21 21.54
C LYS F 241 72.47 -29.92 22.37
N PRO F 242 71.55 -29.73 23.32
CA PRO F 242 71.54 -28.46 24.07
C PRO F 242 72.84 -28.16 24.81
N SER F 243 73.59 -29.19 25.22
CA SER F 243 74.89 -29.01 25.87
C SER F 243 76.06 -29.32 24.94
N ASN F 244 75.80 -29.82 23.73
CA ASN F 244 76.84 -30.26 22.81
C ASN F 244 77.71 -31.33 23.46
N THR F 245 77.06 -32.20 24.25
CA THR F 245 77.75 -33.32 24.86
C THR F 245 77.85 -34.45 23.85
N LYS F 246 79.07 -34.93 23.62
CA LYS F 246 79.33 -36.04 22.69
C LYS F 246 80.30 -36.99 23.38
N VAL F 247 79.77 -38.14 23.82
CA VAL F 247 80.52 -39.10 24.62
C VAL F 247 80.47 -40.45 23.92
N ASP F 248 81.63 -41.09 23.80
CA ASP F 248 81.76 -42.45 23.30
C ASP F 248 82.36 -43.29 24.41
N LYS F 249 81.51 -43.99 25.17
CA LYS F 249 81.89 -44.70 26.37
C LYS F 249 82.06 -46.17 26.04
N LYS F 250 83.28 -46.68 26.19
CA LYS F 250 83.56 -48.10 26.02
C LYS F 250 83.09 -48.85 27.25
N VAL F 251 82.26 -49.87 27.04
CA VAL F 251 81.69 -50.68 28.12
C VAL F 251 82.35 -52.04 28.06
N GLU F 252 82.97 -52.43 29.17
CA GLU F 252 83.71 -53.69 29.28
C GLU F 252 83.67 -54.16 30.71
N PRO F 253 83.93 -55.46 30.96
CA PRO F 253 83.97 -55.92 32.35
C PRO F 253 85.26 -55.55 33.07
N ASP G 20 32.03 -34.64 40.96
CA ASP G 20 32.38 -35.16 39.62
C ASP G 20 31.91 -36.59 39.43
N ILE G 21 31.53 -36.93 38.20
CA ILE G 21 31.20 -38.31 37.86
C ILE G 21 32.50 -39.08 37.64
N VAL G 22 32.56 -40.28 38.21
CA VAL G 22 33.76 -41.12 38.16
C VAL G 22 33.55 -42.17 37.08
N MET G 23 34.48 -42.22 36.12
CA MET G 23 34.47 -43.19 35.05
C MET G 23 35.50 -44.27 35.33
N THR G 24 35.09 -45.52 35.17
CA THR G 24 35.97 -46.67 35.31
C THR G 24 35.85 -47.54 34.07
N GLN G 25 36.94 -48.23 33.73
CA GLN G 25 36.99 -49.11 32.57
C GLN G 25 37.49 -50.48 32.99
N SER G 26 37.14 -51.47 32.17
CA SER G 26 37.58 -52.84 32.36
C SER G 26 37.69 -53.52 31.00
N PRO G 27 38.77 -54.27 30.69
CA PRO G 27 39.97 -54.54 31.50
C PRO G 27 40.91 -53.34 31.53
N LEU G 28 41.90 -53.32 32.41
CA LEU G 28 42.93 -52.29 32.35
C LEU G 28 43.92 -52.54 31.22
N SER G 29 44.10 -53.79 30.82
CA SER G 29 44.87 -54.14 29.64
C SER G 29 44.17 -55.28 28.91
N LEU G 30 44.05 -55.14 27.59
CA LEU G 30 43.38 -56.15 26.75
C LEU G 30 44.37 -56.67 25.71
N PRO G 31 45.02 -57.81 25.93
CA PRO G 31 45.80 -58.40 24.84
C PRO G 31 44.87 -58.92 23.74
N VAL G 32 45.13 -58.47 22.52
CA VAL G 32 44.28 -58.80 21.37
C VAL G 32 45.12 -59.47 20.30
N THR G 33 44.42 -60.10 19.36
CA THR G 33 45.03 -60.80 18.22
C THR G 33 44.39 -60.27 16.94
N PRO G 34 45.15 -59.78 15.95
CA PRO G 34 44.50 -59.36 14.69
C PRO G 34 43.73 -60.48 14.00
N GLY G 35 42.52 -60.18 13.55
CA GLY G 35 41.65 -61.15 12.92
C GLY G 35 40.56 -61.71 13.82
N GLU G 36 40.43 -61.21 15.05
CA GLU G 36 39.48 -61.71 16.03
C GLU G 36 38.73 -60.55 16.68
N PRO G 37 37.57 -60.81 17.28
CA PRO G 37 36.82 -59.72 17.92
C PRO G 37 37.46 -59.27 19.23
N ALA G 38 37.03 -58.11 19.70
CA ALA G 38 37.51 -57.54 20.95
C ALA G 38 36.40 -56.69 21.56
N SER G 39 36.52 -56.44 22.86
CA SER G 39 35.51 -55.68 23.58
C SER G 39 36.14 -55.01 24.79
N ILE G 40 35.78 -53.75 25.02
CA ILE G 40 36.17 -52.97 26.18
C ILE G 40 34.90 -52.38 26.77
N SER G 41 34.90 -52.18 28.08
CA SER G 41 33.73 -51.70 28.81
C SER G 41 34.10 -50.49 29.66
N CYS G 42 33.11 -49.63 29.88
CA CYS G 42 33.22 -48.45 30.72
C CYS G 42 32.00 -48.38 31.62
N ARG G 43 32.17 -47.81 32.80
CA ARG G 43 31.09 -47.69 33.79
C ARG G 43 31.20 -46.35 34.51
N SER G 44 30.04 -45.72 34.75
CA SER G 44 29.96 -44.42 35.47
C SER G 44 29.32 -44.65 36.83
N ASN G 45 29.59 -43.80 37.82
CA ASN G 45 28.99 -43.92 39.18
C ASN G 45 27.67 -43.13 39.17
N GLN G 46 27.40 -42.36 38.11
CA GLN G 46 26.10 -41.66 37.94
C GLN G 46 25.55 -42.02 36.55
N SER G 47 24.23 -42.02 36.37
CA SER G 47 23.63 -42.28 35.07
C SER G 47 23.93 -41.13 34.11
N LEU G 48 24.38 -41.49 32.92
CA LEU G 48 24.72 -40.52 31.88
C LEU G 48 23.57 -40.26 30.92
N LEU G 49 22.39 -40.82 31.17
CA LEU G 49 21.25 -40.60 30.29
C LEU G 49 20.82 -39.14 30.35
N HIS G 50 20.56 -38.56 29.19
CA HIS G 50 20.13 -37.18 29.06
C HIS G 50 18.60 -37.11 29.13
N THR G 51 18.09 -35.92 29.41
CA THR G 51 16.63 -35.75 29.48
C THR G 51 15.97 -36.04 28.15
N LYS G 52 16.70 -35.86 27.04
CA LYS G 52 16.15 -36.02 25.67
C LYS G 52 16.29 -37.47 25.22
N GLY G 53 16.98 -38.33 25.96
CA GLY G 53 16.97 -39.76 25.71
C GLY G 53 18.21 -40.36 25.06
N TYR G 54 19.34 -39.64 25.04
CA TYR G 54 20.60 -40.18 24.54
C TYR G 54 21.65 -40.10 25.65
N LYS G 55 22.58 -41.05 25.61
CA LYS G 55 23.62 -41.17 26.63
C LYS G 55 24.87 -40.46 26.16
N TYR G 56 25.38 -39.54 26.97
CA TYR G 56 26.54 -38.71 26.60
C TYR G 56 27.82 -39.40 27.08
N LEU G 57 28.21 -40.42 26.31
CA LEU G 57 29.45 -41.16 26.53
C LEU G 57 30.17 -41.28 25.20
N ASN G 58 31.38 -40.76 25.13
CA ASN G 58 32.22 -40.82 23.94
C ASN G 58 33.41 -41.73 24.19
N TRP G 59 33.89 -42.36 23.12
CA TRP G 59 35.08 -43.20 23.16
C TRP G 59 36.19 -42.58 22.32
N TYR G 60 37.40 -42.57 22.86
CA TYR G 60 38.57 -42.00 22.20
C TYR G 60 39.70 -43.03 22.17
N LEU G 61 40.44 -43.03 21.06
CA LEU G 61 41.62 -43.86 20.87
C LEU G 61 42.84 -42.96 20.74
N GLN G 62 43.85 -43.20 21.58
CA GLN G 62 45.15 -42.56 21.46
C GLN G 62 46.16 -43.61 21.02
N ARG G 63 46.52 -43.57 19.75
CA ARG G 63 47.56 -44.45 19.24
C ARG G 63 48.91 -44.01 19.80
N PRO G 64 49.90 -44.91 19.85
CA PRO G 64 51.21 -44.50 20.39
C PRO G 64 51.86 -43.43 19.52
N GLY G 65 52.15 -42.29 20.14
CA GLY G 65 52.79 -41.18 19.47
C GLY G 65 51.84 -40.20 18.81
N GLN G 66 50.58 -40.57 18.61
CA GLN G 66 49.60 -39.74 17.93
C GLN G 66 48.69 -39.06 18.94
N SER G 67 47.93 -38.06 18.46
CA SER G 67 46.93 -37.43 19.28
C SER G 67 45.73 -38.37 19.44
N PRO G 68 44.89 -38.16 20.45
CA PRO G 68 43.70 -39.00 20.59
C PRO G 68 42.73 -38.80 19.42
N GLN G 69 42.02 -39.86 19.08
CA GLN G 69 41.05 -39.88 18.00
C GLN G 69 39.70 -40.32 18.54
N VAL G 70 38.64 -39.61 18.16
CA VAL G 70 37.30 -40.02 18.54
C VAL G 70 36.86 -41.19 17.65
N LEU G 71 36.27 -42.20 18.28
CA LEU G 71 35.76 -43.38 17.61
C LEU G 71 34.24 -43.46 17.64
N ILE G 72 33.66 -43.37 18.82
CA ILE G 72 32.22 -43.42 19.03
C ILE G 72 31.84 -42.23 19.89
N TYR G 73 30.74 -41.56 19.54
CA TYR G 73 30.22 -40.45 20.33
C TYR G 73 28.75 -40.68 20.65
N PHE G 74 28.37 -40.24 21.85
CA PHE G 74 27.02 -40.44 22.39
C PHE G 74 26.66 -41.92 22.43
N ALA G 75 27.66 -42.74 22.74
CA ALA G 75 27.51 -44.12 23.19
C ALA G 75 27.11 -45.13 22.11
N SER G 76 26.74 -44.67 20.91
CA SER G 76 26.48 -45.58 19.81
C SER G 76 26.81 -45.04 18.43
N ASN G 77 26.99 -43.73 18.26
CA ASN G 77 27.12 -43.14 16.94
C ASN G 77 28.58 -43.15 16.52
N ARG G 78 28.85 -43.74 15.36
CA ARG G 78 30.20 -43.75 14.83
C ARG G 78 30.54 -42.39 14.23
N ALA G 79 31.73 -41.90 14.54
CA ALA G 79 32.12 -40.59 14.03
C ALA G 79 32.42 -40.67 12.53
N PRO G 80 32.30 -39.58 11.79
CA PRO G 80 32.69 -39.61 10.37
C PRO G 80 34.16 -39.96 10.20
N GLY G 81 34.43 -40.81 9.21
CA GLY G 81 35.78 -41.21 8.90
C GLY G 81 36.35 -42.33 9.75
N VAL G 82 35.58 -42.88 10.68
CA VAL G 82 36.01 -43.98 11.54
C VAL G 82 35.69 -45.29 10.81
N PRO G 83 36.55 -46.30 10.85
CA PRO G 83 36.21 -47.57 10.21
C PRO G 83 34.96 -48.20 10.82
N ASP G 84 34.20 -48.91 9.98
CA ASP G 84 32.95 -49.52 10.44
C ASP G 84 33.15 -50.63 11.45
N ARG G 85 34.38 -51.09 11.65
CA ARG G 85 34.64 -52.14 12.64
C ARG G 85 34.24 -51.69 14.04
N PHE G 86 34.61 -50.47 14.42
CA PHE G 86 34.31 -49.97 15.77
C PHE G 86 32.82 -49.75 15.94
N SER G 87 32.26 -50.29 17.02
CA SER G 87 30.87 -50.10 17.38
C SER G 87 30.76 -49.87 18.87
N GLY G 88 29.69 -49.19 19.28
CA GLY G 88 29.50 -48.85 20.68
C GLY G 88 28.05 -49.03 21.07
N SER G 89 27.84 -49.25 22.37
CA SER G 89 26.51 -49.43 22.92
C SER G 89 26.61 -49.26 24.43
N GLY G 90 25.46 -49.19 25.09
CA GLY G 90 25.47 -49.08 26.53
C GLY G 90 24.10 -48.76 27.08
N SER G 91 24.08 -48.67 28.41
CA SER G 91 22.89 -48.30 29.18
C SER G 91 23.18 -47.01 29.92
N GLY G 92 22.29 -46.62 30.85
CA GLY G 92 22.47 -45.36 31.55
C GLY G 92 23.78 -45.26 32.31
N THR G 93 24.34 -46.39 32.76
CA THR G 93 25.54 -46.41 33.58
C THR G 93 26.65 -47.30 33.06
N ASP G 94 26.36 -48.29 32.22
CA ASP G 94 27.35 -49.25 31.72
C ASP G 94 27.39 -49.18 30.20
N PHE G 95 28.60 -49.17 29.65
CA PHE G 95 28.81 -48.99 28.23
C PHE G 95 29.90 -49.94 27.74
N THR G 96 29.87 -50.23 26.45
CA THR G 96 30.77 -51.18 25.83
C THR G 96 31.21 -50.66 24.47
N LEU G 97 32.48 -50.85 24.15
CA LEU G 97 33.03 -50.60 22.83
C LEU G 97 33.55 -51.92 22.30
N LYS G 98 33.21 -52.23 21.05
CA LYS G 98 33.56 -53.51 20.43
C LYS G 98 34.25 -53.26 19.10
N ILE G 99 35.16 -54.17 18.76
CA ILE G 99 35.82 -54.21 17.46
C ILE G 99 35.41 -55.51 16.80
N SER G 100 34.80 -55.41 15.62
CA SER G 100 34.34 -56.60 14.91
C SER G 100 35.50 -57.52 14.57
N ARG G 101 36.60 -56.94 14.07
CA ARG G 101 37.78 -57.70 13.68
C ARG G 101 38.99 -56.82 13.97
N VAL G 102 39.79 -57.23 14.95
CA VAL G 102 40.92 -56.40 15.37
C VAL G 102 41.94 -56.34 14.26
N GLU G 103 42.50 -55.15 14.04
CA GLU G 103 43.64 -54.93 13.17
C GLU G 103 44.84 -54.50 14.00
N ALA G 104 46.01 -54.62 13.38
CA ALA G 104 47.25 -54.18 14.04
C ALA G 104 47.30 -52.66 14.23
N GLU G 105 46.48 -51.90 13.51
CA GLU G 105 46.44 -50.46 13.69
C GLU G 105 45.58 -50.03 14.88
N ASP G 106 44.87 -50.95 15.52
CA ASP G 106 43.94 -50.64 16.59
C ASP G 106 44.58 -50.66 17.96
N VAL G 107 45.91 -50.59 18.05
CA VAL G 107 46.62 -50.71 19.33
C VAL G 107 46.83 -49.32 19.92
N GLY G 108 46.66 -49.22 21.22
CA GLY G 108 46.77 -47.96 21.92
C GLY G 108 45.95 -47.99 23.18
N VAL G 109 45.68 -46.79 23.71
CA VAL G 109 44.91 -46.62 24.94
C VAL G 109 43.54 -46.07 24.56
N TYR G 110 42.50 -46.83 24.91
CA TYR G 110 41.13 -46.42 24.65
C TYR G 110 40.56 -45.73 25.90
N TYR G 111 40.00 -44.54 25.71
CA TYR G 111 39.43 -43.74 26.79
C TYR G 111 37.94 -43.58 26.56
N CYS G 112 37.16 -43.81 27.61
CA CYS G 112 35.75 -43.40 27.64
C CYS G 112 35.65 -42.08 28.38
N MET G 113 34.70 -41.24 27.93
CA MET G 113 34.55 -39.91 28.48
C MET G 113 33.07 -39.58 28.59
N GLN G 114 32.67 -39.10 29.76
CA GLN G 114 31.31 -38.61 29.99
C GLN G 114 31.23 -37.13 29.61
N GLY G 115 30.22 -36.79 28.82
CA GLY G 115 30.06 -35.43 28.33
C GLY G 115 28.78 -34.78 28.79
N LEU G 116 28.26 -35.20 29.96
CA LEU G 116 26.99 -34.70 30.48
C LEU G 116 27.17 -33.58 31.49
N GLN G 117 28.03 -33.77 32.48
CA GLN G 117 28.13 -32.87 33.63
C GLN G 117 29.53 -32.30 33.69
N ILE G 118 29.62 -30.97 33.77
CA ILE G 118 30.92 -30.31 33.94
C ILE G 118 31.40 -30.55 35.37
N PRO G 119 32.68 -30.88 35.60
CA PRO G 119 33.79 -31.08 34.65
C PRO G 119 33.65 -32.40 33.90
N PHE G 120 33.84 -32.38 32.58
CA PHE G 120 33.85 -33.63 31.83
C PHE G 120 35.09 -34.43 32.20
N THR G 121 34.92 -35.74 32.35
CA THR G 121 35.96 -36.60 32.89
C THR G 121 36.23 -37.77 31.94
N PHE G 122 37.51 -38.06 31.74
CA PHE G 122 37.95 -39.23 31.00
C PHE G 122 38.15 -40.39 31.97
N GLY G 123 38.07 -41.61 31.45
CA GLY G 123 38.37 -42.78 32.24
C GLY G 123 39.85 -43.00 32.39
N PRO G 124 40.22 -43.96 33.24
CA PRO G 124 41.64 -44.28 33.40
C PRO G 124 42.30 -44.75 32.10
N GLY G 125 41.54 -45.37 31.22
CA GLY G 125 42.05 -45.84 29.95
C GLY G 125 42.35 -47.33 29.96
N THR G 126 42.17 -47.97 28.81
CA THR G 126 42.43 -49.38 28.62
C THR G 126 43.47 -49.56 27.52
N LYS G 127 44.56 -50.26 27.84
CA LYS G 127 45.66 -50.45 26.91
C LYS G 127 45.43 -51.71 26.09
N VAL G 128 45.64 -51.62 24.79
CA VAL G 128 45.48 -52.74 23.86
C VAL G 128 46.81 -53.00 23.17
N ASP G 129 47.16 -54.27 23.04
CA ASP G 129 48.44 -54.66 22.45
C ASP G 129 48.29 -56.05 21.85
N ILE G 130 49.21 -56.40 20.96
CA ILE G 130 49.14 -57.66 20.24
C ILE G 130 49.45 -58.80 21.20
N LYS G 131 48.66 -59.87 21.10
CA LYS G 131 48.83 -61.03 21.96
C LYS G 131 49.91 -61.96 21.42
N ARG G 132 50.63 -62.60 22.34
CA ARG G 132 51.63 -63.59 21.98
C ARG G 132 51.83 -64.53 23.17
N THR G 133 52.64 -65.56 22.96
CA THR G 133 52.91 -66.52 24.02
C THR G 133 53.66 -65.86 25.17
N VAL G 134 53.35 -66.30 26.39
CA VAL G 134 53.96 -65.73 27.59
C VAL G 134 55.45 -66.01 27.58
N ALA G 135 56.25 -64.95 27.54
CA ALA G 135 57.71 -65.04 27.63
C ALA G 135 58.16 -64.39 28.93
N ALA G 136 58.96 -65.13 29.71
CA ALA G 136 59.42 -64.63 30.99
C ALA G 136 60.60 -63.67 30.81
N PRO G 137 60.83 -62.77 31.77
CA PRO G 137 61.96 -61.85 31.63
C PRO G 137 63.29 -62.51 31.94
N SER G 138 64.31 -62.09 31.20
CA SER G 138 65.70 -62.40 31.53
C SER G 138 66.25 -61.27 32.40
N VAL G 139 66.57 -61.59 33.65
CA VAL G 139 66.84 -60.58 34.66
C VAL G 139 68.34 -60.34 34.76
N PHE G 140 68.72 -59.06 34.83
CA PHE G 140 70.11 -58.66 35.01
C PHE G 140 70.18 -57.55 36.05
N ILE G 141 71.28 -57.51 36.80
CA ILE G 141 71.57 -56.46 37.76
C ILE G 141 72.94 -55.88 37.44
N PHE G 142 73.07 -54.56 37.59
CA PHE G 142 74.29 -53.82 37.27
C PHE G 142 74.69 -53.01 38.49
N PRO G 143 75.88 -53.23 39.07
CA PRO G 143 76.33 -52.34 40.16
C PRO G 143 76.70 -50.97 39.63
N PRO G 144 76.74 -49.94 40.47
CA PRO G 144 77.19 -48.63 39.99
C PRO G 144 78.65 -48.67 39.59
N SER G 145 78.99 -47.87 38.58
CA SER G 145 80.38 -47.80 38.13
C SER G 145 81.22 -47.01 39.12
N ASP G 146 82.53 -47.26 39.09
CA ASP G 146 83.44 -46.47 39.91
C ASP G 146 83.42 -45.00 39.51
N GLU G 147 83.17 -44.73 38.23
CA GLU G 147 83.13 -43.35 37.76
C GLU G 147 81.98 -42.59 38.42
N GLN G 148 80.82 -43.23 38.56
CA GLN G 148 79.69 -42.58 39.23
C GLN G 148 79.97 -42.40 40.72
N LEU G 149 80.58 -43.40 41.35
CA LEU G 149 80.91 -43.28 42.77
C LEU G 149 81.91 -42.15 43.02
N LYS G 150 82.73 -41.83 42.02
CA LYS G 150 83.64 -40.69 42.15
C LYS G 150 82.89 -39.38 42.34
N SER G 151 81.67 -39.28 41.82
CA SER G 151 80.88 -38.06 41.91
C SER G 151 79.99 -38.02 43.15
N GLY G 152 79.94 -39.08 43.95
CA GLY G 152 79.25 -39.07 45.23
C GLY G 152 77.85 -39.65 45.23
N THR G 153 77.43 -40.29 44.14
CA THR G 153 76.13 -40.95 44.06
C THR G 153 76.30 -42.37 43.54
N ALA G 154 75.26 -43.18 43.72
CA ALA G 154 75.27 -44.58 43.34
C ALA G 154 73.92 -44.95 42.77
N SER G 155 73.93 -45.54 41.57
CA SER G 155 72.72 -46.03 40.91
C SER G 155 72.85 -47.53 40.65
N VAL G 156 71.85 -48.29 41.10
CA VAL G 156 71.78 -49.73 40.87
C VAL G 156 70.62 -49.99 39.92
N VAL G 157 70.90 -50.67 38.81
CA VAL G 157 69.95 -50.87 37.72
C VAL G 157 69.61 -52.35 37.64
N CYS G 158 68.31 -52.66 37.69
CA CYS G 158 67.79 -54.00 37.46
C CYS G 158 67.06 -54.00 36.11
N LEU G 159 67.39 -54.98 35.27
CA LEU G 159 66.92 -55.05 33.90
C LEU G 159 66.04 -56.28 33.75
N LEU G 160 64.86 -56.11 33.15
CA LEU G 160 63.96 -57.21 32.77
C LEU G 160 63.80 -57.14 31.26
N ASN G 161 64.34 -58.14 30.55
CA ASN G 161 64.51 -58.09 29.11
C ASN G 161 63.53 -59.02 28.41
N ASN G 162 62.78 -58.48 27.45
CA ASN G 162 62.01 -59.25 26.48
C ASN G 162 61.01 -60.19 27.15
N PHE G 163 60.03 -59.59 27.83
CA PHE G 163 58.97 -60.32 28.51
C PHE G 163 57.61 -59.89 27.98
N TYR G 164 56.63 -60.79 28.15
CA TYR G 164 55.24 -60.53 27.81
C TYR G 164 54.39 -61.41 28.73
N PRO G 165 53.27 -60.92 29.28
CA PRO G 165 52.65 -59.58 29.17
C PRO G 165 53.37 -58.50 29.96
N ARG G 166 52.86 -57.27 29.86
CA ARG G 166 53.53 -56.12 30.49
C ARG G 166 53.57 -56.24 32.01
N GLU G 167 52.60 -56.92 32.62
CA GLU G 167 52.46 -56.91 34.07
C GLU G 167 53.64 -57.63 34.71
N ALA G 168 54.45 -56.88 35.45
CA ALA G 168 55.57 -57.43 36.20
C ALA G 168 55.81 -56.56 37.41
N LYS G 169 56.45 -57.14 38.42
CA LYS G 169 56.75 -56.46 39.68
C LYS G 169 58.23 -56.61 39.99
N VAL G 170 58.87 -55.50 40.36
CA VAL G 170 60.28 -55.47 40.74
C VAL G 170 60.36 -54.90 42.15
N GLN G 171 61.04 -55.63 43.05
CA GLN G 171 61.22 -55.23 44.43
C GLN G 171 62.71 -55.22 44.76
N TRP G 172 63.18 -54.12 45.34
CA TRP G 172 64.57 -53.96 45.72
C TRP G 172 64.78 -54.37 47.17
N LYS G 173 65.77 -55.20 47.41
CA LYS G 173 66.17 -55.63 48.76
C LYS G 173 67.62 -55.25 48.99
N VAL G 174 67.89 -54.64 50.14
CA VAL G 174 69.23 -54.25 50.55
C VAL G 174 69.52 -54.99 51.85
N ASP G 175 70.41 -55.99 51.77
CA ASP G 175 70.67 -56.90 52.89
C ASP G 175 69.36 -57.53 53.37
N ASN G 176 68.54 -57.95 52.40
CA ASN G 176 67.26 -58.58 52.66
C ASN G 176 66.26 -57.65 53.33
N ALA G 177 66.40 -56.33 53.13
CA ALA G 177 65.48 -55.33 53.64
C ALA G 177 64.80 -54.63 52.47
N LEU G 178 63.48 -54.72 52.42
CA LEU G 178 62.73 -54.18 51.28
C LEU G 178 62.85 -52.66 51.24
N GLN G 179 63.06 -52.13 50.04
CA GLN G 179 63.17 -50.69 49.83
C GLN G 179 61.85 -50.11 49.37
N SER G 180 61.72 -48.79 49.49
CA SER G 180 60.51 -48.10 49.09
C SER G 180 60.79 -46.61 48.92
N GLY G 181 60.24 -46.02 47.86
CA GLY G 181 60.33 -44.60 47.64
C GLY G 181 61.64 -44.11 47.06
N ASN G 182 62.54 -45.01 46.67
CA ASN G 182 63.87 -44.65 46.19
C ASN G 182 64.24 -45.37 44.90
N SER G 183 63.25 -45.76 44.10
CA SER G 183 63.49 -46.38 42.80
C SER G 183 62.48 -45.84 41.79
N GLN G 184 62.87 -45.86 40.51
CA GLN G 184 62.04 -45.41 39.41
C GLN G 184 62.05 -46.44 38.31
N GLU G 185 60.99 -46.43 37.50
CA GLU G 185 60.70 -47.49 36.54
C GLU G 185 60.44 -46.89 35.16
N SER G 186 60.90 -47.59 34.12
CA SER G 186 60.76 -47.13 32.75
C SER G 186 60.61 -48.32 31.81
N VAL G 187 59.62 -48.24 30.92
CA VAL G 187 59.21 -49.36 30.07
C VAL G 187 59.34 -48.96 28.61
N THR G 188 59.82 -49.90 27.79
CA THR G 188 59.83 -49.72 26.35
C THR G 188 58.46 -50.09 25.77
N GLU G 189 58.17 -49.53 24.60
CA GLU G 189 56.96 -49.89 23.87
C GLU G 189 57.11 -51.29 23.28
N GLN G 190 55.98 -51.90 22.98
CA GLN G 190 56.00 -53.24 22.38
C GLN G 190 56.67 -53.19 21.02
N ASP G 191 57.82 -53.84 20.91
CA ASP G 191 58.57 -53.85 19.66
C ASP G 191 57.84 -54.70 18.62
N SER G 192 57.95 -54.28 17.36
CA SER G 192 57.18 -54.91 16.30
C SER G 192 57.54 -56.37 16.11
N LYS G 193 58.82 -56.71 16.19
CA LYS G 193 59.26 -58.07 15.84
C LYS G 193 58.96 -59.06 16.96
N ASP G 194 59.59 -58.88 18.12
CA ASP G 194 59.44 -59.86 19.19
C ASP G 194 58.09 -59.77 19.88
N SER G 195 57.43 -58.61 19.83
CA SER G 195 56.17 -58.37 20.52
C SER G 195 56.31 -58.60 22.03
N THR G 196 57.40 -58.11 22.61
CA THR G 196 57.67 -58.19 24.04
C THR G 196 58.08 -56.82 24.56
N TYR G 197 58.00 -56.67 25.87
CA TYR G 197 58.39 -55.44 26.56
C TYR G 197 59.70 -55.67 27.32
N SER G 198 60.40 -54.58 27.56
CA SER G 198 61.63 -54.56 28.34
C SER G 198 61.56 -53.44 29.36
N LEU G 199 62.11 -53.69 30.55
CA LEU G 199 61.90 -52.84 31.71
C LEU G 199 63.21 -52.63 32.45
N SER G 200 63.42 -51.41 32.94
CA SER G 200 64.56 -51.07 33.79
C SER G 200 64.06 -50.41 35.07
N SER G 201 64.60 -50.86 36.20
CA SER G 201 64.36 -50.25 37.51
C SER G 201 65.69 -49.78 38.06
N THR G 202 65.76 -48.50 38.41
CA THR G 202 66.99 -47.86 38.85
C THR G 202 66.83 -47.43 40.31
N LEU G 203 67.69 -47.96 41.18
CA LEU G 203 67.73 -47.61 42.59
C LEU G 203 68.83 -46.59 42.82
N THR G 204 68.46 -45.39 43.26
CA THR G 204 69.38 -44.30 43.52
C THR G 204 69.60 -44.16 45.01
N LEU G 205 70.86 -44.24 45.42
CA LEU G 205 71.28 -44.03 46.81
C LEU G 205 72.48 -43.11 46.84
N SER G 206 72.65 -42.42 47.96
CA SER G 206 73.87 -41.65 48.18
C SER G 206 75.05 -42.61 48.31
N LYS G 207 76.25 -42.08 48.05
CA LYS G 207 77.45 -42.91 48.18
C LYS G 207 77.63 -43.38 49.62
N ALA G 208 77.37 -42.50 50.58
CA ALA G 208 77.48 -42.89 51.99
C ALA G 208 76.47 -43.99 52.32
N ASP G 209 75.21 -43.82 51.91
CA ASP G 209 74.20 -44.84 52.15
C ASP G 209 74.51 -46.10 51.35
N TYR G 210 75.13 -45.95 50.17
CA TYR G 210 75.53 -47.10 49.38
C TYR G 210 76.54 -47.96 50.12
N GLU G 211 77.52 -47.33 50.77
CA GLU G 211 78.59 -48.06 51.45
C GLU G 211 78.14 -48.71 52.75
N LYS G 212 76.96 -48.37 53.26
CA LYS G 212 76.50 -48.87 54.56
C LYS G 212 75.91 -50.28 54.49
N HIS G 213 75.79 -50.87 53.30
CA HIS G 213 75.16 -52.17 53.13
C HIS G 213 75.99 -53.02 52.18
N LYS G 214 75.74 -54.33 52.22
CA LYS G 214 76.57 -55.32 51.54
C LYS G 214 75.88 -55.98 50.35
N VAL G 215 74.68 -56.50 50.53
CA VAL G 215 73.97 -57.26 49.49
C VAL G 215 72.89 -56.38 48.89
N TYR G 216 72.91 -56.25 47.56
CA TYR G 216 71.89 -55.56 46.79
C TYR G 216 71.24 -56.57 45.84
N ALA G 217 69.91 -56.57 45.81
CA ALA G 217 69.17 -57.54 45.02
C ALA G 217 67.86 -56.95 44.55
N CYS G 218 67.43 -57.35 43.36
CA CYS G 218 66.12 -57.00 42.81
C CYS G 218 65.33 -58.29 42.58
N GLU G 219 64.11 -58.33 43.13
CA GLU G 219 63.23 -59.48 43.07
C GLU G 219 62.17 -59.25 42.01
N VAL G 220 62.11 -60.15 41.04
CA VAL G 220 61.25 -60.01 39.85
C VAL G 220 60.18 -61.09 39.91
N THR G 221 58.92 -60.67 39.74
CA THR G 221 57.78 -61.57 39.64
C THR G 221 57.07 -61.35 38.32
N HIS G 222 56.77 -62.44 37.63
CA HIS G 222 56.13 -62.38 36.32
C HIS G 222 55.44 -63.72 36.08
N GLN G 223 54.28 -63.67 35.43
CA GLN G 223 53.45 -64.87 35.29
C GLN G 223 54.12 -65.97 34.48
N GLY G 224 55.13 -65.64 33.67
CA GLY G 224 55.92 -66.63 32.98
C GLY G 224 57.00 -67.28 33.82
N LEU G 225 57.21 -66.81 35.05
CA LEU G 225 58.19 -67.36 35.96
C LEU G 225 57.49 -68.30 36.95
N SER G 226 58.04 -69.50 37.11
CA SER G 226 57.49 -70.44 38.09
C SER G 226 57.63 -69.91 39.51
N SER G 227 58.66 -69.11 39.77
CA SER G 227 58.87 -68.50 41.07
C SER G 227 59.67 -67.22 40.87
N PRO G 228 59.71 -66.32 41.86
CA PRO G 228 60.48 -65.08 41.70
C PRO G 228 61.96 -65.35 41.44
N VAL G 229 62.54 -64.53 40.57
CA VAL G 229 63.93 -64.65 40.15
C VAL G 229 64.71 -63.51 40.77
N THR G 230 65.76 -63.85 41.51
CA THR G 230 66.61 -62.89 42.20
C THR G 230 67.95 -62.78 41.50
N LYS G 231 68.40 -61.55 41.26
CA LYS G 231 69.76 -61.26 40.82
C LYS G 231 70.38 -60.28 41.80
N SER G 232 71.59 -60.61 42.25
CA SER G 232 72.23 -59.85 43.31
C SER G 232 73.73 -59.84 43.10
N PHE G 233 74.39 -58.92 43.80
CA PHE G 233 75.84 -58.82 43.78
C PHE G 233 76.34 -58.43 45.17
N ASN G 234 77.59 -58.77 45.45
CA ASN G 234 78.25 -58.42 46.70
C ASN G 234 79.37 -57.43 46.41
N ARG G 235 79.36 -56.31 47.12
CA ARG G 235 80.37 -55.28 46.93
C ARG G 235 81.73 -55.73 47.44
N ASP H 20 -43.32 -26.59 -41.53
CA ASP H 20 -42.60 -27.52 -40.62
C ASP H 20 -41.91 -28.63 -41.41
N ILE H 21 -40.81 -29.13 -40.86
CA ILE H 21 -40.13 -30.28 -41.48
C ILE H 21 -40.94 -31.53 -41.17
N VAL H 22 -41.21 -32.32 -42.21
CA VAL H 22 -41.98 -33.55 -42.10
C VAL H 22 -41.00 -34.71 -42.07
N MET H 23 -41.16 -35.58 -41.08
CA MET H 23 -40.26 -36.70 -40.85
C MET H 23 -41.01 -38.00 -41.08
N THR H 24 -40.47 -38.86 -41.93
CA THR H 24 -41.05 -40.16 -42.23
C THR H 24 -40.01 -41.24 -42.01
N GLN H 25 -40.43 -42.35 -41.41
CA GLN H 25 -39.56 -43.47 -41.09
C GLN H 25 -40.02 -44.73 -41.81
N SER H 26 -39.06 -45.55 -42.21
CA SER H 26 -39.32 -46.85 -42.81
C SER H 26 -38.39 -47.87 -42.15
N PRO H 27 -38.85 -49.10 -41.86
CA PRO H 27 -40.20 -49.66 -42.04
C PRO H 27 -41.15 -49.21 -40.95
N LEU H 28 -42.46 -49.30 -41.17
CA LEU H 28 -43.46 -48.98 -40.13
C LEU H 28 -43.21 -49.93 -38.96
N SER H 29 -42.81 -51.16 -39.22
CA SER H 29 -42.48 -52.16 -38.18
C SER H 29 -41.30 -53.02 -38.66
N LEU H 30 -40.35 -53.33 -37.77
CA LEU H 30 -39.16 -54.15 -38.10
C LEU H 30 -39.09 -55.30 -37.11
N PRO H 31 -39.27 -56.58 -37.53
CA PRO H 31 -39.15 -57.70 -36.62
C PRO H 31 -37.71 -58.23 -36.59
N VAL H 32 -37.18 -58.51 -35.40
CA VAL H 32 -35.72 -58.49 -35.10
C VAL H 32 -35.39 -59.79 -34.38
N THR H 33 -34.45 -60.57 -34.90
CA THR H 33 -34.10 -61.90 -34.34
C THR H 33 -32.95 -61.72 -33.35
N PRO H 34 -33.17 -61.76 -32.02
CA PRO H 34 -32.09 -61.48 -31.07
C PRO H 34 -30.80 -62.25 -31.38
N GLY H 35 -29.78 -61.50 -31.79
CA GLY H 35 -28.51 -62.07 -32.19
C GLY H 35 -27.98 -61.55 -33.52
N GLU H 36 -28.85 -60.96 -34.34
CA GLU H 36 -28.55 -60.50 -35.68
C GLU H 36 -28.64 -58.97 -35.76
N PRO H 37 -28.10 -58.36 -36.82
CA PRO H 37 -28.19 -56.91 -36.95
C PRO H 37 -29.58 -56.46 -37.38
N ALA H 38 -29.80 -55.15 -37.28
CA ALA H 38 -31.04 -54.52 -37.72
C ALA H 38 -30.75 -53.10 -38.16
N SER H 39 -31.64 -52.55 -38.98
CA SER H 39 -31.48 -51.21 -39.52
C SER H 39 -32.84 -50.53 -39.63
N ILE H 40 -32.85 -49.23 -39.33
CA ILE H 40 -34.06 -48.40 -39.41
C ILE H 40 -33.66 -47.10 -40.10
N SER H 41 -34.58 -46.56 -40.89
CA SER H 41 -34.31 -45.40 -41.74
C SER H 41 -35.32 -44.30 -41.46
N CYS H 42 -34.88 -43.04 -41.55
CA CYS H 42 -35.73 -41.84 -41.34
C CYS H 42 -35.56 -40.97 -42.59
N ARG H 43 -36.42 -39.99 -42.82
CA ARG H 43 -36.38 -39.11 -44.02
C ARG H 43 -36.90 -37.73 -43.63
N SER H 44 -36.47 -36.66 -44.29
CA SER H 44 -36.98 -35.29 -44.04
C SER H 44 -37.30 -34.64 -45.39
N ASN H 45 -38.33 -33.80 -45.44
CA ASN H 45 -38.73 -33.10 -46.68
C ASN H 45 -37.94 -31.79 -46.74
N GLN H 46 -37.05 -31.55 -45.78
CA GLN H 46 -36.13 -30.38 -45.79
C GLN H 46 -34.75 -30.83 -45.35
N SER H 47 -33.68 -30.19 -45.83
CA SER H 47 -32.31 -30.45 -45.43
C SER H 47 -32.13 -30.12 -43.95
N LEU H 48 -31.54 -31.06 -43.21
CA LEU H 48 -31.29 -30.90 -41.79
C LEU H 48 -29.87 -30.43 -41.49
N LEU H 49 -29.17 -29.90 -42.50
CA LEU H 49 -27.78 -29.50 -42.32
C LEU H 49 -27.70 -28.11 -41.70
N HIS H 50 -26.95 -28.00 -40.61
CA HIS H 50 -26.65 -26.72 -40.00
C HIS H 50 -25.63 -25.97 -40.87
N THR H 51 -25.53 -24.66 -40.63
CA THR H 51 -24.55 -23.85 -41.35
C THR H 51 -23.13 -24.34 -41.11
N LYS H 52 -22.89 -25.05 -40.01
CA LYS H 52 -21.54 -25.56 -39.65
C LYS H 52 -21.40 -27.03 -40.05
N GLY H 53 -22.36 -27.59 -40.77
CA GLY H 53 -22.26 -28.97 -41.29
C GLY H 53 -22.77 -30.01 -40.31
N TYR H 54 -23.39 -29.60 -39.20
CA TYR H 54 -23.95 -30.53 -38.19
C TYR H 54 -25.36 -30.95 -38.62
N LYS H 55 -25.60 -32.24 -38.83
CA LYS H 55 -26.91 -32.77 -39.22
C LYS H 55 -27.74 -32.95 -37.95
N TYR H 56 -28.65 -32.02 -37.70
CA TYR H 56 -29.42 -32.00 -36.46
C TYR H 56 -30.59 -32.98 -36.55
N LEU H 57 -30.25 -34.25 -36.38
CA LEU H 57 -31.24 -35.31 -36.22
C LEU H 57 -30.87 -36.12 -35.00
N ASN H 58 -31.85 -36.42 -34.15
CA ASN H 58 -31.67 -37.25 -32.98
C ASN H 58 -32.56 -38.48 -33.09
N TRP H 59 -32.08 -39.59 -32.52
CA TRP H 59 -32.83 -40.84 -32.46
C TRP H 59 -33.19 -41.14 -31.01
N TYR H 60 -34.44 -41.49 -30.77
CA TYR H 60 -34.96 -41.80 -29.45
C TYR H 60 -35.63 -43.17 -29.44
N LEU H 61 -35.44 -43.89 -28.34
CA LEU H 61 -36.08 -45.18 -28.11
C LEU H 61 -37.01 -45.05 -26.90
N GLN H 62 -38.22 -45.62 -27.03
CA GLN H 62 -39.16 -45.75 -25.93
C GLN H 62 -39.47 -47.23 -25.76
N ARG H 63 -38.86 -47.85 -24.75
CA ARG H 63 -39.17 -49.23 -24.43
C ARG H 63 -40.57 -49.30 -23.81
N PRO H 64 -41.23 -50.46 -23.87
CA PRO H 64 -42.60 -50.54 -23.36
C PRO H 64 -42.69 -50.20 -21.88
N GLY H 65 -43.62 -49.31 -21.54
CA GLY H 65 -43.78 -48.90 -20.16
C GLY H 65 -42.68 -48.02 -19.62
N GLN H 66 -41.84 -47.45 -20.48
CA GLN H 66 -40.70 -46.66 -20.07
C GLN H 66 -40.72 -45.32 -20.79
N SER H 67 -39.97 -44.37 -20.25
CA SER H 67 -39.84 -43.07 -20.88
C SER H 67 -38.95 -43.14 -22.11
N PRO H 68 -39.03 -42.18 -23.02
CA PRO H 68 -38.11 -42.17 -24.15
C PRO H 68 -36.67 -42.01 -23.70
N GLN H 69 -35.76 -42.59 -24.48
CA GLN H 69 -34.32 -42.55 -24.20
C GLN H 69 -33.62 -42.21 -25.50
N VAL H 70 -32.65 -41.30 -25.44
CA VAL H 70 -31.88 -40.95 -26.63
C VAL H 70 -30.84 -42.02 -26.89
N LEU H 71 -30.60 -42.32 -28.16
CA LEU H 71 -29.60 -43.29 -28.60
C LEU H 71 -28.50 -42.62 -29.42
N ILE H 72 -28.88 -41.79 -30.39
CA ILE H 72 -27.94 -41.07 -31.25
C ILE H 72 -28.40 -39.63 -31.31
N TYR H 73 -27.44 -38.70 -31.27
CA TYR H 73 -27.72 -37.28 -31.43
C TYR H 73 -26.83 -36.70 -32.51
N PHE H 74 -27.38 -35.72 -33.23
CA PHE H 74 -26.72 -35.08 -34.37
C PHE H 74 -26.32 -36.11 -35.43
N ALA H 75 -27.13 -37.16 -35.54
CA ALA H 75 -27.16 -38.08 -36.68
C ALA H 75 -25.98 -39.04 -36.78
N SER H 76 -24.93 -38.87 -35.96
CA SER H 76 -23.88 -39.88 -35.91
C SER H 76 -23.20 -40.02 -34.54
N ASN H 77 -23.59 -39.23 -33.54
CA ASN H 77 -22.90 -39.21 -32.26
C ASN H 77 -23.70 -39.99 -31.23
N ARG H 78 -23.03 -40.95 -30.58
CA ARG H 78 -23.68 -41.77 -29.58
C ARG H 78 -23.70 -41.05 -28.24
N ALA H 79 -24.88 -40.98 -27.63
CA ALA H 79 -25.03 -40.27 -26.37
C ALA H 79 -24.31 -41.05 -25.26
N PRO H 80 -23.87 -40.35 -24.18
CA PRO H 80 -23.24 -41.08 -23.07
C PRO H 80 -24.14 -42.15 -22.46
N GLY H 81 -23.57 -43.32 -22.20
CA GLY H 81 -24.27 -44.42 -21.58
C GLY H 81 -24.92 -45.38 -22.56
N VAL H 82 -25.13 -44.96 -23.80
CA VAL H 82 -25.75 -45.84 -24.80
C VAL H 82 -24.76 -46.94 -25.16
N PRO H 83 -25.17 -48.21 -25.28
CA PRO H 83 -24.18 -49.27 -25.54
C PRO H 83 -23.58 -49.15 -26.93
N ASP H 84 -22.47 -49.88 -27.12
CA ASP H 84 -21.69 -49.76 -28.35
C ASP H 84 -22.47 -50.21 -29.59
N ARG H 85 -23.56 -50.96 -29.40
CA ARG H 85 -24.26 -51.57 -30.54
C ARG H 85 -24.85 -50.50 -31.45
N PHE H 86 -25.48 -49.48 -30.87
CA PHE H 86 -26.21 -48.50 -31.67
C PHE H 86 -25.25 -47.59 -32.43
N SER H 87 -25.62 -47.27 -33.66
CA SER H 87 -24.86 -46.35 -34.49
C SER H 87 -25.79 -45.70 -35.49
N GLY H 88 -25.35 -44.58 -36.07
CA GLY H 88 -26.18 -43.83 -36.99
C GLY H 88 -25.34 -43.13 -38.04
N SER H 89 -26.03 -42.66 -39.08
CA SER H 89 -25.40 -41.96 -40.19
C SER H 89 -26.51 -41.40 -41.08
N GLY H 90 -26.11 -40.53 -41.99
CA GLY H 90 -27.08 -39.95 -42.91
C GLY H 90 -26.48 -38.79 -43.69
N SER H 91 -27.32 -38.18 -44.50
CA SER H 91 -26.90 -37.03 -45.30
C SER H 91 -28.06 -36.06 -45.53
N GLY H 92 -28.17 -35.03 -44.69
CA GLY H 92 -29.09 -33.94 -44.94
C GLY H 92 -30.56 -34.28 -44.81
N THR H 93 -31.03 -35.22 -45.64
CA THR H 93 -32.42 -35.63 -45.67
C THR H 93 -32.64 -37.11 -45.40
N ASP H 94 -31.67 -37.98 -45.70
CA ASP H 94 -31.79 -39.43 -45.52
C ASP H 94 -30.87 -39.86 -44.39
N PHE H 95 -31.42 -40.55 -43.40
CA PHE H 95 -30.68 -40.98 -42.23
C PHE H 95 -31.05 -42.40 -41.90
N THR H 96 -30.08 -43.12 -41.30
CA THR H 96 -30.23 -44.53 -40.96
C THR H 96 -29.67 -44.78 -39.57
N LEU H 97 -30.42 -45.53 -38.76
CA LEU H 97 -29.97 -46.00 -37.47
C LEU H 97 -29.76 -47.50 -37.56
N LYS H 98 -28.60 -47.97 -37.10
CA LYS H 98 -28.20 -49.37 -37.23
C LYS H 98 -27.86 -49.95 -35.87
N ILE H 99 -28.15 -51.24 -35.72
CA ILE H 99 -27.83 -52.01 -34.52
C ILE H 99 -26.97 -53.19 -34.99
N SER H 100 -25.74 -53.27 -34.46
CA SER H 100 -24.82 -54.32 -34.88
C SER H 100 -25.36 -55.69 -34.52
N ARG H 101 -25.74 -55.88 -33.25
CA ARG H 101 -26.44 -57.07 -32.79
C ARG H 101 -27.66 -56.62 -32.00
N VAL H 102 -28.78 -57.29 -32.22
CA VAL H 102 -30.03 -56.97 -31.54
C VAL H 102 -30.14 -57.86 -30.31
N GLU H 103 -30.30 -57.23 -29.14
CA GLU H 103 -30.58 -57.93 -27.90
C GLU H 103 -32.06 -57.72 -27.56
N ALA H 104 -32.59 -58.61 -26.72
CA ALA H 104 -34.02 -58.59 -26.40
C ALA H 104 -34.43 -57.37 -25.58
N GLU H 105 -33.48 -56.58 -25.09
CA GLU H 105 -33.78 -55.33 -24.41
C GLU H 105 -33.98 -54.15 -25.36
N ASP H 106 -33.75 -54.34 -26.67
CA ASP H 106 -33.82 -53.26 -27.64
C ASP H 106 -35.19 -53.17 -28.32
N VAL H 107 -36.23 -53.74 -27.73
CA VAL H 107 -37.56 -53.76 -28.32
C VAL H 107 -38.31 -52.51 -27.89
N GLY H 108 -38.96 -51.87 -28.84
CA GLY H 108 -39.72 -50.67 -28.58
C GLY H 108 -39.92 -49.88 -29.86
N VAL H 109 -40.38 -48.64 -29.69
CA VAL H 109 -40.62 -47.73 -30.80
C VAL H 109 -39.45 -46.77 -30.89
N TYR H 110 -38.82 -46.71 -32.07
CA TYR H 110 -37.70 -45.82 -32.33
C TYR H 110 -38.22 -44.57 -33.05
N TYR H 111 -37.87 -43.40 -32.53
CA TYR H 111 -38.30 -42.12 -33.08
C TYR H 111 -37.10 -41.33 -33.57
N CYS H 112 -37.17 -40.85 -34.80
CA CYS H 112 -36.23 -39.87 -35.32
C CYS H 112 -36.84 -38.48 -35.18
N MET H 113 -36.03 -37.52 -34.76
CA MET H 113 -36.48 -36.16 -34.51
C MET H 113 -35.52 -35.19 -35.18
N GLN H 114 -36.07 -34.14 -35.79
CA GLN H 114 -35.29 -33.05 -36.33
C GLN H 114 -35.18 -31.94 -35.29
N GLY H 115 -33.97 -31.46 -35.06
CA GLY H 115 -33.71 -30.39 -34.11
C GLY H 115 -33.15 -29.13 -34.73
N LEU H 116 -33.45 -28.91 -36.02
CA LEU H 116 -32.90 -27.77 -36.74
C LEU H 116 -33.82 -26.55 -36.65
N GLN H 117 -35.10 -26.72 -36.97
CA GLN H 117 -36.04 -25.62 -37.10
C GLN H 117 -37.19 -25.80 -36.12
N ILE H 118 -37.56 -24.72 -35.45
CA ILE H 118 -38.74 -24.72 -34.59
C ILE H 118 -39.98 -24.66 -35.46
N PRO H 119 -41.01 -25.49 -35.23
CA PRO H 119 -41.18 -26.51 -34.18
C PRO H 119 -40.37 -27.77 -34.47
N PHE H 120 -39.68 -28.29 -33.46
CA PHE H 120 -39.00 -29.57 -33.59
C PHE H 120 -40.06 -30.66 -33.67
N THR H 121 -39.84 -31.64 -34.56
CA THR H 121 -40.85 -32.64 -34.88
C THR H 121 -40.25 -34.03 -34.82
N PHE H 122 -40.95 -34.94 -34.16
CA PHE H 122 -40.63 -36.36 -34.21
C PHE H 122 -41.29 -37.01 -35.41
N GLY H 123 -40.78 -38.17 -35.80
CA GLY H 123 -41.38 -38.95 -36.85
C GLY H 123 -42.55 -39.76 -36.34
N PRO H 124 -43.23 -40.49 -37.25
CA PRO H 124 -44.35 -41.32 -36.81
C PRO H 124 -43.96 -42.41 -35.82
N GLY H 125 -42.74 -42.93 -35.91
CA GLY H 125 -42.26 -43.97 -35.01
C GLY H 125 -42.25 -45.33 -35.66
N THR H 126 -41.12 -46.05 -35.53
CA THR H 126 -40.95 -47.38 -36.08
C THR H 126 -40.98 -48.39 -34.92
N LYS H 127 -42.00 -49.24 -34.91
CA LYS H 127 -42.14 -50.25 -33.87
C LYS H 127 -41.22 -51.43 -34.16
N VAL H 128 -40.60 -51.98 -33.13
CA VAL H 128 -39.71 -53.13 -33.24
C VAL H 128 -40.26 -54.23 -32.35
N ASP H 129 -40.21 -55.47 -32.84
CA ASP H 129 -40.73 -56.63 -32.14
C ASP H 129 -39.90 -57.86 -32.50
N ILE H 130 -39.98 -58.87 -31.64
CA ILE H 130 -39.15 -60.06 -31.78
C ILE H 130 -39.72 -60.95 -32.88
N LYS H 131 -38.86 -61.36 -33.81
CA LYS H 131 -39.33 -62.13 -34.97
C LYS H 131 -39.60 -63.58 -34.58
N ARG H 132 -40.69 -64.11 -35.15
CA ARG H 132 -41.08 -65.52 -34.95
C ARG H 132 -41.87 -65.95 -36.19
N THR H 133 -42.08 -67.24 -36.40
CA THR H 133 -42.83 -67.78 -37.54
C THR H 133 -44.23 -67.17 -37.62
N VAL H 134 -44.79 -67.17 -38.83
CA VAL H 134 -46.13 -66.65 -39.03
C VAL H 134 -47.13 -67.52 -38.29
N ALA H 135 -48.04 -66.88 -37.56
CA ALA H 135 -49.06 -67.56 -36.76
C ALA H 135 -50.40 -66.90 -37.00
N ALA H 136 -51.39 -67.71 -37.40
CA ALA H 136 -52.70 -67.17 -37.73
C ALA H 136 -53.55 -66.99 -36.47
N PRO H 137 -54.53 -66.07 -36.49
CA PRO H 137 -55.38 -65.89 -35.31
C PRO H 137 -56.46 -66.95 -35.21
N SER H 138 -56.89 -67.19 -33.96
CA SER H 138 -58.08 -67.99 -33.70
C SER H 138 -59.24 -67.03 -33.43
N VAL H 139 -60.27 -67.11 -34.26
CA VAL H 139 -61.31 -66.08 -34.34
C VAL H 139 -62.53 -66.58 -33.58
N PHE H 140 -62.94 -65.81 -32.58
CA PHE H 140 -64.06 -66.09 -31.67
C PHE H 140 -64.96 -64.88 -31.60
N ILE H 141 -66.27 -65.11 -31.67
CA ILE H 141 -67.27 -64.05 -31.63
C ILE H 141 -68.21 -64.31 -30.45
N PHE H 142 -68.64 -63.23 -29.82
CA PHE H 142 -69.43 -63.29 -28.58
C PHE H 142 -70.70 -62.45 -28.75
N PRO H 143 -71.89 -62.98 -28.47
CA PRO H 143 -73.09 -62.14 -28.53
C PRO H 143 -73.15 -61.19 -27.35
N PRO H 144 -73.96 -60.12 -27.42
CA PRO H 144 -74.26 -59.37 -26.20
C PRO H 144 -75.07 -60.21 -25.23
N SER H 145 -74.85 -60.00 -23.94
CA SER H 145 -75.53 -60.79 -22.93
C SER H 145 -76.93 -60.24 -22.67
N ASP H 146 -77.79 -61.10 -22.11
CA ASP H 146 -79.10 -60.65 -21.67
C ASP H 146 -78.97 -59.59 -20.58
N GLU H 147 -77.91 -59.67 -19.79
CA GLU H 147 -77.69 -58.69 -18.73
C GLU H 147 -77.45 -57.30 -19.31
N GLN H 148 -76.65 -57.21 -20.37
CA GLN H 148 -76.38 -55.92 -20.99
C GLN H 148 -77.61 -55.41 -21.75
N LEU H 149 -78.32 -56.30 -22.43
CA LEU H 149 -79.54 -55.90 -23.14
C LEU H 149 -80.60 -55.38 -22.18
N LYS H 150 -80.56 -55.82 -20.93
CA LYS H 150 -81.48 -55.29 -19.92
C LYS H 150 -81.28 -53.79 -19.73
N SER H 151 -80.05 -53.29 -19.91
CA SER H 151 -79.73 -51.89 -19.70
C SER H 151 -79.95 -51.03 -20.95
N GLY H 152 -80.26 -51.63 -22.09
CA GLY H 152 -80.61 -50.89 -23.29
C GLY H 152 -79.52 -50.72 -24.32
N THR H 153 -78.38 -51.38 -24.14
CA THR H 153 -77.29 -51.36 -25.12
C THR H 153 -76.87 -52.79 -25.45
N ALA H 154 -76.10 -52.93 -26.54
CA ALA H 154 -75.68 -54.22 -27.05
C ALA H 154 -74.26 -54.11 -27.57
N SER H 155 -73.37 -54.94 -27.05
CA SER H 155 -71.97 -54.99 -27.46
C SER H 155 -71.65 -56.35 -28.07
N VAL H 156 -71.09 -56.34 -29.28
CA VAL H 156 -70.63 -57.53 -29.98
C VAL H 156 -69.12 -57.51 -30.03
N VAL H 157 -68.48 -58.56 -29.52
CA VAL H 157 -67.03 -58.64 -29.39
C VAL H 157 -66.51 -59.72 -30.32
N CYS H 158 -65.59 -59.35 -31.20
CA CYS H 158 -64.82 -60.29 -32.01
C CYS H 158 -63.39 -60.30 -31.49
N LEU H 159 -62.84 -61.50 -31.29
CA LEU H 159 -61.53 -61.69 -30.71
C LEU H 159 -60.62 -62.40 -31.71
N LEU H 160 -59.36 -62.01 -31.74
CA LEU H 160 -58.30 -62.67 -32.50
C LEU H 160 -57.20 -63.05 -31.51
N ASN H 161 -57.01 -64.35 -31.28
CA ASN H 161 -56.11 -64.84 -30.25
C ASN H 161 -54.79 -65.31 -30.87
N ASN H 162 -53.68 -64.89 -30.27
CA ASN H 162 -52.37 -65.53 -30.42
C ASN H 162 -51.95 -65.60 -31.90
N PHE H 163 -51.71 -64.42 -32.47
CA PHE H 163 -51.32 -64.30 -33.87
C PHE H 163 -50.06 -63.44 -33.99
N TYR H 164 -49.34 -63.67 -35.10
CA TYR H 164 -48.21 -62.84 -35.48
C TYR H 164 -48.16 -62.85 -36.99
N PRO H 165 -47.87 -61.71 -37.66
CA PRO H 165 -47.56 -60.36 -37.13
C PRO H 165 -48.77 -59.54 -36.70
N ARG H 166 -48.47 -58.38 -36.12
CA ARG H 166 -49.51 -57.51 -35.57
C ARG H 166 -50.44 -56.98 -36.65
N GLU H 167 -50.02 -57.01 -37.92
CA GLU H 167 -50.85 -56.49 -38.98
C GLU H 167 -52.07 -57.40 -39.16
N ALA H 168 -53.26 -56.83 -38.99
CA ALA H 168 -54.49 -57.58 -39.12
C ALA H 168 -55.63 -56.60 -39.31
N LYS H 169 -56.61 -57.01 -40.12
CA LYS H 169 -57.78 -56.21 -40.43
C LYS H 169 -59.01 -56.95 -39.95
N VAL H 170 -59.91 -56.24 -39.29
CA VAL H 170 -61.18 -56.77 -38.80
C VAL H 170 -62.29 -55.93 -39.42
N GLN H 171 -63.20 -56.59 -40.13
CA GLN H 171 -64.37 -55.98 -40.74
C GLN H 171 -65.63 -56.62 -40.19
N TRP H 172 -66.55 -55.79 -39.73
CA TRP H 172 -67.83 -56.23 -39.22
C TRP H 172 -68.89 -56.19 -40.32
N LYS H 173 -69.71 -57.23 -40.39
CA LYS H 173 -70.84 -57.30 -41.31
C LYS H 173 -72.09 -57.64 -40.52
N VAL H 174 -73.14 -56.85 -40.72
CA VAL H 174 -74.45 -57.09 -40.11
C VAL H 174 -75.42 -57.34 -41.26
N ASP H 175 -75.90 -58.58 -41.37
CA ASP H 175 -76.70 -59.01 -42.51
C ASP H 175 -75.97 -58.75 -43.81
N ASN H 176 -74.67 -59.03 -43.81
CA ASN H 176 -73.80 -58.87 -44.97
C ASN H 176 -73.66 -57.41 -45.40
N ALA H 177 -73.85 -56.47 -44.48
CA ALA H 177 -73.66 -55.04 -44.71
C ALA H 177 -72.48 -54.56 -43.89
N LEU H 178 -71.48 -54.00 -44.57
CA LEU H 178 -70.27 -53.57 -43.88
C LEU H 178 -70.57 -52.40 -42.95
N GLN H 179 -70.03 -52.46 -41.73
CA GLN H 179 -70.20 -51.41 -40.74
C GLN H 179 -69.00 -50.46 -40.76
N SER H 180 -69.20 -49.26 -40.24
CA SER H 180 -68.13 -48.27 -40.18
C SER H 180 -68.46 -47.23 -39.11
N GLY H 181 -67.46 -46.91 -38.29
CA GLY H 181 -67.55 -45.82 -37.33
C GLY H 181 -68.18 -46.17 -36.01
N ASN H 182 -68.57 -47.43 -35.78
CA ASN H 182 -69.24 -47.85 -34.55
C ASN H 182 -68.50 -48.97 -33.84
N SER H 183 -67.22 -49.16 -34.14
CA SER H 183 -66.40 -50.19 -33.51
C SER H 183 -65.08 -49.59 -33.04
N GLN H 184 -64.50 -50.22 -32.03
CA GLN H 184 -63.21 -49.82 -31.47
C GLN H 184 -62.35 -51.06 -31.28
N GLU H 185 -61.04 -50.87 -31.35
CA GLU H 185 -60.07 -51.95 -31.31
C GLU H 185 -59.10 -51.78 -30.15
N SER H 186 -58.68 -52.90 -29.58
CA SER H 186 -57.68 -52.93 -28.53
C SER H 186 -56.76 -54.12 -28.77
N VAL H 187 -55.46 -53.92 -28.54
CA VAL H 187 -54.44 -54.92 -28.81
C VAL H 187 -53.52 -55.01 -27.60
N THR H 188 -53.17 -56.23 -27.23
CA THR H 188 -52.20 -56.47 -26.16
C THR H 188 -50.79 -56.33 -26.70
N GLU H 189 -49.84 -56.11 -25.80
CA GLU H 189 -48.43 -56.11 -26.17
C GLU H 189 -47.99 -57.54 -26.47
N GLN H 190 -46.85 -57.66 -27.14
CA GLN H 190 -46.32 -58.98 -27.50
C GLN H 190 -46.05 -59.80 -26.25
N ASP H 191 -46.53 -61.03 -26.24
CA ASP H 191 -46.37 -61.90 -25.08
C ASP H 191 -44.88 -62.21 -24.90
N SER H 192 -44.42 -62.18 -23.65
CA SER H 192 -43.02 -62.37 -23.33
C SER H 192 -42.53 -63.79 -23.55
N LYS H 193 -43.40 -64.78 -23.78
CA LYS H 193 -42.96 -66.17 -23.89
C LYS H 193 -43.17 -66.73 -25.29
N ASP H 194 -44.41 -66.72 -25.78
CA ASP H 194 -44.73 -67.27 -27.10
C ASP H 194 -44.70 -66.21 -28.21
N SER H 195 -44.51 -64.93 -27.86
CA SER H 195 -44.25 -63.88 -28.84
C SER H 195 -45.41 -63.73 -29.83
N THR H 196 -46.61 -63.59 -29.30
CA THR H 196 -47.82 -63.40 -30.08
C THR H 196 -48.57 -62.18 -29.58
N TYR H 197 -49.46 -61.66 -30.42
CA TYR H 197 -50.38 -60.60 -30.07
C TYR H 197 -51.80 -61.15 -30.03
N SER H 198 -52.67 -60.44 -29.31
CA SER H 198 -54.09 -60.74 -29.27
C SER H 198 -54.87 -59.44 -29.40
N LEU H 199 -56.03 -59.53 -30.03
CA LEU H 199 -56.77 -58.36 -30.47
C LEU H 199 -58.25 -58.55 -30.19
N SER H 200 -58.92 -57.46 -29.82
CA SER H 200 -60.36 -57.44 -29.60
C SER H 200 -60.98 -56.27 -30.36
N SER H 201 -62.10 -56.54 -31.03
CA SER H 201 -62.90 -55.53 -31.70
C SER H 201 -64.32 -55.59 -31.18
N THR H 202 -64.83 -54.44 -30.74
CA THR H 202 -66.13 -54.36 -30.07
C THR H 202 -67.04 -53.40 -30.84
N LEU H 203 -68.12 -53.94 -31.38
CA LEU H 203 -69.19 -53.12 -31.95
C LEU H 203 -70.08 -52.66 -30.80
N THR H 204 -70.45 -51.38 -30.81
CA THR H 204 -71.45 -50.84 -29.90
C THR H 204 -72.66 -50.39 -30.71
N LEU H 205 -73.80 -51.03 -30.47
CA LEU H 205 -75.08 -50.64 -31.05
C LEU H 205 -76.10 -50.48 -29.95
N SER H 206 -77.07 -49.60 -30.17
CA SER H 206 -78.20 -49.49 -29.26
C SER H 206 -79.04 -50.76 -29.35
N LYS H 207 -79.82 -51.01 -28.30
CA LYS H 207 -80.65 -52.22 -28.28
C LYS H 207 -81.67 -52.19 -29.40
N ALA H 208 -82.25 -51.02 -29.69
CA ALA H 208 -83.21 -50.93 -30.78
C ALA H 208 -82.58 -51.26 -32.12
N ASP H 209 -81.39 -50.72 -32.38
CA ASP H 209 -80.69 -51.05 -33.63
C ASP H 209 -80.24 -52.49 -33.64
N TYR H 210 -79.92 -53.05 -32.47
CA TYR H 210 -79.47 -54.44 -32.43
C TYR H 210 -80.57 -55.39 -32.86
N GLU H 211 -81.80 -55.14 -32.43
CA GLU H 211 -82.91 -56.05 -32.73
C GLU H 211 -83.35 -56.00 -34.17
N LYS H 212 -83.01 -54.93 -34.91
CA LYS H 212 -83.49 -54.73 -36.27
C LYS H 212 -82.87 -55.70 -37.27
N HIS H 213 -81.67 -56.21 -37.00
CA HIS H 213 -80.95 -57.06 -37.94
C HIS H 213 -80.79 -58.45 -37.31
N LYS H 214 -80.50 -59.43 -38.18
CA LYS H 214 -80.44 -60.84 -37.78
C LYS H 214 -79.01 -61.36 -37.65
N VAL H 215 -78.23 -61.30 -38.72
CA VAL H 215 -76.91 -61.92 -38.77
C VAL H 215 -75.85 -60.86 -38.49
N TYR H 216 -74.94 -61.16 -37.57
CA TYR H 216 -73.78 -60.33 -37.27
C TYR H 216 -72.53 -61.18 -37.49
N ALA H 217 -71.52 -60.60 -38.14
CA ALA H 217 -70.32 -61.35 -38.48
C ALA H 217 -69.10 -60.42 -38.46
N CYS H 218 -68.00 -60.95 -37.95
CA CYS H 218 -66.69 -60.30 -38.04
C CYS H 218 -65.80 -61.12 -38.98
N GLU H 219 -65.27 -60.46 -40.00
CA GLU H 219 -64.38 -61.07 -40.97
C GLU H 219 -62.98 -60.53 -40.76
N VAL H 220 -62.01 -61.44 -40.60
CA VAL H 220 -60.63 -61.08 -40.34
C VAL H 220 -59.80 -61.43 -41.57
N THR H 221 -58.71 -60.70 -41.78
CA THR H 221 -57.70 -61.04 -42.77
C THR H 221 -56.33 -60.96 -42.11
N HIS H 222 -55.48 -61.95 -42.40
CA HIS H 222 -54.18 -62.04 -41.76
C HIS H 222 -53.31 -62.93 -42.64
N GLN H 223 -52.02 -62.58 -42.73
CA GLN H 223 -51.14 -63.22 -43.70
C GLN H 223 -50.97 -64.71 -43.44
N GLY H 224 -51.16 -65.17 -42.21
CA GLY H 224 -51.14 -66.59 -41.92
C GLY H 224 -52.39 -67.35 -42.30
N LEU H 225 -53.44 -66.65 -42.73
CA LEU H 225 -54.69 -67.27 -43.16
C LEU H 225 -54.71 -67.38 -44.67
N SER H 226 -55.03 -68.58 -45.17
CA SER H 226 -55.13 -68.78 -46.61
C SER H 226 -56.24 -67.94 -47.22
N SER H 227 -57.30 -67.68 -46.46
CA SER H 227 -58.39 -66.83 -46.90
C SER H 227 -59.03 -66.20 -45.67
N PRO H 228 -59.83 -65.14 -45.84
CA PRO H 228 -60.47 -64.52 -44.67
C PRO H 228 -61.36 -65.50 -43.92
N VAL H 229 -61.33 -65.40 -42.60
CA VAL H 229 -62.09 -66.25 -41.70
C VAL H 229 -63.23 -65.42 -41.13
N THR H 230 -64.46 -65.94 -41.24
CA THR H 230 -65.67 -65.28 -40.74
C THR H 230 -66.24 -66.09 -39.60
N LYS H 231 -66.62 -65.40 -38.53
CA LYS H 231 -67.34 -65.97 -37.41
C LYS H 231 -68.61 -65.17 -37.17
N SER H 232 -69.73 -65.86 -37.06
CA SER H 232 -71.03 -65.22 -37.04
C SER H 232 -71.98 -66.00 -36.15
N PHE H 233 -73.10 -65.36 -35.83
CA PHE H 233 -74.19 -65.94 -35.06
C PHE H 233 -75.51 -65.37 -35.54
N ASN H 234 -76.59 -66.09 -35.19
CA ASN H 234 -77.95 -65.67 -35.45
C ASN H 234 -78.66 -65.48 -34.12
N ARG H 235 -79.24 -64.31 -33.92
CA ARG H 235 -79.99 -64.02 -32.69
C ARG H 235 -81.30 -64.78 -32.67
N GLN I 32 -25.81 -41.09 -11.30
CA GLN I 32 -27.15 -41.54 -10.82
C GLN I 32 -28.16 -40.38 -10.93
N VAL I 33 -27.99 -39.57 -11.97
CA VAL I 33 -28.88 -38.44 -12.22
C VAL I 33 -30.28 -38.96 -12.46
N GLN I 34 -31.25 -38.38 -11.76
CA GLN I 34 -32.65 -38.80 -11.84
C GLN I 34 -33.55 -37.58 -11.89
N LEU I 35 -34.48 -37.57 -12.85
CA LEU I 35 -35.53 -36.56 -12.94
C LEU I 35 -36.81 -37.17 -12.40
N VAL I 36 -37.38 -36.55 -11.37
CA VAL I 36 -38.63 -37.00 -10.76
C VAL I 36 -39.68 -35.92 -11.00
N GLN I 37 -40.75 -36.28 -11.71
CA GLN I 37 -41.82 -35.35 -12.02
C GLN I 37 -42.92 -35.41 -10.96
N SER I 38 -43.87 -34.50 -11.08
CA SER I 38 -45.00 -34.47 -10.17
C SER I 38 -45.94 -35.64 -10.47
N GLY I 39 -46.88 -35.85 -9.57
CA GLY I 39 -47.79 -36.99 -9.68
C GLY I 39 -48.85 -36.77 -10.75
N ALA I 40 -49.60 -37.84 -11.00
CA ALA I 40 -50.65 -37.81 -12.01
C ALA I 40 -51.74 -36.82 -11.61
N GLU I 41 -52.42 -36.28 -12.62
CA GLU I 41 -53.40 -35.22 -12.45
C GLU I 41 -54.71 -35.59 -13.13
N MET I 42 -55.82 -35.31 -12.46
CA MET I 42 -57.16 -35.41 -13.02
C MET I 42 -57.73 -34.00 -13.10
N LYS I 43 -57.90 -33.51 -14.33
CA LYS I 43 -58.31 -32.14 -14.59
C LYS I 43 -59.61 -32.12 -15.38
N LYS I 44 -60.29 -30.97 -15.32
CA LYS I 44 -61.53 -30.72 -16.04
C LYS I 44 -61.26 -29.82 -17.24
N PRO I 45 -62.10 -29.86 -18.29
CA PRO I 45 -61.85 -28.97 -19.44
C PRO I 45 -61.85 -27.50 -19.04
N GLY I 46 -60.91 -26.75 -19.59
CA GLY I 46 -60.78 -25.33 -19.31
C GLY I 46 -59.93 -24.98 -18.11
N SER I 47 -59.41 -25.97 -17.39
CA SER I 47 -58.59 -25.73 -16.20
C SER I 47 -57.12 -25.59 -16.62
N SER I 48 -56.20 -25.62 -15.66
CA SER I 48 -54.77 -25.56 -15.92
C SER I 48 -54.08 -26.62 -15.08
N VAL I 49 -52.95 -27.12 -15.59
CA VAL I 49 -52.13 -28.11 -14.91
C VAL I 49 -50.69 -27.61 -14.93
N LYS I 50 -50.03 -27.67 -13.78
CA LYS I 50 -48.61 -27.35 -13.64
C LYS I 50 -47.86 -28.62 -13.28
N VAL I 51 -46.90 -29.00 -14.12
CA VAL I 51 -46.09 -30.19 -13.93
C VAL I 51 -44.66 -29.75 -13.64
N SER I 52 -44.11 -30.24 -12.53
CA SER I 52 -42.74 -29.95 -12.14
C SER I 52 -41.83 -31.10 -12.58
N CYS I 53 -40.54 -30.79 -12.70
CA CYS I 53 -39.51 -31.76 -13.09
C CYS I 53 -38.28 -31.45 -12.26
N LYS I 54 -38.07 -32.20 -11.18
CA LYS I 54 -37.00 -31.96 -10.22
C LYS I 54 -35.90 -32.97 -10.40
N ALA I 55 -34.65 -32.50 -10.38
CA ALA I 55 -33.48 -33.32 -10.65
C ALA I 55 -32.66 -33.50 -9.38
N SER I 56 -32.07 -34.70 -9.26
CA SER I 56 -31.13 -35.00 -8.18
C SER I 56 -29.96 -35.77 -8.79
N GLY I 57 -28.81 -35.68 -8.12
CA GLY I 57 -27.60 -36.33 -8.59
C GLY I 57 -26.86 -35.60 -9.68
N GLY I 58 -27.36 -34.45 -10.12
CA GLY I 58 -26.70 -33.65 -11.13
C GLY I 58 -27.06 -32.19 -10.95
N SER I 59 -26.33 -31.33 -11.66
CA SER I 59 -26.51 -29.86 -11.61
C SER I 59 -27.02 -29.40 -12.98
N PHE I 60 -28.22 -28.85 -13.04
CA PHE I 60 -28.85 -28.36 -14.26
C PHE I 60 -29.05 -26.85 -14.18
N GLY I 61 -29.13 -26.23 -15.35
CA GLY I 61 -29.16 -24.78 -15.45
C GLY I 61 -30.51 -24.21 -15.85
N SER I 62 -30.47 -23.01 -16.45
CA SER I 62 -31.67 -22.32 -16.90
C SER I 62 -32.06 -22.66 -18.33
N TYR I 63 -31.30 -23.50 -19.01
CA TYR I 63 -31.57 -23.89 -20.40
C TYR I 63 -31.63 -25.40 -20.43
N GLY I 64 -31.62 -25.99 -21.62
CA GLY I 64 -31.62 -27.43 -21.74
C GLY I 64 -32.83 -28.09 -21.16
N ILE I 65 -34.02 -27.52 -21.38
CA ILE I 65 -35.29 -28.05 -20.89
C ILE I 65 -36.23 -28.12 -22.07
N ASP I 66 -36.79 -29.30 -22.32
CA ASP I 66 -37.80 -29.51 -23.34
C ASP I 66 -38.87 -30.44 -22.80
N TRP I 67 -40.13 -30.12 -23.10
CA TRP I 67 -41.28 -30.90 -22.66
C TRP I 67 -41.88 -31.62 -23.87
N VAL I 68 -42.07 -32.94 -23.73
CA VAL I 68 -42.56 -33.81 -24.79
C VAL I 68 -43.70 -34.63 -24.23
N ARG I 69 -44.83 -34.67 -24.95
CA ARG I 69 -46.00 -35.42 -24.54
C ARG I 69 -46.30 -36.52 -25.55
N GLN I 70 -46.82 -37.64 -25.05
CA GLN I 70 -47.26 -38.77 -25.86
C GLN I 70 -48.74 -39.01 -25.55
N ALA I 71 -49.61 -38.67 -26.50
CA ALA I 71 -51.02 -38.95 -26.31
C ALA I 71 -51.27 -40.45 -26.38
N PRO I 72 -52.40 -40.94 -25.81
CA PRO I 72 -52.63 -42.40 -25.80
C PRO I 72 -52.68 -43.01 -27.20
N GLY I 73 -51.76 -43.92 -27.47
CA GLY I 73 -51.69 -44.60 -28.76
C GLY I 73 -51.00 -43.82 -29.86
N GLN I 74 -50.52 -42.62 -29.59
CA GLN I 74 -49.88 -41.75 -30.57
C GLN I 74 -48.39 -41.68 -30.30
N GLY I 75 -47.68 -40.98 -31.19
CA GLY I 75 -46.25 -40.80 -31.06
C GLY I 75 -45.87 -39.60 -30.20
N LEU I 76 -44.57 -39.41 -30.04
CA LEU I 76 -44.05 -38.30 -29.27
C LEU I 76 -44.31 -36.99 -30.00
N GLU I 77 -44.53 -35.92 -29.22
CA GLU I 77 -44.78 -34.59 -29.78
C GLU I 77 -44.04 -33.56 -28.93
N TRP I 78 -43.22 -32.74 -29.60
CA TRP I 78 -42.50 -31.68 -28.93
C TRP I 78 -43.42 -30.51 -28.67
N MET I 79 -43.38 -29.97 -27.45
CA MET I 79 -44.21 -28.83 -27.06
C MET I 79 -43.45 -27.53 -27.02
N GLY I 80 -42.33 -27.50 -26.31
CA GLY I 80 -41.57 -26.27 -26.17
C GLY I 80 -40.30 -26.54 -25.40
N GLY I 81 -39.50 -25.50 -25.27
CA GLY I 81 -38.26 -25.60 -24.52
C GLY I 81 -37.51 -24.29 -24.54
N ILE I 82 -36.45 -24.22 -23.73
CA ILE I 82 -35.58 -23.03 -23.62
C ILE I 82 -34.19 -23.45 -24.11
N MET I 83 -33.66 -22.75 -25.10
CA MET I 83 -32.30 -23.01 -25.65
C MET I 83 -31.48 -21.75 -25.41
N PRO I 84 -30.14 -21.83 -25.28
CA PRO I 84 -29.30 -20.63 -25.14
C PRO I 84 -29.45 -19.59 -26.28
N LYS I 85 -29.67 -20.01 -27.53
CA LYS I 85 -29.78 -19.10 -28.69
C LYS I 85 -30.89 -18.07 -28.53
N PHE I 86 -32.04 -18.45 -27.97
CA PHE I 86 -33.21 -17.55 -27.82
C PHE I 86 -33.22 -16.95 -26.41
N ASP I 87 -32.60 -17.62 -25.43
CA ASP I 87 -32.54 -17.14 -24.01
C ASP I 87 -33.97 -16.85 -23.57
N ALA I 88 -34.94 -17.66 -24.02
CA ALA I 88 -36.36 -17.49 -23.71
C ALA I 88 -37.09 -18.72 -24.24
N PRO I 89 -38.21 -19.18 -23.63
CA PRO I 89 -38.89 -20.39 -24.10
C PRO I 89 -39.52 -20.18 -25.48
N LYS I 90 -39.47 -21.23 -26.29
CA LYS I 90 -40.15 -21.28 -27.58
C LYS I 90 -41.09 -22.47 -27.58
N TYR I 91 -42.29 -22.28 -28.14
CA TYR I 91 -43.35 -23.28 -28.10
C TYR I 91 -43.82 -23.59 -29.52
N ALA I 92 -44.43 -24.77 -29.66
CA ALA I 92 -45.10 -25.12 -30.90
C ALA I 92 -46.35 -24.27 -31.08
N GLU I 93 -46.80 -24.14 -32.33
CA GLU I 93 -47.93 -23.27 -32.63
C GLU I 93 -49.20 -23.71 -31.90
N LYS I 94 -49.35 -25.03 -31.69
CA LYS I 94 -50.56 -25.53 -31.04
C LYS I 94 -50.66 -25.01 -29.61
N PHE I 95 -49.54 -24.97 -28.89
CA PHE I 95 -49.52 -24.62 -27.48
C PHE I 95 -49.22 -23.15 -27.22
N GLN I 96 -49.05 -22.33 -28.27
CA GLN I 96 -48.74 -20.93 -28.06
C GLN I 96 -49.92 -20.21 -27.44
N GLY I 97 -49.64 -19.35 -26.46
CA GLY I 97 -50.67 -18.67 -25.70
C GLY I 97 -51.22 -19.49 -24.54
N ARG I 98 -50.89 -20.78 -24.45
CA ARG I 98 -51.40 -21.67 -23.43
C ARG I 98 -50.32 -22.31 -22.56
N LEU I 99 -49.08 -22.37 -23.05
CA LEU I 99 -47.99 -23.07 -22.38
C LEU I 99 -46.96 -22.09 -21.83
N THR I 100 -46.43 -22.39 -20.65
CA THR I 100 -45.38 -21.60 -20.02
C THR I 100 -44.34 -22.57 -19.46
N ILE I 101 -43.16 -22.58 -20.07
CA ILE I 101 -42.06 -23.46 -19.67
C ILE I 101 -41.01 -22.60 -18.97
N THR I 102 -40.62 -23.00 -17.77
CA THR I 102 -39.62 -22.29 -16.98
C THR I 102 -38.67 -23.29 -16.34
N ALA I 103 -37.41 -22.89 -16.20
CA ALA I 103 -36.39 -23.67 -15.54
C ALA I 103 -35.71 -22.81 -14.49
N ASP I 104 -35.55 -23.37 -13.28
CA ASP I 104 -34.95 -22.67 -12.16
C ASP I 104 -33.62 -23.34 -11.82
N ARG I 105 -32.51 -22.64 -12.07
CA ARG I 105 -31.17 -23.21 -11.83
C ARG I 105 -30.95 -23.36 -10.33
N ALA I 106 -31.47 -22.45 -9.50
CA ALA I 106 -31.20 -22.48 -8.07
C ALA I 106 -31.78 -23.74 -7.42
N THR I 107 -33.00 -24.11 -7.81
CA THR I 107 -33.69 -25.25 -7.21
C THR I 107 -33.59 -26.53 -8.04
N ASN I 108 -32.91 -26.49 -9.19
CA ASN I 108 -32.70 -27.68 -10.02
C ASN I 108 -34.04 -28.27 -10.48
N THR I 109 -34.99 -27.39 -10.76
CA THR I 109 -36.36 -27.78 -11.09
C THR I 109 -36.82 -27.06 -12.36
N ALA I 110 -37.59 -27.78 -13.18
CA ALA I 110 -38.20 -27.25 -14.39
C ALA I 110 -39.71 -27.44 -14.32
N TYR I 111 -40.44 -26.48 -14.88
CA TYR I 111 -41.89 -26.44 -14.81
C TYR I 111 -42.50 -26.19 -16.18
N MET I 112 -43.66 -26.80 -16.40
CA MET I 112 -44.55 -26.46 -17.51
C MET I 112 -45.94 -26.18 -16.94
N GLU I 113 -46.64 -25.22 -17.55
CA GLU I 113 -48.01 -24.89 -17.17
C GLU I 113 -48.83 -24.74 -18.44
N LEU I 114 -49.74 -25.69 -18.66
CA LEU I 114 -50.63 -25.69 -19.81
C LEU I 114 -52.01 -25.25 -19.34
N SER I 115 -52.50 -24.15 -19.91
CA SER I 115 -53.79 -23.56 -19.55
C SER I 115 -54.80 -23.83 -20.65
N SER I 116 -56.07 -23.55 -20.35
CA SER I 116 -57.19 -23.79 -21.26
C SER I 116 -57.21 -25.25 -21.71
N LEU I 117 -57.22 -26.15 -20.73
CA LEU I 117 -57.08 -27.57 -21.01
C LEU I 117 -58.24 -28.09 -21.84
N ARG I 118 -57.90 -28.85 -22.87
CA ARG I 118 -58.84 -29.44 -23.82
C ARG I 118 -58.84 -30.96 -23.66
N PHE I 119 -59.83 -31.59 -24.28
CA PHE I 119 -59.96 -33.04 -24.14
C PHE I 119 -58.76 -33.77 -24.74
N GLU I 120 -58.25 -33.29 -25.86
CA GLU I 120 -57.09 -33.90 -26.52
C GLU I 120 -55.76 -33.50 -25.88
N ASP I 121 -55.78 -32.76 -24.76
CA ASP I 121 -54.59 -32.54 -23.96
C ASP I 121 -54.34 -33.68 -22.96
N THR I 122 -55.10 -34.78 -23.06
CA THR I 122 -54.86 -35.95 -22.22
C THR I 122 -53.67 -36.73 -22.77
N ALA I 123 -52.62 -36.86 -21.97
CA ALA I 123 -51.38 -37.49 -22.42
C ALA I 123 -50.46 -37.68 -21.24
N ILE I 124 -49.38 -38.42 -21.47
CA ILE I 124 -48.26 -38.51 -20.54
C ILE I 124 -47.25 -37.45 -20.93
N TYR I 125 -46.95 -36.54 -20.00
CA TYR I 125 -46.07 -35.40 -20.26
C TYR I 125 -44.70 -35.68 -19.69
N TYR I 126 -43.68 -35.68 -20.55
CA TYR I 126 -42.30 -35.96 -20.18
C TYR I 126 -41.48 -34.68 -20.19
N CYS I 127 -40.45 -34.64 -19.34
CA CYS I 127 -39.42 -33.60 -19.37
C CYS I 127 -38.09 -34.25 -19.75
N ALA I 128 -37.47 -33.73 -20.81
CA ALA I 128 -36.14 -34.13 -21.22
C ALA I 128 -35.17 -32.98 -20.97
N ARG I 129 -34.05 -33.30 -20.32
CA ARG I 129 -33.14 -32.23 -19.88
C ARG I 129 -31.67 -32.59 -20.02
N ASP I 130 -30.82 -31.58 -20.17
CA ASP I 130 -29.37 -31.67 -20.22
C ASP I 130 -28.77 -30.82 -19.12
N GLU I 131 -27.66 -31.29 -18.55
CA GLU I 131 -26.90 -30.46 -17.62
C GLU I 131 -26.19 -29.31 -18.34
N GLN I 132 -25.60 -29.61 -19.50
CA GLN I 132 -24.87 -28.63 -20.30
C GLN I 132 -25.60 -28.44 -21.63
N PRO I 133 -26.31 -27.33 -21.86
CA PRO I 133 -27.17 -27.24 -23.04
C PRO I 133 -26.41 -27.05 -24.33
N PHE I 134 -26.93 -27.63 -25.41
CA PHE I 134 -26.49 -27.29 -26.75
C PHE I 134 -27.04 -25.92 -27.13
N TYR I 135 -26.25 -25.18 -27.91
CA TYR I 135 -26.61 -23.80 -28.24
C TYR I 135 -27.86 -23.74 -29.10
N ASP I 136 -27.89 -24.51 -30.18
CA ASP I 136 -28.88 -24.35 -31.24
C ASP I 136 -30.04 -25.33 -31.14
N SER I 137 -29.82 -26.50 -30.56
CA SER I 137 -30.84 -27.55 -30.52
C SER I 137 -30.81 -28.23 -29.15
N TRP I 138 -31.48 -29.38 -29.04
CA TRP I 138 -31.60 -30.06 -27.75
C TRP I 138 -31.44 -31.56 -27.95
N ARG I 139 -31.03 -32.22 -26.87
CA ARG I 139 -30.93 -33.67 -26.79
C ARG I 139 -31.55 -34.09 -25.46
N GLY I 140 -32.22 -35.23 -25.44
CA GLY I 140 -32.71 -35.75 -24.17
C GLY I 140 -31.83 -36.83 -23.59
N LEU I 141 -30.90 -36.48 -22.71
CA LEU I 141 -30.07 -37.47 -22.04
C LEU I 141 -30.68 -37.94 -20.73
N TYR I 142 -31.51 -37.12 -20.10
CA TYR I 142 -32.16 -37.45 -18.84
C TYR I 142 -33.64 -37.14 -18.97
N TRP I 143 -34.47 -38.16 -18.77
CA TRP I 143 -35.92 -38.05 -18.85
C TRP I 143 -36.53 -38.38 -17.50
N GLY I 144 -37.72 -37.82 -17.25
CA GLY I 144 -38.53 -38.20 -16.12
C GLY I 144 -39.36 -39.43 -16.43
N GLN I 145 -40.13 -39.85 -15.43
CA GLN I 145 -41.02 -41.00 -15.58
C GLN I 145 -42.33 -40.63 -16.27
N GLY I 146 -42.58 -39.36 -16.51
CA GLY I 146 -43.81 -38.93 -17.17
C GLY I 146 -44.94 -38.71 -16.19
N THR I 147 -45.74 -37.68 -16.46
CA THR I 147 -46.90 -37.33 -15.66
C THR I 147 -48.14 -37.47 -16.54
N LEU I 148 -49.05 -38.36 -16.13
CA LEU I 148 -50.31 -38.54 -16.82
C LEU I 148 -51.28 -37.46 -16.40
N VAL I 149 -51.70 -36.64 -17.36
CA VAL I 149 -52.75 -35.64 -17.16
C VAL I 149 -53.98 -36.11 -17.91
N THR I 150 -55.10 -36.22 -17.20
CA THR I 150 -56.38 -36.62 -17.79
C THR I 150 -57.32 -35.43 -17.75
N VAL I 151 -57.76 -34.99 -18.93
CA VAL I 151 -58.71 -33.89 -19.06
C VAL I 151 -60.04 -34.50 -19.48
N SER I 152 -60.97 -34.60 -18.53
CA SER I 152 -62.28 -35.17 -18.79
C SER I 152 -63.27 -34.60 -17.80
N SER I 153 -64.49 -34.37 -18.27
CA SER I 153 -65.60 -33.93 -17.44
C SER I 153 -66.39 -35.10 -16.86
N ALA I 154 -65.93 -36.33 -17.05
CA ALA I 154 -66.62 -37.49 -16.52
C ALA I 154 -66.52 -37.52 -15.00
N SER I 155 -67.36 -38.36 -14.39
CA SER I 155 -67.42 -38.53 -12.94
C SER I 155 -67.03 -39.97 -12.59
N THR I 156 -66.63 -40.17 -11.35
CA THR I 156 -66.21 -41.48 -10.88
C THR I 156 -67.37 -42.46 -10.98
N LYS I 157 -67.27 -43.42 -11.89
CA LYS I 157 -68.34 -44.37 -12.17
C LYS I 157 -67.75 -45.77 -12.22
N GLY I 158 -68.43 -46.73 -11.59
CA GLY I 158 -67.99 -48.10 -11.57
C GLY I 158 -68.37 -48.83 -12.84
N PRO I 159 -67.69 -49.93 -13.16
CA PRO I 159 -68.00 -50.65 -14.39
C PRO I 159 -69.23 -51.53 -14.26
N SER I 160 -69.84 -51.81 -15.40
CA SER I 160 -70.80 -52.90 -15.54
C SER I 160 -70.11 -54.10 -16.18
N VAL I 161 -70.14 -55.23 -15.46
CA VAL I 161 -69.43 -56.44 -15.86
C VAL I 161 -70.43 -57.37 -16.51
N PHE I 162 -70.16 -57.76 -17.76
CA PHE I 162 -71.00 -58.66 -18.53
C PHE I 162 -70.18 -59.87 -18.95
N PRO I 163 -70.79 -61.05 -19.10
CA PRO I 163 -70.02 -62.23 -19.53
C PRO I 163 -69.91 -62.29 -21.04
N LEU I 164 -68.78 -62.83 -21.50
CA LEU I 164 -68.56 -63.19 -22.90
C LEU I 164 -68.61 -64.71 -22.95
N ALA I 165 -69.82 -65.25 -23.13
CA ALA I 165 -70.05 -66.67 -22.86
C ALA I 165 -69.39 -67.54 -23.94
N PRO I 166 -68.92 -68.74 -23.59
CA PRO I 166 -68.27 -69.59 -24.60
C PRO I 166 -69.30 -70.23 -25.52
N SER I 167 -69.07 -70.08 -26.83
CA SER I 167 -69.97 -70.64 -27.83
C SER I 167 -70.04 -72.17 -27.73
N GLY I 174 -59.35 -78.35 -30.01
CA GLY I 174 -60.57 -78.22 -29.26
C GLY I 174 -60.42 -77.29 -28.06
N THR I 175 -60.34 -75.99 -28.34
CA THR I 175 -60.20 -74.97 -27.32
C THR I 175 -61.34 -73.97 -27.44
N ALA I 176 -61.89 -73.58 -26.29
CA ALA I 176 -62.96 -72.60 -26.19
C ALA I 176 -62.48 -71.42 -25.35
N ALA I 177 -63.09 -70.27 -25.60
CA ALA I 177 -62.76 -69.02 -24.92
C ALA I 177 -63.99 -68.44 -24.25
N LEU I 178 -63.73 -67.67 -23.19
CA LEU I 178 -64.77 -66.98 -22.44
C LEU I 178 -64.13 -65.76 -21.79
N GLY I 179 -64.94 -64.76 -21.51
CA GLY I 179 -64.40 -63.51 -21.03
C GLY I 179 -65.42 -62.67 -20.31
N CYS I 180 -64.97 -61.50 -19.86
CA CYS I 180 -65.80 -60.55 -19.15
C CYS I 180 -65.63 -59.18 -19.79
N LEU I 181 -66.75 -58.55 -20.15
CA LEU I 181 -66.75 -57.22 -20.72
C LEU I 181 -66.93 -56.20 -19.61
N VAL I 182 -65.87 -55.48 -19.28
CA VAL I 182 -65.88 -54.46 -18.24
C VAL I 182 -66.09 -53.13 -18.96
N LYS I 183 -67.27 -52.54 -18.78
CA LYS I 183 -67.75 -51.44 -19.61
C LYS I 183 -68.11 -50.23 -18.76
N ASP I 184 -67.91 -49.04 -19.33
CA ASP I 184 -68.44 -47.78 -18.80
C ASP I 184 -67.97 -47.51 -17.37
N TYR I 185 -66.67 -47.28 -17.20
CA TYR I 185 -66.11 -46.88 -15.91
C TYR I 185 -65.17 -45.69 -16.11
N PHE I 186 -64.99 -44.94 -15.02
CA PHE I 186 -64.05 -43.84 -14.97
C PHE I 186 -63.65 -43.63 -13.52
N PRO I 187 -62.37 -43.33 -13.22
CA PRO I 187 -61.18 -43.25 -14.07
C PRO I 187 -60.44 -44.59 -14.14
N GLU I 188 -59.30 -44.64 -14.81
CA GLU I 188 -58.46 -45.82 -14.75
C GLU I 188 -57.91 -45.99 -13.33
N PRO I 189 -57.45 -47.20 -12.97
CA PRO I 189 -57.42 -48.48 -13.70
C PRO I 189 -58.46 -49.48 -13.19
N VAL I 190 -58.58 -50.62 -13.88
CA VAL I 190 -59.36 -51.76 -13.41
C VAL I 190 -58.47 -52.99 -13.46
N THR I 191 -58.53 -53.79 -12.40
CA THR I 191 -57.78 -55.03 -12.29
C THR I 191 -58.73 -56.21 -12.44
N VAL I 192 -58.36 -57.16 -13.31
CA VAL I 192 -59.16 -58.34 -13.60
C VAL I 192 -58.30 -59.57 -13.34
N SER I 193 -58.84 -60.51 -12.55
CA SER I 193 -58.25 -61.80 -12.33
C SER I 193 -59.32 -62.87 -12.50
N TRP I 194 -58.89 -64.11 -12.69
CA TRP I 194 -59.77 -65.23 -12.99
C TRP I 194 -59.61 -66.31 -11.93
N ASN I 195 -60.74 -66.75 -11.36
CA ASN I 195 -60.76 -67.76 -10.31
C ASN I 195 -59.88 -67.36 -9.13
N SER I 196 -59.97 -66.07 -8.76
CA SER I 196 -59.21 -65.51 -7.65
C SER I 196 -57.70 -65.66 -7.86
N GLY I 197 -57.26 -65.51 -9.10
CA GLY I 197 -55.85 -65.58 -9.42
C GLY I 197 -55.30 -66.97 -9.66
N ALA I 198 -56.12 -68.01 -9.49
CA ALA I 198 -55.66 -69.38 -9.73
C ALA I 198 -55.50 -69.70 -11.21
N LEU I 199 -56.22 -68.99 -12.08
CA LEU I 199 -56.17 -69.20 -13.52
C LEU I 199 -55.37 -68.06 -14.13
N THR I 200 -54.17 -68.38 -14.61
CA THR I 200 -53.27 -67.38 -15.21
C THR I 200 -52.70 -67.84 -16.55
N SER I 201 -52.99 -69.07 -16.96
CA SER I 201 -52.57 -69.53 -18.28
C SER I 201 -53.59 -69.12 -19.33
N GLY I 202 -53.13 -68.37 -20.32
CA GLY I 202 -53.98 -67.98 -21.44
C GLY I 202 -54.86 -66.78 -21.20
N VAL I 203 -54.70 -66.08 -20.07
CA VAL I 203 -55.54 -64.91 -19.76
C VAL I 203 -54.98 -63.71 -20.51
N HIS I 204 -55.85 -63.00 -21.23
CA HIS I 204 -55.49 -61.79 -21.94
C HIS I 204 -56.43 -60.68 -21.50
N THR I 205 -55.91 -59.71 -20.76
CA THR I 205 -56.64 -58.52 -20.34
C THR I 205 -56.21 -57.37 -21.26
N PHE I 206 -57.16 -56.88 -22.06
CA PHE I 206 -56.82 -55.91 -23.08
C PHE I 206 -56.65 -54.52 -22.48
N PRO I 207 -55.87 -53.63 -23.11
CA PRO I 207 -55.85 -52.23 -22.68
C PRO I 207 -57.22 -51.60 -22.85
N ALA I 208 -57.56 -50.71 -21.92
CA ALA I 208 -58.86 -50.05 -21.97
C ALA I 208 -58.92 -49.06 -23.13
N VAL I 209 -60.12 -48.87 -23.66
CA VAL I 209 -60.39 -47.94 -24.75
C VAL I 209 -61.30 -46.84 -24.23
N LEU I 210 -60.92 -45.59 -24.48
CA LEU I 210 -61.72 -44.45 -24.08
C LEU I 210 -62.80 -44.20 -25.13
N GLN I 211 -64.06 -44.30 -24.71
CA GLN I 211 -65.18 -44.10 -25.62
C GLN I 211 -65.47 -42.61 -25.78
N SER I 212 -66.34 -42.30 -26.75
CA SER I 212 -66.73 -40.91 -26.96
C SER I 212 -67.51 -40.35 -25.78
N SER I 213 -68.14 -41.23 -24.99
CA SER I 213 -68.84 -40.80 -23.78
C SER I 213 -67.90 -40.36 -22.67
N GLY I 214 -66.59 -40.58 -22.81
CA GLY I 214 -65.63 -40.25 -21.77
C GLY I 214 -65.40 -41.34 -20.74
N LEU I 215 -66.02 -42.51 -20.91
CA LEU I 215 -65.85 -43.63 -20.00
C LEU I 215 -65.04 -44.72 -20.67
N TYR I 216 -64.33 -45.50 -19.85
CA TYR I 216 -63.43 -46.53 -20.34
C TYR I 216 -64.15 -47.89 -20.43
N SER I 217 -63.58 -48.77 -21.24
CA SER I 217 -64.11 -50.12 -21.40
C SER I 217 -62.98 -51.05 -21.80
N LEU I 218 -63.02 -52.26 -21.26
CA LEU I 218 -62.01 -53.27 -21.59
C LEU I 218 -62.66 -54.65 -21.51
N SER I 219 -61.97 -55.63 -22.08
CA SER I 219 -62.38 -57.03 -22.04
C SER I 219 -61.21 -57.90 -21.60
N SER I 220 -61.53 -58.93 -20.82
CA SER I 220 -60.55 -59.91 -20.36
C SER I 220 -61.03 -61.29 -20.79
N VAL I 221 -60.15 -62.05 -21.45
CA VAL I 221 -60.51 -63.32 -22.06
C VAL I 221 -59.47 -64.37 -21.70
N VAL I 222 -59.94 -65.61 -21.56
CA VAL I 222 -59.09 -66.77 -21.32
C VAL I 222 -59.53 -67.88 -22.25
N THR I 223 -58.55 -68.56 -22.84
CA THR I 223 -58.79 -69.75 -23.66
C THR I 223 -58.62 -70.99 -22.81
N VAL I 224 -59.60 -71.89 -22.86
CA VAL I 224 -59.64 -73.09 -22.03
C VAL I 224 -60.00 -74.28 -22.90
N PRO I 225 -59.70 -75.50 -22.45
CA PRO I 225 -60.18 -76.68 -23.20
C PRO I 225 -61.71 -76.71 -23.24
N SER I 226 -62.25 -77.08 -24.40
CA SER I 226 -63.69 -77.15 -24.55
C SER I 226 -64.30 -78.24 -23.67
N SER I 227 -63.54 -79.30 -23.41
CA SER I 227 -64.04 -80.38 -22.55
C SER I 227 -64.26 -79.93 -21.11
N SER I 228 -63.56 -78.87 -20.67
CA SER I 228 -63.66 -78.39 -19.30
C SER I 228 -64.81 -77.42 -19.09
N LEU I 229 -65.59 -77.10 -20.13
CA LEU I 229 -66.66 -76.12 -19.97
C LEU I 229 -67.76 -76.63 -19.05
N GLY I 230 -68.05 -77.93 -19.09
CA GLY I 230 -69.11 -78.48 -18.25
C GLY I 230 -68.66 -78.81 -16.83
N THR I 231 -67.36 -79.02 -16.63
CA THR I 231 -66.85 -79.51 -15.35
C THR I 231 -66.20 -78.42 -14.50
N GLN I 232 -65.62 -77.39 -15.12
CA GLN I 232 -64.83 -76.38 -14.41
C GLN I 232 -65.60 -75.07 -14.38
N THR I 233 -65.57 -74.42 -13.22
CA THR I 233 -66.18 -73.10 -13.04
C THR I 233 -65.16 -72.03 -13.36
N TYR I 234 -65.62 -70.96 -14.01
CA TYR I 234 -64.79 -69.84 -14.42
C TYR I 234 -65.44 -68.54 -13.96
N ILE I 235 -64.74 -67.81 -13.09
CA ILE I 235 -65.23 -66.56 -12.52
C ILE I 235 -64.16 -65.50 -12.70
N CYS I 236 -64.56 -64.34 -13.22
CA CYS I 236 -63.67 -63.19 -13.35
C CYS I 236 -63.90 -62.25 -12.17
N ASN I 237 -62.81 -61.81 -11.55
CA ASN I 237 -62.86 -60.93 -10.39
C ASN I 237 -62.45 -59.54 -10.82
N VAL I 238 -63.41 -58.61 -10.86
CA VAL I 238 -63.21 -57.25 -11.35
C VAL I 238 -63.18 -56.31 -10.16
N ASN I 239 -62.18 -55.42 -10.13
CA ASN I 239 -62.01 -54.46 -9.05
C ASN I 239 -61.79 -53.07 -9.64
N HIS I 240 -62.54 -52.09 -9.15
CA HIS I 240 -62.40 -50.69 -9.53
C HIS I 240 -62.40 -49.87 -8.24
N LYS I 241 -61.20 -49.56 -7.75
CA LYS I 241 -61.09 -48.91 -6.44
C LYS I 241 -61.80 -47.56 -6.32
N PRO I 242 -61.77 -46.66 -7.30
CA PRO I 242 -62.45 -45.36 -7.11
C PRO I 242 -63.94 -45.48 -6.80
N SER I 243 -64.61 -46.53 -7.27
CA SER I 243 -66.01 -46.79 -6.95
C SER I 243 -66.20 -47.91 -5.93
N ASN I 244 -65.12 -48.58 -5.52
CA ASN I 244 -65.20 -49.75 -4.64
C ASN I 244 -66.11 -50.82 -5.23
N THR I 245 -66.01 -50.98 -6.54
CA THR I 245 -66.74 -52.03 -7.24
C THR I 245 -65.96 -53.33 -7.12
N LYS I 246 -66.61 -54.38 -6.62
CA LYS I 246 -66.02 -55.70 -6.48
C LYS I 246 -67.02 -56.72 -7.00
N VAL I 247 -66.77 -57.25 -8.18
CA VAL I 247 -67.71 -58.12 -8.90
C VAL I 247 -67.02 -59.44 -9.20
N ASP I 248 -67.68 -60.55 -8.86
CA ASP I 248 -67.23 -61.89 -9.20
C ASP I 248 -68.28 -62.50 -10.12
N LYS I 249 -68.03 -62.45 -11.41
CA LYS I 249 -69.00 -62.82 -12.43
C LYS I 249 -68.70 -64.22 -12.94
N LYS I 250 -69.61 -65.16 -12.68
CA LYS I 250 -69.49 -66.51 -13.20
C LYS I 250 -69.85 -66.51 -14.69
N VAL I 251 -68.95 -67.01 -15.52
CA VAL I 251 -69.13 -67.08 -16.97
C VAL I 251 -69.38 -68.53 -17.34
N GLU I 252 -70.53 -68.78 -17.95
CA GLU I 252 -70.93 -70.12 -18.36
C GLU I 252 -71.76 -70.01 -19.63
N PRO I 253 -71.93 -71.12 -20.38
CA PRO I 253 -72.80 -71.05 -21.55
C PRO I 253 -74.28 -71.05 -21.18
#